data_7JJI
#
_entry.id   7JJI
#
loop_
_entity.id
_entity.type
_entity.pdbx_description
1 polymer 'Spike glycoprotein'
2 branched 2-acetamido-2-deoxy-beta-D-glucopyranose-(1-4)-2-acetamido-2-deoxy-beta-D-glucopyranose
3 non-polymer 2-acetamido-2-deoxy-beta-D-glucopyranose
4 non-polymer '2-hydroxyethyl 2-deoxy-3,5-bis-O-(2-hydroxyethyl)-6-O-(2-{[(9E)-octadec-9-enoyl]oxy}ethyl)-alpha-L-xylo-hexofuranoside'
5 non-polymer 'LINOLEIC ACID'
#
_entity_poly.entity_id   1
_entity_poly.type   'polypeptide(L)'
_entity_poly.pdbx_seq_one_letter_code
;MFVFLVLLPLVSSQCVNLTTRTQLPPAYTNSFTRGVYYPDKVFRSSVLHSTQDLFLPFFSNVTWFHAIHVSGTNGTKRFD
NPVLPFNDGVYFASTEKSNIIRGWIFGTTLDSKTQSLLIVNNATNVVIKVCEFQFCNDPFLGVYYHKNNKSWMESEFRVY
SSANNCTFEYVSQPFLMDLEGKQGNFKNLREFVFKNIDGYFKIYSKHTPINLVRDLPQGFSALEPLVDLPIGINITRFQT
LLALHRSYLTPGDSSSGWTAGAAAYYVGYLQPRTFLLKYNENGTITDAVDCALDPLSETKCTLKSFTVEKGIYQTSNFRV
QPTESIVRFPNITNLCPFGEVFNATRFASVYAWNRKRISNCVADYSVLYNSASFSTFKCYGVSPTKLNDLCFTNVYADSF
VIRGDEVRQIAPGQTGKIADYNYKLPDDFTGCVIAWNSNNLDSKVGGNYNYLYRLFRKSNLKPFERDISTEIYQAGSTPC
NGVEGFNCYFPLQSYGFQPTNGVGYQPYRVVVLSFELLHAPATVCGPKKSTNLVKNKCVNFNFNGLTGTGVLTESNKKFL
PFQQFGRDIADTTDAVRDPQTLEILDITPCSFGGVSVITPGTNTSNQVAVLYQDVNCTEVPVAIHADQLTPTWRVYSTGS
NVFQTRAGCLIGAEHVNNSYECDIPIGAGICASYQTQTNSPQQAQSVASQSIIAYTMSLGAENSVAYSNNSIAIPTNFTI
SVTTEILPVSMTKTSVDCTMYICGDSTECSNLLLQYGSFCTQLNRALTGIAVEQDKNTQEVFAQVKQIYKTPPIKDFGGF
NFSQILPDPSKPSKRSFIEDLLFNKVTLADAGFIKQYGDCLGDIAARDLICAQKFNGLTVLPPLLTDEMIAQYTSALLAG
TITSGWTFGAGAALQIPFAMQMAYRFNGIGVTQNVLYENQKLIANQFNSAIGKIQDSLSSTASALGKLQDVVNQNAQALN
TLVKQLSSNFGAISSVLNDILSRLDPPEAEVQIDRLITGRLQSLQTYVTQQLIRAAEIRASANLAATKMSECVLGQSKRV
DFCGKGYHLMSFPQSAPHGVVFLHVTYVPAQEKNFTTAPAICHDGKAHFPREGVFVSNGTHWFVTQRNFYEPQIITTDNT
FVSGNCDVVIGIVNNTVYDPLQPELDSFKEELDKYFKNHTSPDVDLGDISGINASVVNIQKEIDRLNEVAKNLNESLIDL
QELGKYEQYIKWPWYIWLGFIAGLIAIVMVTIMLCCMTSCCSCLKGCCSCGSCCKFDEDDSEPVLKGVKLHYT
;
_entity_poly.pdbx_strand_id   A,B,C
#
# COMPACT_ATOMS: atom_id res chain seq x y z
N GLN A 14 5.38 -61.94 35.39
CA GLN A 14 4.57 -62.24 36.56
C GLN A 14 4.08 -60.90 37.15
N CYS A 15 2.76 -60.78 37.41
CA CYS A 15 2.16 -59.58 37.97
C CYS A 15 0.93 -59.96 38.77
N VAL A 16 0.43 -59.02 39.55
CA VAL A 16 -0.73 -59.23 40.38
C VAL A 16 -1.71 -58.06 40.32
N ASN A 17 -3.03 -58.39 40.32
CA ASN A 17 -4.13 -57.43 40.43
C ASN A 17 -4.32 -57.11 41.92
N LEU A 18 -4.28 -55.82 42.30
CA LEU A 18 -4.42 -55.38 43.69
C LEU A 18 -5.92 -55.29 43.99
N THR A 19 -6.34 -55.89 45.10
CA THR A 19 -7.77 -56.03 45.41
C THR A 19 -8.38 -55.34 46.62
N THR A 20 -7.67 -54.46 47.32
CA THR A 20 -8.23 -53.87 48.53
C THR A 20 -8.61 -52.39 48.47
N ARG A 21 -8.69 -51.84 47.27
CA ARG A 21 -9.02 -50.43 47.13
C ARG A 21 -10.47 -50.10 47.50
N THR A 22 -10.64 -49.01 48.25
CA THR A 22 -11.96 -48.49 48.59
C THR A 22 -12.46 -47.80 47.34
N GLN A 23 -13.72 -47.97 47.02
CA GLN A 23 -14.24 -47.38 45.79
C GLN A 23 -14.72 -45.98 46.01
N LEU A 24 -13.92 -45.03 45.53
CA LEU A 24 -14.11 -43.62 45.74
C LEU A 24 -14.04 -42.87 44.40
N PRO A 25 -14.73 -41.74 44.24
CA PRO A 25 -14.73 -40.88 43.06
C PRO A 25 -13.43 -40.09 42.87
N PRO A 26 -13.16 -39.60 41.64
CA PRO A 26 -12.08 -38.69 41.29
C PRO A 26 -12.37 -37.31 41.82
N ALA A 27 -11.34 -36.53 42.07
CA ALA A 27 -11.52 -35.15 42.51
C ALA A 27 -11.19 -34.23 41.36
N TYR A 28 -11.68 -33.00 41.39
CA TYR A 28 -11.33 -32.06 40.33
C TYR A 28 -10.82 -30.77 40.92
N THR A 29 -9.85 -30.15 40.24
CA THR A 29 -9.33 -28.87 40.72
C THR A 29 -9.06 -27.83 39.63
N ASN A 30 -8.64 -26.66 40.09
CA ASN A 30 -8.31 -25.46 39.33
C ASN A 30 -6.82 -25.39 38.94
N SER A 31 -6.52 -25.37 37.65
CA SER A 31 -5.13 -25.33 37.16
C SER A 31 -4.44 -23.98 37.34
N PHE A 32 -5.22 -22.98 37.66
CA PHE A 32 -4.78 -21.61 37.81
C PHE A 32 -3.96 -21.15 36.62
N THR A 33 -2.70 -20.81 36.84
CA THR A 33 -1.87 -20.28 35.77
C THR A 33 -0.67 -21.15 35.43
N ARG A 34 -0.69 -22.41 35.80
CA ARG A 34 0.41 -23.32 35.53
C ARG A 34 0.36 -23.88 34.11
N GLY A 35 1.48 -24.43 33.62
CA GLY A 35 1.48 -25.09 32.31
C GLY A 35 2.24 -24.36 31.21
N VAL A 36 2.84 -23.25 31.56
CA VAL A 36 3.66 -22.46 30.67
C VAL A 36 5.07 -23.03 30.62
N TYR A 37 5.67 -23.00 29.47
CA TYR A 37 7.01 -23.50 29.29
C TYR A 37 7.72 -22.65 28.28
N TYR A 38 9.04 -22.73 28.27
CA TYR A 38 9.77 -21.93 27.30
C TYR A 38 9.55 -22.53 25.92
N PRO A 39 8.87 -21.82 25.00
CA PRO A 39 8.46 -22.30 23.69
C PRO A 39 9.59 -22.55 22.71
N ASP A 40 10.76 -21.99 22.97
CA ASP A 40 11.89 -22.13 22.07
C ASP A 40 13.19 -21.94 22.80
N LYS A 41 14.28 -22.46 22.23
CA LYS A 41 15.59 -22.35 22.84
C LYS A 41 16.31 -21.07 22.44
N VAL A 42 15.69 -19.95 22.75
CA VAL A 42 16.18 -18.62 22.41
C VAL A 42 16.24 -17.70 23.60
N PHE A 43 17.33 -16.98 23.76
CA PHE A 43 17.39 -16.05 24.87
C PHE A 43 16.76 -14.73 24.54
N ARG A 44 15.79 -14.34 25.34
CA ARG A 44 15.11 -13.07 25.21
C ARG A 44 15.05 -12.46 26.55
N SER A 45 15.03 -11.15 26.66
CA SER A 45 14.87 -10.51 27.96
C SER A 45 14.22 -9.16 27.84
N SER A 46 13.63 -8.72 28.95
CA SER A 46 12.98 -7.42 29.07
C SER A 46 12.04 -7.18 27.91
N VAL A 47 11.19 -8.16 27.62
CA VAL A 47 10.33 -8.07 26.46
C VAL A 47 9.07 -8.87 26.60
N LEU A 48 7.99 -8.41 25.96
CA LEU A 48 6.82 -9.25 25.92
C LEU A 48 6.83 -9.91 24.56
N HIS A 49 6.52 -11.18 24.54
CA HIS A 49 6.52 -11.93 23.31
C HIS A 49 5.24 -12.67 23.06
N SER A 50 4.72 -12.61 21.84
CA SER A 50 3.50 -13.33 21.53
C SER A 50 3.77 -14.61 20.78
N THR A 51 3.28 -15.72 21.31
CA THR A 51 3.49 -17.00 20.67
C THR A 51 2.24 -17.85 20.59
N GLN A 52 2.32 -18.94 19.84
CA GLN A 52 1.21 -19.88 19.69
C GLN A 52 1.72 -21.29 19.82
N ASP A 53 1.09 -22.06 20.70
CA ASP A 53 1.51 -23.44 20.96
C ASP A 53 0.40 -24.19 21.67
N LEU A 54 0.63 -25.44 22.00
CA LEU A 54 -0.33 -26.20 22.78
C LEU A 54 0.00 -26.02 24.25
N PHE A 55 -0.91 -25.37 24.97
CA PHE A 55 -0.71 -25.01 26.37
C PHE A 55 -1.84 -25.47 27.24
N LEU A 56 -1.58 -25.63 28.52
CA LEU A 56 -2.69 -25.91 29.39
C LEU A 56 -3.45 -24.60 29.43
N PRO A 57 -4.76 -24.52 29.17
CA PRO A 57 -5.52 -23.30 29.23
C PRO A 57 -5.48 -22.80 30.64
N PHE A 58 -5.53 -21.50 30.83
CA PHE A 58 -5.58 -21.02 32.20
C PHE A 58 -6.92 -21.31 32.82
N PHE A 59 -6.89 -21.61 34.11
CA PHE A 59 -8.04 -21.93 34.92
C PHE A 59 -8.82 -23.10 34.36
N SER A 60 -8.10 -24.09 33.84
CA SER A 60 -8.69 -25.27 33.29
C SER A 60 -9.10 -26.25 34.40
N ASN A 61 -9.94 -27.24 34.01
CA ASN A 61 -10.45 -28.34 34.83
C ASN A 61 -9.47 -29.53 34.82
N VAL A 62 -8.80 -29.77 35.96
CA VAL A 62 -7.74 -30.75 36.19
C VAL A 62 -8.23 -31.95 36.97
N THR A 63 -7.94 -33.15 36.51
CA THR A 63 -8.41 -34.31 37.26
C THR A 63 -7.37 -34.70 38.31
N TRP A 64 -7.81 -34.83 39.53
CA TRP A 64 -7.01 -35.12 40.70
C TRP A 64 -7.12 -36.57 41.22
N PHE A 65 -5.99 -37.25 41.18
CA PHE A 65 -5.84 -38.66 41.55
C PHE A 65 -5.03 -38.82 42.83
N HIS A 66 -5.26 -39.89 43.57
CA HIS A 66 -4.52 -40.08 44.83
C HIS A 66 -3.88 -41.43 45.07
N ALA A 67 -2.83 -41.37 45.88
CA ALA A 67 -2.21 -42.51 46.50
C ALA A 67 -2.29 -42.21 47.97
N ILE A 68 -3.10 -42.95 48.70
CA ILE A 68 -3.23 -42.64 50.11
C ILE A 68 -3.79 -43.77 50.94
N HIS A 69 -3.32 -43.87 52.17
CA HIS A 69 -3.89 -44.82 53.08
C HIS A 69 -4.33 -44.21 54.39
N VAL A 70 -5.61 -44.21 54.60
CA VAL A 70 -6.16 -43.75 55.84
C VAL A 70 -6.71 -44.99 56.47
N SER A 71 -6.18 -45.33 57.63
CA SER A 71 -6.54 -46.54 58.35
C SER A 71 -7.86 -46.40 59.07
N GLY A 72 -8.41 -47.53 59.51
CA GLY A 72 -9.66 -47.58 60.24
C GLY A 72 -10.58 -48.56 59.53
N THR A 73 -11.69 -48.93 60.17
CA THR A 73 -12.61 -49.87 59.55
C THR A 73 -13.11 -49.25 58.27
N ASN A 74 -13.48 -47.98 58.37
CA ASN A 74 -13.95 -47.21 57.23
C ASN A 74 -12.75 -46.55 56.56
N GLY A 75 -11.84 -47.39 56.10
CA GLY A 75 -10.60 -46.94 55.50
C GLY A 75 -10.84 -46.45 54.09
N THR A 76 -9.93 -45.63 53.63
CA THR A 76 -10.03 -45.04 52.29
C THR A 76 -8.86 -45.39 51.40
N LYS A 77 -8.21 -46.50 51.69
CA LYS A 77 -7.05 -46.87 50.90
C LYS A 77 -7.36 -46.82 49.42
N ARG A 78 -6.57 -46.05 48.68
CA ARG A 78 -6.73 -45.94 47.25
C ARG A 78 -5.38 -45.76 46.60
N PHE A 79 -5.21 -46.44 45.49
CA PHE A 79 -3.98 -46.40 44.74
C PHE A 79 -4.36 -46.20 43.29
N ASP A 80 -4.44 -44.95 42.88
CA ASP A 80 -4.94 -44.66 41.55
C ASP A 80 -3.92 -44.70 40.44
N ASN A 81 -4.05 -45.68 39.54
CA ASN A 81 -3.19 -45.83 38.39
C ASN A 81 -4.02 -46.17 37.13
N PRO A 82 -5.06 -45.39 36.80
CA PRO A 82 -5.97 -45.59 35.69
C PRO A 82 -5.32 -45.24 34.39
N VAL A 83 -5.90 -45.72 33.30
CA VAL A 83 -5.44 -45.30 32.00
C VAL A 83 -6.24 -44.11 31.55
N LEU A 84 -5.55 -43.06 31.22
CA LEU A 84 -6.13 -41.80 30.83
C LEU A 84 -5.86 -41.57 29.36
N PRO A 85 -6.67 -40.81 28.64
CA PRO A 85 -6.42 -40.43 27.27
C PRO A 85 -5.24 -39.49 27.24
N PHE A 86 -4.53 -39.45 26.13
CA PHE A 86 -3.42 -38.53 25.95
C PHE A 86 -3.85 -37.27 25.20
N ASN A 87 -4.84 -37.43 24.32
CA ASN A 87 -5.36 -36.35 23.49
C ASN A 87 -4.27 -35.63 22.71
N ASP A 88 -4.13 -34.32 22.91
CA ASP A 88 -3.17 -33.51 22.16
C ASP A 88 -1.94 -33.19 22.96
N GLY A 89 -1.75 -33.88 24.05
CA GLY A 89 -0.62 -33.61 24.92
C GLY A 89 -1.12 -33.49 26.32
N VAL A 90 -0.25 -33.82 27.24
CA VAL A 90 -0.60 -33.88 28.64
C VAL A 90 0.16 -33.03 29.61
N TYR A 91 -0.58 -32.33 30.42
CA TYR A 91 0.03 -31.60 31.51
C TYR A 91 -0.01 -32.52 32.68
N PHE A 92 1.12 -32.81 33.26
CA PHE A 92 1.14 -33.72 34.38
C PHE A 92 1.86 -33.09 35.53
N ALA A 93 1.31 -33.22 36.71
CA ALA A 93 2.02 -32.68 37.84
C ALA A 93 1.85 -33.57 39.02
N SER A 94 2.85 -33.61 39.85
CA SER A 94 2.73 -34.41 41.04
C SER A 94 3.25 -33.70 42.24
N THR A 95 2.64 -34.02 43.35
CA THR A 95 3.05 -33.50 44.63
C THR A 95 3.32 -34.68 45.52
N GLU A 96 4.52 -34.74 46.06
CA GLU A 96 4.82 -35.85 46.92
C GLU A 96 5.85 -35.57 47.99
N LYS A 97 5.83 -36.43 49.00
CA LYS A 97 6.81 -36.40 50.04
C LYS A 97 7.76 -37.61 49.99
N SER A 98 7.32 -38.71 49.36
CA SER A 98 8.07 -39.97 49.40
C SER A 98 8.44 -40.65 48.08
N ASN A 99 8.64 -39.94 46.97
CA ASN A 99 9.04 -40.64 45.73
C ASN A 99 8.14 -41.84 45.33
N ILE A 100 6.84 -41.60 45.30
CA ILE A 100 5.83 -42.60 44.98
C ILE A 100 5.46 -42.60 43.52
N ILE A 101 5.35 -41.43 42.94
CA ILE A 101 4.93 -41.32 41.56
C ILE A 101 6.19 -41.42 40.72
N ARG A 102 6.37 -42.55 40.02
CA ARG A 102 7.68 -42.81 39.41
C ARG A 102 7.71 -43.30 37.97
N GLY A 103 7.21 -42.50 37.05
CA GLY A 103 7.25 -42.91 35.64
C GLY A 103 5.87 -43.17 35.06
N TRP A 104 5.86 -43.51 33.78
CA TRP A 104 4.61 -43.69 33.06
C TRP A 104 4.73 -44.69 31.91
N ILE A 105 3.61 -44.92 31.25
CA ILE A 105 3.52 -45.71 30.04
C ILE A 105 2.74 -44.94 28.99
N PHE A 106 3.25 -44.81 27.78
CA PHE A 106 2.52 -44.12 26.72
C PHE A 106 2.32 -45.01 25.48
N GLY A 107 1.12 -45.07 24.92
CA GLY A 107 0.91 -45.90 23.71
C GLY A 107 -0.54 -45.91 23.19
N THR A 108 -0.87 -46.83 22.27
CA THR A 108 -2.23 -46.86 21.75
C THR A 108 -3.07 -47.98 22.29
N THR A 109 -2.45 -49.10 22.56
CA THR A 109 -3.17 -50.25 23.08
C THR A 109 -2.66 -50.64 24.43
N LEU A 110 -1.43 -50.21 24.76
CA LEU A 110 -0.79 -50.60 26.00
C LEU A 110 -0.82 -52.11 26.09
N ASP A 111 -0.55 -52.76 24.95
CA ASP A 111 -0.59 -54.20 24.84
C ASP A 111 0.51 -54.70 23.91
N SER A 112 0.59 -56.01 23.74
CA SER A 112 1.67 -56.68 22.98
C SER A 112 1.60 -56.52 21.48
N LYS A 113 0.51 -55.97 20.99
CA LYS A 113 0.34 -55.80 19.56
C LYS A 113 0.90 -54.51 18.97
N THR A 114 1.21 -53.50 19.80
CA THR A 114 1.69 -52.22 19.26
C THR A 114 2.87 -51.69 20.06
N GLN A 115 3.85 -51.09 19.40
CA GLN A 115 4.96 -50.51 20.16
C GLN A 115 4.50 -49.39 21.05
N SER A 116 5.06 -49.33 22.24
CA SER A 116 4.74 -48.32 23.21
C SER A 116 5.96 -47.92 24.01
N LEU A 117 5.86 -46.76 24.65
CA LEU A 117 6.92 -46.13 25.41
C LEU A 117 6.84 -46.27 26.90
N LEU A 118 7.88 -46.84 27.47
CA LEU A 118 7.97 -47.03 28.89
C LEU A 118 9.03 -46.16 29.54
N ILE A 119 8.63 -45.28 30.45
CA ILE A 119 9.60 -44.42 31.15
C ILE A 119 9.54 -44.72 32.63
N VAL A 120 10.55 -45.38 33.18
CA VAL A 120 10.44 -45.74 34.58
C VAL A 120 11.56 -45.26 35.44
N ASN A 121 11.23 -44.52 36.49
CA ASN A 121 12.31 -44.11 37.38
C ASN A 121 12.43 -45.13 38.50
N ASN A 122 13.03 -46.30 38.18
CA ASN A 122 13.21 -47.41 39.12
C ASN A 122 14.44 -47.12 39.97
N ALA A 123 14.55 -47.67 41.20
CA ALA A 123 15.70 -47.36 42.06
C ALA A 123 17.03 -47.61 41.37
N THR A 124 17.85 -46.59 41.48
CA THR A 124 19.20 -46.40 40.98
C THR A 124 19.39 -46.07 39.49
N ASN A 125 18.35 -46.07 38.65
CA ASN A 125 18.58 -45.71 37.24
C ASN A 125 17.37 -45.01 36.65
N VAL A 126 17.47 -44.62 35.40
CA VAL A 126 16.32 -44.10 34.66
C VAL A 126 16.24 -44.90 33.40
N VAL A 127 15.11 -45.54 33.17
CA VAL A 127 15.01 -46.38 32.00
C VAL A 127 13.96 -45.95 31.01
N ILE A 128 14.38 -45.78 29.75
CA ILE A 128 13.45 -45.45 28.69
C ILE A 128 13.53 -46.52 27.62
N LYS A 129 12.41 -47.15 27.31
CA LYS A 129 12.39 -48.18 26.28
C LYS A 129 11.20 -48.06 25.37
N VAL A 130 11.35 -48.38 24.09
CA VAL A 130 10.19 -48.45 23.23
C VAL A 130 10.12 -49.87 22.71
N CYS A 131 9.03 -50.62 22.99
CA CYS A 131 8.94 -52.05 22.69
C CYS A 131 7.50 -52.47 22.52
N GLU A 132 7.32 -53.67 22.02
CA GLU A 132 5.99 -54.23 22.00
C GLU A 132 5.89 -54.95 23.33
N PHE A 133 5.43 -54.21 24.32
CA PHE A 133 5.37 -54.69 25.69
C PHE A 133 4.09 -55.38 26.00
N GLN A 134 4.16 -56.41 26.80
CA GLN A 134 2.95 -57.00 27.30
C GLN A 134 2.80 -56.47 28.68
N PHE A 135 1.97 -55.46 28.82
CA PHE A 135 1.80 -54.78 30.08
C PHE A 135 0.83 -55.49 30.97
N CYS A 136 1.03 -55.35 32.30
CA CYS A 136 0.15 -55.79 33.38
C CYS A 136 -1.07 -54.88 33.42
N ASN A 137 -2.22 -55.47 33.73
CA ASN A 137 -3.45 -54.70 33.85
C ASN A 137 -3.43 -53.71 35.02
N ASP A 138 -2.62 -53.99 36.03
CA ASP A 138 -2.54 -53.16 37.22
C ASP A 138 -1.07 -53.08 37.61
N PRO A 139 -0.24 -52.36 36.85
CA PRO A 139 1.19 -52.30 37.00
C PRO A 139 1.56 -51.50 38.21
N PHE A 140 2.68 -51.88 38.81
CA PHE A 140 3.23 -51.11 39.92
C PHE A 140 4.70 -51.42 40.19
N LEU A 141 5.30 -50.53 40.95
CA LEU A 141 6.64 -50.66 41.49
C LEU A 141 6.49 -50.83 42.99
N GLY A 142 7.53 -51.22 43.70
CA GLY A 142 7.35 -51.19 45.16
C GLY A 142 8.60 -51.43 46.00
N VAL A 143 8.50 -50.88 47.21
CA VAL A 143 9.55 -50.85 48.19
C VAL A 143 9.15 -51.53 49.48
N TYR A 144 10.00 -52.40 49.97
CA TYR A 144 9.73 -53.12 51.20
C TYR A 144 10.53 -52.53 52.34
N TYR A 145 9.86 -52.30 53.46
CA TYR A 145 10.50 -51.82 54.65
C TYR A 145 10.92 -52.97 55.54
N HIS A 146 12.21 -53.03 55.82
CA HIS A 146 12.77 -54.12 56.59
C HIS A 146 12.60 -54.02 58.09
N LYS A 147 12.54 -55.18 58.74
CA LYS A 147 12.38 -55.31 60.19
C LYS A 147 13.66 -55.25 61.01
N ASN A 148 14.75 -55.74 60.45
CA ASN A 148 16.00 -55.89 61.22
C ASN A 148 17.01 -54.71 61.15
N ASN A 149 16.62 -53.62 60.48
CA ASN A 149 17.33 -52.38 60.25
C ASN A 149 16.27 -51.35 59.90
N LYS A 150 16.66 -50.14 59.45
CA LYS A 150 15.72 -49.06 59.08
C LYS A 150 15.71 -48.83 57.59
N SER A 151 16.28 -49.73 56.79
CA SER A 151 16.32 -49.49 55.38
C SER A 151 15.08 -49.91 54.63
N TRP A 152 14.87 -49.20 53.54
CA TRP A 152 13.80 -49.43 52.59
C TRP A 152 14.49 -49.88 51.31
N MET A 153 13.97 -50.90 50.64
CA MET A 153 14.60 -51.34 49.39
C MET A 153 13.62 -51.65 48.29
N GLU A 154 14.02 -51.38 47.05
CA GLU A 154 13.14 -51.70 45.96
C GLU A 154 13.27 -53.14 45.59
N SER A 155 12.14 -53.82 45.57
CA SER A 155 12.10 -55.23 45.24
C SER A 155 11.03 -55.58 44.22
N GLU A 156 10.02 -54.72 44.08
CA GLU A 156 8.89 -55.00 43.22
C GLU A 156 8.93 -54.21 41.93
N PHE A 157 9.08 -54.92 40.83
CA PHE A 157 9.06 -54.31 39.50
C PHE A 157 8.09 -55.10 38.68
N ARG A 158 6.83 -54.70 38.64
CA ARG A 158 5.83 -55.46 37.95
C ARG A 158 5.08 -54.58 37.00
N VAL A 159 5.71 -54.30 35.88
CA VAL A 159 5.15 -53.38 34.92
C VAL A 159 4.66 -54.16 33.72
N TYR A 160 5.51 -55.04 33.23
CA TYR A 160 5.22 -55.83 32.06
C TYR A 160 5.69 -57.23 32.28
N SER A 161 5.06 -58.19 31.61
CA SER A 161 5.47 -59.58 31.71
C SER A 161 6.45 -59.93 30.62
N SER A 162 6.40 -59.21 29.52
CA SER A 162 7.33 -59.48 28.43
C SER A 162 7.54 -58.29 27.54
N ALA A 163 8.59 -58.34 26.73
CA ALA A 163 8.79 -57.31 25.74
C ALA A 163 9.62 -57.84 24.59
N ASN A 164 9.35 -57.34 23.40
CA ASN A 164 10.18 -57.69 22.27
C ASN A 164 10.19 -56.53 21.26
N ASN A 165 10.95 -56.67 20.14
CA ASN A 165 11.07 -55.69 19.04
C ASN A 165 11.40 -54.27 19.57
N CYS A 166 12.37 -54.20 20.51
CA CYS A 166 12.78 -52.97 21.18
C CYS A 166 13.69 -52.09 20.35
N THR A 167 13.42 -50.81 20.47
CA THR A 167 14.18 -49.74 19.87
C THR A 167 14.39 -48.61 20.88
N PHE A 168 15.21 -47.66 20.50
CA PHE A 168 15.47 -46.49 21.33
C PHE A 168 15.73 -46.86 22.78
N GLU A 169 16.60 -47.81 23.03
CA GLU A 169 16.81 -48.15 24.41
C GLU A 169 17.85 -47.27 25.07
N TYR A 170 17.47 -46.68 26.19
CA TYR A 170 18.34 -45.82 26.96
C TYR A 170 18.30 -46.07 28.45
N VAL A 171 19.47 -46.18 29.06
CA VAL A 171 19.51 -46.30 30.50
C VAL A 171 20.53 -45.29 31.02
N SER A 172 20.13 -44.52 32.02
CA SER A 172 20.99 -43.53 32.63
C SER A 172 22.02 -44.12 33.56
N GLN A 173 22.98 -43.29 33.96
CA GLN A 173 24.04 -43.69 34.87
C GLN A 173 23.47 -43.93 36.24
N PRO A 174 24.05 -44.84 37.03
CA PRO A 174 23.61 -45.20 38.35
C PRO A 174 23.70 -44.09 39.37
N PHE A 175 22.77 -44.13 40.31
CA PHE A 175 22.64 -43.21 41.45
C PHE A 175 21.92 -43.90 42.59
N LEU A 176 21.87 -43.29 43.76
CA LEU A 176 21.08 -43.91 44.81
C LEU A 176 19.77 -43.16 44.95
N MET A 177 18.70 -43.88 45.27
CA MET A 177 17.41 -43.24 45.38
C MET A 177 16.93 -43.15 46.81
N ASP A 178 16.31 -42.03 47.15
CA ASP A 178 15.81 -41.86 48.50
C ASP A 178 14.45 -42.55 48.66
N LEU A 179 14.48 -43.82 49.02
CA LEU A 179 13.25 -44.62 49.08
C LEU A 179 12.55 -44.57 50.44
N GLU A 180 13.11 -43.87 51.39
CA GLU A 180 12.53 -43.83 52.73
C GLU A 180 11.19 -43.11 52.74
N GLY A 181 10.21 -43.68 53.41
CA GLY A 181 8.90 -43.04 53.52
C GLY A 181 8.99 -41.86 54.47
N LYS A 182 8.20 -40.83 54.22
CA LYS A 182 8.19 -39.65 55.07
C LYS A 182 6.80 -39.20 55.52
N GLN A 183 6.79 -38.41 56.58
CA GLN A 183 5.60 -37.77 57.13
C GLN A 183 5.64 -36.28 56.86
N GLY A 184 4.58 -35.56 57.24
CA GLY A 184 4.57 -34.10 57.05
C GLY A 184 3.85 -33.66 55.78
N ASN A 185 4.14 -32.44 55.33
CA ASN A 185 3.44 -31.89 54.18
C ASN A 185 4.12 -32.40 52.95
N PHE A 186 3.64 -32.05 51.77
CA PHE A 186 4.30 -32.52 50.59
C PHE A 186 5.52 -31.64 50.43
N LYS A 187 6.61 -32.17 49.89
CA LYS A 187 7.83 -31.40 49.79
C LYS A 187 8.25 -31.04 48.38
N ASN A 188 7.87 -31.86 47.41
CA ASN A 188 8.35 -31.63 46.07
C ASN A 188 7.27 -31.60 45.03
N LEU A 189 7.17 -30.49 44.33
CA LEU A 189 6.23 -30.34 43.24
C LEU A 189 6.96 -30.54 41.94
N ARG A 190 6.55 -31.52 41.17
CA ARG A 190 7.21 -31.78 39.92
C ARG A 190 6.24 -31.58 38.78
N GLU A 191 6.60 -30.74 37.84
CA GLU A 191 5.69 -30.49 36.73
C GLU A 191 6.30 -30.91 35.41
N PHE A 192 5.50 -31.57 34.59
CA PHE A 192 5.91 -32.03 33.28
C PHE A 192 4.91 -31.75 32.17
N VAL A 193 5.42 -31.50 30.98
CA VAL A 193 4.54 -31.42 29.81
C VAL A 193 4.98 -32.39 28.74
N PHE A 194 4.05 -33.23 28.32
CA PHE A 194 4.32 -34.25 27.31
C PHE A 194 3.62 -33.99 25.99
N LYS A 195 4.38 -33.92 24.92
CA LYS A 195 3.78 -33.68 23.60
C LYS A 195 4.26 -34.72 22.59
N ASN A 196 3.41 -35.11 21.64
CA ASN A 196 3.86 -36.08 20.65
C ASN A 196 3.70 -35.51 19.26
N ILE A 197 4.77 -34.92 18.76
CA ILE A 197 4.71 -34.20 17.48
C ILE A 197 5.73 -34.63 16.43
N ASP A 198 5.23 -35.01 15.28
CA ASP A 198 6.06 -35.35 14.12
C ASP A 198 7.17 -36.34 14.38
N GLY A 199 6.90 -37.38 15.13
CA GLY A 199 7.89 -38.39 15.43
C GLY A 199 8.67 -38.15 16.72
N TYR A 200 8.43 -37.02 17.40
CA TYR A 200 9.15 -36.77 18.62
C TYR A 200 8.30 -36.68 19.86
N PHE A 201 8.83 -37.21 20.95
CA PHE A 201 8.15 -37.10 22.22
C PHE A 201 8.90 -36.10 23.05
N LYS A 202 8.30 -34.93 23.19
CA LYS A 202 8.95 -33.81 23.83
C LYS A 202 8.60 -33.79 25.30
N ILE A 203 9.60 -33.68 26.16
CA ILE A 203 9.31 -33.63 27.58
C ILE A 203 9.85 -32.38 28.24
N TYR A 204 8.99 -31.58 28.83
CA TYR A 204 9.41 -30.36 29.53
C TYR A 204 9.33 -30.61 31.02
N SER A 205 10.20 -29.98 31.83
CA SER A 205 10.15 -30.16 33.28
C SER A 205 10.70 -29.07 34.18
N LYS A 206 10.10 -28.97 35.38
CA LYS A 206 10.61 -28.11 36.45
C LYS A 206 10.29 -28.66 37.84
N HIS A 207 11.25 -28.52 38.77
CA HIS A 207 11.01 -28.94 40.15
C HIS A 207 10.97 -27.72 41.07
N THR A 208 9.93 -27.66 41.90
CA THR A 208 9.71 -26.58 42.86
C THR A 208 9.54 -27.09 44.30
N PRO A 209 10.27 -26.58 45.29
CA PRO A 209 10.09 -26.98 46.68
C PRO A 209 8.77 -26.42 47.18
N ILE A 210 8.02 -27.22 47.90
CA ILE A 210 6.75 -26.82 48.49
C ILE A 210 6.63 -27.26 49.94
N ASN A 211 5.69 -26.67 50.69
CA ASN A 211 5.38 -27.15 52.04
C ASN A 211 3.86 -27.15 52.22
N LEU A 212 3.15 -27.54 51.18
CA LEU A 212 1.69 -27.53 51.12
C LEU A 212 1.08 -28.92 51.30
N VAL A 213 -0.14 -29.00 51.82
CA VAL A 213 -0.76 -30.31 52.01
C VAL A 213 -1.91 -30.69 51.06
N ARG A 214 -2.92 -29.85 50.95
CA ARG A 214 -4.14 -30.27 50.26
C ARG A 214 -4.21 -30.30 48.72
N ASP A 215 -3.63 -29.34 48.01
CA ASP A 215 -3.87 -29.23 46.57
C ASP A 215 -2.71 -28.60 45.80
N LEU A 216 -2.85 -28.45 44.48
CA LEU A 216 -1.79 -27.76 43.72
C LEU A 216 -1.64 -26.35 44.25
N PRO A 217 -0.42 -25.86 44.52
CA PRO A 217 -0.21 -24.51 44.96
C PRO A 217 -0.58 -23.58 43.83
N GLN A 218 -1.07 -22.40 44.16
CA GLN A 218 -1.30 -21.39 43.15
C GLN A 218 0.03 -20.70 42.94
N GLY A 219 0.39 -20.44 41.71
CA GLY A 219 1.65 -19.76 41.44
C GLY A 219 1.99 -19.86 39.98
N PHE A 220 3.12 -19.31 39.58
CA PHE A 220 3.51 -19.34 38.19
C PHE A 220 4.96 -19.70 38.02
N SER A 221 5.22 -20.54 37.04
CA SER A 221 6.56 -20.94 36.69
C SER A 221 6.59 -21.38 35.25
N ALA A 222 7.77 -21.48 34.65
CA ALA A 222 7.84 -21.99 33.30
C ALA A 222 8.76 -23.19 33.25
N LEU A 223 8.39 -24.20 32.48
CA LEU A 223 9.20 -25.42 32.41
C LEU A 223 10.29 -25.36 31.36
N GLU A 224 11.41 -26.01 31.64
CA GLU A 224 12.50 -26.04 30.70
C GLU A 224 12.40 -27.27 29.82
N PRO A 225 12.91 -27.24 28.60
CA PRO A 225 12.83 -28.32 27.64
C PRO A 225 13.45 -29.67 27.91
N LEU A 226 14.40 -29.84 28.81
CA LEU A 226 14.96 -31.19 28.97
C LEU A 226 15.30 -31.88 27.66
N VAL A 227 14.42 -32.78 27.21
CA VAL A 227 14.74 -33.67 26.11
C VAL A 227 13.71 -33.75 25.02
N ASP A 228 14.15 -34.25 23.88
CA ASP A 228 13.26 -34.44 22.77
C ASP A 228 13.58 -35.83 22.19
N LEU A 229 12.73 -36.81 22.48
CA LEU A 229 13.06 -38.18 22.16
C LEU A 229 12.59 -38.57 20.75
N PRO A 230 13.45 -39.10 19.89
CA PRO A 230 13.19 -39.49 18.51
C PRO A 230 12.46 -40.81 18.41
N ILE A 231 11.24 -40.83 18.92
CA ILE A 231 10.46 -42.05 18.95
C ILE A 231 9.24 -41.96 18.05
N GLY A 232 9.26 -42.69 16.96
CA GLY A 232 8.19 -42.66 15.97
C GLY A 232 6.95 -43.50 16.31
N ILE A 233 6.28 -43.21 17.42
CA ILE A 233 5.11 -44.03 17.76
C ILE A 233 3.87 -43.13 17.95
N ASN A 234 2.70 -43.77 17.85
CA ASN A 234 1.36 -43.22 18.04
C ASN A 234 0.97 -43.38 19.53
N ILE A 235 0.69 -42.26 20.23
CA ILE A 235 0.30 -42.25 21.65
C ILE A 235 -1.09 -41.70 21.80
N THR A 236 -2.01 -42.50 22.33
CA THR A 236 -3.38 -42.05 22.51
C THR A 236 -3.86 -42.21 23.94
N ARG A 237 -3.18 -43.05 24.71
CA ARG A 237 -3.51 -43.41 26.08
C ARG A 237 -2.25 -43.43 26.93
N PHE A 238 -2.36 -43.16 28.21
CA PHE A 238 -1.18 -43.32 29.05
C PHE A 238 -1.55 -43.76 30.44
N GLN A 239 -0.58 -44.29 31.15
CA GLN A 239 -0.82 -44.74 32.51
C GLN A 239 0.28 -44.29 33.43
N THR A 240 -0.08 -43.92 34.64
CA THR A 240 0.90 -43.47 35.64
C THR A 240 1.36 -44.64 36.49
N LEU A 241 2.66 -44.77 36.71
CA LEU A 241 3.20 -45.83 37.54
C LEU A 241 3.49 -45.37 38.94
N LEU A 242 2.84 -46.00 39.91
CA LEU A 242 3.03 -45.65 41.31
C LEU A 242 3.75 -46.77 42.04
N ALA A 243 4.51 -46.42 43.06
CA ALA A 243 5.10 -47.43 43.91
C ALA A 243 4.23 -47.76 45.12
N LEU A 244 4.26 -49.01 45.54
CA LEU A 244 3.61 -49.50 46.75
C LEU A 244 4.60 -49.59 47.88
N HIS A 245 4.13 -49.46 49.10
CA HIS A 245 4.99 -49.73 50.23
C HIS A 245 4.53 -51.01 50.90
N ARG A 246 5.47 -51.87 51.17
CA ARG A 246 5.18 -53.13 51.82
C ARG A 246 6.06 -53.19 53.05
N SER A 247 5.66 -53.96 54.03
CA SER A 247 6.45 -54.07 55.24
C SER A 247 6.09 -55.31 56.00
N TYR A 248 6.86 -55.59 57.01
CA TYR A 248 6.66 -56.71 57.92
C TYR A 248 5.39 -56.55 58.75
N LEU A 249 4.86 -55.34 58.79
CA LEU A 249 3.67 -55.00 59.54
C LEU A 249 2.42 -55.01 58.67
N THR A 250 2.56 -55.39 57.40
CA THR A 250 1.44 -55.36 56.50
C THR A 250 1.14 -56.78 55.98
N PRO A 251 0.28 -57.56 56.64
CA PRO A 251 -0.01 -58.95 56.34
C PRO A 251 -0.83 -59.06 55.08
N GLY A 252 -0.76 -60.21 54.42
CA GLY A 252 -1.57 -60.48 53.23
C GLY A 252 -0.69 -61.00 52.10
N ASP A 253 -1.32 -61.54 51.06
CA ASP A 253 -0.57 -62.07 49.93
C ASP A 253 -0.29 -60.91 48.98
N SER A 254 0.25 -61.17 47.80
CA SER A 254 0.66 -60.07 46.94
C SER A 254 -0.47 -59.14 46.47
N SER A 255 -1.73 -59.57 46.59
CA SER A 255 -2.86 -58.74 46.16
C SER A 255 -3.40 -57.84 47.26
N SER A 256 -3.05 -58.11 48.53
CA SER A 256 -3.61 -57.33 49.64
C SER A 256 -2.57 -56.83 50.65
N GLY A 257 -1.39 -57.43 50.65
CA GLY A 257 -0.33 -57.13 51.61
C GLY A 257 0.48 -55.89 51.23
N TRP A 258 -0.21 -54.78 51.07
CA TRP A 258 0.41 -53.52 50.69
C TRP A 258 -0.31 -52.32 51.24
N THR A 259 0.43 -51.22 51.34
CA THR A 259 -0.11 -49.96 51.76
C THR A 259 0.25 -48.84 50.80
N ALA A 260 -0.73 -48.04 50.43
CA ALA A 260 -0.44 -46.88 49.60
C ALA A 260 0.33 -45.89 50.42
N GLY A 261 1.31 -45.23 49.83
CA GLY A 261 2.01 -44.18 50.55
C GLY A 261 1.20 -42.93 50.29
N ALA A 262 1.68 -41.76 50.70
CA ALA A 262 0.90 -40.55 50.46
C ALA A 262 1.51 -39.70 49.36
N ALA A 263 0.76 -39.52 48.28
CA ALA A 263 1.15 -38.74 47.11
C ALA A 263 -0.06 -38.40 46.28
N ALA A 264 0.06 -37.42 45.41
CA ALA A 264 -1.05 -37.14 44.51
C ALA A 264 -0.59 -36.61 43.17
N TYR A 265 -1.44 -36.75 42.18
CA TYR A 265 -1.09 -36.21 40.88
C TYR A 265 -2.28 -35.65 40.16
N TYR A 266 -1.95 -34.78 39.24
CA TYR A 266 -2.92 -34.07 38.49
C TYR A 266 -2.72 -34.20 37.00
N VAL A 267 -3.81 -34.36 36.27
CA VAL A 267 -3.71 -34.42 34.83
C VAL A 267 -4.63 -33.45 34.12
N GLY A 268 -4.05 -32.65 33.24
CA GLY A 268 -4.82 -31.70 32.44
C GLY A 268 -4.49 -31.94 30.99
N TYR A 269 -5.13 -31.21 30.09
CA TYR A 269 -4.83 -31.41 28.67
C TYR A 269 -4.51 -30.13 27.97
N LEU A 270 -3.66 -30.22 26.97
CA LEU A 270 -3.25 -29.04 26.25
C LEU A 270 -4.20 -28.72 25.12
N GLN A 271 -4.33 -27.43 24.80
CA GLN A 271 -5.13 -26.99 23.67
C GLN A 271 -4.35 -25.91 22.94
N PRO A 272 -4.55 -25.71 21.63
CA PRO A 272 -3.96 -24.60 20.94
C PRO A 272 -4.41 -23.32 21.59
N ARG A 273 -3.45 -22.46 21.87
CA ARG A 273 -3.68 -21.17 22.46
C ARG A 273 -2.65 -20.15 22.05
N THR A 274 -3.05 -18.91 22.12
CA THR A 274 -2.16 -17.81 21.89
C THR A 274 -1.90 -17.20 23.25
N PHE A 275 -0.63 -17.00 23.53
CA PHE A 275 -0.17 -16.39 24.76
C PHE A 275 0.74 -15.21 24.64
N LEU A 276 0.58 -14.32 25.59
CA LEU A 276 1.50 -13.21 25.72
C LEU A 276 2.42 -13.59 26.87
N LEU A 277 3.70 -13.78 26.60
CA LEU A 277 4.61 -14.19 27.65
C LEU A 277 5.50 -13.04 28.07
N LYS A 278 5.70 -12.90 29.37
CA LYS A 278 6.56 -11.84 29.87
C LYS A 278 7.90 -12.33 30.33
N TYR A 279 8.96 -11.86 29.66
CA TYR A 279 10.34 -12.19 29.99
C TYR A 279 10.94 -11.06 30.81
N ASN A 280 11.51 -11.39 31.96
CA ASN A 280 12.11 -10.37 32.82
C ASN A 280 13.50 -10.04 32.35
N GLU A 281 14.20 -9.24 33.12
CA GLU A 281 15.54 -8.77 32.74
C GLU A 281 16.63 -9.85 32.57
N ASN A 282 16.44 -11.05 33.17
CA ASN A 282 17.37 -12.18 33.11
C ASN A 282 16.89 -13.27 32.14
N GLY A 283 15.80 -13.02 31.36
CA GLY A 283 15.20 -13.93 30.40
C GLY A 283 14.34 -15.03 31.01
N THR A 284 13.83 -14.81 32.21
CA THR A 284 12.99 -15.78 32.85
C THR A 284 11.55 -15.42 32.59
N ILE A 285 10.74 -16.41 32.24
CA ILE A 285 9.33 -16.06 32.03
C ILE A 285 8.74 -15.94 33.41
N THR A 286 8.17 -14.79 33.70
CA THR A 286 7.62 -14.55 35.01
C THR A 286 6.12 -14.43 35.00
N ASP A 287 5.54 -14.16 33.85
CA ASP A 287 4.08 -14.07 33.82
C ASP A 287 3.54 -14.46 32.45
N ALA A 288 2.22 -14.48 32.30
CA ALA A 288 1.61 -14.81 31.02
C ALA A 288 0.12 -14.42 30.94
N VAL A 289 -0.35 -14.16 29.72
CA VAL A 289 -1.77 -13.95 29.48
C VAL A 289 -2.32 -14.96 28.50
N ASP A 290 -3.38 -15.65 28.91
CA ASP A 290 -4.06 -16.60 28.03
C ASP A 290 -5.09 -15.81 27.24
N CYS A 291 -4.83 -15.59 25.94
CA CYS A 291 -5.59 -14.69 25.06
C CYS A 291 -7.00 -15.20 24.79
N ALA A 292 -7.27 -16.45 25.15
CA ALA A 292 -8.60 -17.02 24.91
C ALA A 292 -9.39 -17.20 26.21
N LEU A 293 -8.87 -16.74 27.33
CA LEU A 293 -9.52 -16.95 28.62
C LEU A 293 -10.84 -16.20 28.80
N ASP A 294 -10.89 -14.97 28.33
CA ASP A 294 -12.04 -14.10 28.49
C ASP A 294 -11.78 -12.80 27.71
N PRO A 295 -12.81 -11.95 27.47
CA PRO A 295 -12.69 -10.65 26.84
C PRO A 295 -11.66 -9.69 27.46
N LEU A 296 -11.41 -9.76 28.76
CA LEU A 296 -10.40 -8.85 29.30
C LEU A 296 -9.02 -9.28 28.84
N SER A 297 -8.77 -10.58 28.84
CA SER A 297 -7.48 -11.09 28.41
C SER A 297 -7.29 -10.80 26.93
N GLU A 298 -8.36 -10.85 26.15
CA GLU A 298 -8.24 -10.56 24.73
C GLU A 298 -7.74 -9.12 24.57
N THR A 299 -8.25 -8.21 25.40
CA THR A 299 -7.81 -6.84 25.36
C THR A 299 -6.33 -6.75 25.74
N LYS A 300 -5.93 -7.45 26.79
CA LYS A 300 -4.52 -7.42 27.20
C LYS A 300 -3.54 -7.90 26.12
N CYS A 301 -3.90 -8.98 25.37
CA CYS A 301 -3.06 -9.51 24.29
C CYS A 301 -2.99 -8.53 23.13
N THR A 302 -4.12 -7.91 22.79
CA THR A 302 -4.15 -6.97 21.69
C THR A 302 -3.23 -5.79 21.95
N LEU A 303 -3.25 -5.31 23.17
CA LEU A 303 -2.48 -4.14 23.57
C LEU A 303 -1.06 -4.46 24.01
N LYS A 304 -0.68 -5.74 24.03
CA LYS A 304 0.63 -6.14 24.50
C LYS A 304 0.91 -5.57 25.89
N SER A 305 -0.03 -5.74 26.80
CA SER A 305 0.15 -5.20 28.13
C SER A 305 -0.49 -6.01 29.21
N PHE A 306 0.08 -5.98 30.39
CA PHE A 306 -0.51 -6.68 31.52
C PHE A 306 -1.38 -5.75 32.34
N THR A 307 -1.46 -4.50 31.90
CA THR A 307 -2.27 -3.44 32.49
C THR A 307 -3.14 -2.76 31.45
N VAL A 308 -4.41 -2.61 31.76
CA VAL A 308 -5.35 -1.96 30.86
C VAL A 308 -5.97 -0.76 31.57
N GLU A 309 -5.92 0.38 30.91
CA GLU A 309 -6.45 1.61 31.46
C GLU A 309 -7.96 1.61 31.39
N LYS A 310 -8.60 2.39 32.25
CA LYS A 310 -10.03 2.41 32.19
C LYS A 310 -10.48 2.87 30.80
N GLY A 311 -11.47 2.18 30.24
CA GLY A 311 -11.97 2.55 28.93
C GLY A 311 -12.78 1.44 28.26
N ILE A 312 -13.09 1.66 27.00
CA ILE A 312 -13.85 0.69 26.24
C ILE A 312 -12.94 0.11 25.21
N TYR A 313 -12.87 -1.19 25.15
CA TYR A 313 -12.02 -1.80 24.16
C TYR A 313 -12.85 -2.66 23.25
N GLN A 314 -12.50 -2.71 21.98
CA GLN A 314 -13.23 -3.57 21.07
C GLN A 314 -12.54 -4.89 21.00
N THR A 315 -13.29 -5.95 20.75
CA THR A 315 -12.68 -7.24 20.56
C THR A 315 -13.28 -7.95 19.37
N SER A 316 -12.89 -9.20 19.18
CA SER A 316 -13.31 -10.03 18.07
C SER A 316 -14.80 -10.29 18.08
N ASN A 317 -15.38 -10.42 16.89
CA ASN A 317 -16.79 -10.71 16.82
C ASN A 317 -17.04 -12.05 17.46
N PHE A 318 -18.16 -12.17 18.14
CA PHE A 318 -18.53 -13.39 18.84
C PHE A 318 -18.51 -14.58 17.90
N ARG A 319 -17.93 -15.68 18.36
CA ARG A 319 -17.81 -16.85 17.51
C ARG A 319 -18.26 -18.08 18.25
N VAL A 320 -18.65 -19.07 17.49
CA VAL A 320 -19.01 -20.36 18.05
C VAL A 320 -18.19 -21.36 17.31
N GLN A 321 -18.03 -22.54 17.87
CA GLN A 321 -17.28 -23.56 17.18
C GLN A 321 -18.23 -24.57 16.57
N PRO A 322 -17.84 -25.25 15.49
CA PRO A 322 -18.56 -26.33 14.89
C PRO A 322 -18.50 -27.50 15.83
N THR A 323 -19.52 -28.34 15.83
CA THR A 323 -19.52 -29.49 16.73
C THR A 323 -19.38 -30.86 16.10
N GLU A 324 -19.62 -30.97 14.81
CA GLU A 324 -19.58 -32.25 14.11
C GLU A 324 -19.24 -32.04 12.66
N SER A 325 -18.83 -33.10 11.97
CA SER A 325 -18.49 -32.99 10.54
C SER A 325 -19.43 -33.78 9.64
N ILE A 326 -19.96 -33.10 8.64
CA ILE A 326 -20.87 -33.66 7.66
C ILE A 326 -20.21 -33.90 6.33
N VAL A 327 -20.24 -35.15 5.91
CA VAL A 327 -19.61 -35.49 4.65
C VAL A 327 -20.62 -36.02 3.65
N ARG A 328 -20.75 -35.36 2.51
CA ARG A 328 -21.75 -35.80 1.57
C ARG A 328 -21.19 -35.98 0.18
N PHE A 329 -21.39 -37.18 -0.32
CA PHE A 329 -21.00 -37.59 -1.64
C PHE A 329 -22.17 -38.35 -2.20
N PRO A 330 -22.35 -38.45 -3.51
CA PRO A 330 -23.38 -39.24 -4.14
C PRO A 330 -23.07 -40.69 -3.78
N ASN A 331 -24.11 -41.53 -3.62
CA ASN A 331 -23.96 -42.94 -3.22
C ASN A 331 -23.64 -43.82 -4.43
N ILE A 332 -22.38 -43.73 -4.88
CA ILE A 332 -21.80 -44.46 -6.00
C ILE A 332 -21.21 -45.74 -5.44
N THR A 333 -21.57 -46.87 -6.01
CA THR A 333 -21.07 -48.14 -5.51
C THR A 333 -20.06 -48.83 -6.41
N ASN A 334 -19.99 -48.43 -7.67
CA ASN A 334 -19.09 -49.07 -8.60
C ASN A 334 -17.68 -48.53 -8.49
N LEU A 335 -16.70 -49.41 -8.62
CA LEU A 335 -15.29 -49.02 -8.64
C LEU A 335 -14.95 -48.57 -10.05
N CYS A 336 -14.09 -47.52 -10.20
CA CYS A 336 -13.61 -47.03 -11.49
C CYS A 336 -12.81 -48.11 -12.22
N PRO A 337 -12.79 -48.09 -13.56
CA PRO A 337 -12.19 -49.11 -14.39
C PRO A 337 -10.69 -49.04 -14.44
N PHE A 338 -10.06 -49.26 -13.30
CA PHE A 338 -8.62 -49.19 -13.21
C PHE A 338 -8.04 -50.33 -14.01
N GLY A 339 -8.79 -51.44 -14.07
CA GLY A 339 -8.38 -52.62 -14.80
C GLY A 339 -8.45 -52.44 -16.32
N GLU A 340 -9.06 -51.37 -16.81
CA GLU A 340 -9.11 -51.15 -18.24
C GLU A 340 -8.16 -50.03 -18.64
N VAL A 341 -8.05 -49.03 -17.77
CA VAL A 341 -7.22 -47.88 -18.03
C VAL A 341 -5.75 -48.23 -17.91
N PHE A 342 -5.39 -48.96 -16.87
CA PHE A 342 -4.00 -49.32 -16.63
C PHE A 342 -3.57 -50.76 -17.02
N ASN A 343 -4.53 -51.66 -17.33
CA ASN A 343 -4.31 -53.10 -17.62
C ASN A 343 -4.72 -53.52 -19.04
N ALA A 344 -4.83 -52.58 -20.01
CA ALA A 344 -5.23 -52.88 -21.38
C ALA A 344 -4.23 -53.78 -22.11
N THR A 345 -4.78 -54.65 -22.95
CA THR A 345 -4.01 -55.55 -23.77
C THR A 345 -3.21 -54.75 -24.77
N ARG A 346 -3.84 -53.72 -25.32
CA ARG A 346 -3.21 -52.85 -26.30
C ARG A 346 -3.48 -51.40 -26.02
N PHE A 347 -2.47 -50.61 -26.24
CA PHE A 347 -2.52 -49.17 -26.16
C PHE A 347 -2.42 -48.57 -27.52
N ALA A 348 -3.03 -47.41 -27.66
CA ALA A 348 -2.95 -46.66 -28.89
C ALA A 348 -1.58 -46.09 -29.04
N SER A 349 -1.17 -45.87 -30.27
CA SER A 349 0.09 -45.22 -30.50
C SER A 349 -0.08 -43.75 -30.22
N VAL A 350 1.01 -43.03 -30.02
CA VAL A 350 0.90 -41.61 -29.74
C VAL A 350 0.34 -40.88 -30.93
N TYR A 351 0.59 -41.41 -32.11
CA TYR A 351 0.02 -40.91 -33.34
C TYR A 351 -1.49 -40.72 -33.31
N ALA A 352 -2.21 -41.66 -32.71
CA ALA A 352 -3.65 -41.66 -32.69
C ALA A 352 -4.13 -42.10 -31.32
N TRP A 353 -3.87 -41.27 -30.31
CA TRP A 353 -4.12 -41.63 -28.93
C TRP A 353 -5.58 -41.80 -28.61
N ASN A 354 -5.88 -42.67 -27.62
CA ASN A 354 -7.26 -42.94 -27.26
C ASN A 354 -7.70 -41.96 -26.18
N ARG A 355 -9.01 -41.78 -26.05
CA ARG A 355 -9.58 -40.94 -25.01
C ARG A 355 -10.81 -41.57 -24.38
N LYS A 356 -10.64 -42.20 -23.23
CA LYS A 356 -11.74 -42.91 -22.57
C LYS A 356 -12.50 -42.04 -21.58
N ARG A 357 -13.82 -42.02 -21.65
CA ARG A 357 -14.58 -41.24 -20.68
C ARG A 357 -14.90 -42.08 -19.46
N ILE A 358 -14.70 -41.50 -18.28
CA ILE A 358 -14.95 -42.16 -17.02
C ILE A 358 -16.06 -41.45 -16.24
N SER A 359 -17.03 -42.22 -15.77
CA SER A 359 -18.14 -41.65 -15.02
C SER A 359 -18.77 -42.63 -14.06
N ASN A 360 -19.55 -42.08 -13.10
CA ASN A 360 -20.33 -42.89 -12.17
C ASN A 360 -19.54 -43.97 -11.43
N CYS A 361 -18.42 -43.61 -10.79
CA CYS A 361 -17.55 -44.57 -10.11
C CYS A 361 -16.75 -43.98 -8.94
N VAL A 362 -16.19 -44.88 -8.14
CA VAL A 362 -15.36 -44.51 -7.02
C VAL A 362 -13.90 -44.63 -7.38
N ALA A 363 -13.17 -43.53 -7.23
CA ALA A 363 -11.77 -43.46 -7.63
C ALA A 363 -10.87 -43.97 -6.53
N ASP A 364 -11.03 -45.22 -6.20
CA ASP A 364 -10.22 -45.77 -5.14
C ASP A 364 -8.95 -46.31 -5.74
N TYR A 365 -7.95 -45.47 -5.78
CA TYR A 365 -6.73 -45.85 -6.47
C TYR A 365 -5.82 -46.71 -5.62
N SER A 366 -6.25 -47.07 -4.42
CA SER A 366 -5.41 -47.92 -3.60
C SER A 366 -5.40 -49.31 -4.20
N VAL A 367 -6.32 -49.58 -5.12
CA VAL A 367 -6.41 -50.90 -5.74
C VAL A 367 -5.22 -51.16 -6.65
N LEU A 368 -4.51 -50.10 -7.01
CA LEU A 368 -3.34 -50.23 -7.86
C LEU A 368 -2.12 -50.64 -7.05
N TYR A 369 -2.16 -50.46 -5.74
CA TYR A 369 -0.96 -50.64 -4.93
C TYR A 369 -0.47 -52.08 -4.88
N ASN A 370 -1.34 -53.05 -5.06
CA ASN A 370 -0.90 -54.43 -4.98
C ASN A 370 -0.01 -54.86 -6.15
N SER A 371 -0.08 -54.19 -7.31
CA SER A 371 0.78 -54.69 -8.39
C SER A 371 1.25 -53.68 -9.43
N ALA A 372 0.66 -52.48 -9.50
CA ALA A 372 1.12 -51.52 -10.47
C ALA A 372 2.37 -50.83 -9.96
N SER A 373 3.20 -50.37 -10.86
CA SER A 373 4.37 -49.60 -10.45
C SER A 373 4.56 -48.49 -11.43
N PHE A 374 4.63 -47.26 -10.93
CA PHE A 374 4.73 -46.14 -11.82
C PHE A 374 5.96 -45.32 -11.55
N SER A 375 6.84 -45.25 -12.55
CA SER A 375 8.07 -44.50 -12.40
C SER A 375 7.81 -43.01 -12.47
N THR A 376 6.73 -42.61 -13.13
CA THR A 376 6.38 -41.21 -13.21
C THR A 376 4.99 -40.91 -12.75
N PHE A 377 4.85 -39.90 -11.93
CA PHE A 377 3.56 -39.46 -11.48
C PHE A 377 3.60 -38.05 -11.00
N LYS A 378 2.81 -37.20 -11.62
CA LYS A 378 2.76 -35.82 -11.21
C LYS A 378 1.38 -35.22 -11.40
N CYS A 379 0.85 -34.51 -10.38
CA CYS A 379 -0.42 -33.80 -10.45
C CYS A 379 -0.18 -32.30 -10.56
N TYR A 380 -0.97 -31.68 -11.42
CA TYR A 380 -0.85 -30.27 -11.71
C TYR A 380 -1.93 -29.43 -11.09
N GLY A 381 -3.17 -29.90 -11.14
CA GLY A 381 -4.25 -29.04 -10.63
C GLY A 381 -4.64 -29.28 -9.18
N VAL A 382 -4.00 -30.24 -8.55
CA VAL A 382 -4.35 -30.61 -7.19
C VAL A 382 -3.15 -31.24 -6.51
N SER A 383 -3.00 -31.05 -5.22
CA SER A 383 -1.93 -31.75 -4.55
C SER A 383 -2.36 -33.21 -4.50
N PRO A 384 -1.49 -34.18 -4.73
CA PRO A 384 -1.85 -35.58 -4.75
C PRO A 384 -2.42 -36.09 -3.42
N THR A 385 -2.11 -35.43 -2.31
CA THR A 385 -2.61 -35.89 -1.03
C THR A 385 -4.08 -35.60 -0.83
N LYS A 386 -4.63 -34.75 -1.69
CA LYS A 386 -6.03 -34.39 -1.63
C LYS A 386 -6.90 -35.20 -2.56
N LEU A 387 -6.32 -36.14 -3.30
CA LEU A 387 -7.13 -36.85 -4.26
C LEU A 387 -8.25 -37.64 -3.61
N ASN A 388 -8.07 -38.09 -2.38
CA ASN A 388 -9.13 -38.87 -1.77
C ASN A 388 -10.25 -38.08 -1.10
N ASP A 389 -10.17 -36.75 -1.04
CA ASP A 389 -11.25 -35.98 -0.39
C ASP A 389 -12.13 -35.26 -1.38
N LEU A 390 -11.83 -35.43 -2.65
CA LEU A 390 -12.46 -34.73 -3.75
C LEU A 390 -13.29 -35.58 -4.69
N CYS A 391 -14.26 -34.92 -5.36
CA CYS A 391 -15.00 -35.45 -6.50
C CYS A 391 -14.47 -34.78 -7.75
N PHE A 392 -14.48 -35.52 -8.82
CA PHE A 392 -13.95 -35.07 -10.07
C PHE A 392 -15.03 -35.05 -11.13
N THR A 393 -14.98 -34.08 -12.02
CA THR A 393 -15.97 -34.14 -13.08
C THR A 393 -15.32 -34.06 -14.43
N ASN A 394 -16.08 -34.37 -15.47
CA ASN A 394 -15.58 -34.34 -16.84
C ASN A 394 -14.28 -35.11 -16.91
N VAL A 395 -14.26 -36.30 -16.34
CA VAL A 395 -13.04 -37.06 -16.29
C VAL A 395 -12.74 -37.89 -17.53
N TYR A 396 -11.58 -37.69 -18.11
CA TYR A 396 -11.17 -38.45 -19.28
C TYR A 396 -9.78 -39.01 -19.11
N ALA A 397 -9.54 -40.22 -19.62
CA ALA A 397 -8.21 -40.79 -19.56
C ALA A 397 -7.61 -40.94 -20.94
N ASP A 398 -6.61 -40.12 -21.25
CA ASP A 398 -5.97 -40.21 -22.54
C ASP A 398 -5.02 -41.36 -22.44
N SER A 399 -4.82 -42.11 -23.49
CA SER A 399 -3.90 -43.23 -23.40
C SER A 399 -3.06 -43.57 -24.62
N PHE A 400 -1.75 -43.68 -24.41
CA PHE A 400 -0.81 -43.98 -25.48
C PHE A 400 0.58 -44.50 -25.12
N VAL A 401 1.28 -45.03 -26.13
CA VAL A 401 2.68 -45.47 -25.99
C VAL A 401 3.71 -44.58 -26.68
N ILE A 402 4.72 -44.19 -25.91
CA ILE A 402 5.86 -43.35 -26.33
C ILE A 402 7.21 -43.95 -25.96
N ARG A 403 8.28 -43.38 -26.49
CA ARG A 403 9.64 -43.80 -26.14
C ARG A 403 9.99 -43.26 -24.74
N GLY A 404 10.76 -43.99 -23.95
CA GLY A 404 11.11 -43.50 -22.60
C GLY A 404 11.75 -42.11 -22.53
N ASP A 405 12.57 -41.73 -23.49
CA ASP A 405 13.18 -40.40 -23.45
C ASP A 405 12.18 -39.30 -23.76
N GLU A 406 10.97 -39.65 -24.18
CA GLU A 406 9.94 -38.71 -24.52
C GLU A 406 8.96 -38.50 -23.37
N VAL A 407 9.11 -39.20 -22.26
CA VAL A 407 8.12 -39.07 -21.18
C VAL A 407 8.10 -37.65 -20.68
N ARG A 408 9.25 -37.03 -20.59
CA ARG A 408 9.38 -35.68 -20.12
C ARG A 408 8.66 -34.65 -21.00
N GLN A 409 8.28 -34.99 -22.24
CA GLN A 409 7.62 -34.02 -23.10
C GLN A 409 6.14 -33.94 -22.90
N ILE A 410 5.58 -34.80 -22.07
CA ILE A 410 4.15 -34.81 -21.86
C ILE A 410 3.70 -33.60 -21.09
N ALA A 411 4.48 -33.17 -20.11
CA ALA A 411 4.15 -32.05 -19.26
C ALA A 411 3.86 -30.78 -20.07
N PRO A 412 2.95 -29.92 -19.62
CA PRO A 412 2.57 -28.71 -20.29
C PRO A 412 3.77 -27.81 -20.36
N GLY A 413 3.89 -27.07 -21.45
CA GLY A 413 4.99 -26.13 -21.62
C GLY A 413 6.21 -26.73 -22.30
N GLN A 414 6.16 -28.02 -22.62
CA GLN A 414 7.30 -28.66 -23.27
C GLN A 414 7.24 -28.63 -24.78
N THR A 415 8.40 -28.81 -25.41
CA THR A 415 8.56 -28.89 -26.86
C THR A 415 9.21 -30.20 -27.24
N GLY A 416 9.21 -30.53 -28.53
CA GLY A 416 9.83 -31.79 -28.98
C GLY A 416 8.88 -32.49 -29.94
N LYS A 417 9.31 -33.58 -30.54
CA LYS A 417 8.40 -34.18 -31.51
C LYS A 417 7.06 -34.64 -30.94
N ILE A 418 6.98 -34.97 -29.65
CA ILE A 418 5.68 -35.39 -29.17
C ILE A 418 4.90 -34.17 -28.78
N ALA A 419 5.53 -33.30 -28.02
CA ALA A 419 4.83 -32.12 -27.57
C ALA A 419 4.34 -31.26 -28.73
N ASP A 420 5.09 -31.20 -29.82
CA ASP A 420 4.68 -30.38 -30.92
C ASP A 420 3.81 -31.06 -31.96
N TYR A 421 4.03 -32.36 -32.25
CA TYR A 421 3.26 -32.97 -33.33
C TYR A 421 2.31 -34.10 -32.98
N ASN A 422 2.35 -34.65 -31.76
CA ASN A 422 1.50 -35.79 -31.47
C ASN A 422 0.49 -35.60 -30.33
N TYR A 423 0.94 -34.98 -29.24
CA TYR A 423 0.10 -34.84 -28.07
C TYR A 423 0.50 -33.68 -27.21
N LYS A 424 -0.41 -32.76 -27.01
CA LYS A 424 -0.03 -31.61 -26.23
C LYS A 424 -1.04 -31.25 -25.16
N LEU A 425 -0.53 -30.98 -23.96
CA LEU A 425 -1.38 -30.55 -22.88
C LEU A 425 -1.43 -29.04 -22.89
N PRO A 426 -2.53 -28.43 -22.45
CA PRO A 426 -2.71 -27.01 -22.33
C PRO A 426 -1.88 -26.44 -21.24
N ASP A 427 -1.62 -25.14 -21.35
CA ASP A 427 -0.83 -24.38 -20.39
C ASP A 427 -1.40 -24.42 -18.98
N ASP A 428 -2.70 -24.47 -18.87
CA ASP A 428 -3.40 -24.51 -17.62
C ASP A 428 -3.98 -25.88 -17.27
N PHE A 429 -3.37 -26.95 -17.77
CA PHE A 429 -3.84 -28.30 -17.47
C PHE A 429 -4.03 -28.52 -15.99
N THR A 430 -5.20 -29.08 -15.62
CA THR A 430 -5.59 -29.30 -14.23
C THR A 430 -5.64 -30.74 -13.75
N GLY A 431 -5.14 -31.66 -14.53
CA GLY A 431 -5.20 -33.06 -14.15
C GLY A 431 -3.89 -33.61 -13.57
N CYS A 432 -3.66 -34.94 -13.81
CA CYS A 432 -2.50 -35.73 -13.35
C CYS A 432 -1.94 -36.60 -14.50
N VAL A 433 -0.62 -36.68 -14.58
CA VAL A 433 0.05 -37.50 -15.59
C VAL A 433 0.78 -38.67 -14.97
N ILE A 434 0.45 -39.88 -15.42
CA ILE A 434 1.05 -41.07 -14.85
C ILE A 434 1.68 -41.96 -15.92
N ALA A 435 2.85 -42.54 -15.68
CA ALA A 435 3.47 -43.38 -16.71
C ALA A 435 4.32 -44.52 -16.17
N TRP A 436 4.47 -45.60 -16.96
CA TRP A 436 5.28 -46.73 -16.52
C TRP A 436 6.02 -47.50 -17.63
N ASN A 437 7.06 -48.22 -17.22
CA ASN A 437 7.95 -48.90 -18.18
C ASN A 437 7.54 -50.30 -18.61
N SER A 438 6.70 -50.37 -19.63
CA SER A 438 6.15 -51.62 -20.16
C SER A 438 7.13 -52.35 -21.12
N ASN A 439 8.35 -52.60 -20.66
CA ASN A 439 9.37 -53.17 -21.54
C ASN A 439 9.27 -54.65 -21.75
N ASN A 440 8.29 -55.27 -21.11
CA ASN A 440 8.05 -56.67 -21.29
C ASN A 440 6.67 -56.92 -21.86
N LEU A 441 5.99 -55.85 -22.27
CA LEU A 441 4.67 -56.00 -22.84
C LEU A 441 4.62 -55.49 -24.27
N ASP A 442 5.22 -54.32 -24.48
CA ASP A 442 5.17 -53.63 -25.75
C ASP A 442 6.41 -53.82 -26.58
N SER A 443 7.28 -54.72 -26.16
CA SER A 443 8.52 -54.97 -26.86
C SER A 443 8.48 -56.30 -27.57
N LYS A 444 9.25 -56.40 -28.64
CA LYS A 444 9.32 -57.64 -29.42
C LYS A 444 10.75 -57.90 -29.83
N VAL A 445 11.12 -59.16 -29.98
CA VAL A 445 12.50 -59.47 -30.30
C VAL A 445 13.00 -58.85 -31.59
N GLY A 446 12.20 -58.88 -32.64
CA GLY A 446 12.61 -58.30 -33.91
C GLY A 446 12.19 -56.84 -34.05
N GLY A 447 11.63 -56.28 -32.99
CA GLY A 447 11.08 -54.94 -32.94
C GLY A 447 9.57 -55.00 -33.05
N ASN A 448 8.92 -54.02 -32.46
CA ASN A 448 7.48 -53.91 -32.44
C ASN A 448 7.09 -52.78 -33.32
N TYR A 449 6.62 -53.06 -34.50
CA TYR A 449 6.40 -51.97 -35.43
C TYR A 449 4.97 -51.53 -35.48
N ASN A 450 4.20 -51.90 -34.47
CA ASN A 450 2.82 -51.49 -34.42
C ASN A 450 2.66 -50.11 -33.78
N TYR A 451 3.73 -49.53 -33.29
CA TYR A 451 3.61 -48.22 -32.68
C TYR A 451 4.18 -47.15 -33.59
N LEU A 452 3.39 -46.10 -33.79
CA LEU A 452 3.72 -44.97 -34.65
C LEU A 452 3.68 -43.64 -33.98
N TYR A 453 4.48 -42.72 -34.52
CA TYR A 453 4.46 -41.33 -34.10
C TYR A 453 4.60 -40.44 -35.32
N ARG A 454 4.10 -39.24 -35.21
CA ARG A 454 4.23 -38.28 -36.28
C ARG A 454 5.51 -37.52 -36.16
N LEU A 455 6.24 -37.48 -37.24
CA LEU A 455 7.49 -36.74 -37.28
C LEU A 455 7.36 -35.46 -38.08
N PHE A 456 6.59 -35.48 -39.15
CA PHE A 456 6.50 -34.28 -39.95
C PHE A 456 5.13 -33.63 -39.91
N ARG A 457 5.12 -32.34 -39.72
CA ARG A 457 3.91 -31.56 -39.72
C ARG A 457 4.28 -30.15 -40.17
N LYS A 458 3.33 -29.38 -40.67
CA LYS A 458 3.63 -28.01 -41.09
C LYS A 458 3.45 -26.94 -40.02
N SER A 459 2.88 -27.33 -38.91
CA SER A 459 2.57 -26.43 -37.80
C SER A 459 2.45 -27.23 -36.53
N ASN A 460 2.40 -26.56 -35.40
CA ASN A 460 2.28 -27.27 -34.14
C ASN A 460 0.82 -27.50 -33.78
N LEU A 461 0.59 -28.50 -32.95
CA LEU A 461 -0.76 -28.82 -32.46
C LEU A 461 -1.24 -27.88 -31.38
N LYS A 462 -2.55 -27.76 -31.27
CA LYS A 462 -3.13 -27.01 -30.17
C LYS A 462 -3.48 -28.07 -29.11
N PRO A 463 -3.77 -27.70 -27.87
CA PRO A 463 -4.03 -28.63 -26.82
C PRO A 463 -5.10 -29.63 -27.17
N PHE A 464 -4.81 -30.88 -26.83
CA PHE A 464 -5.65 -32.05 -27.02
C PHE A 464 -6.12 -32.35 -28.43
N GLU A 465 -5.44 -31.85 -29.45
CA GLU A 465 -5.83 -32.20 -30.80
C GLU A 465 -5.23 -33.51 -31.27
N ARG A 466 -5.93 -34.16 -32.19
CA ARG A 466 -5.44 -35.36 -32.85
C ARG A 466 -5.42 -35.11 -34.32
N ASP A 467 -4.52 -35.79 -35.00
CA ASP A 467 -4.47 -35.72 -36.45
C ASP A 467 -3.97 -37.05 -36.93
N ILE A 468 -4.81 -37.76 -37.68
CA ILE A 468 -4.44 -39.08 -38.14
C ILE A 468 -4.31 -39.12 -39.65
N SER A 469 -4.17 -37.94 -40.24
CA SER A 469 -3.97 -37.80 -41.65
C SER A 469 -2.63 -38.35 -42.07
N THR A 470 -2.61 -38.97 -43.23
CA THR A 470 -1.39 -39.54 -43.80
C THR A 470 -0.98 -38.80 -45.05
N GLU A 471 -1.54 -37.62 -45.26
CA GLU A 471 -1.22 -36.82 -46.43
C GLU A 471 0.28 -36.62 -46.43
N ILE A 472 0.91 -36.89 -47.56
CA ILE A 472 2.35 -36.85 -47.59
C ILE A 472 2.87 -35.44 -47.38
N TYR A 473 3.93 -35.32 -46.59
CA TYR A 473 4.53 -34.05 -46.26
C TYR A 473 5.45 -33.54 -47.33
N GLN A 474 5.23 -32.31 -47.73
CA GLN A 474 6.04 -31.66 -48.74
C GLN A 474 7.10 -30.81 -48.07
N ALA A 475 8.35 -31.03 -48.44
CA ALA A 475 9.47 -30.31 -47.86
C ALA A 475 10.19 -29.46 -48.90
N GLY A 476 10.85 -28.39 -48.47
CA GLY A 476 11.78 -27.69 -49.36
C GLY A 476 11.12 -26.97 -50.52
N SER A 477 9.87 -26.57 -50.37
CA SER A 477 9.12 -25.90 -51.44
C SER A 477 9.24 -26.67 -52.76
N THR A 478 9.22 -28.00 -52.67
CA THR A 478 9.34 -28.86 -53.82
C THR A 478 8.01 -29.59 -54.02
N PRO A 479 7.18 -29.20 -55.00
CA PRO A 479 5.84 -29.72 -55.17
C PRO A 479 5.86 -31.23 -55.23
N CYS A 480 4.93 -31.90 -54.49
CA CYS A 480 4.83 -33.35 -54.43
C CYS A 480 3.38 -33.83 -54.50
N ASN A 481 3.10 -34.64 -55.50
CA ASN A 481 1.78 -35.17 -55.78
C ASN A 481 1.51 -36.51 -55.09
N GLY A 482 1.74 -36.55 -53.78
CA GLY A 482 1.48 -37.77 -53.04
C GLY A 482 2.53 -38.88 -53.18
N VAL A 483 3.75 -38.55 -53.60
CA VAL A 483 4.76 -39.58 -53.81
C VAL A 483 6.04 -39.43 -53.01
N GLU A 484 6.39 -40.44 -52.23
CA GLU A 484 7.61 -40.39 -51.42
C GLU A 484 8.80 -40.19 -52.33
N GLY A 485 9.74 -39.35 -51.91
CA GLY A 485 10.87 -39.09 -52.76
C GLY A 485 11.70 -37.92 -52.28
N PHE A 486 12.46 -37.33 -53.20
CA PHE A 486 13.28 -36.22 -52.79
C PHE A 486 12.38 -35.14 -52.27
N ASN A 487 12.69 -34.66 -51.08
CA ASN A 487 11.90 -33.64 -50.40
C ASN A 487 10.40 -33.94 -50.28
N CYS A 488 10.01 -35.22 -50.03
CA CYS A 488 8.60 -35.60 -49.86
C CYS A 488 8.59 -36.84 -48.95
N TYR A 489 7.97 -36.68 -47.79
CA TYR A 489 8.05 -37.72 -46.78
C TYR A 489 6.74 -38.24 -46.28
N PHE A 490 6.69 -39.53 -46.04
CA PHE A 490 5.52 -40.04 -45.38
C PHE A 490 5.69 -39.50 -43.96
N PRO A 491 4.70 -38.83 -43.36
CA PRO A 491 4.80 -38.17 -42.09
C PRO A 491 4.98 -39.02 -40.85
N LEU A 492 4.70 -40.31 -40.94
CA LEU A 492 4.76 -41.15 -39.76
C LEU A 492 5.93 -42.11 -39.80
N GLN A 493 6.46 -42.39 -38.64
CA GLN A 493 7.52 -43.36 -38.48
C GLN A 493 7.25 -44.30 -37.34
N SER A 494 7.78 -45.49 -37.44
CA SER A 494 7.65 -46.49 -36.40
C SER A 494 8.72 -46.42 -35.33
N TYR A 495 8.43 -47.05 -34.23
CA TYR A 495 9.38 -47.21 -33.14
C TYR A 495 9.96 -48.61 -33.21
N GLY A 496 11.14 -48.81 -32.63
CA GLY A 496 11.77 -50.13 -32.54
C GLY A 496 11.25 -50.93 -31.33
N PHE A 497 11.65 -50.53 -30.14
CA PHE A 497 11.25 -51.22 -28.92
C PHE A 497 11.66 -52.69 -28.82
N GLN A 498 12.91 -52.97 -29.12
CA GLN A 498 13.46 -54.30 -28.94
C GLN A 498 13.73 -54.46 -27.44
N PRO A 499 13.70 -55.68 -26.89
CA PRO A 499 13.97 -56.00 -25.50
C PRO A 499 15.39 -55.76 -25.05
N THR A 500 16.28 -55.53 -26.00
CA THR A 500 17.69 -55.33 -25.71
C THR A 500 18.10 -53.87 -25.77
N ASN A 501 17.14 -52.97 -25.97
CA ASN A 501 17.50 -51.57 -26.05
C ASN A 501 17.73 -50.99 -24.67
N GLY A 502 18.49 -49.90 -24.60
CA GLY A 502 18.73 -49.25 -23.33
C GLY A 502 17.48 -48.53 -22.89
N VAL A 503 17.50 -47.97 -21.70
CA VAL A 503 16.28 -47.41 -21.12
C VAL A 503 15.59 -46.35 -21.92
N GLY A 504 16.34 -45.45 -22.52
CA GLY A 504 15.72 -44.36 -23.25
C GLY A 504 14.88 -44.84 -24.44
N TYR A 505 15.12 -46.07 -24.89
CA TYR A 505 14.42 -46.62 -26.03
C TYR A 505 13.42 -47.68 -25.66
N GLN A 506 13.14 -47.86 -24.38
CA GLN A 506 12.15 -48.84 -23.99
C GLN A 506 10.82 -48.11 -24.13
N PRO A 507 9.73 -48.80 -24.43
CA PRO A 507 8.39 -48.23 -24.51
C PRO A 507 7.85 -47.87 -23.17
N TYR A 508 7.10 -46.81 -23.11
CA TYR A 508 6.38 -46.42 -21.92
C TYR A 508 4.91 -46.19 -22.16
N ARG A 509 4.11 -46.62 -21.22
CA ARG A 509 2.69 -46.41 -21.28
C ARG A 509 2.35 -45.18 -20.51
N VAL A 510 1.61 -44.30 -21.15
CA VAL A 510 1.24 -43.06 -20.53
C VAL A 510 -0.24 -42.88 -20.46
N VAL A 511 -0.71 -42.52 -19.28
CA VAL A 511 -2.10 -42.23 -19.07
C VAL A 511 -2.23 -40.82 -18.54
N VAL A 512 -3.09 -40.04 -19.15
CA VAL A 512 -3.27 -38.71 -18.64
C VAL A 512 -4.68 -38.56 -18.15
N LEU A 513 -4.84 -38.22 -16.90
CA LEU A 513 -6.15 -38.07 -16.35
C LEU A 513 -6.50 -36.62 -16.31
N SER A 514 -7.43 -36.22 -17.15
CA SER A 514 -7.83 -34.85 -17.25
C SER A 514 -9.15 -34.69 -16.54
N PHE A 515 -9.23 -33.74 -15.64
CA PHE A 515 -10.44 -33.53 -14.87
C PHE A 515 -10.57 -32.13 -14.33
N GLU A 516 -11.79 -31.78 -13.92
CA GLU A 516 -12.06 -30.48 -13.31
C GLU A 516 -12.57 -30.62 -11.89
N LEU A 517 -12.28 -29.61 -11.05
CA LEU A 517 -12.69 -29.67 -9.65
C LEU A 517 -13.56 -28.51 -9.15
N LEU A 518 -14.53 -28.87 -8.29
CA LEU A 518 -15.42 -28.02 -7.48
C LEU A 518 -16.39 -27.03 -8.15
N HIS A 519 -16.59 -27.12 -9.46
CA HIS A 519 -17.51 -26.17 -10.10
C HIS A 519 -18.61 -26.77 -10.93
N ALA A 520 -18.94 -28.01 -10.69
CA ALA A 520 -19.96 -28.66 -11.48
C ALA A 520 -20.39 -29.91 -10.76
N PRO A 521 -21.50 -30.53 -11.14
CA PRO A 521 -21.89 -31.82 -10.67
C PRO A 521 -20.78 -32.75 -11.05
N ALA A 522 -20.55 -33.77 -10.24
CA ALA A 522 -19.49 -34.72 -10.49
C ALA A 522 -19.97 -36.12 -10.25
N THR A 523 -19.52 -37.06 -11.08
CA THR A 523 -19.91 -38.44 -10.91
C THR A 523 -18.75 -39.40 -10.67
N VAL A 524 -17.51 -38.93 -10.65
CA VAL A 524 -16.39 -39.78 -10.34
C VAL A 524 -15.92 -39.21 -9.04
N CYS A 525 -15.82 -40.00 -7.95
CA CYS A 525 -15.47 -39.40 -6.65
C CYS A 525 -14.64 -40.34 -5.80
N GLY A 526 -13.78 -39.78 -4.96
CA GLY A 526 -12.91 -40.57 -4.13
C GLY A 526 -13.69 -41.44 -3.14
N PRO A 527 -13.00 -42.25 -2.35
CA PRO A 527 -13.50 -43.26 -1.43
C PRO A 527 -13.97 -42.81 -0.05
N LYS A 528 -13.99 -41.53 0.23
CA LYS A 528 -14.36 -41.12 1.58
C LYS A 528 -15.83 -41.45 1.81
N LYS A 529 -16.12 -41.96 3.01
CA LYS A 529 -17.49 -42.32 3.37
C LYS A 529 -18.32 -41.12 3.71
N SER A 530 -19.60 -41.20 3.41
CA SER A 530 -20.55 -40.18 3.75
C SER A 530 -21.12 -40.35 5.15
N THR A 531 -21.76 -39.30 5.63
CA THR A 531 -22.45 -39.23 6.92
C THR A 531 -23.84 -38.70 6.70
N ASN A 532 -24.57 -38.58 7.79
CA ASN A 532 -25.90 -38.00 7.77
C ASN A 532 -25.73 -36.51 7.75
N LEU A 533 -26.76 -35.79 7.30
CA LEU A 533 -26.67 -34.34 7.28
C LEU A 533 -27.44 -33.75 8.43
N VAL A 534 -26.85 -32.79 9.09
CA VAL A 534 -27.47 -32.12 10.22
C VAL A 534 -27.76 -30.67 9.96
N LYS A 535 -29.02 -30.30 10.07
CA LYS A 535 -29.48 -28.94 9.82
C LYS A 535 -29.53 -28.07 11.08
N ASN A 536 -29.40 -26.77 10.84
CA ASN A 536 -29.51 -25.68 11.81
C ASN A 536 -28.53 -25.71 12.99
N LYS A 537 -27.32 -26.18 12.75
CA LYS A 537 -26.26 -26.19 13.75
C LYS A 537 -24.98 -25.77 13.06
N CYS A 538 -23.97 -25.26 13.81
CA CYS A 538 -22.66 -24.94 13.24
C CYS A 538 -21.88 -26.25 13.05
N VAL A 539 -21.57 -26.53 11.82
CA VAL A 539 -20.92 -27.76 11.43
C VAL A 539 -19.75 -27.55 10.51
N ASN A 540 -18.92 -28.59 10.43
CA ASN A 540 -17.89 -28.61 9.42
C ASN A 540 -18.51 -29.38 8.29
N PHE A 541 -18.07 -29.18 7.08
CA PHE A 541 -18.61 -29.97 6.01
C PHE A 541 -17.71 -30.18 4.82
N ASN A 542 -18.10 -31.18 4.04
CA ASN A 542 -17.52 -31.54 2.75
C ASN A 542 -18.61 -31.92 1.75
N PHE A 543 -18.93 -31.03 0.80
CA PHE A 543 -19.93 -31.35 -0.21
C PHE A 543 -19.26 -31.58 -1.54
N ASN A 544 -19.12 -32.84 -1.92
CA ASN A 544 -18.45 -33.22 -3.14
C ASN A 544 -17.05 -32.63 -3.28
N GLY A 545 -16.31 -32.55 -2.20
CA GLY A 545 -14.99 -31.98 -2.21
C GLY A 545 -14.95 -30.52 -1.77
N LEU A 546 -16.07 -29.85 -1.69
CA LEU A 546 -15.96 -28.47 -1.25
C LEU A 546 -16.13 -28.39 0.24
N THR A 547 -15.08 -27.98 0.90
CA THR A 547 -15.10 -27.96 2.33
C THR A 547 -15.27 -26.58 2.88
N GLY A 548 -15.61 -26.53 4.15
CA GLY A 548 -15.75 -25.26 4.85
C GLY A 548 -16.59 -25.47 6.08
N THR A 549 -16.97 -24.38 6.73
CA THR A 549 -17.80 -24.50 7.91
C THR A 549 -18.95 -23.55 7.76
N GLY A 550 -19.97 -23.74 8.57
CA GLY A 550 -21.12 -22.85 8.54
C GLY A 550 -22.37 -23.56 9.02
N VAL A 551 -23.49 -22.92 8.84
CA VAL A 551 -24.75 -23.48 9.28
C VAL A 551 -25.57 -23.79 8.05
N LEU A 552 -26.04 -25.02 7.95
CA LEU A 552 -26.80 -25.46 6.80
C LEU A 552 -28.30 -25.30 7.07
N THR A 553 -29.00 -24.58 6.19
CA THR A 553 -30.44 -24.39 6.38
C THR A 553 -31.16 -24.69 5.07
N GLU A 554 -32.47 -24.90 5.12
CA GLU A 554 -33.20 -25.14 3.88
C GLU A 554 -33.35 -23.87 3.10
N SER A 555 -33.26 -23.95 1.77
CA SER A 555 -33.36 -22.77 0.93
C SER A 555 -34.48 -22.76 -0.08
N ASN A 556 -34.87 -21.55 -0.49
CA ASN A 556 -35.89 -21.37 -1.51
C ASN A 556 -35.27 -21.08 -2.87
N LYS A 557 -33.95 -21.20 -2.97
CA LYS A 557 -33.28 -21.00 -4.23
C LYS A 557 -33.52 -22.22 -5.09
N LYS A 558 -33.66 -22.03 -6.39
CA LYS A 558 -33.83 -23.17 -7.26
C LYS A 558 -32.75 -23.18 -8.31
N PHE A 559 -31.92 -24.19 -8.23
CA PHE A 559 -30.80 -24.33 -9.13
C PHE A 559 -31.26 -24.94 -10.43
N LEU A 560 -30.59 -24.57 -11.51
CA LEU A 560 -30.89 -25.17 -12.79
C LEU A 560 -30.31 -26.59 -12.72
N PRO A 561 -30.77 -27.53 -13.53
CA PRO A 561 -30.33 -28.92 -13.53
C PRO A 561 -28.83 -29.15 -13.58
N PHE A 562 -28.08 -28.23 -14.19
CA PHE A 562 -26.63 -28.39 -14.31
C PHE A 562 -25.81 -27.59 -13.32
N GLN A 563 -26.45 -26.92 -12.37
CA GLN A 563 -25.75 -26.10 -11.40
C GLN A 563 -25.60 -26.82 -10.06
N GLN A 564 -24.37 -27.05 -9.63
CA GLN A 564 -24.15 -27.77 -8.38
C GLN A 564 -23.97 -26.89 -7.15
N PHE A 565 -23.37 -25.73 -7.37
CA PHE A 565 -23.04 -24.80 -6.29
C PHE A 565 -23.50 -23.42 -6.66
N GLY A 566 -23.82 -22.61 -5.66
CA GLY A 566 -24.07 -21.21 -5.94
C GLY A 566 -22.94 -20.36 -5.39
N ARG A 567 -23.04 -19.06 -5.64
CA ARG A 567 -22.07 -18.08 -5.16
C ARG A 567 -22.75 -16.78 -4.77
N ASP A 568 -22.24 -16.12 -3.73
CA ASP A 568 -22.75 -14.83 -3.32
C ASP A 568 -22.03 -13.72 -4.10
N ILE A 569 -22.27 -12.48 -3.68
CA ILE A 569 -21.75 -11.27 -4.30
C ILE A 569 -20.23 -11.16 -4.33
N ALA A 570 -19.54 -11.89 -3.45
CA ALA A 570 -18.10 -11.84 -3.37
C ALA A 570 -17.51 -13.19 -3.71
N ASP A 571 -18.25 -13.97 -4.50
CA ASP A 571 -17.87 -15.29 -4.95
C ASP A 571 -17.57 -16.30 -3.88
N THR A 572 -18.31 -16.26 -2.79
CA THR A 572 -18.15 -17.24 -1.73
C THR A 572 -19.35 -18.16 -1.79
N THR A 573 -19.13 -19.46 -1.72
CA THR A 573 -20.26 -20.37 -1.82
C THR A 573 -21.24 -20.09 -0.72
N ASP A 574 -22.52 -19.91 -1.06
CA ASP A 574 -23.52 -19.66 -0.05
C ASP A 574 -24.70 -20.58 -0.20
N ALA A 575 -24.58 -21.53 -1.09
CA ALA A 575 -25.62 -22.51 -1.31
C ALA A 575 -25.06 -23.70 -2.04
N VAL A 576 -25.56 -24.88 -1.70
CA VAL A 576 -25.18 -26.09 -2.38
C VAL A 576 -26.36 -26.98 -2.69
N ARG A 577 -26.22 -27.83 -3.69
CA ARG A 577 -27.22 -28.85 -3.88
C ARG A 577 -26.71 -30.11 -3.22
N ASP A 578 -27.47 -30.68 -2.31
CA ASP A 578 -27.02 -31.90 -1.66
C ASP A 578 -26.96 -33.02 -2.68
N PRO A 579 -25.86 -33.79 -2.77
CA PRO A 579 -25.69 -34.88 -3.70
C PRO A 579 -26.61 -36.10 -3.57
N GLN A 580 -27.26 -36.34 -2.42
CA GLN A 580 -28.09 -37.54 -2.41
C GLN A 580 -29.57 -37.20 -2.51
N THR A 581 -29.98 -36.18 -1.79
CA THR A 581 -31.38 -35.77 -1.86
C THR A 581 -31.24 -34.41 -2.44
N LEU A 582 -31.89 -34.12 -3.55
CA LEU A 582 -31.56 -32.86 -4.20
C LEU A 582 -32.26 -31.64 -3.66
N GLU A 583 -31.90 -31.29 -2.45
CA GLU A 583 -32.42 -30.13 -1.75
C GLU A 583 -31.42 -29.02 -1.92
N ILE A 584 -31.90 -27.79 -1.93
CA ILE A 584 -30.94 -26.71 -1.96
C ILE A 584 -30.81 -26.20 -0.56
N LEU A 585 -29.59 -26.14 -0.11
CA LEU A 585 -29.31 -25.66 1.22
C LEU A 585 -28.55 -24.36 1.15
N ASP A 586 -28.87 -23.45 2.05
CA ASP A 586 -28.11 -22.22 2.15
C ASP A 586 -27.03 -22.45 3.16
N ILE A 587 -25.93 -21.75 3.04
CA ILE A 587 -24.90 -21.89 4.05
C ILE A 587 -24.60 -20.53 4.64
N THR A 588 -24.68 -20.39 5.95
CA THR A 588 -24.36 -19.10 6.50
C THR A 588 -23.11 -19.25 7.37
N PRO A 589 -22.31 -18.21 7.59
CA PRO A 589 -21.18 -18.21 8.49
C PRO A 589 -21.65 -18.46 9.91
N CYS A 590 -20.77 -19.04 10.76
CA CYS A 590 -21.06 -19.32 12.17
C CYS A 590 -20.80 -18.09 13.03
N SER A 591 -19.78 -17.32 12.65
CA SER A 591 -19.39 -16.13 13.39
C SER A 591 -20.24 -14.96 12.97
N PHE A 592 -20.56 -14.09 13.91
CA PHE A 592 -21.37 -12.90 13.63
C PHE A 592 -21.48 -12.12 14.90
N GLY A 593 -21.62 -10.82 14.80
CA GLY A 593 -21.84 -10.05 16.01
C GLY A 593 -20.82 -8.96 16.19
N GLY A 594 -20.51 -8.68 17.43
CA GLY A 594 -19.60 -7.62 17.82
C GLY A 594 -19.64 -7.50 19.32
N VAL A 595 -18.47 -7.38 19.91
CA VAL A 595 -18.34 -7.32 21.34
C VAL A 595 -17.38 -6.25 21.77
N SER A 596 -17.71 -5.58 22.87
CA SER A 596 -16.77 -4.64 23.44
C SER A 596 -16.75 -4.80 24.94
N VAL A 597 -15.64 -4.44 25.54
CA VAL A 597 -15.47 -4.66 26.95
C VAL A 597 -15.29 -3.37 27.70
N ILE A 598 -16.07 -3.23 28.76
CA ILE A 598 -16.06 -2.08 29.63
C ILE A 598 -15.16 -2.40 30.79
N THR A 599 -14.03 -1.71 30.85
CA THR A 599 -13.02 -2.04 31.82
C THR A 599 -12.67 -0.89 32.77
N PRO A 600 -12.82 -1.04 34.09
CA PRO A 600 -12.34 -0.13 35.11
C PRO A 600 -10.87 -0.32 35.02
N GLY A 601 -10.04 0.59 35.45
CA GLY A 601 -8.63 0.26 35.27
C GLY A 601 -8.29 -1.02 36.02
N THR A 602 -7.37 -1.80 35.45
CA THR A 602 -6.99 -3.10 36.02
C THR A 602 -6.13 -2.96 37.24
N ASN A 603 -5.70 -1.74 37.51
CA ASN A 603 -4.91 -1.44 38.68
C ASN A 603 -5.83 -1.09 39.84
N THR A 604 -7.14 -1.16 39.60
CA THR A 604 -8.17 -0.89 40.57
C THR A 604 -9.05 -2.10 40.79
N SER A 605 -9.54 -2.68 39.70
CA SER A 605 -10.48 -3.78 39.77
C SER A 605 -10.41 -4.74 38.59
N ASN A 606 -10.73 -6.00 38.84
CA ASN A 606 -10.76 -6.98 37.77
C ASN A 606 -12.17 -7.26 37.27
N GLN A 607 -13.14 -6.47 37.71
CA GLN A 607 -14.49 -6.67 37.22
C GLN A 607 -14.63 -6.03 35.88
N VAL A 608 -15.28 -6.70 34.95
CA VAL A 608 -15.55 -6.07 33.68
C VAL A 608 -16.99 -6.29 33.31
N ALA A 609 -17.49 -5.48 32.42
CA ALA A 609 -18.83 -5.71 31.89
C ALA A 609 -18.68 -5.89 30.39
N VAL A 610 -19.50 -6.74 29.80
CA VAL A 610 -19.36 -6.96 28.38
C VAL A 610 -20.59 -6.60 27.60
N LEU A 611 -20.38 -5.79 26.57
CA LEU A 611 -21.46 -5.34 25.71
C LEU A 611 -21.54 -6.12 24.43
N TYR A 612 -22.70 -6.71 24.18
CA TYR A 612 -22.94 -7.48 22.98
C TYR A 612 -23.83 -6.67 22.05
N GLN A 613 -23.32 -6.38 20.86
CA GLN A 613 -24.03 -5.49 19.95
C GLN A 613 -25.17 -6.12 19.15
N ASP A 614 -25.17 -7.43 19.00
CA ASP A 614 -26.15 -8.14 18.19
C ASP A 614 -27.17 -8.98 18.95
N VAL A 615 -27.44 -8.69 20.20
CA VAL A 615 -28.43 -9.51 20.86
C VAL A 615 -29.47 -8.58 21.51
N ASN A 616 -30.68 -9.14 21.71
CA ASN A 616 -31.85 -8.49 22.32
C ASN A 616 -31.98 -8.77 23.83
N CYS A 617 -31.55 -9.97 24.31
CA CYS A 617 -31.63 -10.44 25.70
C CYS A 617 -33.04 -10.33 26.31
N THR A 618 -34.06 -10.62 25.49
CA THR A 618 -35.47 -10.59 25.93
C THR A 618 -36.36 -10.98 24.75
N THR A 632 -28.59 -20.46 24.31
CA THR A 632 -29.72 -19.54 24.25
C THR A 632 -29.27 -18.25 23.52
N TRP A 633 -28.66 -17.31 24.26
CA TRP A 633 -28.14 -16.02 23.80
C TRP A 633 -26.74 -16.19 23.27
N ARG A 634 -26.37 -15.40 22.27
CA ARG A 634 -25.01 -15.47 21.76
C ARG A 634 -24.06 -14.63 22.61
N VAL A 635 -23.83 -15.11 23.81
CA VAL A 635 -23.00 -14.42 24.77
C VAL A 635 -21.97 -15.38 25.30
N TYR A 636 -20.91 -14.89 25.90
CA TYR A 636 -19.91 -15.80 26.44
C TYR A 636 -20.39 -16.42 27.74
N SER A 637 -21.15 -15.66 28.50
CA SER A 637 -21.69 -16.09 29.76
C SER A 637 -22.87 -15.21 30.09
N THR A 638 -23.74 -15.66 30.96
CA THR A 638 -24.82 -14.79 31.40
C THR A 638 -24.74 -14.65 32.90
N GLY A 639 -24.68 -13.42 33.38
CA GLY A 639 -24.62 -13.15 34.80
C GLY A 639 -26.00 -12.76 35.29
N SER A 640 -26.06 -12.28 36.53
CA SER A 640 -27.34 -11.88 37.11
C SER A 640 -27.76 -10.48 36.69
N ASN A 641 -26.81 -9.71 36.19
CA ASN A 641 -27.08 -8.35 35.80
C ASN A 641 -27.16 -8.16 34.31
N VAL A 642 -28.38 -8.13 33.78
CA VAL A 642 -28.51 -7.99 32.34
C VAL A 642 -29.35 -6.77 32.03
N PHE A 643 -28.77 -5.84 31.29
CA PHE A 643 -29.42 -4.61 30.91
C PHE A 643 -29.47 -4.42 29.41
N GLN A 644 -30.66 -4.18 28.87
CA GLN A 644 -30.75 -4.03 27.42
C GLN A 644 -30.92 -2.59 26.99
N THR A 645 -30.07 -2.15 26.09
CA THR A 645 -30.16 -0.80 25.55
C THR A 645 -30.04 -0.78 24.04
N ARG A 646 -30.13 0.42 23.47
CA ARG A 646 -30.04 0.58 22.02
C ARG A 646 -28.68 0.17 21.48
N ALA A 647 -27.65 0.33 22.29
CA ALA A 647 -26.30 0.00 21.87
C ALA A 647 -25.99 -1.48 22.01
N GLY A 648 -26.93 -2.28 22.54
CA GLY A 648 -26.66 -3.69 22.73
C GLY A 648 -27.05 -4.17 24.13
N CYS A 649 -26.74 -5.44 24.43
CA CYS A 649 -27.03 -6.10 25.70
C CYS A 649 -25.79 -6.02 26.56
N LEU A 650 -25.95 -5.39 27.69
CA LEU A 650 -24.86 -5.21 28.60
C LEU A 650 -24.96 -6.18 29.75
N ILE A 651 -23.97 -7.05 29.85
CA ILE A 651 -24.00 -8.05 30.89
C ILE A 651 -22.88 -7.87 31.91
N GLY A 652 -23.29 -7.78 33.17
CA GLY A 652 -22.37 -7.60 34.31
C GLY A 652 -22.44 -6.24 34.99
N ALA A 653 -23.03 -5.24 34.34
CA ALA A 653 -23.16 -3.93 34.95
C ALA A 653 -24.52 -3.83 35.63
N GLU A 654 -24.56 -3.20 36.79
CA GLU A 654 -25.83 -2.97 37.45
C GLU A 654 -26.45 -1.75 36.82
N HIS A 655 -27.76 -1.66 36.77
CA HIS A 655 -28.33 -0.44 36.22
C HIS A 655 -28.98 0.42 37.28
N VAL A 656 -28.79 1.73 37.17
CA VAL A 656 -29.45 2.62 38.12
C VAL A 656 -30.33 3.62 37.42
N ASN A 657 -31.25 4.22 38.17
CA ASN A 657 -32.19 5.18 37.59
C ASN A 657 -31.71 6.61 37.69
N ASN A 658 -30.50 6.80 38.15
CA ASN A 658 -29.95 8.12 38.27
C ASN A 658 -29.29 8.53 36.98
N SER A 659 -28.77 9.73 36.95
CA SER A 659 -28.08 10.22 35.78
C SER A 659 -26.85 10.93 36.27
N TYR A 660 -25.83 10.93 35.44
CA TYR A 660 -24.58 11.55 35.86
C TYR A 660 -23.77 12.03 34.68
N GLU A 661 -22.64 12.63 34.98
CA GLU A 661 -21.68 13.03 33.97
C GLU A 661 -21.15 11.75 33.38
N CYS A 662 -20.85 11.74 32.05
CA CYS A 662 -20.36 10.56 31.35
C CYS A 662 -18.88 10.28 31.59
N ASP A 663 -18.61 9.00 31.69
CA ASP A 663 -17.31 8.39 31.75
C ASP A 663 -17.51 7.04 31.10
N ILE A 664 -16.44 6.46 30.62
CA ILE A 664 -16.54 5.14 30.02
C ILE A 664 -17.82 5.07 29.19
N PRO A 665 -17.95 5.80 28.09
CA PRO A 665 -19.15 5.86 27.28
C PRO A 665 -19.46 4.54 26.64
N ILE A 666 -20.73 4.15 26.63
CA ILE A 666 -21.13 2.90 26.01
C ILE A 666 -21.71 3.16 24.63
N GLY A 667 -22.60 4.13 24.57
CA GLY A 667 -23.26 4.47 23.33
C GLY A 667 -24.76 4.59 23.49
N ALA A 668 -25.38 5.31 22.58
CA ALA A 668 -26.81 5.50 22.54
C ALA A 668 -27.40 5.98 23.85
N GLY A 669 -26.78 6.97 24.48
CA GLY A 669 -27.31 7.52 25.71
C GLY A 669 -26.78 6.90 27.01
N ILE A 670 -26.07 5.79 26.90
CA ILE A 670 -25.56 5.09 28.07
C ILE A 670 -24.05 5.24 28.30
N CYS A 671 -23.66 5.50 29.57
CA CYS A 671 -22.29 5.62 30.07
C CYS A 671 -22.15 4.71 31.30
N ALA A 672 -20.91 4.50 31.75
CA ALA A 672 -20.75 3.64 32.91
C ALA A 672 -19.61 4.10 33.82
N SER A 673 -19.65 3.66 35.06
CA SER A 673 -18.56 4.00 35.95
C SER A 673 -18.40 2.93 37.02
N TYR A 674 -17.27 2.97 37.70
CA TYR A 674 -17.04 2.03 38.78
C TYR A 674 -17.25 2.78 40.07
N GLN A 675 -18.20 2.31 40.88
CA GLN A 675 -18.57 3.02 42.09
C GLN A 675 -18.72 2.15 43.31
N THR A 676 -18.52 2.77 44.48
CA THR A 676 -18.80 2.12 45.74
C THR A 676 -20.33 2.21 45.92
N GLN A 677 -21.01 1.08 46.27
CA GLN A 677 -22.46 0.96 46.45
C GLN A 677 -23.16 1.21 45.11
N SER A 689 -17.63 -4.28 48.06
CA SER A 689 -18.74 -3.33 48.11
C SER A 689 -18.80 -2.35 46.90
N GLN A 690 -18.06 -2.64 45.80
CA GLN A 690 -17.96 -1.83 44.57
C GLN A 690 -18.37 -2.65 43.36
N SER A 691 -18.91 -1.97 42.36
CA SER A 691 -19.32 -2.62 41.12
C SER A 691 -19.41 -1.66 39.94
N ILE A 692 -19.57 -2.22 38.76
CA ILE A 692 -19.75 -1.42 37.55
C ILE A 692 -21.21 -1.04 37.39
N ILE A 693 -21.47 0.24 37.21
CA ILE A 693 -22.80 0.77 37.04
C ILE A 693 -23.06 1.42 35.69
N ALA A 694 -24.16 1.04 35.09
CA ALA A 694 -24.66 1.61 33.85
C ALA A 694 -25.69 2.68 34.20
N TYR A 695 -25.63 3.79 33.50
CA TYR A 695 -26.57 4.87 33.74
C TYR A 695 -26.77 5.73 32.52
N THR A 696 -27.84 6.51 32.48
CA THR A 696 -28.00 7.40 31.35
C THR A 696 -27.25 8.68 31.60
N MET A 697 -26.95 9.39 30.55
CA MET A 697 -26.28 10.65 30.71
C MET A 697 -27.14 11.78 31.11
N SER A 698 -26.57 12.64 31.93
CA SER A 698 -27.20 13.90 32.23
C SER A 698 -26.78 14.85 31.14
N LEU A 699 -27.49 15.95 31.02
CA LEU A 699 -27.09 17.01 30.11
C LEU A 699 -26.96 18.22 30.97
N GLY A 700 -25.84 18.34 31.67
CA GLY A 700 -25.74 19.43 32.60
C GLY A 700 -26.85 19.31 33.64
N ALA A 701 -27.59 20.40 33.79
CA ALA A 701 -28.70 20.47 34.73
C ALA A 701 -29.81 21.32 34.14
N GLU A 702 -31.03 21.10 34.60
CA GLU A 702 -32.15 21.89 34.10
C GLU A 702 -32.16 23.28 34.68
N ASN A 703 -32.63 24.24 33.88
CA ASN A 703 -32.77 25.61 34.32
C ASN A 703 -33.95 26.26 33.59
N SER A 704 -34.22 27.51 33.90
CA SER A 704 -35.31 28.22 33.28
C SER A 704 -35.12 29.70 33.36
N VAL A 705 -35.94 30.40 32.62
CA VAL A 705 -35.96 31.84 32.63
C VAL A 705 -37.38 32.28 32.84
N ALA A 706 -37.59 33.48 33.34
CA ALA A 706 -38.96 33.96 33.56
C ALA A 706 -39.66 34.48 32.32
N TYR A 707 -38.90 35.12 31.45
CA TYR A 707 -39.42 35.82 30.27
C TYR A 707 -40.72 36.58 30.52
N SER A 708 -40.83 37.33 31.58
CA SER A 708 -42.02 38.16 31.57
C SER A 708 -41.71 39.15 30.46
N ASN A 709 -42.73 39.63 29.72
CA ASN A 709 -42.56 40.50 28.56
C ASN A 709 -42.19 41.96 28.90
N ASN A 710 -42.16 42.33 30.21
CA ASN A 710 -41.77 43.63 30.73
C ASN A 710 -40.70 43.50 31.80
N SER A 711 -39.96 42.40 31.83
CA SER A 711 -38.96 42.25 32.89
C SER A 711 -37.57 42.07 32.35
N ILE A 712 -36.63 42.80 32.93
CA ILE A 712 -35.24 42.70 32.49
C ILE A 712 -34.29 42.44 33.63
N ALA A 713 -33.34 41.54 33.43
CA ALA A 713 -32.34 41.35 34.48
C ALA A 713 -31.08 42.11 34.08
N ILE A 714 -30.51 42.81 35.05
CA ILE A 714 -29.31 43.60 34.83
C ILE A 714 -28.27 43.26 35.91
N PRO A 715 -27.02 42.91 35.57
CA PRO A 715 -25.94 42.62 36.48
C PRO A 715 -25.67 43.81 37.36
N THR A 716 -25.30 43.57 38.61
CA THR A 716 -24.97 44.70 39.50
C THR A 716 -23.51 44.70 39.98
N ASN A 717 -22.77 43.60 39.72
CA ASN A 717 -21.39 43.34 40.09
C ASN A 717 -20.80 42.52 38.93
N PHE A 718 -19.52 42.17 38.98
CA PHE A 718 -18.83 41.39 37.96
C PHE A 718 -17.64 40.67 38.53
N THR A 719 -17.20 39.67 37.79
CA THR A 719 -15.98 38.98 38.11
C THR A 719 -15.08 38.91 36.92
N ILE A 720 -13.83 39.23 37.13
CA ILE A 720 -12.84 39.07 36.10
C ILE A 720 -12.14 37.78 36.39
N SER A 721 -12.16 36.91 35.41
CA SER A 721 -11.62 35.58 35.58
C SER A 721 -10.63 35.30 34.50
N VAL A 722 -9.75 34.34 34.75
CA VAL A 722 -8.79 33.99 33.75
C VAL A 722 -8.87 32.51 33.51
N THR A 723 -8.98 32.12 32.27
CA THR A 723 -9.06 30.71 31.94
C THR A 723 -7.96 30.37 30.99
N THR A 724 -7.66 29.09 30.83
CA THR A 724 -6.60 28.76 29.91
C THR A 724 -7.07 28.00 28.73
N GLU A 725 -6.30 28.09 27.66
CA GLU A 725 -6.56 27.33 26.45
C GLU A 725 -5.27 26.82 25.85
N ILE A 726 -5.27 25.57 25.45
CA ILE A 726 -4.07 24.93 24.95
C ILE A 726 -4.19 24.53 23.49
N LEU A 727 -3.23 24.95 22.68
CA LEU A 727 -3.22 24.63 21.27
C LEU A 727 -1.85 24.11 20.81
N PRO A 728 -1.74 22.86 20.38
CA PRO A 728 -0.53 22.28 19.85
C PRO A 728 -0.11 23.08 18.65
N VAL A 729 1.19 23.23 18.45
CA VAL A 729 1.71 23.94 17.30
C VAL A 729 2.54 23.05 16.39
N SER A 730 3.34 22.16 16.95
CA SER A 730 4.22 21.37 16.09
C SER A 730 4.44 19.94 16.53
N MET A 731 4.81 19.13 15.55
CA MET A 731 5.15 17.72 15.66
C MET A 731 6.63 17.51 15.75
N THR A 732 7.01 16.36 16.26
CA THR A 732 8.40 15.97 16.24
C THR A 732 8.78 15.78 14.79
N LYS A 733 9.88 16.38 14.36
CA LYS A 733 10.32 16.23 12.98
C LYS A 733 11.09 14.95 12.87
N THR A 734 10.87 14.20 11.80
CA THR A 734 11.63 12.96 11.65
C THR A 734 12.23 12.86 10.28
N SER A 735 13.11 11.89 10.14
CA SER A 735 13.75 11.58 8.86
C SER A 735 14.10 10.11 8.83
N VAL A 736 13.96 9.47 7.68
CA VAL A 736 14.25 8.05 7.64
C VAL A 736 15.33 7.59 6.69
N ASP A 737 16.29 6.86 7.23
CA ASP A 737 17.25 6.28 6.35
C ASP A 737 16.60 4.98 5.94
N CYS A 738 15.93 5.04 4.77
CA CYS A 738 15.11 4.00 4.19
C CYS A 738 15.96 2.85 3.68
N THR A 739 17.28 3.00 3.67
CA THR A 739 18.09 1.85 3.34
C THR A 739 18.36 1.14 4.64
N MET A 740 18.69 1.87 5.69
CA MET A 740 18.97 1.21 6.98
C MET A 740 17.80 0.41 7.51
N TYR A 741 16.59 0.92 7.34
CA TYR A 741 15.37 0.25 7.78
C TYR A 741 15.11 -1.05 7.05
N ILE A 742 15.60 -1.16 5.83
CA ILE A 742 15.28 -2.33 5.03
C ILE A 742 16.43 -3.34 4.98
N CYS A 743 17.66 -2.86 4.69
CA CYS A 743 18.88 -3.61 4.44
C CYS A 743 20.00 -3.11 5.36
N GLY A 744 19.71 -2.91 6.64
CA GLY A 744 20.76 -2.38 7.48
C GLY A 744 21.90 -3.38 7.51
N ASP A 745 23.11 -2.88 7.26
CA ASP A 745 24.33 -3.68 7.21
C ASP A 745 24.24 -4.95 6.34
N SER A 746 23.57 -4.88 5.19
CA SER A 746 23.54 -6.08 4.34
C SER A 746 23.72 -5.77 2.87
N THR A 747 24.84 -6.22 2.31
CA THR A 747 25.19 -5.92 0.93
C THR A 747 24.28 -6.51 -0.11
N GLU A 748 23.90 -7.77 0.05
CA GLU A 748 23.07 -8.41 -0.96
C GLU A 748 21.69 -7.76 -1.09
N CYS A 749 21.09 -7.39 0.06
CA CYS A 749 19.80 -6.72 0.18
C CYS A 749 19.93 -5.32 -0.40
N SER A 750 21.00 -4.62 -0.04
CA SER A 750 21.18 -3.26 -0.48
C SER A 750 21.23 -3.20 -1.98
N ASN A 751 21.92 -4.13 -2.62
CA ASN A 751 21.96 -4.06 -4.07
C ASN A 751 20.58 -4.34 -4.67
N LEU A 752 19.80 -5.28 -4.11
CA LEU A 752 18.48 -5.55 -4.68
C LEU A 752 17.57 -4.36 -4.56
N LEU A 753 17.72 -3.64 -3.46
CA LEU A 753 16.92 -2.46 -3.15
C LEU A 753 17.14 -1.34 -4.16
N LEU A 754 18.22 -1.37 -4.92
CA LEU A 754 18.44 -0.30 -5.86
C LEU A 754 17.39 -0.33 -6.96
N GLN A 755 16.89 -1.52 -7.33
CA GLN A 755 15.92 -1.55 -8.40
C GLN A 755 14.63 -0.93 -7.91
N TYR A 756 14.27 -1.27 -6.68
CA TYR A 756 13.07 -0.75 -6.05
C TYR A 756 13.54 0.50 -5.31
N GLY A 757 14.07 1.48 -6.04
CA GLY A 757 14.71 2.61 -5.37
C GLY A 757 14.01 3.95 -5.41
N SER A 758 13.04 4.11 -6.30
CA SER A 758 12.37 5.40 -6.47
C SER A 758 11.43 5.66 -5.31
N PHE A 759 10.99 4.57 -4.72
CA PHE A 759 10.07 4.59 -3.61
C PHE A 759 10.73 5.08 -2.31
N CYS A 760 12.02 4.71 -2.10
CA CYS A 760 12.84 5.01 -0.94
C CYS A 760 13.04 6.55 -0.95
N THR A 761 13.36 7.07 -2.13
CA THR A 761 13.54 8.51 -2.27
C THR A 761 12.24 9.27 -2.02
N GLN A 762 11.14 8.78 -2.58
CA GLN A 762 9.86 9.45 -2.45
C GLN A 762 9.41 9.57 -0.99
N LEU A 763 9.67 8.54 -0.17
CA LEU A 763 9.29 8.61 1.24
C LEU A 763 9.99 9.75 1.92
N ASN A 764 11.27 9.91 1.63
CA ASN A 764 11.99 10.98 2.27
C ASN A 764 11.57 12.32 1.79
N ARG A 765 11.15 12.44 0.55
CA ARG A 765 10.74 13.75 0.13
C ARG A 765 9.53 14.20 0.91
N ALA A 766 8.58 13.29 1.13
CA ALA A 766 7.40 13.66 1.89
C ALA A 766 7.74 14.04 3.31
N LEU A 767 8.66 13.30 3.94
CA LEU A 767 9.00 13.59 5.31
C LEU A 767 9.73 14.90 5.44
N THR A 768 10.57 15.22 4.45
CA THR A 768 11.29 16.47 4.50
C THR A 768 10.31 17.61 4.43
N GLY A 769 9.31 17.52 3.55
CA GLY A 769 8.34 18.59 3.45
C GLY A 769 7.62 18.81 4.77
N ILE A 770 7.31 17.73 5.49
CA ILE A 770 6.65 17.85 6.77
C ILE A 770 7.58 18.53 7.75
N ALA A 771 8.82 18.10 7.78
CA ALA A 771 9.77 18.66 8.71
C ALA A 771 9.91 20.15 8.52
N VAL A 772 9.92 20.62 7.29
CA VAL A 772 10.03 22.05 7.07
C VAL A 772 8.81 22.77 7.59
N GLU A 773 7.63 22.24 7.29
CA GLU A 773 6.41 22.87 7.73
C GLU A 773 6.37 23.03 9.23
N GLN A 774 6.95 22.09 9.97
CA GLN A 774 6.88 22.20 11.42
C GLN A 774 7.64 23.43 11.94
N ASP A 775 8.69 23.90 11.26
CA ASP A 775 9.36 25.07 11.76
C ASP A 775 8.58 26.28 11.33
N LYS A 776 7.96 26.20 10.17
CA LYS A 776 7.15 27.32 9.74
C LYS A 776 5.98 27.51 10.69
N ASN A 777 5.41 26.42 11.21
CA ASN A 777 4.28 26.55 12.11
C ASN A 777 4.68 27.27 13.37
N THR A 778 5.87 26.94 13.89
CA THR A 778 6.32 27.57 15.12
C THR A 778 6.55 29.04 14.88
N GLN A 779 7.15 29.38 13.75
CA GLN A 779 7.41 30.77 13.46
C GLN A 779 6.13 31.54 13.26
N GLU A 780 5.14 30.96 12.61
CA GLU A 780 3.93 31.71 12.37
C GLU A 780 3.20 32.01 13.68
N VAL A 781 3.19 31.07 14.61
CA VAL A 781 2.51 31.34 15.86
C VAL A 781 3.23 32.36 16.72
N PHE A 782 4.56 32.24 16.86
CA PHE A 782 5.23 33.16 17.78
C PHE A 782 5.97 34.35 17.18
N ALA A 783 6.50 34.24 15.98
CA ALA A 783 7.33 35.32 15.44
C ALA A 783 6.51 36.38 14.71
N GLN A 784 5.62 37.03 15.45
CA GLN A 784 4.79 38.11 14.93
C GLN A 784 5.34 39.46 15.28
N VAL A 785 6.43 39.46 16.00
CA VAL A 785 7.05 40.66 16.47
C VAL A 785 8.50 40.69 16.05
N LYS A 786 8.90 41.74 15.35
CA LYS A 786 10.29 41.89 14.92
C LYS A 786 11.08 42.76 15.88
N GLN A 787 10.36 43.39 16.79
CA GLN A 787 10.95 44.27 17.76
C GLN A 787 10.87 43.55 19.08
N ILE A 788 11.98 43.08 19.57
CA ILE A 788 11.90 42.31 20.78
C ILE A 788 12.00 43.27 21.91
N TYR A 789 10.88 43.48 22.55
CA TYR A 789 10.79 44.48 23.57
C TYR A 789 11.22 43.93 24.89
N LYS A 790 11.96 44.74 25.62
CA LYS A 790 12.37 44.36 26.94
C LYS A 790 11.26 44.64 27.93
N THR A 791 11.22 43.85 28.99
CA THR A 791 10.29 44.05 30.06
C THR A 791 10.61 45.42 30.63
N PRO A 792 9.65 46.33 30.81
CA PRO A 792 9.89 47.64 31.36
C PRO A 792 10.49 47.52 32.76
N PRO A 793 11.36 48.47 33.17
CA PRO A 793 11.96 48.61 34.49
C PRO A 793 10.94 49.07 35.54
N ILE A 794 9.83 49.60 35.05
CA ILE A 794 8.77 50.13 35.87
C ILE A 794 7.69 49.07 35.96
N LYS A 795 7.35 48.68 37.17
CA LYS A 795 6.37 47.62 37.37
C LYS A 795 5.04 48.13 37.88
N ASP A 796 4.86 49.44 37.84
CA ASP A 796 3.65 50.06 38.38
C ASP A 796 2.48 49.99 37.43
N PHE A 797 2.00 48.79 37.22
CA PHE A 797 0.89 48.53 36.33
C PHE A 797 -0.38 48.63 37.15
N GLY A 798 -0.62 49.81 37.67
CA GLY A 798 -1.75 50.00 38.55
C GLY A 798 -1.55 49.08 39.73
N GLY A 799 -2.58 48.32 40.09
CA GLY A 799 -2.50 47.39 41.21
C GLY A 799 -2.26 45.94 40.76
N PHE A 800 -1.94 45.76 39.50
CA PHE A 800 -1.78 44.44 38.92
C PHE A 800 -0.37 43.90 39.16
N ASN A 801 -0.24 42.56 39.27
CA ASN A 801 1.03 41.87 39.55
C ASN A 801 1.82 41.50 38.27
N PHE A 802 1.38 40.45 37.52
CA PHE A 802 1.99 39.88 36.28
C PHE A 802 3.37 39.24 36.43
N SER A 803 3.89 39.09 37.64
CA SER A 803 5.23 38.52 37.78
C SER A 803 5.31 37.06 37.45
N GLN A 804 4.19 36.35 37.47
CA GLN A 804 4.19 34.93 37.14
C GLN A 804 4.15 34.73 35.64
N ILE A 805 3.80 35.78 34.91
CA ILE A 805 3.61 35.74 33.48
C ILE A 805 4.91 36.16 32.78
N LEU A 806 5.54 37.20 33.32
CA LEU A 806 6.78 37.76 32.79
C LEU A 806 7.97 36.84 33.09
N PRO A 807 9.04 36.86 32.27
CA PRO A 807 10.24 36.08 32.47
C PRO A 807 10.86 36.27 33.83
N ASP A 808 11.32 35.17 34.43
CA ASP A 808 11.97 35.20 35.73
C ASP A 808 13.49 35.39 35.56
N PRO A 809 14.06 36.55 35.90
CA PRO A 809 15.44 36.94 35.67
C PRO A 809 16.45 36.12 36.46
N SER A 810 16.00 35.36 37.46
CA SER A 810 16.93 34.58 38.26
C SER A 810 17.31 33.28 37.58
N LYS A 811 16.59 32.92 36.52
CA LYS A 811 16.84 31.68 35.82
C LYS A 811 17.85 31.90 34.70
N PRO A 812 18.60 30.87 34.28
CA PRO A 812 19.48 30.90 33.11
C PRO A 812 18.69 31.00 31.82
N SER A 813 17.42 30.61 31.90
CA SER A 813 16.47 30.62 30.81
C SER A 813 15.66 31.89 30.95
N LYS A 814 14.80 32.15 30.01
CA LYS A 814 13.97 33.34 30.11
C LYS A 814 12.53 32.94 30.37
N ARG A 815 12.33 31.74 30.89
CA ARG A 815 10.99 31.26 31.17
C ARG A 815 10.38 32.00 32.36
N SER A 816 9.08 32.25 32.28
CA SER A 816 8.28 32.83 33.34
C SER A 816 7.97 31.74 34.34
N PHE A 817 7.41 32.08 35.50
CA PHE A 817 7.08 31.04 36.44
C PHE A 817 6.07 30.06 35.85
N ILE A 818 5.01 30.58 35.23
CA ILE A 818 4.01 29.70 34.66
C ILE A 818 4.62 28.84 33.57
N GLU A 819 5.48 29.42 32.72
CA GLU A 819 6.09 28.61 31.68
C GLU A 819 6.90 27.50 32.32
N ASP A 820 7.60 27.79 33.41
CA ASP A 820 8.39 26.75 34.05
C ASP A 820 7.49 25.57 34.41
N LEU A 821 6.29 25.85 34.92
CA LEU A 821 5.41 24.74 35.26
C LEU A 821 4.97 23.97 34.02
N LEU A 822 4.68 24.68 32.93
CA LEU A 822 4.19 24.01 31.72
C LEU A 822 5.26 23.09 31.14
N PHE A 823 6.51 23.54 31.19
CA PHE A 823 7.63 22.78 30.67
C PHE A 823 7.92 21.58 31.53
N ASN A 824 7.75 21.71 32.83
CA ASN A 824 7.96 20.59 33.72
C ASN A 824 6.88 19.52 33.62
N LYS A 825 5.65 19.88 33.26
CA LYS A 825 4.61 18.87 33.18
C LYS A 825 4.56 18.09 31.87
N VAL A 826 4.89 18.70 30.74
CA VAL A 826 4.84 17.92 29.51
C VAL A 826 6.13 17.12 29.42
N THR A 827 6.02 15.81 29.23
CA THR A 827 7.19 14.97 29.22
C THR A 827 7.66 14.59 27.83
N LEU A 828 8.90 14.89 27.56
CA LEU A 828 9.47 14.55 26.27
C LEU A 828 10.22 13.28 26.47
N ALA A 829 10.34 12.46 25.43
CA ALA A 829 11.06 11.21 25.59
C ALA A 829 12.51 11.41 26.01
N ASP A 830 13.16 12.46 25.50
CA ASP A 830 14.55 12.75 25.84
C ASP A 830 14.86 14.19 25.49
N ALA A 831 16.09 14.63 25.74
CA ALA A 831 16.46 15.99 25.39
C ALA A 831 17.93 16.12 25.00
N GLY A 832 18.21 17.08 24.12
CA GLY A 832 19.56 17.42 23.66
C GLY A 832 19.88 16.82 22.29
N PHE A 833 19.09 15.83 21.88
CA PHE A 833 19.19 15.16 20.58
C PHE A 833 20.49 14.42 20.24
N ILE A 834 21.42 14.27 21.19
CA ILE A 834 22.65 13.56 20.85
C ILE A 834 22.88 12.32 21.67
N LYS A 835 23.07 11.23 20.95
CA LYS A 835 23.42 9.92 21.49
C LYS A 835 24.64 9.53 20.74
N GLN A 836 25.71 9.21 21.42
CA GLN A 836 26.91 8.87 20.69
C GLN A 836 26.93 7.39 20.47
N TYR A 837 27.64 6.91 19.47
CA TYR A 837 27.70 5.48 19.23
C TYR A 837 28.17 4.76 20.46
N GLY A 838 29.21 5.27 21.09
CA GLY A 838 29.77 4.64 22.28
C GLY A 838 28.74 4.48 23.40
N ASP A 839 27.77 5.39 23.49
CA ASP A 839 26.75 5.34 24.53
C ASP A 839 25.81 4.11 24.43
N CYS A 840 25.69 3.52 23.21
CA CYS A 840 24.85 2.37 22.89
C CYS A 840 25.71 1.14 22.64
N LEU A 841 26.99 1.21 22.92
CA LEU A 841 27.80 0.07 22.57
C LEU A 841 27.78 -0.98 23.65
N GLY A 842 26.67 -1.69 23.70
CA GLY A 842 26.39 -2.71 24.69
C GLY A 842 24.93 -3.16 24.65
N ASP A 843 24.55 -3.93 25.67
CA ASP A 843 23.22 -4.52 25.79
C ASP A 843 22.13 -3.48 25.85
N ILE A 844 22.51 -2.34 26.39
CA ILE A 844 21.67 -1.18 26.57
C ILE A 844 20.98 -0.72 25.30
N ALA A 845 21.57 -0.97 24.14
CA ALA A 845 20.97 -0.55 22.89
C ALA A 845 19.58 -1.12 22.69
N ALA A 846 19.35 -2.33 23.22
CA ALA A 846 18.06 -2.98 23.06
C ALA A 846 17.04 -2.56 24.11
N ARG A 847 17.46 -1.79 25.12
CA ARG A 847 16.54 -1.37 26.16
C ARG A 847 16.12 0.07 25.95
N ASP A 848 17.02 0.83 25.36
CA ASP A 848 16.78 2.23 25.09
C ASP A 848 16.04 2.37 23.77
N LEU A 849 14.78 2.78 23.83
CA LEU A 849 13.97 2.83 22.63
C LEU A 849 14.48 3.86 21.65
N ILE A 850 15.08 4.95 22.12
CA ILE A 850 15.56 5.92 21.16
C ILE A 850 16.73 5.37 20.37
N CYS A 851 17.66 4.68 21.07
CA CYS A 851 18.81 4.05 20.44
C CYS A 851 18.32 2.97 19.45
N ALA A 852 17.34 2.17 19.85
CA ALA A 852 16.80 1.16 18.97
C ALA A 852 16.22 1.79 17.71
N GLN A 853 15.60 2.96 17.84
CA GLN A 853 15.09 3.60 16.65
C GLN A 853 16.25 4.06 15.75
N LYS A 854 17.32 4.62 16.34
CA LYS A 854 18.45 5.09 15.53
C LYS A 854 19.14 3.99 14.77
N PHE A 855 19.28 2.82 15.38
CA PHE A 855 19.96 1.72 14.71
C PHE A 855 19.19 1.14 13.55
N ASN A 856 17.92 1.49 13.42
CA ASN A 856 17.11 0.98 12.35
C ASN A 856 16.83 2.08 11.34
N GLY A 857 17.59 3.17 11.41
CA GLY A 857 17.45 4.25 10.46
C GLY A 857 16.40 5.30 10.80
N LEU A 858 15.83 5.29 11.98
CA LEU A 858 14.83 6.26 12.25
C LEU A 858 15.40 7.37 13.11
N THR A 859 15.39 8.60 12.62
CA THR A 859 15.95 9.65 13.44
C THR A 859 14.96 10.77 13.70
N VAL A 860 15.39 11.66 14.57
CA VAL A 860 14.66 12.84 14.98
C VAL A 860 15.51 14.06 14.77
N LEU A 861 14.93 15.05 14.12
CA LEU A 861 15.68 16.24 13.85
C LEU A 861 15.33 17.28 14.91
N PRO A 862 16.25 18.15 15.32
CA PRO A 862 16.00 19.22 16.24
C PRO A 862 15.19 20.28 15.55
N PRO A 863 14.43 21.10 16.29
CA PRO A 863 13.66 22.26 15.84
C PRO A 863 14.63 23.35 15.53
N LEU A 864 14.25 24.27 14.66
CA LEU A 864 15.10 25.42 14.41
C LEU A 864 15.15 26.37 15.58
N LEU A 865 14.01 26.61 16.21
CA LEU A 865 14.01 27.52 17.33
C LEU A 865 14.14 26.72 18.60
N THR A 866 14.85 27.26 19.56
CA THR A 866 15.07 26.65 20.85
C THR A 866 14.10 27.21 21.86
N ASP A 867 14.03 26.59 23.03
CA ASP A 867 13.13 27.10 24.05
C ASP A 867 13.51 28.50 24.47
N GLU A 868 14.81 28.80 24.48
CA GLU A 868 15.20 30.14 24.89
C GLU A 868 14.71 31.16 23.88
N MET A 869 14.80 30.83 22.59
CA MET A 869 14.35 31.80 21.60
C MET A 869 12.84 32.00 21.69
N ILE A 870 12.11 30.93 21.99
CA ILE A 870 10.68 31.09 22.09
C ILE A 870 10.39 31.95 23.28
N ALA A 871 11.09 31.73 24.39
CA ALA A 871 10.86 32.55 25.55
C ALA A 871 11.11 34.02 25.21
N GLN A 872 12.11 34.33 24.37
CA GLN A 872 12.30 35.72 24.01
C GLN A 872 11.11 36.24 23.22
N TYR A 873 10.52 35.41 22.35
CA TYR A 873 9.37 35.90 21.61
C TYR A 873 8.18 36.11 22.52
N THR A 874 7.95 35.23 23.49
CA THR A 874 6.80 35.44 24.35
C THR A 874 7.05 36.63 25.23
N SER A 875 8.30 36.87 25.59
CA SER A 875 8.61 38.02 26.40
C SER A 875 8.27 39.29 25.66
N ALA A 876 8.64 39.36 24.37
CA ALA A 876 8.33 40.53 23.58
C ALA A 876 6.85 40.76 23.45
N LEU A 877 6.09 39.70 23.27
CA LEU A 877 4.66 39.84 23.15
C LEU A 877 4.08 40.38 24.44
N LEU A 878 4.58 39.91 25.57
CA LEU A 878 4.08 40.39 26.84
C LEU A 878 4.50 41.83 27.08
N ALA A 879 5.72 42.20 26.72
CA ALA A 879 6.12 43.58 26.94
C ALA A 879 5.24 44.48 26.10
N GLY A 880 4.91 43.99 24.92
CA GLY A 880 4.07 44.69 23.98
C GLY A 880 2.68 44.94 24.54
N THR A 881 2.02 43.90 25.05
CA THR A 881 0.68 44.10 25.53
C THR A 881 0.60 44.66 26.92
N ILE A 882 1.67 44.56 27.70
CA ILE A 882 1.61 45.14 29.02
C ILE A 882 1.77 46.65 28.92
N THR A 883 2.61 47.14 27.99
CA THR A 883 2.81 48.58 27.89
C THR A 883 2.10 49.30 26.77
N SER A 884 2.00 48.70 25.60
CA SER A 884 1.41 49.40 24.47
C SER A 884 0.01 48.92 24.11
N GLY A 885 -0.30 47.68 24.45
CA GLY A 885 -1.60 47.14 24.15
C GLY A 885 -1.90 47.00 22.67
N TRP A 886 -3.01 47.57 22.24
CA TRP A 886 -3.46 47.47 20.85
C TRP A 886 -2.42 47.87 19.83
N THR A 887 -1.75 48.95 20.11
CA THR A 887 -0.85 49.51 19.14
C THR A 887 0.52 48.97 19.20
N PHE A 888 0.78 47.92 19.98
CA PHE A 888 2.14 47.43 19.92
C PHE A 888 2.28 46.80 18.53
N GLY A 889 1.16 46.38 17.92
CA GLY A 889 1.20 45.82 16.59
C GLY A 889 0.57 46.85 15.66
N ALA A 890 0.43 46.54 14.37
CA ALA A 890 -0.17 47.49 13.43
C ALA A 890 0.50 48.87 13.47
N GLY A 891 1.83 48.90 13.59
CA GLY A 891 2.54 50.18 13.65
C GLY A 891 3.58 50.17 14.75
N ALA A 892 4.21 51.33 14.99
CA ALA A 892 5.22 51.43 16.03
C ALA A 892 4.53 51.36 17.36
N ALA A 893 5.14 50.71 18.35
CA ALA A 893 4.51 50.68 19.65
C ALA A 893 4.47 52.06 20.28
N LEU A 894 3.34 52.37 20.88
CA LEU A 894 3.12 53.60 21.61
C LEU A 894 2.95 53.24 23.06
N GLN A 895 3.43 54.00 24.01
CA GLN A 895 3.14 53.62 25.38
C GLN A 895 1.81 54.19 25.84
N ILE A 896 1.19 53.52 26.80
CA ILE A 896 0.00 54.01 27.45
C ILE A 896 0.02 53.53 28.91
N PRO A 897 -0.47 54.27 29.90
CA PRO A 897 -0.61 53.80 31.26
C PRO A 897 -1.45 52.54 31.25
N PHE A 898 -1.13 51.58 32.10
CA PHE A 898 -1.87 50.31 32.07
C PHE A 898 -3.34 50.49 32.37
N ALA A 899 -3.67 51.30 33.37
CA ALA A 899 -5.06 51.46 33.70
C ALA A 899 -5.84 52.01 32.54
N MET A 900 -5.24 52.91 31.75
CA MET A 900 -5.96 53.45 30.64
C MET A 900 -6.16 52.39 29.61
N GLN A 901 -5.16 51.55 29.42
CA GLN A 901 -5.33 50.52 28.45
C GLN A 901 -6.55 49.69 28.77
N MET A 902 -6.71 49.30 30.04
CA MET A 902 -7.91 48.53 30.29
C MET A 902 -9.15 49.38 30.18
N ALA A 903 -9.10 50.66 30.48
CA ALA A 903 -10.30 51.46 30.38
C ALA A 903 -10.84 51.40 28.98
N TYR A 904 -9.95 51.38 28.01
CA TYR A 904 -10.39 51.31 26.65
C TYR A 904 -10.91 49.93 26.32
N ARG A 905 -10.38 48.89 26.96
CA ARG A 905 -10.87 47.55 26.71
C ARG A 905 -12.29 47.42 27.26
N PHE A 906 -12.59 48.13 28.35
CA PHE A 906 -13.94 48.11 28.92
C PHE A 906 -14.89 48.81 27.97
N ASN A 907 -14.46 49.92 27.35
CA ASN A 907 -15.36 50.57 26.40
C ASN A 907 -15.62 49.62 25.24
N GLY A 908 -14.62 48.81 24.90
CA GLY A 908 -14.73 47.83 23.84
C GLY A 908 -15.82 46.80 24.14
N ILE A 909 -15.86 46.32 25.39
CA ILE A 909 -16.90 45.39 25.85
C ILE A 909 -18.25 46.05 25.80
N GLY A 910 -18.31 47.28 26.24
CA GLY A 910 -19.55 48.01 26.28
C GLY A 910 -19.93 48.40 27.69
N VAL A 911 -18.93 48.62 28.52
CA VAL A 911 -19.07 49.04 29.89
C VAL A 911 -18.37 50.37 30.00
N THR A 912 -19.04 51.36 30.56
CA THR A 912 -18.36 52.65 30.66
C THR A 912 -17.08 52.54 31.43
N GLN A 913 -16.10 53.35 31.02
CA GLN A 913 -14.76 53.38 31.60
C GLN A 913 -14.81 53.77 33.07
N ASN A 914 -15.91 54.37 33.48
CA ASN A 914 -16.04 54.80 34.83
C ASN A 914 -15.98 53.61 35.76
N VAL A 915 -16.40 52.43 35.29
CA VAL A 915 -16.39 51.27 36.15
C VAL A 915 -14.97 50.91 36.51
N LEU A 916 -14.06 50.93 35.54
CA LEU A 916 -12.69 50.57 35.84
C LEU A 916 -12.04 51.48 36.82
N TYR A 917 -12.27 52.77 36.70
CA TYR A 917 -11.56 53.60 37.65
C TYR A 917 -12.17 53.52 39.03
N GLU A 918 -13.49 53.45 39.13
CA GLU A 918 -14.06 53.42 40.47
C GLU A 918 -13.78 52.12 41.19
N ASN A 919 -13.68 51.04 40.45
CA ASN A 919 -13.43 49.73 40.99
C ASN A 919 -12.02 49.27 40.68
N GLN A 920 -11.08 50.20 40.45
CA GLN A 920 -9.74 49.77 40.06
C GLN A 920 -9.08 48.82 41.06
N LYS A 921 -9.30 49.00 42.35
CA LYS A 921 -8.67 48.12 43.31
C LYS A 921 -9.30 46.73 43.26
N LEU A 922 -10.60 46.67 43.04
CA LEU A 922 -11.27 45.38 42.99
C LEU A 922 -10.80 44.61 41.79
N ILE A 923 -10.71 45.29 40.68
CA ILE A 923 -10.32 44.68 39.45
C ILE A 923 -8.93 44.15 39.53
N ALA A 924 -8.00 44.94 40.07
CA ALA A 924 -6.66 44.44 40.19
C ALA A 924 -6.60 43.24 41.11
N ASN A 925 -7.38 43.24 42.20
CA ASN A 925 -7.31 42.11 43.09
C ASN A 925 -7.91 40.86 42.48
N GLN A 926 -8.99 41.00 41.70
CA GLN A 926 -9.56 39.81 41.12
C GLN A 926 -8.59 39.22 40.10
N PHE A 927 -7.92 40.08 39.35
CA PHE A 927 -6.97 39.60 38.38
C PHE A 927 -5.85 38.85 39.04
N ASN A 928 -5.28 39.43 40.08
CA ASN A 928 -4.14 38.81 40.72
C ASN A 928 -4.51 37.48 41.34
N SER A 929 -5.73 37.38 41.89
CA SER A 929 -6.16 36.13 42.46
C SER A 929 -6.35 35.08 41.39
N ALA A 930 -6.90 35.48 40.24
CA ALA A 930 -7.12 34.54 39.16
C ALA A 930 -5.82 33.94 38.68
N ILE A 931 -4.76 34.74 38.60
CA ILE A 931 -3.51 34.20 38.14
C ILE A 931 -2.99 33.23 39.17
N GLY A 932 -3.10 33.56 40.45
CA GLY A 932 -2.64 32.63 41.47
C GLY A 932 -3.37 31.30 41.37
N LYS A 933 -4.68 31.33 41.10
CA LYS A 933 -5.40 30.07 40.99
C LYS A 933 -4.90 29.24 39.82
N ILE A 934 -4.57 29.88 38.70
CA ILE A 934 -4.05 29.14 37.57
C ILE A 934 -2.74 28.50 37.91
N GLN A 935 -1.87 29.23 38.58
CA GLN A 935 -0.60 28.68 38.95
C GLN A 935 -0.75 27.43 39.77
N ASP A 936 -1.62 27.46 40.77
CA ASP A 936 -1.78 26.30 41.62
C ASP A 936 -2.48 25.17 40.90
N SER A 937 -3.41 25.50 40.02
CA SER A 937 -4.12 24.48 39.28
C SER A 937 -3.16 23.72 38.39
N LEU A 938 -2.26 24.43 37.69
CA LEU A 938 -1.29 23.78 36.81
C LEU A 938 -0.30 22.96 37.60
N SER A 939 0.09 23.43 38.77
CA SER A 939 1.01 22.68 39.61
C SER A 939 0.40 21.35 40.06
N SER A 940 -0.87 21.40 40.48
CA SER A 940 -1.58 20.22 40.96
C SER A 940 -2.02 19.21 39.89
N THR A 941 -2.73 19.66 38.84
CA THR A 941 -3.24 18.72 37.83
C THR A 941 -2.65 18.95 36.45
N ALA A 942 -1.97 17.93 35.94
CA ALA A 942 -1.31 18.03 34.63
C ALA A 942 -2.20 17.60 33.47
N SER A 943 -3.41 17.14 33.75
CA SER A 943 -4.28 16.61 32.70
C SER A 943 -4.66 17.62 31.64
N ALA A 944 -4.64 18.91 31.97
CA ALA A 944 -4.96 19.94 31.01
C ALA A 944 -4.00 19.92 29.83
N LEU A 945 -2.78 19.48 30.09
CA LEU A 945 -1.71 19.49 29.13
C LEU A 945 -1.66 18.22 28.32
N GLY A 946 -2.65 17.36 28.50
CA GLY A 946 -2.71 16.12 27.78
C GLY A 946 -2.63 16.35 26.28
N LYS A 947 -3.19 17.44 25.77
CA LYS A 947 -3.09 17.64 24.33
C LYS A 947 -1.65 17.70 23.82
N LEU A 948 -0.74 18.28 24.61
CA LEU A 948 0.61 18.41 24.13
C LEU A 948 1.31 17.08 24.36
N GLN A 949 0.92 16.41 25.42
CA GLN A 949 1.52 15.12 25.72
C GLN A 949 1.15 14.11 24.65
N ASP A 950 -0.07 14.21 24.12
CA ASP A 950 -0.57 13.31 23.10
C ASP A 950 0.20 13.50 21.81
N VAL A 951 0.57 14.72 21.46
CA VAL A 951 1.34 14.88 20.24
C VAL A 951 2.66 14.15 20.38
N VAL A 952 3.28 14.29 21.55
CA VAL A 952 4.55 13.63 21.78
C VAL A 952 4.41 12.11 21.76
N ASN A 953 3.38 11.60 22.42
CA ASN A 953 3.21 10.18 22.53
C ASN A 953 2.90 9.54 21.19
N GLN A 954 2.11 10.22 20.36
CA GLN A 954 1.74 9.65 19.08
C GLN A 954 2.94 9.51 18.17
N ASN A 955 3.85 10.47 18.18
CA ASN A 955 5.00 10.33 17.31
C ASN A 955 5.93 9.26 17.84
N ALA A 956 6.06 9.17 19.16
CA ALA A 956 6.93 8.14 19.71
C ALA A 956 6.41 6.76 19.38
N GLN A 957 5.10 6.59 19.43
CA GLN A 957 4.54 5.29 19.12
C GLN A 957 4.72 4.94 17.67
N ALA A 958 4.57 5.91 16.78
CA ALA A 958 4.72 5.58 15.37
C ALA A 958 6.12 5.06 15.09
N LEU A 959 7.13 5.64 15.72
CA LEU A 959 8.49 5.19 15.49
C LEU A 959 8.74 3.83 16.13
N ASN A 960 8.14 3.60 17.29
CA ASN A 960 8.35 2.31 17.95
C ASN A 960 7.63 1.22 17.17
N THR A 961 6.53 1.58 16.51
CA THR A 961 5.79 0.64 15.71
C THR A 961 6.64 0.22 14.53
N LEU A 962 7.32 1.17 13.89
CA LEU A 962 8.17 0.78 12.78
C LEU A 962 9.25 -0.18 13.23
N VAL A 963 9.80 0.00 14.41
CA VAL A 963 10.79 -0.98 14.82
C VAL A 963 10.12 -2.33 15.03
N LYS A 964 9.00 -2.37 15.71
CA LYS A 964 8.35 -3.66 15.97
C LYS A 964 7.96 -4.42 14.71
N GLN A 965 7.53 -3.70 13.66
CA GLN A 965 7.09 -4.35 12.44
C GLN A 965 8.21 -5.00 11.67
N LEU A 966 9.45 -4.77 12.06
CA LEU A 966 10.58 -5.38 11.38
C LEU A 966 10.54 -6.88 11.55
N SER A 967 9.89 -7.36 12.63
CA SER A 967 9.84 -8.78 12.92
C SER A 967 8.90 -9.54 12.00
N SER A 968 8.04 -8.86 11.25
CA SER A 968 7.10 -9.57 10.40
C SER A 968 7.79 -10.31 9.27
N ASN A 969 7.31 -11.52 8.96
CA ASN A 969 7.88 -12.28 7.86
C ASN A 969 7.39 -11.83 6.50
N PHE A 970 6.17 -11.34 6.41
CA PHE A 970 5.64 -10.93 5.11
C PHE A 970 5.66 -12.02 4.04
N GLY A 971 5.50 -13.28 4.43
CA GLY A 971 5.50 -14.36 3.46
C GLY A 971 6.86 -15.01 3.32
N ALA A 972 7.87 -14.41 3.93
CA ALA A 972 9.22 -14.92 3.88
C ALA A 972 9.38 -16.05 4.87
N ILE A 973 10.43 -16.83 4.68
CA ILE A 973 10.81 -17.90 5.60
C ILE A 973 11.18 -17.34 6.96
N SER A 974 11.90 -16.23 6.96
CA SER A 974 12.34 -15.57 8.16
C SER A 974 12.42 -14.08 7.96
N SER A 975 12.15 -13.34 9.03
CA SER A 975 12.22 -11.88 9.07
C SER A 975 13.64 -11.35 9.15
N VAL A 976 14.57 -12.25 9.40
CA VAL A 976 15.97 -11.88 9.52
C VAL A 976 16.74 -12.12 8.22
N LEU A 977 17.33 -11.07 7.68
CA LEU A 977 18.07 -11.19 6.42
C LEU A 977 19.23 -12.11 6.56
N ASN A 978 19.84 -12.14 7.73
CA ASN A 978 20.97 -13.00 7.95
C ASN A 978 20.59 -14.47 7.93
N ASP A 979 19.35 -14.84 8.29
CA ASP A 979 19.00 -16.25 8.27
C ASP A 979 18.82 -16.66 6.84
N ILE A 980 18.25 -15.75 6.06
CA ILE A 980 17.99 -16.02 4.66
C ILE A 980 19.28 -16.17 3.90
N LEU A 981 20.18 -15.23 4.09
CA LEU A 981 21.44 -15.26 3.40
C LEU A 981 22.34 -16.38 3.82
N SER A 982 22.31 -16.77 5.09
CA SER A 982 23.16 -17.88 5.45
C SER A 982 22.69 -19.20 4.87
N ARG A 983 21.38 -19.48 4.90
CA ARG A 983 20.90 -20.76 4.42
C ARG A 983 20.63 -20.88 2.92
N LEU A 984 20.35 -19.79 2.25
CA LEU A 984 20.02 -19.89 0.85
C LEU A 984 21.07 -19.34 -0.09
N ASP A 985 21.14 -19.90 -1.27
CA ASP A 985 22.06 -19.40 -2.26
C ASP A 985 21.45 -18.12 -2.81
N PRO A 986 22.16 -17.30 -3.59
CA PRO A 986 21.64 -16.07 -4.16
C PRO A 986 20.28 -16.19 -4.85
N PRO A 987 20.06 -17.01 -5.90
CA PRO A 987 18.80 -16.96 -6.60
C PRO A 987 17.61 -17.38 -5.74
N GLU A 988 17.82 -18.19 -4.70
CA GLU A 988 16.69 -18.53 -3.86
C GLU A 988 16.51 -17.41 -2.82
N ALA A 989 17.63 -16.89 -2.31
CA ALA A 989 17.62 -15.85 -1.30
C ALA A 989 16.93 -14.63 -1.84
N GLU A 990 17.10 -14.36 -3.12
CA GLU A 990 16.49 -13.21 -3.75
C GLU A 990 14.99 -13.24 -3.65
N VAL A 991 14.36 -14.41 -3.68
CA VAL A 991 12.93 -14.43 -3.57
C VAL A 991 12.54 -14.01 -2.18
N GLN A 992 13.21 -14.59 -1.20
CA GLN A 992 12.85 -14.32 0.17
C GLN A 992 13.13 -12.88 0.56
N ILE A 993 14.21 -12.33 0.01
CA ILE A 993 14.57 -10.98 0.30
C ILE A 993 13.59 -10.06 -0.35
N ASP A 994 13.20 -10.33 -1.60
CA ASP A 994 12.26 -9.44 -2.23
C ASP A 994 10.96 -9.39 -1.45
N ARG A 995 10.52 -10.51 -0.86
CA ARG A 995 9.30 -10.43 -0.09
C ARG A 995 9.49 -9.50 1.10
N LEU A 996 10.64 -9.59 1.76
CA LEU A 996 10.85 -8.71 2.89
C LEU A 996 11.01 -7.27 2.46
N ILE A 997 11.64 -6.99 1.33
CA ILE A 997 11.80 -5.61 0.92
C ILE A 997 10.46 -4.99 0.64
N THR A 998 9.59 -5.70 -0.07
CA THR A 998 8.31 -5.10 -0.36
C THR A 998 7.58 -4.81 0.93
N GLY A 999 7.61 -5.77 1.86
CA GLY A 999 6.94 -5.60 3.13
C GLY A 999 7.47 -4.43 3.95
N ARG A 1000 8.78 -4.23 3.92
CA ARG A 1000 9.35 -3.14 4.66
C ARG A 1000 8.95 -1.82 4.05
N LEU A 1001 8.84 -1.74 2.72
CA LEU A 1001 8.40 -0.48 2.17
C LEU A 1001 6.96 -0.26 2.57
N GLN A 1002 6.16 -1.31 2.60
CA GLN A 1002 4.78 -1.13 2.98
C GLN A 1002 4.68 -0.50 4.37
N SER A 1003 5.53 -0.93 5.30
CA SER A 1003 5.53 -0.34 6.62
C SER A 1003 5.94 1.13 6.58
N LEU A 1004 6.96 1.46 5.79
CA LEU A 1004 7.38 2.84 5.72
C LEU A 1004 6.37 3.74 5.05
N GLN A 1005 5.69 3.25 4.02
CA GLN A 1005 4.71 4.07 3.35
C GLN A 1005 3.55 4.33 4.29
N THR A 1006 3.19 3.34 5.09
CA THR A 1006 2.11 3.52 6.03
C THR A 1006 2.48 4.61 7.01
N TYR A 1007 3.72 4.56 7.51
CA TYR A 1007 4.21 5.56 8.43
C TYR A 1007 4.17 6.94 7.85
N VAL A 1008 4.68 7.11 6.65
CA VAL A 1008 4.70 8.43 6.07
C VAL A 1008 3.31 8.97 5.88
N THR A 1009 2.38 8.13 5.41
CA THR A 1009 1.03 8.60 5.23
C THR A 1009 0.43 9.05 6.54
N GLN A 1010 0.64 8.28 7.62
CA GLN A 1010 0.07 8.71 8.88
C GLN A 1010 0.71 10.00 9.37
N GLN A 1011 2.01 10.18 9.16
CA GLN A 1011 2.63 11.41 9.62
C GLN A 1011 2.13 12.58 8.83
N LEU A 1012 1.88 12.37 7.55
CA LEU A 1012 1.43 13.41 6.67
C LEU A 1012 0.02 13.85 7.01
N ILE A 1013 -0.85 12.90 7.33
CA ILE A 1013 -2.18 13.30 7.71
C ILE A 1013 -2.13 14.04 9.03
N ARG A 1014 -1.36 13.54 9.99
CA ARG A 1014 -1.26 14.22 11.27
C ARG A 1014 -0.69 15.61 11.08
N ALA A 1015 0.24 15.77 10.14
CA ALA A 1015 0.80 17.06 9.87
C ALA A 1015 -0.27 18.02 9.41
N ALA A 1016 -1.23 17.54 8.63
CA ALA A 1016 -2.28 18.45 8.20
C ALA A 1016 -3.08 18.93 9.40
N GLU A 1017 -3.30 18.03 10.35
CA GLU A 1017 -4.05 18.38 11.54
C GLU A 1017 -3.29 19.34 12.44
N ILE A 1018 -1.98 19.15 12.58
CA ILE A 1018 -1.22 20.02 13.45
C ILE A 1018 -1.15 21.39 12.81
N ARG A 1019 -1.10 21.44 11.47
CA ARG A 1019 -1.06 22.72 10.81
C ARG A 1019 -2.35 23.46 11.07
N ALA A 1020 -3.48 22.79 11.01
CA ALA A 1020 -4.72 23.48 11.26
C ALA A 1020 -4.73 24.06 12.67
N SER A 1021 -4.20 23.31 13.63
CA SER A 1021 -4.13 23.80 15.00
C SER A 1021 -3.22 25.01 15.07
N ALA A 1022 -2.06 24.93 14.41
CA ALA A 1022 -1.12 26.03 14.41
C ALA A 1022 -1.71 27.27 13.78
N ASN A 1023 -2.52 27.12 12.74
CA ASN A 1023 -3.11 28.29 12.11
C ASN A 1023 -4.10 28.92 13.05
N LEU A 1024 -4.83 28.11 13.80
CA LEU A 1024 -5.77 28.66 14.74
C LEU A 1024 -5.02 29.35 15.85
N ALA A 1025 -3.92 28.74 16.30
CA ALA A 1025 -3.14 29.32 17.37
C ALA A 1025 -2.59 30.65 16.95
N ALA A 1026 -2.13 30.75 15.71
CA ALA A 1026 -1.59 32.00 15.22
C ALA A 1026 -2.70 33.03 15.17
N THR A 1027 -3.89 32.60 14.77
CA THR A 1027 -4.99 33.54 14.71
C THR A 1027 -5.31 34.04 16.09
N LYS A 1028 -5.38 33.15 17.07
CA LYS A 1028 -5.69 33.59 18.42
C LYS A 1028 -4.61 34.47 18.95
N MET A 1029 -3.36 34.20 18.63
CA MET A 1029 -2.31 35.07 19.12
C MET A 1029 -2.60 36.46 18.63
N SER A 1030 -2.84 36.60 17.35
CA SER A 1030 -3.03 37.93 16.85
C SER A 1030 -4.33 38.56 17.29
N GLU A 1031 -5.42 37.82 17.36
CA GLU A 1031 -6.69 38.42 17.69
C GLU A 1031 -7.02 38.60 19.19
N CYS A 1032 -6.40 37.79 20.08
CA CYS A 1032 -6.61 37.83 21.53
C CYS A 1032 -5.50 38.60 22.23
N VAL A 1033 -4.25 38.54 21.71
CA VAL A 1033 -3.12 39.17 22.39
C VAL A 1033 -2.79 40.52 21.78
N LEU A 1034 -2.66 40.55 20.45
CA LEU A 1034 -2.28 41.78 19.75
C LEU A 1034 -3.45 42.73 19.51
N GLY A 1035 -4.63 42.29 19.87
CA GLY A 1035 -5.84 43.08 19.70
C GLY A 1035 -6.94 42.56 20.61
N GLN A 1036 -8.13 43.14 20.49
CA GLN A 1036 -9.25 42.72 21.31
C GLN A 1036 -10.33 42.13 20.44
N SER A 1037 -10.46 40.83 20.49
CA SER A 1037 -11.45 40.14 19.70
C SER A 1037 -12.81 40.41 20.26
N LYS A 1038 -13.80 40.53 19.41
CA LYS A 1038 -15.18 40.66 19.86
C LYS A 1038 -15.98 39.43 19.52
N ARG A 1039 -15.30 38.37 19.09
CA ARG A 1039 -15.98 37.14 18.75
C ARG A 1039 -16.36 36.48 20.06
N VAL A 1040 -17.60 36.05 20.17
CA VAL A 1040 -18.08 35.57 21.46
C VAL A 1040 -17.42 34.31 21.95
N ASP A 1041 -16.94 33.46 21.05
CA ASP A 1041 -16.35 32.23 21.51
C ASP A 1041 -14.85 32.21 21.36
N PHE A 1042 -14.27 33.37 21.23
CA PHE A 1042 -12.83 33.44 21.19
C PHE A 1042 -12.34 34.00 22.48
N CYS A 1043 -11.13 33.57 22.86
CA CYS A 1043 -10.36 34.00 24.02
C CYS A 1043 -11.11 33.60 25.33
N GLY A 1044 -11.69 32.41 25.34
CA GLY A 1044 -12.36 31.90 26.53
C GLY A 1044 -13.81 32.37 26.63
N LYS A 1045 -14.45 32.05 27.75
CA LYS A 1045 -15.85 32.40 27.93
C LYS A 1045 -15.95 33.70 28.70
N GLY A 1046 -16.85 34.56 28.27
CA GLY A 1046 -17.05 35.86 28.91
C GLY A 1046 -16.71 36.88 27.87
N TYR A 1047 -16.75 38.14 28.20
CA TYR A 1047 -16.44 39.11 27.20
C TYR A 1047 -14.93 39.26 27.18
N HIS A 1048 -14.30 39.19 26.02
CA HIS A 1048 -12.85 39.28 26.03
C HIS A 1048 -12.34 40.62 26.49
N LEU A 1049 -11.42 40.63 27.46
CA LEU A 1049 -10.86 41.85 27.97
C LEU A 1049 -9.38 41.99 27.55
N MET A 1050 -8.58 40.91 27.70
CA MET A 1050 -7.15 40.91 27.35
C MET A 1050 -6.56 39.50 27.42
N SER A 1051 -5.36 39.28 26.89
CA SER A 1051 -4.76 37.95 27.07
C SER A 1051 -3.25 37.99 27.06
N PHE A 1052 -2.66 36.92 27.59
CA PHE A 1052 -1.22 36.79 27.65
C PHE A 1052 -0.81 35.39 27.21
N PRO A 1053 0.05 35.22 26.20
CA PRO A 1053 0.54 33.94 25.76
C PRO A 1053 1.61 33.46 26.69
N GLN A 1054 1.79 32.14 26.79
CA GLN A 1054 2.90 31.47 27.46
C GLN A 1054 3.33 30.29 26.58
N SER A 1055 4.62 29.96 26.50
CA SER A 1055 4.99 28.80 25.69
C SER A 1055 5.00 27.49 26.44
N ALA A 1056 4.98 26.38 25.70
CA ALA A 1056 5.04 25.05 26.26
C ALA A 1056 5.69 24.14 25.22
N PRO A 1057 6.22 22.96 25.55
CA PRO A 1057 6.76 22.10 24.56
C PRO A 1057 5.71 21.81 23.53
N HIS A 1058 6.10 21.91 22.27
CA HIS A 1058 5.26 21.62 21.13
C HIS A 1058 3.98 22.44 21.01
N GLY A 1059 3.88 23.58 21.68
CA GLY A 1059 2.67 24.36 21.55
C GLY A 1059 2.61 25.65 22.34
N VAL A 1060 1.43 26.26 22.32
CA VAL A 1060 1.22 27.52 22.99
C VAL A 1060 0.06 27.40 23.96
N VAL A 1061 0.22 28.00 25.12
CA VAL A 1061 -0.83 27.99 26.10
C VAL A 1061 -1.22 29.42 26.35
N PHE A 1062 -2.49 29.72 26.25
CA PHE A 1062 -2.90 31.08 26.47
C PHE A 1062 -3.59 31.28 27.78
N LEU A 1063 -3.35 32.43 28.39
CA LEU A 1063 -4.09 32.85 29.56
C LEU A 1063 -5.07 33.91 29.07
N HIS A 1064 -6.35 33.61 29.06
CA HIS A 1064 -7.31 34.57 28.54
C HIS A 1064 -8.08 35.22 29.65
N VAL A 1065 -8.12 36.53 29.65
CA VAL A 1065 -8.76 37.27 30.70
C VAL A 1065 -10.09 37.77 30.20
N THR A 1066 -11.16 37.36 30.85
CA THR A 1066 -12.48 37.76 30.40
C THR A 1066 -13.29 38.40 31.50
N TYR A 1067 -14.29 39.14 31.07
CA TYR A 1067 -15.21 39.81 31.96
C TYR A 1067 -16.54 39.10 32.00
N VAL A 1068 -16.96 38.68 33.17
CA VAL A 1068 -18.22 37.99 33.30
C VAL A 1068 -19.12 38.73 34.28
N PRO A 1069 -20.34 39.13 33.92
CA PRO A 1069 -21.27 39.86 34.76
C PRO A 1069 -21.73 39.00 35.91
N ALA A 1070 -22.11 39.63 37.03
CA ALA A 1070 -22.57 38.88 38.18
C ALA A 1070 -23.65 39.59 39.02
N GLN A 1071 -24.36 38.77 39.79
CA GLN A 1071 -25.35 39.28 40.75
C GLN A 1071 -26.42 40.14 40.13
N GLU A 1072 -27.11 39.61 39.16
CA GLU A 1072 -28.17 40.34 38.52
C GLU A 1072 -29.40 40.47 39.39
N LYS A 1073 -30.17 41.51 39.13
CA LYS A 1073 -31.46 41.73 39.76
C LYS A 1073 -32.46 41.96 38.64
N ASN A 1074 -33.77 41.63 38.85
CA ASN A 1074 -34.80 41.92 37.84
C ASN A 1074 -35.59 43.19 38.19
N PHE A 1075 -35.67 44.08 37.19
CA PHE A 1075 -36.28 45.38 37.17
C PHE A 1075 -37.38 45.43 36.12
N THR A 1076 -38.27 46.40 36.25
CA THR A 1076 -39.33 46.61 35.28
C THR A 1076 -38.74 47.36 34.09
N THR A 1077 -39.17 47.04 32.88
CA THR A 1077 -38.66 47.80 31.75
C THR A 1077 -39.70 48.25 30.74
N ALA A 1078 -39.31 49.20 29.90
CA ALA A 1078 -40.18 49.66 28.81
C ALA A 1078 -39.31 50.11 27.64
N PRO A 1079 -39.76 49.92 26.39
CA PRO A 1079 -39.07 50.33 25.18
C PRO A 1079 -38.97 51.81 24.95
N ALA A 1080 -39.83 52.57 25.57
CA ALA A 1080 -39.82 54.00 25.36
C ALA A 1080 -40.54 54.68 26.48
N ILE A 1081 -40.27 55.94 26.63
CA ILE A 1081 -40.96 56.81 27.56
C ILE A 1081 -41.74 57.92 26.85
N CYS A 1082 -43.01 58.09 27.24
CA CYS A 1082 -43.94 59.09 26.73
C CYS A 1082 -43.84 60.33 27.60
N HIS A 1083 -43.50 61.45 26.98
CA HIS A 1083 -43.35 62.67 27.76
C HIS A 1083 -44.52 63.63 27.57
N ASP A 1084 -44.55 64.32 26.43
CA ASP A 1084 -45.61 65.25 26.09
C ASP A 1084 -46.38 64.78 24.86
N GLY A 1085 -46.30 63.49 24.60
CA GLY A 1085 -46.91 62.89 23.44
C GLY A 1085 -45.84 62.40 22.49
N LYS A 1086 -44.62 62.92 22.66
CA LYS A 1086 -43.49 62.47 21.85
C LYS A 1086 -42.92 61.25 22.53
N ALA A 1087 -42.33 60.34 21.75
CA ALA A 1087 -41.71 59.16 22.34
C ALA A 1087 -40.19 59.29 22.45
N HIS A 1088 -39.69 59.03 23.63
CA HIS A 1088 -38.28 59.09 23.96
C HIS A 1088 -37.67 57.70 24.08
N PHE A 1089 -36.62 57.45 23.32
CA PHE A 1089 -35.97 56.14 23.30
C PHE A 1089 -34.60 56.29 23.92
N PRO A 1090 -34.04 55.33 24.64
CA PRO A 1090 -32.79 55.52 25.30
C PRO A 1090 -31.72 55.75 24.26
N ARG A 1091 -30.83 56.70 24.49
CA ARG A 1091 -29.77 56.97 23.53
C ARG A 1091 -28.87 55.77 23.47
N GLU A 1092 -28.65 55.21 24.64
CA GLU A 1092 -27.87 54.02 24.86
C GLU A 1092 -28.44 53.40 26.10
N GLY A 1093 -28.33 52.11 26.23
CA GLY A 1093 -28.84 51.46 27.41
C GLY A 1093 -30.33 51.17 27.30
N VAL A 1094 -30.94 50.93 28.45
CA VAL A 1094 -32.33 50.53 28.55
C VAL A 1094 -33.07 51.38 29.59
N PHE A 1095 -34.36 51.63 29.38
CA PHE A 1095 -35.10 52.31 30.43
C PHE A 1095 -35.58 51.26 31.39
N VAL A 1096 -35.17 51.42 32.62
CA VAL A 1096 -35.41 50.48 33.68
C VAL A 1096 -35.99 51.13 34.92
N SER A 1097 -36.84 50.42 35.65
CA SER A 1097 -37.38 51.01 36.85
C SER A 1097 -37.58 50.07 38.04
N ASN A 1098 -37.60 50.72 39.22
CA ASN A 1098 -37.96 50.14 40.51
C ASN A 1098 -39.42 50.52 40.75
N GLY A 1099 -39.99 50.23 41.93
CA GLY A 1099 -41.41 50.50 42.23
C GLY A 1099 -41.88 51.98 42.11
N THR A 1100 -40.97 52.95 42.16
CA THR A 1100 -41.40 54.36 42.05
C THR A 1100 -40.74 55.22 40.95
N HIS A 1101 -39.55 54.86 40.47
CA HIS A 1101 -38.86 55.71 39.50
C HIS A 1101 -38.22 55.01 38.30
N TRP A 1102 -38.22 55.73 37.17
CA TRP A 1102 -37.55 55.29 35.96
C TRP A 1102 -36.19 55.93 35.79
N PHE A 1103 -35.24 55.10 35.43
CA PHE A 1103 -33.85 55.45 35.21
C PHE A 1103 -33.32 54.86 33.93
N VAL A 1104 -32.26 55.42 33.42
CA VAL A 1104 -31.66 54.79 32.26
C VAL A 1104 -30.33 54.21 32.66
N THR A 1105 -30.07 52.99 32.24
CA THR A 1105 -28.81 52.32 32.56
C THR A 1105 -28.15 51.70 31.37
N GLN A 1106 -26.85 51.52 31.47
CA GLN A 1106 -26.08 50.80 30.47
C GLN A 1106 -26.43 49.33 30.63
N ARG A 1107 -26.29 48.55 29.58
CA ARG A 1107 -26.69 47.15 29.65
C ARG A 1107 -25.91 46.19 30.55
N ASN A 1108 -24.59 46.33 30.67
CA ASN A 1108 -23.85 45.31 31.41
C ASN A 1108 -23.48 45.58 32.86
N PHE A 1109 -23.92 46.69 33.43
CA PHE A 1109 -23.59 46.99 34.82
C PHE A 1109 -24.53 48.06 35.34
N TYR A 1110 -25.39 47.70 36.29
CA TYR A 1110 -26.41 48.63 36.72
C TYR A 1110 -25.83 49.88 37.33
N GLU A 1111 -26.29 51.00 36.82
CA GLU A 1111 -25.90 52.33 37.24
C GLU A 1111 -26.99 53.30 36.85
N PRO A 1112 -28.00 53.51 37.66
CA PRO A 1112 -29.16 54.29 37.28
C PRO A 1112 -28.79 55.73 37.12
N GLN A 1113 -29.29 56.34 36.06
CA GLN A 1113 -29.09 57.74 35.83
C GLN A 1113 -30.44 58.38 35.58
N ILE A 1114 -30.54 59.66 35.87
CA ILE A 1114 -31.79 60.35 35.63
C ILE A 1114 -32.01 60.47 34.14
N ILE A 1115 -33.24 60.21 33.74
CA ILE A 1115 -33.57 60.30 32.34
C ILE A 1115 -33.81 61.74 32.02
N THR A 1116 -32.99 62.25 31.12
CA THR A 1116 -33.02 63.62 30.73
C THR A 1116 -33.05 63.65 29.24
N THR A 1117 -33.19 64.82 28.69
CA THR A 1117 -33.24 65.03 27.25
C THR A 1117 -31.88 64.80 26.56
N ASP A 1118 -30.82 64.62 27.34
CA ASP A 1118 -29.50 64.38 26.80
C ASP A 1118 -29.29 62.91 26.53
N ASN A 1119 -30.04 62.06 27.22
CA ASN A 1119 -29.86 60.63 27.16
C ASN A 1119 -30.89 59.97 26.30
N THR A 1120 -31.59 60.73 25.46
CA THR A 1120 -32.64 60.11 24.69
C THR A 1120 -32.88 60.68 23.29
N PHE A 1121 -33.37 59.80 22.41
CA PHE A 1121 -33.73 60.14 21.04
C PHE A 1121 -35.18 60.46 21.01
N VAL A 1122 -35.60 61.42 20.21
CA VAL A 1122 -37.01 61.64 20.13
C VAL A 1122 -37.53 61.44 18.74
N SER A 1123 -38.55 60.59 18.63
CA SER A 1123 -39.16 60.30 17.34
C SER A 1123 -40.54 59.74 17.52
N GLY A 1124 -41.30 59.70 16.44
CA GLY A 1124 -42.62 59.07 16.45
C GLY A 1124 -43.52 59.72 17.48
N ASN A 1125 -44.35 58.90 18.11
CA ASN A 1125 -45.24 59.39 19.14
C ASN A 1125 -45.70 58.21 20.04
N CYS A 1126 -46.47 58.55 21.08
CA CYS A 1126 -46.97 57.66 22.11
C CYS A 1126 -48.09 56.74 21.62
N ASP A 1127 -48.61 56.99 20.42
CA ASP A 1127 -49.66 56.14 19.90
C ASP A 1127 -49.09 55.05 19.00
N VAL A 1128 -47.78 55.04 18.83
CA VAL A 1128 -47.15 54.05 17.98
C VAL A 1128 -46.36 53.02 18.76
N VAL A 1129 -45.56 53.45 19.73
CA VAL A 1129 -44.74 52.45 20.38
C VAL A 1129 -45.51 51.54 21.31
N ILE A 1130 -45.36 50.25 21.10
CA ILE A 1130 -46.03 49.27 21.91
C ILE A 1130 -45.30 49.12 23.21
N GLY A 1131 -46.00 49.26 24.33
CA GLY A 1131 -45.36 49.14 25.62
C GLY A 1131 -44.81 50.45 26.18
N ILE A 1132 -45.08 51.57 25.53
CA ILE A 1132 -44.57 52.85 26.00
C ILE A 1132 -45.21 53.20 27.34
N VAL A 1133 -44.41 53.77 28.25
CA VAL A 1133 -44.93 54.16 29.57
C VAL A 1133 -44.80 55.66 29.76
N ASN A 1134 -45.59 56.26 30.67
CA ASN A 1134 -45.62 57.70 31.00
C ASN A 1134 -44.63 58.02 32.14
N ASN A 1135 -43.60 58.84 31.84
CA ASN A 1135 -42.55 59.23 32.80
C ASN A 1135 -41.92 60.53 32.40
N THR A 1136 -41.93 61.50 33.29
CA THR A 1136 -41.38 62.80 32.96
C THR A 1136 -39.91 62.74 32.64
N VAL A 1137 -39.54 63.34 31.50
CA VAL A 1137 -38.15 63.44 31.06
C VAL A 1137 -37.62 64.79 31.50
N TYR A 1138 -36.49 64.80 32.16
CA TYR A 1138 -35.95 66.05 32.67
C TYR A 1138 -35.16 66.91 31.69
N ASP A 1139 -35.54 68.18 31.63
CA ASP A 1139 -34.88 69.18 30.81
C ASP A 1139 -33.77 69.83 31.61
N PRO A 1140 -32.48 69.60 31.31
CA PRO A 1140 -31.34 70.04 32.07
C PRO A 1140 -31.07 71.51 31.98
N LEU A 1141 -31.67 72.20 31.03
CA LEU A 1141 -31.36 73.60 30.86
C LEU A 1141 -32.44 74.55 31.30
N GLN A 1142 -33.68 74.23 31.03
CA GLN A 1142 -34.70 75.21 31.38
C GLN A 1142 -34.58 75.71 32.83
N PRO A 1143 -34.37 74.87 33.87
CA PRO A 1143 -34.26 75.31 35.24
C PRO A 1143 -33.10 76.28 35.49
N GLU A 1144 -32.08 76.28 34.63
CA GLU A 1144 -30.95 77.18 34.80
C GLU A 1144 -31.32 78.53 34.24
N LEU A 1145 -32.14 78.49 33.20
CA LEU A 1145 -32.59 79.72 32.55
C LEU A 1145 -33.64 80.46 33.40
N ASP A 1146 -34.51 79.70 34.13
CA ASP A 1146 -35.57 80.19 35.02
C ASP A 1146 -34.93 80.93 36.21
N GLN B 14 64.30 -18.59 -25.29
CA GLN B 14 65.49 -17.83 -25.00
C GLN B 14 65.05 -16.41 -24.58
N CYS B 15 65.56 -15.91 -23.43
CA CYS B 15 65.26 -14.58 -22.93
C CYS B 15 66.43 -14.06 -22.12
N VAL B 16 66.40 -12.77 -21.83
CA VAL B 16 67.44 -12.13 -21.06
C VAL B 16 66.90 -11.19 -19.98
N ASN B 17 67.56 -11.18 -18.81
CA ASN B 17 67.31 -10.26 -17.70
C ASN B 17 68.07 -8.96 -18.01
N LEU B 18 67.35 -7.80 -18.02
CA LEU B 18 67.94 -6.49 -18.34
C LEU B 18 68.57 -5.96 -17.05
N THR B 19 69.82 -5.52 -17.12
CA THR B 19 70.59 -5.14 -15.93
C THR B 19 71.03 -3.70 -15.70
N THR B 20 70.61 -2.73 -16.50
CA THR B 20 71.11 -1.37 -16.34
C THR B 20 70.14 -0.34 -15.78
N ARG B 21 69.03 -0.78 -15.21
CA ARG B 21 68.05 0.14 -14.68
C ARG B 21 68.52 0.89 -13.44
N THR B 22 68.27 2.20 -13.39
CA THR B 22 68.53 3.03 -12.24
C THR B 22 67.44 2.70 -11.24
N GLN B 23 67.77 2.59 -9.97
CA GLN B 23 66.77 2.22 -8.99
C GLN B 23 66.07 3.42 -8.44
N LEU B 24 64.83 3.60 -8.90
CA LEU B 24 64.01 4.75 -8.61
C LEU B 24 62.63 4.30 -8.12
N PRO B 25 61.95 5.09 -7.28
CA PRO B 25 60.61 4.85 -6.75
C PRO B 25 59.49 5.03 -7.79
N PRO B 26 58.30 4.45 -7.55
CA PRO B 26 57.08 4.64 -8.30
C PRO B 26 56.52 6.02 -8.05
N ALA B 27 55.76 6.55 -9.00
CA ALA B 27 55.10 7.83 -8.81
C ALA B 27 53.63 7.60 -8.60
N TYR B 28 52.93 8.55 -8.00
CA TYR B 28 51.49 8.39 -7.83
C TYR B 28 50.76 9.60 -8.36
N THR B 29 49.57 9.38 -8.94
CA THR B 29 48.78 10.50 -9.42
C THR B 29 47.27 10.40 -9.15
N ASN B 30 46.58 11.45 -9.57
CA ASN B 30 45.15 11.68 -9.45
C ASN B 30 44.37 11.20 -10.68
N SER B 31 43.46 10.24 -10.50
CA SER B 31 42.66 9.68 -11.61
C SER B 31 41.59 10.61 -12.14
N PHE B 32 41.31 11.66 -11.40
CA PHE B 32 40.28 12.63 -11.70
C PHE B 32 38.95 11.97 -11.98
N THR B 33 38.43 12.13 -13.19
CA THR B 33 37.12 11.59 -13.50
C THR B 33 37.13 10.54 -14.60
N ARG B 34 38.28 9.94 -14.87
CA ARG B 34 38.38 8.93 -15.91
C ARG B 34 37.94 7.55 -15.43
N GLY B 35 37.65 6.63 -16.36
CA GLY B 35 37.33 5.25 -15.98
C GLY B 35 35.87 4.85 -16.20
N VAL B 36 35.09 5.75 -16.74
CA VAL B 36 33.70 5.51 -17.09
C VAL B 36 33.62 4.85 -18.45
N TYR B 37 32.68 3.95 -18.60
CA TYR B 37 32.49 3.24 -19.84
C TYR B 37 31.03 2.98 -20.02
N TYR B 38 30.63 2.69 -21.25
CA TYR B 38 29.22 2.43 -21.50
C TYR B 38 28.88 1.09 -20.86
N PRO B 39 28.03 1.04 -19.82
CA PRO B 39 27.71 -0.14 -19.03
C PRO B 39 26.90 -1.20 -19.77
N ASP B 40 26.28 -0.84 -20.87
CA ASP B 40 25.46 -1.77 -21.62
C ASP B 40 25.34 -1.35 -23.07
N LYS B 41 25.00 -2.31 -23.93
CA LYS B 41 24.85 -2.03 -25.35
C LYS B 41 23.44 -1.57 -25.71
N VAL B 42 23.04 -0.47 -25.11
CA VAL B 42 21.72 0.11 -25.28
C VAL B 42 21.78 1.58 -25.64
N PHE B 43 20.99 1.99 -26.61
CA PHE B 43 21.00 3.41 -26.95
C PHE B 43 20.05 4.20 -26.08
N ARG B 44 20.60 5.20 -25.43
CA ARG B 44 19.82 6.09 -24.58
C ARG B 44 20.24 7.47 -24.93
N SER B 45 19.36 8.45 -24.78
CA SER B 45 19.76 9.83 -25.03
C SER B 45 18.95 10.79 -24.21
N SER B 46 19.51 11.99 -23.99
CA SER B 46 18.85 13.07 -23.28
C SER B 46 18.28 12.59 -21.95
N VAL B 47 19.10 11.86 -21.20
CA VAL B 47 18.60 11.26 -19.98
C VAL B 47 19.68 11.03 -18.95
N LEU B 48 19.32 11.09 -17.68
CA LEU B 48 20.28 10.69 -16.69
C LEU B 48 19.93 9.28 -16.29
N HIS B 49 20.92 8.45 -16.14
CA HIS B 49 20.69 7.06 -15.80
C HIS B 49 21.50 6.61 -14.63
N SER B 50 20.87 5.88 -13.71
CA SER B 50 21.61 5.38 -12.55
C SER B 50 21.97 3.93 -12.70
N THR B 51 23.25 3.62 -12.56
CA THR B 51 23.72 2.26 -12.70
C THR B 51 24.69 1.84 -11.61
N GLN B 52 24.97 0.55 -11.55
CA GLN B 52 25.93 0.00 -10.59
C GLN B 52 26.85 -0.97 -11.29
N ASP B 53 28.14 -0.78 -11.12
CA ASP B 53 29.15 -1.61 -11.77
C ASP B 53 30.49 -1.43 -11.09
N LEU B 54 31.52 -2.10 -11.58
CA LEU B 54 32.86 -1.90 -11.06
C LEU B 54 33.53 -0.79 -11.86
N PHE B 55 33.80 0.31 -11.20
CA PHE B 55 34.34 1.51 -11.83
C PHE B 55 35.57 2.01 -11.15
N LEU B 56 36.39 2.76 -11.86
CA LEU B 56 37.50 3.37 -11.18
C LEU B 56 36.83 4.44 -10.32
N PRO B 57 37.05 4.54 -9.01
CA PRO B 57 36.46 5.55 -8.18
C PRO B 57 36.96 6.89 -8.66
N PHE B 58 36.17 7.92 -8.51
CA PHE B 58 36.68 9.22 -8.90
C PHE B 58 37.71 9.70 -7.90
N PHE B 59 38.71 10.40 -8.44
CA PHE B 59 39.82 10.96 -7.70
C PHE B 59 40.58 9.90 -6.92
N SER B 60 40.72 8.73 -7.53
CA SER B 60 41.43 7.63 -6.93
C SER B 60 42.95 7.81 -7.07
N ASN B 61 43.69 7.00 -6.28
CA ASN B 61 45.15 6.92 -6.24
C ASN B 61 45.66 5.92 -7.29
N VAL B 62 46.32 6.44 -8.34
CA VAL B 62 46.81 5.73 -9.52
C VAL B 62 48.32 5.55 -9.50
N THR B 63 48.80 4.35 -9.75
CA THR B 63 50.24 4.16 -9.73
C THR B 63 50.81 4.44 -11.11
N TRP B 64 51.82 5.30 -11.15
CA TRP B 64 52.47 5.78 -12.35
C TRP B 64 53.86 5.17 -12.61
N PHE B 65 53.96 4.48 -13.74
CA PHE B 65 55.13 3.74 -14.18
C PHE B 65 55.77 4.39 -15.40
N HIS B 66 57.08 4.22 -15.58
CA HIS B 66 57.73 4.84 -16.73
C HIS B 66 58.64 3.97 -17.59
N ALA B 67 58.73 4.39 -18.84
CA ALA B 67 59.72 3.93 -19.77
C ALA B 67 60.45 5.19 -20.19
N ILE B 68 61.69 5.34 -19.78
CA ILE B 68 62.38 6.57 -20.14
C ILE B 68 63.88 6.48 -20.05
N HIS B 69 64.55 7.19 -20.93
CA HIS B 69 65.99 7.28 -20.84
C HIS B 69 66.49 8.70 -20.83
N VAL B 70 67.06 9.08 -19.71
CA VAL B 70 67.67 10.36 -19.59
C VAL B 70 69.12 10.05 -19.46
N SER B 71 69.90 10.54 -20.40
CA SER B 71 71.33 10.29 -20.48
C SER B 71 72.11 11.12 -19.49
N GLY B 72 73.37 10.75 -19.29
CA GLY B 72 74.27 11.45 -18.39
C GLY B 72 74.85 10.44 -17.40
N THR B 73 75.88 10.84 -16.66
CA THR B 73 76.47 9.92 -15.70
C THR B 73 75.41 9.53 -14.70
N ASN B 74 74.68 10.53 -14.23
CA ASN B 74 73.59 10.34 -13.29
C ASN B 74 72.31 10.12 -14.09
N GLY B 75 72.32 9.05 -14.88
CA GLY B 75 71.22 8.72 -15.76
C GLY B 75 70.09 8.11 -14.97
N THR B 76 68.90 8.18 -15.54
CA THR B 76 67.69 7.67 -14.91
C THR B 76 67.01 6.59 -15.71
N LYS B 77 67.76 5.91 -16.56
CA LYS B 77 67.15 4.90 -17.41
C LYS B 77 66.31 3.94 -16.58
N ARG B 78 65.05 3.82 -16.96
CA ARG B 78 64.15 2.91 -16.28
C ARG B 78 63.17 2.33 -17.27
N PHE B 79 62.92 1.05 -17.13
CA PHE B 79 62.02 0.34 -18.00
C PHE B 79 61.11 -0.48 -17.11
N ASP B 80 59.99 0.10 -16.73
CA ASP B 80 59.14 -0.55 -15.76
C ASP B 80 58.13 -1.54 -16.32
N ASN B 81 58.33 -2.81 -16.00
CA ASN B 81 57.45 -3.89 -16.41
C ASN B 81 57.19 -4.86 -15.24
N PRO B 82 56.78 -4.37 -14.05
CA PRO B 82 56.54 -5.13 -12.84
C PRO B 82 55.27 -5.92 -12.93
N VAL B 83 55.14 -6.91 -12.07
CA VAL B 83 53.90 -7.62 -11.99
C VAL B 83 53.04 -6.98 -10.93
N LEU B 84 51.84 -6.61 -11.33
CA LEU B 84 50.90 -5.92 -10.49
C LEU B 84 49.73 -6.85 -10.19
N PRO B 85 49.02 -6.68 -9.09
CA PRO B 85 47.82 -7.44 -8.79
C PRO B 85 46.73 -7.02 -9.75
N PHE B 86 45.79 -7.90 -10.01
CA PHE B 86 44.65 -7.59 -10.86
C PHE B 86 43.44 -7.18 -10.03
N ASN B 87 43.34 -7.73 -8.83
CA ASN B 87 42.23 -7.48 -7.92
C ASN B 87 40.87 -7.73 -8.56
N ASP B 88 40.01 -6.71 -8.60
CA ASP B 88 38.66 -6.86 -9.11
C ASP B 88 38.51 -6.30 -10.50
N GLY B 89 39.61 -6.03 -11.15
CA GLY B 89 39.57 -5.43 -12.47
C GLY B 89 40.52 -4.27 -12.50
N VAL B 90 41.02 -4.01 -13.68
CA VAL B 90 42.04 -3.00 -13.85
C VAL B 90 41.78 -1.87 -14.79
N TYR B 91 42.02 -0.68 -14.30
CA TYR B 91 41.96 0.48 -15.17
C TYR B 91 43.36 0.68 -15.65
N PHE B 92 43.54 0.68 -16.95
CA PHE B 92 44.88 0.84 -17.48
C PHE B 92 44.90 1.96 -18.47
N ALA B 93 45.89 2.80 -18.40
CA ALA B 93 45.96 3.84 -19.40
C ALA B 93 47.38 4.08 -19.76
N SER B 94 47.59 4.47 -20.99
CA SER B 94 48.93 4.78 -21.40
C SER B 94 49.00 6.02 -22.22
N THR B 95 50.11 6.69 -22.09
CA THR B 95 50.39 7.87 -22.86
C THR B 95 51.69 7.64 -23.57
N GLU B 96 51.67 7.78 -24.88
CA GLU B 96 52.89 7.56 -25.61
C GLU B 96 53.00 8.32 -26.90
N LYS B 97 54.24 8.45 -27.34
CA LYS B 97 54.54 9.03 -28.63
C LYS B 97 55.05 7.99 -29.64
N SER B 98 55.60 6.87 -29.15
CA SER B 98 56.28 5.90 -30.01
C SER B 98 55.83 4.43 -29.96
N ASN B 99 54.57 4.11 -29.68
CA ASN B 99 54.17 2.68 -29.69
C ASN B 99 55.09 1.74 -28.88
N ILE B 100 55.34 2.11 -27.62
CA ILE B 100 56.19 1.38 -26.70
C ILE B 100 55.42 0.42 -25.83
N ILE B 101 54.26 0.84 -25.38
CA ILE B 101 53.47 0.00 -24.48
C ILE B 101 52.62 -0.88 -25.37
N ARG B 102 52.93 -2.18 -25.43
CA ARG B 102 52.31 -3.02 -26.45
C ARG B 102 51.76 -4.37 -26.04
N GLY B 103 50.78 -4.39 -25.14
CA GLY B 103 50.20 -5.66 -24.73
C GLY B 103 50.49 -6.01 -23.29
N TRP B 104 49.95 -7.14 -22.86
CA TRP B 104 50.05 -7.56 -21.47
C TRP B 104 50.02 -9.07 -21.29
N ILE B 105 50.16 -9.49 -20.06
CA ILE B 105 50.01 -10.88 -19.64
C ILE B 105 49.07 -10.95 -18.45
N PHE B 106 48.05 -11.80 -18.48
CA PHE B 106 47.16 -11.94 -17.33
C PHE B 106 47.10 -13.39 -16.82
N GLY B 107 47.20 -13.62 -15.51
CA GLY B 107 47.12 -15.00 -15.00
C GLY B 107 47.29 -15.12 -13.47
N THR B 108 47.48 -16.34 -12.96
CA THR B 108 47.63 -16.48 -11.51
C THR B 108 49.05 -16.73 -11.06
N THR B 109 49.81 -17.41 -11.88
CA THR B 109 51.19 -17.71 -11.54
C THR B 109 52.13 -17.12 -12.54
N LEU B 110 51.63 -16.81 -13.74
CA LEU B 110 52.45 -16.32 -14.82
C LEU B 110 53.60 -17.29 -15.01
N ASP B 111 53.28 -18.58 -14.94
CA ASP B 111 54.25 -19.64 -15.04
C ASP B 111 53.67 -20.84 -15.80
N SER B 112 54.47 -21.87 -15.97
CA SER B 112 54.13 -23.06 -16.78
C SER B 112 53.11 -23.99 -16.16
N LYS B 113 52.78 -23.77 -14.92
CA LYS B 113 51.84 -24.63 -14.23
C LYS B 113 50.37 -24.25 -14.39
N THR B 114 50.05 -23.04 -14.83
CA THR B 114 48.65 -22.62 -14.94
C THR B 114 48.36 -21.90 -16.24
N GLN B 115 47.20 -22.13 -16.85
CA GLN B 115 46.89 -21.39 -18.07
C GLN B 115 46.79 -19.91 -17.81
N SER B 116 47.29 -19.13 -18.75
CA SER B 116 47.27 -17.69 -18.67
C SER B 116 47.07 -17.07 -20.03
N LEU B 117 46.66 -15.81 -20.02
CA LEU B 117 46.33 -15.03 -21.19
C LEU B 117 47.37 -14.06 -21.67
N LEU B 118 47.79 -14.24 -22.90
CA LEU B 118 48.77 -13.38 -23.52
C LEU B 118 48.18 -12.52 -24.61
N ILE B 119 48.26 -11.20 -24.47
CA ILE B 119 47.74 -10.29 -25.50
C ILE B 119 48.89 -9.44 -26.01
N VAL B 120 49.36 -9.68 -27.23
CA VAL B 120 50.52 -8.92 -27.67
C VAL B 120 50.33 -8.18 -28.96
N ASN B 121 50.56 -6.88 -28.92
CA ASN B 121 50.45 -6.16 -30.18
C ASN B 121 51.83 -6.10 -30.83
N ASN B 122 52.28 -7.23 -31.42
CA ASN B 122 53.58 -7.37 -32.05
C ASN B 122 53.48 -6.79 -33.46
N ALA B 123 54.60 -6.32 -34.07
CA ALA B 123 54.53 -5.71 -35.40
C ALA B 123 53.84 -6.60 -36.42
N THR B 124 52.91 -5.96 -37.09
CA THR B 124 52.01 -6.43 -38.13
C THR B 124 50.80 -7.28 -37.74
N ASN B 125 50.62 -7.69 -36.48
CA ASN B 125 49.42 -8.48 -36.15
C ASN B 125 48.96 -8.20 -34.73
N VAL B 126 47.88 -8.83 -34.32
CA VAL B 126 47.44 -8.78 -32.94
C VAL B 126 47.26 -10.21 -32.52
N VAL B 127 47.95 -10.61 -31.46
CA VAL B 127 47.87 -12.00 -31.06
C VAL B 127 47.30 -12.22 -29.69
N ILE B 128 46.27 -13.05 -29.61
CA ILE B 128 45.69 -13.41 -28.33
C ILE B 128 45.76 -14.92 -28.15
N LYS B 129 46.40 -15.36 -27.09
CA LYS B 129 46.51 -16.79 -26.83
C LYS B 129 46.26 -17.14 -25.39
N VAL B 130 45.66 -18.28 -25.12
CA VAL B 130 45.56 -18.75 -23.74
C VAL B 130 46.28 -20.07 -23.68
N CYS B 131 47.35 -20.19 -22.85
CA CYS B 131 48.23 -21.38 -22.84
C CYS B 131 48.90 -21.53 -21.50
N GLU B 132 49.51 -22.67 -21.29
CA GLU B 132 50.34 -22.83 -20.14
C GLU B 132 51.70 -22.38 -20.61
N PHE B 133 51.95 -21.08 -20.44
CA PHE B 133 53.15 -20.44 -20.93
C PHE B 133 54.24 -20.47 -19.95
N GLN B 134 55.46 -20.62 -20.42
CA GLN B 134 56.58 -20.46 -19.55
C GLN B 134 57.10 -19.10 -19.84
N PHE B 135 56.74 -18.16 -18.99
CA PHE B 135 57.08 -16.77 -19.20
C PHE B 135 58.47 -16.46 -18.69
N CYS B 136 59.12 -15.47 -19.34
CA CYS B 136 60.38 -14.85 -18.97
C CYS B 136 60.17 -13.98 -17.74
N ASN B 137 61.15 -13.96 -16.85
CA ASN B 137 61.09 -13.14 -15.65
C ASN B 137 61.09 -11.63 -15.96
N ASP B 138 61.65 -11.26 -17.10
CA ASP B 138 61.75 -9.87 -17.51
C ASP B 138 61.46 -9.79 -19.00
N PRO B 139 60.19 -9.98 -19.41
CA PRO B 139 59.77 -10.09 -20.77
C PRO B 139 59.82 -8.75 -21.46
N PHE B 140 60.09 -8.79 -22.75
CA PHE B 140 60.04 -7.58 -23.56
C PHE B 140 59.93 -7.86 -25.05
N LEU B 141 59.56 -6.82 -25.76
CA LEU B 141 59.54 -6.77 -27.21
C LEU B 141 60.63 -5.80 -27.63
N GLY B 142 61.01 -5.75 -28.89
CA GLY B 142 61.94 -4.67 -29.24
C GLY B 142 62.22 -4.47 -30.73
N VAL B 143 62.60 -3.22 -30.99
CA VAL B 143 62.84 -2.69 -32.31
C VAL B 143 64.24 -2.18 -32.48
N TYR B 144 64.89 -2.59 -33.55
CA TYR B 144 66.24 -2.17 -33.84
C TYR B 144 66.26 -1.09 -34.90
N TYR B 145 67.00 -0.04 -34.65
CA TYR B 145 67.18 1.03 -35.62
C TYR B 145 68.40 0.78 -36.46
N HIS B 146 68.20 0.71 -37.76
CA HIS B 146 69.26 0.40 -38.69
C HIS B 146 70.16 1.56 -39.05
N LYS B 147 71.42 1.24 -39.37
CA LYS B 147 72.45 2.20 -39.75
C LYS B 147 72.50 2.58 -41.23
N ASN B 148 72.14 1.66 -42.09
CA ASN B 148 72.30 1.88 -43.54
C ASN B 148 71.08 2.47 -44.31
N ASN B 149 70.02 2.81 -43.57
CA ASN B 149 68.75 3.37 -44.00
C ASN B 149 68.15 4.02 -42.75
N LYS B 150 66.88 4.46 -42.81
CA LYS B 150 66.20 5.12 -41.68
C LYS B 150 65.11 4.22 -41.10
N SER B 151 65.08 2.95 -41.47
CA SER B 151 64.03 2.10 -40.96
C SER B 151 64.29 1.52 -39.61
N TRP B 152 63.17 1.26 -38.93
CA TRP B 152 63.11 0.63 -37.63
C TRP B 152 62.41 -0.71 -37.87
N MET B 153 62.90 -1.79 -37.28
CA MET B 153 62.25 -3.07 -37.48
C MET B 153 62.11 -3.89 -36.23
N GLU B 154 61.03 -4.65 -36.12
CA GLU B 154 60.88 -5.49 -34.95
C GLU B 154 61.64 -6.76 -35.13
N SER B 155 62.49 -7.04 -34.15
CA SER B 155 63.30 -8.24 -34.17
C SER B 155 63.29 -9.01 -32.87
N GLU B 156 62.92 -8.33 -31.78
CA GLU B 156 62.96 -8.92 -30.46
C GLU B 156 61.60 -9.30 -29.94
N PHE B 157 61.37 -10.59 -29.78
CA PHE B 157 60.13 -11.10 -29.21
C PHE B 157 60.51 -12.06 -28.12
N ARG B 158 60.62 -11.58 -26.89
CA ARG B 158 61.07 -12.42 -25.81
C ARG B 158 60.11 -12.34 -24.67
N VAL B 159 59.01 -13.05 -24.81
CA VAL B 159 57.95 -13.00 -23.84
C VAL B 159 57.93 -14.29 -23.06
N TYR B 160 57.97 -15.39 -23.78
CA TYR B 160 57.92 -16.71 -23.20
C TYR B 160 58.90 -17.60 -23.89
N SER B 161 59.39 -18.62 -23.19
CA SER B 161 60.31 -19.58 -23.77
C SER B 161 59.56 -20.76 -24.34
N SER B 162 58.39 -21.03 -23.81
CA SER B 162 57.60 -22.15 -24.31
C SER B 162 56.13 -22.00 -24.03
N ALA B 163 55.32 -22.79 -24.75
CA ALA B 163 53.91 -22.81 -24.44
C ALA B 163 53.31 -24.13 -24.87
N ASN B 164 52.31 -24.58 -24.13
CA ASN B 164 51.58 -25.77 -24.54
C ASN B 164 50.13 -25.69 -24.05
N ASN B 165 49.29 -26.70 -24.37
CA ASN B 165 47.87 -26.82 -23.97
C ASN B 165 47.08 -25.53 -24.28
N CYS B 166 47.27 -24.99 -25.51
CA CYS B 166 46.67 -23.75 -25.98
C CYS B 166 45.23 -23.89 -26.42
N THR B 167 44.49 -22.87 -26.05
CA THR B 167 43.11 -22.70 -26.41
C THR B 167 42.84 -21.25 -26.80
N PHE B 168 41.66 -21.01 -27.33
CA PHE B 168 41.24 -19.67 -27.71
C PHE B 168 42.30 -18.94 -28.52
N GLU B 169 42.86 -19.58 -29.53
CA GLU B 169 43.88 -18.88 -30.26
C GLU B 169 43.31 -17.99 -31.34
N TYR B 170 43.69 -16.73 -31.31
CA TYR B 170 43.27 -15.75 -32.29
C TYR B 170 44.37 -14.87 -32.81
N VAL B 171 44.44 -14.72 -34.13
CA VAL B 171 45.39 -13.80 -34.69
C VAL B 171 44.66 -12.91 -35.69
N SER B 172 44.84 -11.61 -35.58
CA SER B 172 44.23 -10.65 -36.47
C SER B 172 44.89 -10.58 -37.83
N GLN B 173 44.22 -9.90 -38.76
CA GLN B 173 44.71 -9.73 -40.11
C GLN B 173 45.91 -8.82 -40.10
N PRO B 174 46.85 -8.99 -41.04
CA PRO B 174 48.07 -8.23 -41.13
C PRO B 174 47.88 -6.76 -41.45
N PHE B 175 48.79 -5.97 -40.92
CA PHE B 175 48.87 -4.52 -41.08
C PHE B 175 50.31 -4.05 -40.91
N LEU B 176 50.60 -2.80 -41.21
CA LEU B 176 51.96 -2.34 -40.93
C LEU B 176 51.94 -1.51 -39.67
N MET B 177 53.00 -1.59 -38.89
CA MET B 177 53.04 -0.83 -37.65
C MET B 177 54.02 0.32 -37.70
N ASP B 178 53.64 1.44 -37.12
CA ASP B 178 54.51 2.59 -37.10
C ASP B 178 55.55 2.47 -35.98
N LEU B 179 56.67 1.84 -36.30
CA LEU B 179 57.69 1.56 -35.29
C LEU B 179 58.72 2.67 -35.11
N GLU B 180 58.62 3.73 -35.88
CA GLU B 180 59.60 4.80 -35.81
C GLU B 180 59.53 5.54 -34.48
N GLY B 181 60.69 5.79 -33.88
CA GLY B 181 60.73 6.54 -32.64
C GLY B 181 60.44 8.01 -32.90
N LYS B 182 59.81 8.68 -31.95
CA LYS B 182 59.49 10.09 -32.09
C LYS B 182 59.92 10.96 -30.91
N GLN B 183 60.00 12.26 -31.19
CA GLN B 183 60.27 13.30 -30.19
C GLN B 183 59.02 14.13 -29.95
N GLY B 184 59.10 15.07 -29.02
CA GLY B 184 57.94 15.94 -28.76
C GLY B 184 57.09 15.48 -27.58
N ASN B 185 55.84 15.95 -27.53
CA ASN B 185 54.97 15.65 -26.41
C ASN B 185 54.36 14.30 -26.66
N PHE B 186 53.54 13.80 -25.76
CA PHE B 186 52.92 12.52 -26.01
C PHE B 186 51.80 12.81 -26.98
N LYS B 187 51.49 11.86 -27.85
CA LYS B 187 50.46 12.11 -28.86
C LYS B 187 49.21 11.29 -28.70
N ASN B 188 49.32 10.10 -28.11
CA ASN B 188 48.18 9.23 -28.05
C ASN B 188 47.87 8.72 -26.67
N LEU B 189 46.67 9.00 -26.20
CA LEU B 189 46.22 8.51 -24.92
C LEU B 189 45.31 7.32 -25.16
N ARG B 190 45.69 6.18 -24.63
CA ARG B 190 44.86 5.00 -24.82
C ARG B 190 44.36 4.51 -23.50
N GLU B 191 43.06 4.35 -23.39
CA GLU B 191 42.50 3.91 -22.12
C GLU B 191 41.79 2.59 -22.27
N PHE B 192 42.03 1.70 -21.32
CA PHE B 192 41.41 0.38 -21.29
C PHE B 192 40.86 -0.03 -19.94
N VAL B 193 39.78 -0.79 -19.95
CA VAL B 193 39.29 -1.40 -18.72
C VAL B 193 39.19 -2.89 -18.87
N PHE B 194 39.84 -3.61 -17.96
CA PHE B 194 39.86 -5.06 -17.98
C PHE B 194 39.09 -5.69 -16.83
N LYS B 195 38.13 -6.54 -17.14
CA LYS B 195 37.36 -7.19 -16.08
C LYS B 195 37.33 -8.69 -16.30
N ASN B 196 37.30 -9.48 -15.23
CA ASN B 196 37.23 -10.93 -15.42
C ASN B 196 36.02 -11.49 -14.70
N ILE B 197 34.93 -11.63 -15.44
CA ILE B 197 33.65 -12.02 -14.86
C ILE B 197 32.98 -13.24 -15.47
N ASP B 198 32.70 -14.23 -14.65
CA ASP B 198 31.97 -15.42 -15.04
C ASP B 198 32.46 -16.12 -16.29
N GLY B 199 33.76 -16.25 -16.43
CA GLY B 199 34.34 -16.91 -17.59
C GLY B 199 34.70 -15.97 -18.73
N TYR B 200 34.39 -14.68 -18.61
CA TYR B 200 34.72 -13.78 -19.68
C TYR B 200 35.70 -12.69 -19.32
N PHE B 201 36.57 -12.38 -20.27
CA PHE B 201 37.51 -11.29 -20.07
C PHE B 201 37.03 -10.15 -20.93
N LYS B 202 36.49 -9.14 -20.29
CA LYS B 202 35.87 -8.04 -20.98
C LYS B 202 36.87 -6.93 -21.18
N ILE B 203 36.99 -6.41 -22.39
CA ILE B 203 37.93 -5.33 -22.61
C ILE B 203 37.24 -4.11 -23.20
N TYR B 204 37.33 -2.98 -22.51
CA TYR B 204 36.74 -1.73 -22.99
C TYR B 204 37.86 -0.84 -23.48
N SER B 205 37.62 0.01 -24.49
CA SER B 205 38.67 0.92 -24.99
C SER B 205 38.26 2.21 -25.69
N LYS B 206 39.12 3.22 -25.54
CA LYS B 206 38.99 4.48 -26.28
C LYS B 206 40.34 5.14 -26.55
N HIS B 207 40.50 5.71 -27.74
CA HIS B 207 41.73 6.45 -28.07
C HIS B 207 41.44 7.94 -28.22
N THR B 208 42.24 8.74 -27.53
CA THR B 208 42.13 10.20 -27.54
C THR B 208 43.44 10.89 -27.95
N PRO B 209 43.45 11.82 -28.92
CA PRO B 209 44.63 12.55 -29.30
C PRO B 209 44.99 13.52 -28.19
N ILE B 210 46.26 13.61 -27.84
CA ILE B 210 46.75 14.53 -26.83
C ILE B 210 47.99 15.27 -27.29
N ASN B 211 48.34 16.37 -26.60
CA ASN B 211 49.62 17.05 -26.86
C ASN B 211 50.24 17.45 -25.52
N LEU B 212 50.11 16.57 -24.53
CA LEU B 212 50.56 16.80 -23.16
C LEU B 212 51.86 16.07 -22.84
N VAL B 213 52.65 16.60 -21.90
CA VAL B 213 53.90 15.94 -21.55
C VAL B 213 53.97 15.22 -20.20
N ARG B 214 53.64 15.89 -19.11
CA ARG B 214 53.92 15.33 -17.79
C ARG B 214 53.03 14.25 -17.19
N ASP B 215 51.72 14.30 -17.35
CA ASP B 215 50.83 13.41 -16.60
C ASP B 215 49.51 13.10 -17.32
N LEU B 216 48.63 12.29 -16.71
CA LEU B 216 47.33 12.04 -17.33
C LEU B 216 46.59 13.36 -17.48
N PRO B 217 46.01 13.67 -18.65
CA PRO B 217 45.23 14.86 -18.83
C PRO B 217 44.00 14.78 -17.97
N GLN B 218 43.53 15.90 -17.49
CA GLN B 218 42.25 15.93 -16.80
C GLN B 218 41.19 16.02 -17.87
N GLY B 219 40.12 15.27 -17.74
CA GLY B 219 39.06 15.33 -18.72
C GLY B 219 38.12 14.16 -18.52
N PHE B 220 37.10 14.06 -19.36
CA PHE B 220 36.14 12.99 -19.23
C PHE B 220 35.81 12.36 -20.56
N SER B 221 35.73 11.05 -20.56
CA SER B 221 35.35 10.30 -21.73
C SER B 221 34.77 8.97 -21.30
N ALA B 222 34.08 8.27 -22.19
CA ALA B 222 33.60 6.95 -21.84
C ALA B 222 34.12 5.93 -22.82
N LEU B 223 34.49 4.77 -22.33
CA LEU B 223 35.05 3.73 -23.20
C LEU B 223 34.00 2.84 -23.84
N GLU B 224 34.27 2.40 -25.05
CA GLU B 224 33.35 1.52 -25.75
C GLU B 224 33.73 0.07 -25.49
N PRO B 225 32.78 -0.87 -25.53
CA PRO B 225 32.99 -2.27 -25.25
C PRO B 225 33.92 -3.11 -26.08
N LEU B 226 34.28 -2.76 -27.30
CA LEU B 226 35.15 -3.68 -28.04
C LEU B 226 34.72 -5.13 -27.98
N VAL B 227 35.40 -5.91 -27.11
CA VAL B 227 35.25 -7.36 -27.13
C VAL B 227 34.98 -8.00 -25.80
N ASP B 228 34.49 -9.22 -25.86
CA ASP B 228 34.23 -9.98 -24.67
C ASP B 228 34.77 -11.39 -24.94
N LEU B 229 35.93 -11.72 -24.37
CA LEU B 229 36.60 -12.94 -24.74
C LEU B 229 36.18 -14.12 -23.85
N PRO B 230 35.73 -15.25 -24.41
CA PRO B 230 35.25 -16.44 -23.72
C PRO B 230 36.38 -17.29 -23.18
N ILE B 231 37.11 -16.73 -22.23
CA ILE B 231 38.25 -17.40 -21.68
C ILE B 231 38.05 -17.76 -20.22
N GLY B 232 37.90 -19.03 -19.94
CA GLY B 232 37.62 -19.52 -18.59
C GLY B 232 38.84 -19.64 -17.67
N ILE B 233 39.54 -18.54 -17.41
CA ILE B 233 40.71 -18.66 -16.54
C ILE B 233 40.61 -17.68 -15.36
N ASN B 234 41.40 -17.98 -14.31
CA ASN B 234 41.57 -17.23 -13.07
C ASN B 234 42.71 -16.23 -13.26
N ILE B 235 42.45 -14.91 -13.10
CA ILE B 235 43.45 -13.83 -13.25
C ILE B 235 43.61 -13.11 -11.94
N THR B 236 44.81 -13.12 -11.37
CA THR B 236 45.04 -12.44 -10.12
C THR B 236 46.20 -11.46 -10.20
N ARG B 237 47.05 -11.62 -11.21
CA ARG B 237 48.25 -10.84 -11.44
C ARG B 237 48.37 -10.48 -12.91
N PHE B 238 49.01 -9.36 -13.23
CA PHE B 238 49.24 -9.10 -14.63
C PHE B 238 50.53 -8.35 -14.84
N GLN B 239 51.03 -8.39 -16.05
CA GLN B 239 52.27 -7.71 -16.37
C GLN B 239 52.14 -6.94 -17.66
N THR B 240 52.74 -5.76 -17.72
CA THR B 240 52.72 -4.93 -18.91
C THR B 240 53.91 -5.22 -19.79
N LEU B 241 53.71 -5.38 -21.09
CA LEU B 241 54.80 -5.62 -22.01
C LEU B 241 55.24 -4.37 -22.73
N LEU B 242 56.50 -4.00 -22.55
CA LEU B 242 57.04 -2.81 -23.18
C LEU B 242 58.06 -3.19 -24.24
N ALA B 243 58.19 -2.37 -25.27
CA ALA B 243 59.24 -2.57 -26.24
C ALA B 243 60.50 -1.79 -25.90
N LEU B 244 61.65 -2.36 -26.24
CA LEU B 244 62.96 -1.72 -26.14
C LEU B 244 63.38 -1.17 -27.46
N HIS B 245 64.20 -0.14 -27.44
CA HIS B 245 64.79 0.32 -28.67
C HIS B 245 66.27 -0.01 -28.64
N ARG B 246 66.75 -0.58 -29.71
CA ARG B 246 68.15 -0.92 -29.84
C ARG B 246 68.65 -0.26 -31.10
N SER B 247 69.94 -0.02 -31.18
CA SER B 247 70.50 0.62 -32.35
C SER B 247 71.97 0.36 -32.43
N TYR B 248 72.53 0.74 -33.55
CA TYR B 248 73.96 0.65 -33.83
C TYR B 248 74.79 1.57 -32.93
N LEU B 249 74.12 2.53 -32.30
CA LEU B 249 74.73 3.49 -31.42
C LEU B 249 74.61 3.09 -29.96
N THR B 250 74.06 1.92 -29.68
CA THR B 250 73.86 1.49 -28.31
C THR B 250 74.66 0.21 -28.03
N PRO B 251 75.90 0.29 -27.56
CA PRO B 251 76.81 -0.82 -27.37
C PRO B 251 76.39 -1.64 -26.17
N GLY B 252 76.77 -2.91 -26.15
CA GLY B 252 76.51 -3.78 -25.01
C GLY B 252 75.90 -5.10 -25.49
N ASP B 253 75.85 -6.09 -24.60
CA ASP B 253 75.29 -7.39 -24.96
C ASP B 253 73.78 -7.30 -24.74
N SER B 254 73.06 -8.41 -24.85
CA SER B 254 71.61 -8.34 -24.79
C SER B 254 71.04 -7.82 -23.46
N SER B 255 71.83 -7.81 -22.38
CA SER B 255 71.36 -7.35 -21.07
C SER B 255 71.57 -5.85 -20.86
N SER B 256 72.43 -5.21 -21.67
CA SER B 256 72.73 -3.79 -21.45
C SER B 256 72.65 -2.92 -22.70
N GLY B 257 72.69 -3.54 -23.87
CA GLY B 257 72.71 -2.85 -25.17
C GLY B 257 71.32 -2.40 -25.61
N TRP B 258 70.66 -1.63 -24.78
CA TRP B 258 69.31 -1.15 -25.06
C TRP B 258 69.04 0.20 -24.45
N THR B 259 68.07 0.89 -25.03
CA THR B 259 67.59 2.14 -24.52
C THR B 259 66.07 2.17 -24.37
N ALA B 260 65.61 2.64 -23.24
CA ALA B 260 64.18 2.80 -23.06
C ALA B 260 63.72 3.92 -23.95
N GLY B 261 62.56 3.79 -24.55
CA GLY B 261 62.02 4.89 -25.32
C GLY B 261 61.22 5.71 -24.34
N ALA B 262 60.48 6.72 -24.78
CA ALA B 262 59.72 7.51 -23.83
C ALA B 262 58.24 7.22 -23.89
N ALA B 263 57.70 6.72 -22.79
CA ALA B 263 56.29 6.36 -22.64
C ALA B 263 55.93 6.22 -21.18
N ALA B 264 54.65 6.26 -20.86
CA ALA B 264 54.28 6.02 -19.48
C ALA B 264 52.93 5.36 -19.37
N TYR B 265 52.70 4.71 -18.24
CA TYR B 265 51.40 4.10 -18.02
C TYR B 265 50.94 4.19 -16.61
N TYR B 266 49.65 4.08 -16.47
CA TYR B 266 48.99 4.22 -15.23
C TYR B 266 48.11 3.04 -14.90
N VAL B 267 48.14 2.62 -13.65
CA VAL B 267 47.27 1.54 -13.23
C VAL B 267 46.44 1.87 -12.02
N GLY B 268 45.13 1.70 -12.13
CA GLY B 268 44.22 1.93 -11.03
C GLY B 268 43.39 0.68 -10.83
N TYR B 269 42.52 0.65 -9.83
CA TYR B 269 41.70 -0.53 -9.63
C TYR B 269 40.25 -0.19 -9.52
N LEU B 270 39.41 -1.12 -9.96
CA LEU B 270 37.99 -0.89 -9.94
C LEU B 270 37.38 -1.30 -8.61
N GLN B 271 36.31 -0.61 -8.22
CA GLN B 271 35.56 -0.96 -7.02
C GLN B 271 34.08 -0.88 -7.34
N PRO B 272 33.21 -1.62 -6.68
CA PRO B 272 31.78 -1.45 -6.84
C PRO B 272 31.41 -0.03 -6.50
N ARG B 273 30.65 0.58 -7.37
CA ARG B 273 30.17 1.93 -7.22
C ARG B 273 28.85 2.15 -7.89
N THR B 274 28.14 3.13 -7.39
CA THR B 274 26.92 3.57 -8.00
C THR B 274 27.22 4.89 -8.64
N PHE B 275 26.83 5.00 -9.90
CA PHE B 275 27.00 6.21 -10.69
C PHE B 275 25.78 6.78 -11.34
N LEU B 276 25.77 8.08 -11.41
CA LEU B 276 24.76 8.78 -12.18
C LEU B 276 25.43 9.16 -13.49
N LEU B 277 24.97 8.61 -14.60
CA LEU B 277 25.62 8.91 -15.86
C LEU B 277 24.76 9.84 -16.70
N LYS B 278 25.38 10.81 -17.32
CA LYS B 278 24.65 11.74 -18.17
C LYS B 278 24.84 11.49 -19.63
N TYR B 279 23.73 11.15 -20.31
CA TYR B 279 23.72 10.92 -21.75
C TYR B 279 23.21 12.16 -22.46
N ASN B 280 23.97 12.65 -23.44
CA ASN B 280 23.57 13.84 -24.17
C ASN B 280 22.58 13.50 -25.25
N GLU B 281 22.25 14.46 -26.08
CA GLU B 281 21.24 14.28 -27.12
C GLU B 281 21.54 13.23 -28.20
N ASN B 282 22.82 12.86 -28.39
CA ASN B 282 23.30 11.87 -29.38
C ASN B 282 23.64 10.52 -28.72
N GLY B 283 23.35 10.35 -27.40
CA GLY B 283 23.60 9.15 -26.62
C GLY B 283 25.04 8.97 -26.17
N THR B 284 25.79 10.06 -26.09
CA THR B 284 27.17 9.99 -25.67
C THR B 284 27.22 10.31 -24.20
N ILE B 285 27.99 9.53 -23.44
CA ILE B 285 28.08 9.87 -22.03
C ILE B 285 29.03 11.03 -21.95
N THR B 286 28.58 12.13 -21.39
CA THR B 286 29.40 13.32 -21.31
C THR B 286 29.80 13.65 -19.91
N ASP B 287 29.09 13.13 -18.92
CA ASP B 287 29.48 13.43 -17.55
C ASP B 287 29.11 12.29 -16.61
N ALA B 288 29.48 12.41 -15.34
CA ALA B 288 29.13 11.39 -14.35
C ALA B 288 29.29 11.86 -12.90
N VAL B 289 28.51 11.27 -12.00
CA VAL B 289 28.69 11.49 -10.57
C VAL B 289 28.99 10.20 -9.84
N ASP B 290 30.09 10.21 -9.09
CA ASP B 290 30.46 9.06 -8.26
C ASP B 290 29.74 9.23 -6.94
N CYS B 291 28.70 8.42 -6.68
CA CYS B 291 27.77 8.55 -5.56
C CYS B 291 28.44 8.26 -4.22
N ALA B 292 29.64 7.69 -4.24
CA ALA B 292 30.34 7.38 -3.01
C ALA B 292 31.53 8.30 -2.76
N LEU B 293 31.71 9.32 -3.58
CA LEU B 293 32.88 10.20 -3.45
C LEU B 293 32.90 11.08 -2.21
N ASP B 294 31.74 11.60 -1.84
CA ASP B 294 31.60 12.52 -0.72
C ASP B 294 30.10 12.82 -0.52
N PRO B 295 29.69 13.41 0.62
CA PRO B 295 28.33 13.84 0.90
C PRO B 295 27.68 14.75 -0.17
N LEU B 296 28.45 15.58 -0.86
CA LEU B 296 27.80 16.40 -1.87
C LEU B 296 27.36 15.54 -3.04
N SER B 297 28.20 14.59 -3.44
CA SER B 297 27.88 13.72 -4.54
C SER B 297 26.70 12.84 -4.16
N GLU B 298 26.61 12.45 -2.89
CA GLU B 298 25.49 11.63 -2.47
C GLU B 298 24.19 12.41 -2.69
N THR B 299 24.23 13.72 -2.40
CA THR B 299 23.07 14.55 -2.63
C THR B 299 22.74 14.61 -4.12
N LYS B 300 23.76 14.80 -4.95
CA LYS B 300 23.53 14.86 -6.41
C LYS B 300 22.88 13.60 -6.98
N CYS B 301 23.31 12.39 -6.52
CA CYS B 301 22.75 11.11 -6.97
C CYS B 301 21.31 10.96 -6.50
N THR B 302 21.04 11.35 -5.27
CA THR B 302 19.70 11.23 -4.72
C THR B 302 18.71 12.06 -5.53
N LEU B 303 19.12 13.25 -5.88
CA LEU B 303 18.27 14.20 -6.59
C LEU B 303 18.30 14.04 -8.10
N LYS B 304 19.10 13.11 -8.63
CA LYS B 304 19.24 12.93 -10.06
C LYS B 304 19.59 14.24 -10.73
N SER B 305 20.59 14.94 -10.21
CA SER B 305 20.96 16.22 -10.77
C SER B 305 22.42 16.53 -10.67
N PHE B 306 22.93 17.29 -11.61
CA PHE B 306 24.32 17.70 -11.56
C PHE B 306 24.45 19.08 -10.92
N THR B 307 23.31 19.64 -10.55
CA THR B 307 23.18 20.93 -9.87
C THR B 307 22.33 20.82 -8.61
N VAL B 308 22.85 21.36 -7.52
CA VAL B 308 22.14 21.35 -6.26
C VAL B 308 21.93 22.78 -5.78
N GLU B 309 20.68 23.09 -5.45
CA GLU B 309 20.32 24.41 -4.99
C GLU B 309 20.78 24.63 -3.58
N LYS B 310 20.95 25.88 -3.20
CA LYS B 310 21.39 26.11 -1.83
C LYS B 310 20.37 25.53 -0.87
N GLY B 311 20.83 24.84 0.15
CA GLY B 311 19.94 24.25 1.13
C GLY B 311 20.58 23.17 1.97
N ILE B 312 19.75 22.48 2.75
CA ILE B 312 20.23 21.41 3.59
C ILE B 312 19.71 20.13 3.05
N TYR B 313 20.58 19.18 2.84
CA TYR B 313 20.13 17.91 2.34
C TYR B 313 20.45 16.83 3.31
N GLN B 314 19.60 15.84 3.43
CA GLN B 314 19.90 14.74 4.33
C GLN B 314 20.57 13.65 3.56
N THR B 315 21.42 12.88 4.20
CA THR B 315 22.02 11.76 3.53
C THR B 315 22.00 10.54 4.43
N SER B 316 22.65 9.47 3.99
CA SER B 316 22.71 8.20 4.66
C SER B 316 23.38 8.29 6.01
N ASN B 317 22.94 7.47 6.95
CA ASN B 317 23.58 7.47 8.25
C ASN B 317 25.00 7.04 8.07
N PHE B 318 25.89 7.64 8.86
CA PHE B 318 27.32 7.36 8.80
C PHE B 318 27.57 5.88 8.97
N ARG B 319 28.46 5.34 8.13
CA ARG B 319 28.74 3.92 8.18
C ARG B 319 30.21 3.67 8.18
N VAL B 320 30.59 2.52 8.69
CA VAL B 320 31.97 2.10 8.65
C VAL B 320 31.97 0.74 8.04
N GLN B 321 33.09 0.29 7.53
CA GLN B 321 33.16 -1.02 6.97
C GLN B 321 33.81 -1.98 7.94
N PRO B 322 33.51 -3.27 7.86
CA PRO B 322 34.15 -4.31 8.61
C PRO B 322 35.56 -4.47 8.08
N THR B 323 36.49 -4.86 8.93
CA THR B 323 37.86 -5.02 8.47
C THR B 323 38.41 -6.43 8.38
N GLU B 324 37.78 -7.37 9.04
CA GLU B 324 38.25 -8.74 9.10
C GLU B 324 37.10 -9.68 9.33
N SER B 325 37.29 -10.98 9.05
CA SER B 325 36.23 -11.97 9.26
C SER B 325 36.56 -12.97 10.36
N ILE B 326 35.62 -13.12 11.29
CA ILE B 326 35.73 -14.03 12.41
C ILE B 326 34.86 -15.25 12.24
N VAL B 327 35.50 -16.40 12.26
CA VAL B 327 34.77 -17.64 12.09
C VAL B 327 34.87 -18.52 13.31
N ARG B 328 33.74 -18.85 13.92
CA ARG B 328 33.81 -19.63 15.12
C ARG B 328 32.90 -20.84 15.08
N PHE B 329 33.52 -21.98 15.28
CA PHE B 329 32.87 -23.27 15.34
C PHE B 329 33.46 -23.97 16.53
N PRO B 330 32.77 -24.93 17.14
CA PRO B 330 33.30 -25.73 18.23
C PRO B 330 34.45 -26.53 17.63
N ASN B 331 35.50 -26.81 18.44
CA ASN B 331 36.70 -27.52 17.97
C ASN B 331 36.49 -29.04 18.00
N ILE B 332 35.73 -29.52 17.00
CA ILE B 332 35.37 -30.91 16.77
C ILE B 332 36.43 -31.51 15.87
N THR B 333 37.01 -32.62 16.27
CA THR B 333 38.07 -33.23 15.47
C THR B 333 37.66 -34.51 14.76
N ASN B 334 36.58 -35.14 15.19
CA ASN B 334 36.17 -36.39 14.61
C ASN B 334 35.38 -36.20 13.33
N LEU B 335 35.61 -37.06 12.36
CA LEU B 335 34.85 -37.06 11.11
C LEU B 335 33.54 -37.81 11.35
N CYS B 336 32.42 -37.34 10.74
CA CYS B 336 31.11 -38.00 10.82
C CYS B 336 31.17 -39.40 10.20
N PRO B 337 30.33 -40.34 10.67
CA PRO B 337 30.35 -41.72 10.26
C PRO B 337 29.77 -41.98 8.90
N PHE B 338 30.42 -41.44 7.89
CA PHE B 338 29.94 -41.58 6.53
C PHE B 338 30.09 -43.03 6.14
N GLY B 339 31.08 -43.70 6.71
CA GLY B 339 31.35 -45.10 6.44
C GLY B 339 30.31 -46.03 7.07
N GLU B 340 29.44 -45.54 7.95
CA GLU B 340 28.42 -46.39 8.53
C GLU B 340 27.06 -46.07 7.94
N VAL B 341 26.84 -44.79 7.65
CA VAL B 341 25.57 -44.32 7.11
C VAL B 341 25.41 -44.74 5.66
N PHE B 342 26.46 -44.58 4.86
CA PHE B 342 26.39 -44.91 3.45
C PHE B 342 27.05 -46.24 3.02
N ASN B 343 27.83 -46.91 3.91
CA ASN B 343 28.60 -48.14 3.61
C ASN B 343 28.16 -49.36 4.45
N ALA B 344 26.94 -49.37 5.01
CA ALA B 344 26.44 -50.48 5.83
C ALA B 344 26.31 -51.78 5.06
N THR B 345 26.60 -52.87 5.75
CA THR B 345 26.48 -54.21 5.21
C THR B 345 25.02 -54.51 4.93
N ARG B 346 24.15 -54.08 5.84
CA ARG B 346 22.73 -54.28 5.72
C ARG B 346 21.96 -53.04 6.05
N PHE B 347 20.91 -52.83 5.29
CA PHE B 347 19.95 -51.77 5.49
C PHE B 347 18.65 -52.34 5.96
N ALA B 348 17.93 -51.53 6.71
CA ALA B 348 16.62 -51.89 7.17
C ALA B 348 15.66 -51.85 6.02
N SER B 349 14.61 -52.64 6.10
CA SER B 349 13.60 -52.58 5.11
C SER B 349 12.77 -51.34 5.34
N VAL B 350 12.00 -50.90 4.35
CA VAL B 350 11.20 -49.70 4.53
C VAL B 350 10.14 -49.94 5.56
N TYR B 351 9.70 -51.18 5.68
CA TYR B 351 8.79 -51.60 6.72
C TYR B 351 9.17 -51.19 8.13
N ALA B 352 10.46 -51.28 8.46
CA ALA B 352 10.94 -51.01 9.78
C ALA B 352 12.25 -50.26 9.70
N TRP B 353 12.19 -49.03 9.21
CA TRP B 353 13.39 -48.26 8.90
C TRP B 353 14.19 -47.89 10.11
N ASN B 354 15.51 -47.74 9.92
CA ASN B 354 16.39 -47.42 11.04
C ASN B 354 16.49 -45.92 11.19
N ARG B 355 16.89 -45.46 12.38
CA ARG B 355 17.12 -44.05 12.64
C ARG B 355 18.36 -43.82 13.48
N LYS B 356 19.46 -43.48 12.84
CA LYS B 356 20.74 -43.30 13.54
C LYS B 356 20.98 -41.87 13.99
N ARG B 357 21.36 -41.68 15.25
CA ARG B 357 21.65 -40.33 15.71
C ARG B 357 23.11 -39.98 15.46
N ILE B 358 23.34 -38.79 14.94
CA ILE B 358 24.68 -38.30 14.62
C ILE B 358 25.02 -37.08 15.47
N SER B 359 26.18 -37.10 16.11
CA SER B 359 26.60 -35.99 16.94
C SER B 359 28.10 -35.86 17.05
N ASN B 360 28.55 -34.68 17.51
CA ASN B 360 29.97 -34.44 17.80
C ASN B 360 30.94 -34.80 16.67
N CYS B 361 30.69 -34.31 15.45
CA CYS B 361 31.51 -34.64 14.28
C CYS B 361 31.54 -33.55 13.20
N VAL B 362 32.50 -33.70 12.29
CA VAL B 362 32.65 -32.81 11.16
C VAL B 362 32.02 -33.41 9.92
N ALA B 363 31.08 -32.68 9.33
CA ALA B 363 30.33 -33.14 8.19
C ALA B 363 31.06 -32.89 6.89
N ASP B 364 32.22 -33.48 6.77
CA ASP B 364 32.99 -33.27 5.58
C ASP B 364 32.60 -34.28 4.55
N TYR B 365 31.63 -33.91 3.73
CA TYR B 365 31.08 -34.87 2.80
C TYR B 365 31.90 -35.03 1.56
N SER B 366 33.05 -34.35 1.49
CA SER B 366 33.88 -34.51 0.30
C SER B 366 34.50 -35.89 0.33
N VAL B 367 34.43 -36.57 1.49
CA VAL B 367 35.02 -37.89 1.62
C VAL B 367 34.26 -38.91 0.81
N LEU B 368 33.03 -38.57 0.41
CA LEU B 368 32.23 -39.46 -0.38
C LEU B 368 32.61 -39.39 -1.86
N TYR B 369 33.30 -38.33 -2.27
CA TYR B 369 33.53 -38.10 -3.68
C TYR B 369 34.42 -39.14 -4.34
N ASN B 370 35.31 -39.78 -3.59
CA ASN B 370 36.19 -40.75 -4.20
C ASN B 370 35.49 -42.03 -4.66
N SER B 371 34.32 -42.38 -4.10
CA SER B 371 33.73 -43.63 -4.57
C SER B 371 32.21 -43.75 -4.51
N ALA B 372 31.50 -42.87 -3.80
CA ALA B 372 30.07 -42.98 -3.75
C ALA B 372 29.47 -42.37 -5.01
N SER B 373 28.30 -42.84 -5.41
CA SER B 373 27.63 -42.23 -6.53
C SER B 373 26.16 -42.18 -6.22
N PHE B 374 25.57 -41.00 -6.31
CA PHE B 374 24.18 -40.87 -5.95
C PHE B 374 23.35 -40.34 -7.07
N SER B 375 22.41 -41.16 -7.53
CA SER B 375 21.55 -40.75 -8.63
C SER B 375 20.52 -39.72 -8.19
N THR B 376 20.20 -39.72 -6.89
CA THR B 376 19.24 -38.76 -6.37
C THR B 376 19.79 -37.99 -5.19
N PHE B 377 19.62 -36.68 -5.25
CA PHE B 377 20.01 -35.83 -4.14
C PHE B 377 19.27 -34.54 -4.18
N LYS B 378 18.55 -34.25 -3.12
CA LYS B 378 17.82 -33.00 -3.05
C LYS B 378 17.74 -32.48 -1.63
N CYS B 379 18.03 -31.18 -1.41
CA CYS B 379 17.90 -30.51 -0.12
C CYS B 379 16.69 -29.61 -0.11
N TYR B 380 15.97 -29.65 1.00
CA TYR B 380 14.75 -28.89 1.16
C TYR B 380 14.88 -27.70 2.06
N GLY B 381 15.61 -27.83 3.15
CA GLY B 381 15.67 -26.70 4.09
C GLY B 381 16.86 -25.77 3.90
N VAL B 382 17.72 -26.09 2.97
CA VAL B 382 18.93 -25.33 2.76
C VAL B 382 19.39 -25.50 1.34
N SER B 383 20.01 -24.48 0.75
CA SER B 383 20.58 -24.68 -0.56
C SER B 383 21.78 -25.57 -0.35
N PRO B 384 22.06 -26.55 -1.21
CA PRO B 384 23.17 -27.47 -1.04
C PRO B 384 24.53 -26.78 -1.05
N THR B 385 24.64 -25.60 -1.65
CA THR B 385 25.92 -24.92 -1.70
C THR B 385 26.32 -24.32 -0.37
N LYS B 386 25.37 -24.25 0.55
CA LYS B 386 25.61 -23.71 1.87
C LYS B 386 25.90 -24.77 2.90
N LEU B 387 25.93 -26.04 2.51
CA LEU B 387 26.12 -27.06 3.52
C LEU B 387 27.46 -26.95 4.22
N ASN B 388 28.48 -26.42 3.57
CA ASN B 388 29.76 -26.34 4.23
C ASN B 388 29.97 -25.13 5.13
N ASP B 389 29.04 -24.18 5.20
CA ASP B 389 29.25 -23.00 6.06
C ASP B 389 28.42 -23.05 7.33
N LEU B 390 27.66 -24.12 7.47
CA LEU B 390 26.69 -24.29 8.53
C LEU B 390 26.99 -25.39 9.54
N CYS B 391 26.42 -25.25 10.76
CA CYS B 391 26.36 -26.28 11.77
C CYS B 391 24.94 -26.79 11.81
N PHE B 392 24.80 -28.06 12.11
CA PHE B 392 23.53 -28.72 12.12
C PHE B 392 23.23 -29.26 13.49
N THR B 393 21.96 -29.23 13.89
CA THR B 393 21.69 -29.84 15.18
C THR B 393 20.59 -30.85 15.06
N ASN B 394 20.43 -31.66 16.11
CA ASN B 394 19.40 -32.70 16.12
C ASN B 394 19.47 -33.51 14.86
N VAL B 395 20.67 -33.93 14.48
CA VAL B 395 20.85 -34.63 13.23
C VAL B 395 20.58 -36.13 13.31
N TYR B 396 19.68 -36.61 12.46
CA TYR B 396 19.38 -38.02 12.39
C TYR B 396 19.41 -38.54 10.97
N ALA B 397 19.90 -39.76 10.78
CA ALA B 397 19.90 -40.36 9.46
C ALA B 397 18.95 -41.54 9.38
N ASP B 398 17.84 -41.37 8.66
CA ASP B 398 16.91 -42.45 8.52
C ASP B 398 17.48 -43.34 7.45
N SER B 399 17.29 -44.64 7.55
CA SER B 399 17.86 -45.50 6.52
C SER B 399 17.07 -46.74 6.14
N PHE B 400 16.85 -46.90 4.83
CA PHE B 400 16.09 -48.03 4.31
C PHE B 400 16.22 -48.38 2.83
N VAL B 401 15.74 -49.58 2.47
CA VAL B 401 15.67 -50.03 1.07
C VAL B 401 14.28 -50.08 0.47
N ILE B 402 14.13 -49.46 -0.69
CA ILE B 402 12.89 -49.38 -1.49
C ILE B 402 13.11 -49.77 -2.94
N ARG B 403 12.02 -49.94 -3.69
CA ARG B 403 12.08 -50.22 -5.11
C ARG B 403 12.44 -48.93 -5.87
N GLY B 404 13.20 -49.01 -6.95
CA GLY B 404 13.55 -47.79 -7.70
C GLY B 404 12.39 -46.90 -8.14
N ASP B 405 11.26 -47.45 -8.52
CA ASP B 405 10.13 -46.62 -8.93
C ASP B 405 9.47 -45.91 -7.75
N GLU B 406 9.87 -46.23 -6.53
CA GLU B 406 9.33 -45.64 -5.33
C GLU B 406 10.21 -44.51 -4.81
N VAL B 407 11.35 -44.23 -5.44
CA VAL B 407 12.24 -43.22 -4.88
C VAL B 407 11.56 -41.87 -4.87
N ARG B 408 10.77 -41.60 -5.88
CA ARG B 408 10.05 -40.35 -6.00
C ARG B 408 9.02 -40.14 -4.89
N GLN B 409 8.63 -41.18 -4.14
CA GLN B 409 7.62 -41.01 -3.10
C GLN B 409 8.18 -40.55 -1.79
N ILE B 410 9.49 -40.46 -1.68
CA ILE B 410 10.09 -40.06 -0.42
C ILE B 410 9.85 -38.60 -0.13
N ALA B 411 9.89 -37.76 -1.15
CA ALA B 411 9.72 -36.33 -1.00
C ALA B 411 8.41 -35.98 -0.29
N PRO B 412 8.38 -34.90 0.49
CA PRO B 412 7.22 -34.48 1.23
C PRO B 412 6.14 -34.12 0.27
N GLY B 413 4.90 -34.40 0.63
CA GLY B 413 3.76 -34.07 -0.20
C GLY B 413 3.37 -35.19 -1.16
N GLN B 414 4.11 -36.28 -1.18
CA GLN B 414 3.79 -37.38 -2.08
C GLN B 414 2.86 -38.41 -1.48
N THR B 415 2.22 -39.19 -2.35
CA THR B 415 1.32 -40.29 -2.00
C THR B 415 1.81 -41.58 -2.63
N GLY B 416 1.26 -42.71 -2.21
CA GLY B 416 1.67 -44.00 -2.78
C GLY B 416 1.90 -44.99 -1.66
N LYS B 417 2.17 -46.25 -1.97
CA LYS B 417 2.31 -47.18 -0.86
C LYS B 417 3.44 -46.85 0.12
N ILE B 418 4.49 -46.16 -0.30
CA ILE B 418 5.52 -45.88 0.67
C ILE B 418 5.14 -44.62 1.41
N ALA B 419 4.78 -43.60 0.67
CA ALA B 419 4.44 -42.35 1.31
C ALA B 419 3.27 -42.49 2.27
N ASP B 420 2.31 -43.36 1.98
CA ASP B 420 1.18 -43.49 2.85
C ASP B 420 1.32 -44.54 3.95
N TYR B 421 2.00 -45.67 3.68
CA TYR B 421 2.03 -46.72 4.70
C TYR B 421 3.37 -47.08 5.31
N ASN B 422 4.49 -46.60 4.78
CA ASN B 422 5.78 -47.03 5.32
C ASN B 422 6.67 -45.92 5.87
N TYR B 423 6.75 -44.81 5.15
CA TYR B 423 7.65 -43.73 5.53
C TYR B 423 7.21 -42.41 5.00
N LYS B 424 6.98 -41.47 5.88
CA LYS B 424 6.52 -40.19 5.40
C LYS B 424 7.24 -39.01 5.99
N LEU B 425 7.62 -38.08 5.13
CA LEU B 425 8.27 -36.87 5.59
C LEU B 425 7.19 -35.83 5.83
N PRO B 426 7.39 -34.90 6.76
CA PRO B 426 6.50 -33.82 7.07
C PRO B 426 6.49 -32.80 5.98
N ASP B 427 5.41 -32.03 5.94
CA ASP B 427 5.20 -30.98 4.97
C ASP B 427 6.27 -29.91 4.98
N ASP B 428 6.81 -29.63 6.15
CA ASP B 428 7.84 -28.65 6.35
C ASP B 428 9.23 -29.24 6.58
N PHE B 429 9.49 -30.44 6.07
CA PHE B 429 10.79 -31.07 6.23
C PHE B 429 11.92 -30.15 5.85
N THR B 430 12.93 -30.06 6.74
CA THR B 430 14.08 -29.17 6.57
C THR B 430 15.41 -29.81 6.27
N GLY B 431 15.44 -31.08 5.96
CA GLY B 431 16.68 -31.77 5.72
C GLY B 431 17.01 -31.97 4.23
N CYS B 432 17.73 -33.09 3.93
CA CYS B 432 18.20 -33.52 2.60
C CYS B 432 17.93 -35.02 2.37
N VAL B 433 17.50 -35.38 1.18
CA VAL B 433 17.24 -36.76 0.81
C VAL B 433 18.22 -37.25 -0.23
N ILE B 434 18.91 -38.35 0.08
CA ILE B 434 19.92 -38.87 -0.83
C ILE B 434 19.69 -40.35 -1.13
N ALA B 435 19.85 -40.79 -2.39
CA ALA B 435 19.62 -42.20 -2.70
C ALA B 435 20.49 -42.75 -3.83
N TRP B 436 20.72 -44.08 -3.81
CA TRP B 436 21.53 -44.69 -4.86
C TRP B 436 21.16 -46.13 -5.26
N ASN B 437 21.58 -46.52 -6.45
CA ASN B 437 21.19 -47.82 -7.01
C ASN B 437 22.05 -49.01 -6.65
N SER B 438 21.76 -49.63 -5.53
CA SER B 438 22.51 -50.77 -4.99
C SER B 438 22.12 -52.12 -5.64
N ASN B 439 22.18 -52.18 -6.97
CA ASN B 439 21.70 -53.38 -7.67
C ASN B 439 22.68 -54.52 -7.69
N ASN B 440 23.83 -54.32 -7.09
CA ASN B 440 24.80 -55.38 -6.98
C ASN B 440 25.09 -55.70 -5.52
N LEU B 441 24.29 -55.13 -4.62
CA LEU B 441 24.49 -55.41 -3.20
C LEU B 441 23.26 -56.05 -2.59
N ASP B 442 22.10 -55.50 -2.93
CA ASP B 442 20.84 -55.91 -2.34
C ASP B 442 20.06 -56.85 -3.23
N SER B 443 20.67 -57.33 -4.29
CA SER B 443 20.00 -58.21 -5.22
C SER B 443 20.53 -59.62 -5.10
N LYS B 444 19.68 -60.58 -5.45
CA LYS B 444 20.08 -61.99 -5.40
C LYS B 444 19.54 -62.71 -6.60
N VAL B 445 20.23 -63.75 -7.04
CA VAL B 445 19.78 -64.44 -8.25
C VAL B 445 18.38 -65.00 -8.17
N GLY B 446 18.03 -65.61 -7.06
CA GLY B 446 16.70 -66.19 -6.93
C GLY B 446 15.70 -65.21 -6.31
N GLY B 447 16.14 -63.98 -6.09
CA GLY B 447 15.40 -62.93 -5.43
C GLY B 447 15.87 -62.77 -4.00
N ASN B 448 15.75 -61.57 -3.48
CA ASN B 448 16.16 -61.23 -2.15
C ASN B 448 14.93 -61.00 -1.33
N TYR B 449 14.57 -61.94 -0.50
CA TYR B 449 13.30 -61.81 0.16
C TYR B 449 13.42 -61.29 1.56
N ASN B 450 14.56 -60.69 1.86
CA ASN B 450 14.75 -60.14 3.18
C ASN B 450 14.22 -58.71 3.28
N TYR B 451 13.75 -58.15 2.17
CA TYR B 451 13.22 -56.80 2.24
C TYR B 451 11.71 -56.81 2.17
N LEU B 452 11.10 -56.09 3.10
CA LEU B 452 9.65 -55.97 3.24
C LEU B 452 9.12 -54.58 3.21
N TYR B 453 7.88 -54.47 2.78
CA TYR B 453 7.14 -53.22 2.82
C TYR B 453 5.72 -53.48 3.23
N ARG B 454 5.08 -52.50 3.81
CA ARG B 454 3.70 -52.61 4.19
C ARG B 454 2.81 -52.23 3.05
N LEU B 455 1.87 -53.09 2.77
CA LEU B 455 0.91 -52.84 1.72
C LEU B 455 -0.46 -52.49 2.27
N PHE B 456 -0.85 -53.13 3.38
CA PHE B 456 -2.17 -52.86 3.88
C PHE B 456 -2.16 -52.14 5.21
N ARG B 457 -2.97 -51.12 5.32
CA ARG B 457 -3.12 -50.36 6.54
C ARG B 457 -4.53 -49.78 6.53
N LYS B 458 -5.07 -49.43 7.68
CA LYS B 458 -6.42 -48.84 7.73
C LYS B 458 -6.45 -47.32 7.64
N SER B 459 -5.30 -46.70 7.74
CA SER B 459 -5.17 -45.25 7.74
C SER B 459 -3.77 -44.88 7.29
N ASN B 460 -3.54 -43.61 7.03
CA ASN B 460 -2.22 -43.19 6.60
C ASN B 460 -1.35 -42.84 7.79
N LEU B 461 -0.04 -42.90 7.60
CA LEU B 461 0.92 -42.54 8.63
C LEU B 461 1.08 -41.05 8.81
N LYS B 462 1.50 -40.65 10.00
CA LYS B 462 1.83 -39.27 10.25
C LYS B 462 3.35 -39.18 10.06
N PRO B 463 3.94 -38.00 9.93
CA PRO B 463 5.35 -37.85 9.68
C PRO B 463 6.21 -38.60 10.67
N PHE B 464 7.20 -39.27 10.13
CA PHE B 464 8.20 -40.06 10.82
C PHE B 464 7.71 -41.18 11.73
N GLU B 465 6.51 -41.67 11.51
CA GLU B 465 6.05 -42.79 12.31
C GLU B 465 6.51 -44.13 11.76
N ARG B 466 6.64 -45.10 12.66
CA ARG B 466 6.93 -46.47 12.29
C ARG B 466 5.84 -47.35 12.82
N ASP B 467 5.60 -48.45 12.15
CA ASP B 467 4.66 -49.43 12.62
C ASP B 467 5.13 -50.78 12.17
N ILE B 468 5.46 -51.64 13.12
CA ILE B 468 6.00 -52.94 12.78
C ILE B 468 5.05 -54.05 13.18
N SER B 469 3.81 -53.68 13.43
CA SER B 469 2.76 -54.61 13.75
C SER B 469 2.47 -55.52 12.59
N THR B 470 2.18 -56.77 12.90
CA THR B 470 1.84 -57.78 11.91
C THR B 470 0.41 -58.23 12.06
N GLU B 471 -0.37 -57.46 12.80
CA GLU B 471 -1.77 -57.80 13.02
C GLU B 471 -2.42 -57.93 11.66
N ILE B 472 -3.14 -59.02 11.44
CA ILE B 472 -3.66 -59.27 10.12
C ILE B 472 -4.71 -58.24 9.74
N TYR B 473 -4.66 -57.79 8.48
CA TYR B 473 -5.56 -56.79 7.98
C TYR B 473 -6.90 -57.36 7.57
N GLN B 474 -7.94 -56.75 8.08
CA GLN B 474 -9.30 -57.16 7.76
C GLN B 474 -9.85 -56.29 6.65
N ALA B 475 -10.34 -56.93 5.60
CA ALA B 475 -10.87 -56.23 4.44
C ALA B 475 -12.35 -56.50 4.25
N GLY B 476 -13.06 -55.58 3.62
CA GLY B 476 -14.42 -55.89 3.16
C GLY B 476 -15.44 -56.09 4.27
N SER B 477 -15.21 -55.49 5.43
CA SER B 477 -16.11 -55.66 6.58
C SER B 477 -16.40 -57.13 6.85
N THR B 478 -15.40 -57.98 6.67
CA THR B 478 -15.52 -59.40 6.87
C THR B 478 -14.69 -59.81 8.07
N PRO B 479 -15.29 -60.09 9.24
CA PRO B 479 -14.58 -60.33 10.47
C PRO B 479 -13.52 -61.41 10.28
N CYS B 480 -12.29 -61.18 10.81
CA CYS B 480 -11.18 -62.12 10.69
C CYS B 480 -10.40 -62.24 12.00
N ASN B 481 -10.35 -63.45 12.51
CA ASN B 481 -9.69 -63.78 13.76
C ASN B 481 -8.22 -64.16 13.60
N GLY B 482 -7.47 -63.31 12.93
CA GLY B 482 -6.05 -63.58 12.75
C GLY B 482 -5.70 -64.63 11.68
N VAL B 483 -6.60 -64.92 10.73
CA VAL B 483 -6.32 -65.95 9.75
C VAL B 483 -6.36 -65.51 8.31
N GLU B 484 -5.27 -65.71 7.58
CA GLU B 484 -5.22 -65.33 6.17
C GLU B 484 -6.31 -66.04 5.42
N GLY B 485 -6.97 -65.34 4.50
CA GLY B 485 -8.06 -65.96 3.78
C GLY B 485 -8.88 -64.97 2.99
N PHE B 486 -10.11 -65.34 2.69
CA PHE B 486 -10.93 -64.43 1.92
C PHE B 486 -11.08 -63.16 2.70
N ASN B 487 -10.80 -62.05 2.05
CA ASN B 487 -10.85 -60.73 2.67
C ASN B 487 -10.06 -60.59 3.99
N CYS B 488 -8.87 -61.23 4.10
CA CYS B 488 -8.02 -61.11 5.29
C CYS B 488 -6.57 -61.32 4.83
N TYR B 489 -5.76 -60.28 5.00
CA TYR B 489 -4.42 -60.31 4.44
C TYR B 489 -3.31 -60.08 5.42
N PHE B 490 -2.22 -60.78 5.22
CA PHE B 490 -1.06 -60.46 6.00
C PHE B 490 -0.64 -59.12 5.41
N PRO B 491 -0.41 -58.06 6.20
CA PRO B 491 -0.14 -56.73 5.73
C PRO B 491 1.17 -56.47 5.02
N LEU B 492 2.12 -57.38 5.15
CA LEU B 492 3.43 -57.14 4.57
C LEU B 492 3.71 -58.02 3.38
N GLN B 493 4.45 -57.49 2.43
CA GLN B 493 4.88 -58.24 1.28
C GLN B 493 6.36 -58.03 1.02
N SER B 494 6.97 -59.03 0.40
CA SER B 494 8.36 -58.95 0.03
C SER B 494 8.61 -58.34 -1.32
N TYR B 495 9.85 -57.94 -1.53
CA TYR B 495 10.31 -57.46 -2.82
C TYR B 495 11.07 -58.57 -3.50
N GLY B 496 11.18 -58.51 -4.83
CA GLY B 496 11.98 -59.46 -5.61
C GLY B 496 13.46 -59.07 -5.66
N PHE B 497 13.76 -58.02 -6.39
CA PHE B 497 15.15 -57.57 -6.56
C PHE B 497 16.13 -58.58 -7.14
N GLN B 498 15.72 -59.21 -8.23
CA GLN B 498 16.61 -60.09 -8.97
C GLN B 498 17.56 -59.19 -9.78
N PRO B 499 18.77 -59.63 -10.10
CA PRO B 499 19.78 -58.92 -10.88
C PRO B 499 19.40 -58.70 -12.33
N THR B 500 18.36 -59.36 -12.79
CA THR B 500 17.92 -59.27 -14.17
C THR B 500 16.71 -58.39 -14.34
N ASN B 501 16.26 -57.74 -13.28
CA ASN B 501 15.09 -56.90 -13.40
C ASN B 501 15.44 -55.56 -14.03
N GLY B 502 14.45 -54.90 -14.63
CA GLY B 502 14.69 -53.60 -15.22
C GLY B 502 14.86 -52.58 -14.13
N VAL B 503 15.19 -51.35 -14.49
CA VAL B 503 15.55 -50.35 -13.50
C VAL B 503 14.52 -50.06 -12.45
N GLY B 504 13.26 -50.00 -12.82
CA GLY B 504 12.25 -49.65 -11.84
C GLY B 504 12.13 -50.68 -10.71
N TYR B 505 12.65 -51.88 -10.92
CA TYR B 505 12.58 -52.93 -9.94
C TYR B 505 13.90 -53.22 -9.27
N GLN B 506 14.91 -52.39 -9.50
CA GLN B 506 16.18 -52.62 -8.84
C GLN B 506 16.01 -51.98 -7.47
N PRO B 507 16.69 -52.47 -6.42
CA PRO B 507 16.66 -51.90 -5.10
C PRO B 507 17.42 -50.61 -5.04
N TYR B 508 16.94 -49.71 -4.22
CA TYR B 508 17.64 -48.47 -3.92
C TYR B 508 17.80 -48.23 -2.45
N ARG B 509 18.96 -47.71 -2.10
CA ARG B 509 19.24 -47.36 -0.73
C ARG B 509 18.94 -45.91 -0.53
N VAL B 510 18.18 -45.62 0.48
CA VAL B 510 17.79 -44.27 0.76
C VAL B 510 18.20 -43.83 2.13
N VAL B 511 18.81 -42.68 2.19
CA VAL B 511 19.20 -42.08 3.45
C VAL B 511 18.56 -40.72 3.56
N VAL B 512 17.91 -40.46 4.67
CA VAL B 512 17.34 -39.15 4.82
C VAL B 512 18.00 -38.46 5.97
N LEU B 513 18.57 -37.31 5.72
CA LEU B 513 19.24 -36.59 6.76
C LEU B 513 18.34 -35.50 7.24
N SER B 514 17.85 -35.66 8.45
CA SER B 514 16.94 -34.71 9.03
C SER B 514 17.70 -33.87 10.02
N PHE B 515 17.60 -32.57 9.89
CA PHE B 515 18.33 -31.67 10.77
C PHE B 515 17.70 -30.30 10.88
N GLU B 516 18.10 -29.55 11.91
CA GLU B 516 17.65 -28.18 12.09
C GLU B 516 18.79 -27.18 12.04
N LEU B 517 18.48 -25.96 11.60
CA LEU B 517 19.52 -24.94 11.49
C LEU B 517 19.29 -23.63 12.25
N LEU B 518 20.39 -23.11 12.80
CA LEU B 518 20.57 -21.79 13.44
C LEU B 518 19.77 -21.41 14.70
N HIS B 519 19.10 -22.35 15.34
CA HIS B 519 18.34 -21.99 16.54
C HIS B 519 18.62 -22.80 17.78
N ALA B 520 19.78 -23.41 17.85
CA ALA B 520 20.08 -24.24 18.99
C ALA B 520 21.56 -24.52 18.98
N PRO B 521 22.15 -25.02 20.06
CA PRO B 521 23.49 -25.50 20.10
C PRO B 521 23.55 -26.61 19.08
N ALA B 522 24.70 -26.78 18.45
CA ALA B 522 24.87 -27.80 17.44
C ALA B 522 26.18 -28.50 17.63
N THR B 523 26.19 -29.81 17.40
CA THR B 523 27.42 -30.57 17.52
C THR B 523 27.87 -31.26 16.25
N VAL B 524 27.12 -31.15 15.15
CA VAL B 524 27.55 -31.72 13.88
C VAL B 524 27.80 -30.49 13.06
N CYS B 525 28.99 -30.28 12.48
CA CYS B 525 29.24 -29.02 11.77
C CYS B 525 30.16 -29.21 10.58
N GLY B 526 29.98 -28.39 9.56
CA GLY B 526 30.78 -28.50 8.35
C GLY B 526 32.27 -28.26 8.62
N PRO B 527 33.11 -28.38 7.59
CA PRO B 527 34.56 -28.34 7.61
C PRO B 527 35.24 -26.98 7.61
N LYS B 528 34.51 -25.89 7.69
CA LYS B 528 35.17 -24.60 7.61
C LYS B 528 36.04 -24.40 8.84
N LYS B 529 37.24 -23.85 8.63
CA LYS B 529 38.17 -23.60 9.72
C LYS B 529 37.80 -22.39 10.51
N SER B 530 38.09 -22.44 11.81
CA SER B 530 37.88 -21.32 12.69
C SER B 530 39.06 -20.35 12.70
N THR B 531 38.81 -19.18 13.24
CA THR B 531 39.77 -18.11 13.44
C THR B 531 39.73 -17.65 14.87
N ASN B 532 40.56 -16.66 15.18
CA ASN B 532 40.57 -16.05 16.49
C ASN B 532 39.44 -15.06 16.53
N LEU B 533 38.98 -14.71 17.72
CA LEU B 533 37.91 -13.75 17.84
C LEU B 533 38.45 -12.38 18.22
N VAL B 534 37.97 -11.36 17.55
CA VAL B 534 38.39 -10.00 17.80
C VAL B 534 37.29 -9.13 18.35
N LYS B 535 37.52 -8.58 19.52
CA LYS B 535 36.54 -7.74 20.21
C LYS B 535 36.70 -6.25 19.92
N ASN B 536 35.58 -5.54 20.04
CA ASN B 536 35.43 -4.09 19.94
C ASN B 536 35.85 -3.46 18.61
N LYS B 537 35.64 -4.17 17.51
CA LYS B 537 35.91 -3.65 16.18
C LYS B 537 34.76 -4.08 15.29
N CYS B 538 34.53 -3.37 14.14
CA CYS B 538 33.51 -3.79 13.18
C CYS B 538 34.07 -4.96 12.36
N VAL B 539 33.40 -6.08 12.47
CA VAL B 539 33.84 -7.31 11.86
C VAL B 539 32.74 -8.03 11.12
N ASN B 540 33.14 -8.95 10.26
CA ASN B 540 32.20 -9.85 9.65
C ASN B 540 32.27 -11.07 10.53
N PHE B 541 31.23 -11.86 10.58
CA PHE B 541 31.32 -13.07 11.37
C PHE B 541 30.44 -14.21 10.93
N ASN B 542 30.81 -15.37 11.43
CA ASN B 542 30.08 -16.62 11.31
C ASN B 542 30.09 -17.40 12.62
N PHE B 543 28.98 -17.40 13.38
CA PHE B 543 28.92 -18.16 14.63
C PHE B 543 28.05 -19.37 14.44
N ASN B 544 28.67 -20.52 14.30
CA ASN B 544 27.97 -21.77 14.05
C ASN B 544 27.00 -21.71 12.89
N GLY B 545 27.36 -21.02 11.82
CA GLY B 545 26.51 -20.87 10.67
C GLY B 545 25.72 -19.57 10.67
N LEU B 546 25.66 -18.85 11.76
CA LEU B 546 24.91 -17.61 11.68
C LEU B 546 25.81 -16.49 11.31
N THR B 547 25.59 -15.92 10.16
CA THR B 547 26.46 -14.90 9.67
C THR B 547 25.86 -13.53 9.81
N GLY B 548 26.71 -12.54 9.67
CA GLY B 548 26.29 -11.15 9.71
C GLY B 548 27.47 -10.28 10.03
N THR B 549 27.22 -9.00 10.29
CA THR B 549 28.30 -8.11 10.62
C THR B 549 27.91 -7.36 11.86
N GLY B 550 28.88 -6.73 12.50
CA GLY B 550 28.61 -5.94 13.68
C GLY B 550 29.82 -5.87 14.58
N VAL B 551 29.63 -5.36 15.77
CA VAL B 551 30.72 -5.21 16.71
C VAL B 551 30.46 -6.14 17.85
N LEU B 552 31.44 -6.97 18.18
CA LEU B 552 31.30 -7.95 19.23
C LEU B 552 31.84 -7.39 20.54
N THR B 553 31.02 -7.38 21.59
CA THR B 553 31.47 -6.87 22.89
C THR B 553 31.14 -7.86 23.98
N GLU B 554 31.75 -7.75 25.15
CA GLU B 554 31.40 -8.65 26.24
C GLU B 554 30.06 -8.30 26.81
N SER B 555 29.27 -9.31 27.19
CA SER B 555 27.94 -9.08 27.72
C SER B 555 27.69 -9.58 29.13
N ASN B 556 26.70 -8.97 29.78
CA ASN B 556 26.28 -9.38 31.11
C ASN B 556 25.02 -10.25 31.06
N LYS B 557 24.62 -10.64 29.87
CA LYS B 557 23.48 -11.51 29.71
C LYS B 557 23.91 -12.90 30.09
N LYS B 558 23.01 -13.67 30.70
CA LYS B 558 23.35 -15.04 31.03
C LYS B 558 22.36 -15.97 30.40
N PHE B 559 22.85 -16.77 29.48
CA PHE B 559 22.02 -17.69 28.73
C PHE B 559 21.82 -18.94 29.55
N LEU B 560 20.67 -19.57 29.36
CA LEU B 560 20.40 -20.83 30.00
C LEU B 560 21.27 -21.85 29.28
N PRO B 561 21.61 -22.99 29.87
CA PRO B 561 22.45 -24.02 29.29
C PRO B 561 22.08 -24.49 27.89
N PHE B 562 20.80 -24.42 27.52
CA PHE B 562 20.36 -24.87 26.22
C PHE B 562 20.13 -23.77 25.19
N GLN B 563 20.45 -22.52 25.54
CA GLN B 563 20.23 -21.40 24.64
C GLN B 563 21.51 -20.98 23.94
N GLN B 564 21.53 -21.05 22.62
CA GLN B 564 22.75 -20.70 21.88
C GLN B 564 22.80 -19.26 21.39
N PHE B 565 21.64 -18.73 21.05
CA PHE B 565 21.54 -17.39 20.48
C PHE B 565 20.48 -16.61 21.21
N GLY B 566 20.61 -15.30 21.26
CA GLY B 566 19.52 -14.49 21.76
C GLY B 566 18.88 -13.72 20.63
N ARG B 567 17.83 -12.98 20.96
CA ARG B 567 17.09 -12.14 20.02
C ARG B 567 16.62 -10.86 20.67
N ASP B 568 16.64 -9.76 19.91
CA ASP B 568 16.13 -8.49 20.40
C ASP B 568 14.62 -8.40 20.14
N ILE B 569 14.07 -7.21 20.38
CA ILE B 569 12.65 -6.91 20.27
C ILE B 569 12.04 -7.14 18.88
N ALA B 570 12.87 -7.14 17.85
CA ALA B 570 12.40 -7.30 16.49
C ALA B 570 12.97 -8.57 15.89
N ASP B 571 13.29 -9.53 16.76
CA ASP B 571 13.83 -10.83 16.41
C ASP B 571 15.11 -10.82 15.62
N THR B 572 16.00 -9.89 15.92
CA THR B 572 17.29 -9.85 15.28
C THR B 572 18.32 -10.31 16.30
N THR B 573 19.22 -11.20 15.90
CA THR B 573 20.19 -11.69 16.88
C THR B 573 20.99 -10.54 17.42
N ASP B 574 21.07 -10.44 18.75
CA ASP B 574 21.85 -9.37 19.36
C ASP B 574 22.81 -9.89 20.38
N ALA B 575 22.90 -11.21 20.48
CA ALA B 575 23.82 -11.84 21.39
C ALA B 575 24.03 -13.27 20.98
N VAL B 576 25.25 -13.76 21.17
CA VAL B 576 25.57 -15.15 20.92
C VAL B 576 26.41 -15.76 22.01
N ARG B 577 26.36 -17.07 22.13
CA ARG B 577 27.31 -17.73 22.99
C ARG B 577 28.44 -18.22 22.13
N ASP B 578 29.65 -17.84 22.44
CA ASP B 578 30.78 -18.29 21.63
C ASP B 578 30.93 -19.80 21.80
N PRO B 579 31.07 -20.58 20.72
CA PRO B 579 31.21 -22.02 20.77
C PRO B 579 32.47 -22.60 21.40
N GLN B 580 33.57 -21.84 21.58
CA GLN B 580 34.72 -22.52 22.20
C GLN B 580 34.90 -22.09 23.64
N THR B 581 34.75 -20.80 23.90
CA THR B 581 34.87 -20.33 25.26
C THR B 581 33.49 -19.83 25.52
N LEU B 582 32.83 -20.29 26.55
CA LEU B 582 31.42 -19.94 26.63
C LEU B 582 31.11 -18.60 27.24
N GLU B 583 31.49 -17.57 26.53
CA GLU B 583 31.25 -16.19 26.89
C GLU B 583 30.02 -15.72 26.17
N ILE B 584 29.30 -14.79 26.76
CA ILE B 584 28.18 -14.25 26.02
C ILE B 584 28.63 -12.94 25.48
N LEU B 585 28.47 -12.79 24.18
CA LEU B 585 28.84 -11.57 23.51
C LEU B 585 27.62 -10.86 23.00
N ASP B 586 27.62 -9.56 23.09
CA ASP B 586 26.56 -8.76 22.50
C ASP B 586 27.00 -8.41 21.11
N ILE B 587 26.05 -8.20 20.22
CA ILE B 587 26.41 -7.77 18.90
C ILE B 587 25.71 -6.48 18.58
N THR B 588 26.44 -5.44 18.21
CA THR B 588 25.75 -4.22 17.87
C THR B 588 25.98 -3.93 16.39
N PRO B 589 25.11 -3.21 15.70
CA PRO B 589 25.28 -2.78 14.32
C PRO B 589 26.49 -1.87 14.24
N CYS B 590 27.13 -1.82 13.04
CA CYS B 590 28.30 -0.97 12.78
C CYS B 590 27.85 0.44 12.39
N SER B 591 26.74 0.52 11.67
CA SER B 591 26.22 1.79 11.19
C SER B 591 25.39 2.45 12.28
N PHE B 592 25.46 3.76 12.36
CA PHE B 592 24.71 4.53 13.35
C PHE B 592 24.96 5.97 13.10
N GLY B 593 24.02 6.83 13.42
CA GLY B 593 24.28 8.24 13.29
C GLY B 593 23.27 8.94 12.42
N GLY B 594 23.74 9.96 11.73
CA GLY B 594 22.91 10.80 10.88
C GLY B 594 23.76 11.94 10.40
N VAL B 595 23.64 12.23 9.11
CA VAL B 595 24.45 13.26 8.50
C VAL B 595 23.63 14.13 7.58
N SER B 596 23.92 15.42 7.58
CA SER B 596 23.29 16.30 6.63
C SER B 596 24.33 17.24 6.06
N VAL B 597 24.06 17.71 4.86
CA VAL B 597 25.03 18.53 4.18
C VAL B 597 24.50 19.91 3.91
N ILE B 598 25.32 20.89 4.26
CA ILE B 598 25.04 22.30 4.09
C ILE B 598 25.66 22.73 2.81
N THR B 599 24.84 23.04 1.83
CA THR B 599 25.34 23.32 0.51
C THR B 599 24.97 24.72 -0.02
N PRO B 600 25.95 25.58 -0.36
CA PRO B 600 25.77 26.84 -1.05
C PRO B 600 25.37 26.38 -2.41
N GLY B 601 24.70 27.16 -3.21
CA GLY B 601 24.36 26.57 -4.50
C GLY B 601 25.62 26.15 -5.24
N THR B 602 25.53 25.04 -5.98
CA THR B 602 26.67 24.48 -6.70
C THR B 602 27.04 25.29 -7.92
N ASN B 603 26.18 26.24 -8.26
CA ASN B 603 26.43 27.13 -9.37
C ASN B 603 27.20 28.35 -8.89
N THR B 604 27.54 28.37 -7.60
CA THR B 604 28.28 29.42 -6.95
C THR B 604 29.57 28.90 -6.36
N SER B 605 29.47 27.81 -5.60
CA SER B 605 30.62 27.27 -4.89
C SER B 605 30.56 25.78 -4.65
N ASN B 606 31.72 25.14 -4.61
CA ASN B 606 31.78 23.72 -4.32
C ASN B 606 32.14 23.43 -2.87
N GLN B 607 32.16 24.45 -2.02
CA GLN B 607 32.46 24.21 -0.63
C GLN B 607 31.22 23.73 0.05
N VAL B 608 31.34 22.72 0.90
CA VAL B 608 30.20 22.31 1.69
C VAL B 608 30.61 22.16 3.12
N ALA B 609 29.65 22.17 4.01
CA ALA B 609 29.93 21.88 5.40
C ALA B 609 29.09 20.68 5.78
N VAL B 610 29.62 19.83 6.64
CA VAL B 610 28.84 18.64 6.98
C VAL B 610 28.51 18.56 8.44
N LEU B 611 27.24 18.36 8.73
CA LEU B 611 26.75 18.25 10.08
C LEU B 611 26.55 16.82 10.51
N TYR B 612 27.20 16.45 11.60
CA TYR B 612 27.10 15.12 12.16
C TYR B 612 26.23 15.17 13.41
N GLN B 613 25.13 14.45 13.39
CA GLN B 613 24.17 14.55 14.50
C GLN B 613 24.51 13.75 15.76
N ASP B 614 25.34 12.75 15.64
CA ASP B 614 25.69 11.86 16.75
C ASP B 614 27.09 12.00 17.32
N VAL B 615 27.74 13.13 17.15
CA VAL B 615 29.06 13.20 17.75
C VAL B 615 29.14 14.48 18.59
N ASN B 616 30.08 14.46 19.57
CA ASN B 616 30.37 15.54 20.52
C ASN B 616 31.54 16.43 20.07
N CYS B 617 32.55 15.87 19.35
CA CYS B 617 33.77 16.54 18.87
C CYS B 617 34.53 17.29 19.98
N THR B 618 34.58 16.70 21.18
CA THR B 618 35.29 17.28 22.32
C THR B 618 35.14 16.34 23.52
N THR B 632 39.08 8.14 15.30
CA THR B 632 38.76 8.93 16.48
C THR B 632 37.23 9.22 16.49
N TRP B 633 36.81 10.28 15.77
CA TRP B 633 35.44 10.75 15.63
C TRP B 633 34.76 10.01 14.49
N ARG B 634 33.47 9.78 14.60
CA ARG B 634 32.74 9.14 13.50
C ARG B 634 32.35 10.14 12.44
N VAL B 635 33.36 10.62 11.74
CA VAL B 635 33.17 11.62 10.71
C VAL B 635 33.84 11.15 9.44
N TYR B 636 33.52 11.73 8.31
CA TYR B 636 34.17 11.30 7.08
C TYR B 636 35.57 11.87 6.99
N SER B 637 35.73 13.06 7.52
CA SER B 637 37.01 13.75 7.51
C SER B 637 36.96 14.80 8.60
N THR B 638 38.12 15.26 9.04
CA THR B 638 38.12 16.35 9.99
C THR B 638 38.91 17.50 9.40
N GLY B 639 38.31 18.67 9.33
CA GLY B 639 38.97 19.84 8.81
C GLY B 639 39.46 20.70 9.96
N SER B 640 39.89 21.92 9.64
CA SER B 640 40.38 22.83 10.66
C SER B 640 39.27 23.58 11.37
N ASN B 641 38.09 23.58 10.78
CA ASN B 641 36.97 24.29 11.33
C ASN B 641 35.94 23.38 11.96
N VAL B 642 36.00 23.25 13.27
CA VAL B 642 35.06 22.35 13.93
C VAL B 642 34.27 23.12 14.97
N PHE B 643 32.96 23.13 14.81
CA PHE B 643 32.05 23.82 15.70
C PHE B 643 31.02 22.91 16.31
N GLN B 644 30.91 22.90 17.62
CA GLN B 644 29.94 22.01 18.25
C GLN B 644 28.71 22.72 18.74
N THR B 645 27.56 22.24 18.32
CA THR B 645 26.29 22.80 18.78
C THR B 645 25.30 21.73 19.19
N ARG B 646 24.12 22.17 19.64
CA ARG B 646 23.09 21.24 20.08
C ARG B 646 22.60 20.33 18.96
N ALA B 647 22.64 20.83 17.74
CA ALA B 647 22.17 20.08 16.59
C ALA B 647 23.22 19.10 16.08
N GLY B 648 24.42 19.09 16.66
CA GLY B 648 25.46 18.20 16.17
C GLY B 648 26.80 18.93 15.98
N CYS B 649 27.79 18.22 15.42
CA CYS B 649 29.13 18.70 15.15
C CYS B 649 29.20 19.15 13.71
N LEU B 650 29.49 20.40 13.54
CA LEU B 650 29.56 20.97 12.23
C LEU B 650 30.98 21.14 11.78
N ILE B 651 31.35 20.43 10.73
CA ILE B 651 32.71 20.49 10.25
C ILE B 651 32.85 21.13 8.88
N GLY B 652 33.68 22.16 8.81
CA GLY B 652 33.95 22.91 7.58
C GLY B 652 33.41 24.34 7.59
N ALA B 653 32.50 24.67 8.49
CA ALA B 653 31.99 26.03 8.55
C ALA B 653 32.77 26.82 9.58
N GLU B 654 33.05 28.07 9.29
CA GLU B 654 33.72 28.92 10.27
C GLU B 654 32.67 29.42 11.21
N HIS B 655 33.00 29.69 12.45
CA HIS B 655 31.98 30.24 13.33
C HIS B 655 32.23 31.69 13.65
N VAL B 656 31.17 32.48 13.69
CA VAL B 656 31.33 33.88 14.07
C VAL B 656 30.48 34.23 15.26
N ASN B 657 30.82 35.33 15.93
CA ASN B 657 30.08 35.75 17.11
C ASN B 657 28.96 36.72 16.82
N ASN B 658 28.70 36.96 15.56
CA ASN B 658 27.65 37.86 15.16
C ASN B 658 26.35 37.11 15.07
N SER B 659 25.30 37.82 14.75
CA SER B 659 24.00 37.21 14.58
C SER B 659 23.38 37.82 13.37
N TYR B 660 22.54 37.06 12.71
CA TYR B 660 21.93 37.55 11.48
C TYR B 660 20.60 36.91 11.21
N GLU B 661 19.98 37.34 10.12
CA GLU B 661 18.75 36.74 9.65
C GLU B 661 19.12 35.34 9.21
N CYS B 662 18.22 34.35 9.39
CA CYS B 662 18.46 32.95 9.05
C CYS B 662 18.33 32.67 7.55
N ASP B 663 19.21 31.81 7.11
CA ASP B 663 19.26 31.20 5.80
C ASP B 663 19.89 29.86 6.05
N ILE B 664 19.66 28.93 5.16
CA ILE B 664 20.26 27.61 5.30
C ILE B 664 20.23 27.22 6.78
N PRO B 665 19.06 26.96 7.38
CA PRO B 665 18.93 26.64 8.79
C PRO B 665 19.59 25.34 9.14
N ILE B 666 20.28 25.29 10.26
CA ILE B 666 20.93 24.06 10.70
C ILE B 666 20.08 23.37 11.76
N GLY B 667 19.65 24.15 12.73
CA GLY B 667 18.85 23.63 13.82
C GLY B 667 19.37 24.10 15.17
N ALA B 668 18.50 24.05 16.15
CA ALA B 668 18.81 24.41 17.52
C ALA B 668 19.47 25.77 17.66
N GLY B 669 18.95 26.79 16.99
CA GLY B 669 19.49 28.13 17.11
C GLY B 669 20.55 28.51 16.09
N ILE B 670 21.04 27.55 15.32
CA ILE B 670 22.10 27.81 14.34
C ILE B 670 21.62 27.80 12.88
N CYS B 671 22.09 28.81 12.11
CA CYS B 671 21.87 29.00 10.67
C CYS B 671 23.22 29.22 9.99
N ALA B 672 23.24 29.17 8.66
CA ALA B 672 24.51 29.37 7.98
C ALA B 672 24.36 30.12 6.67
N SER B 673 25.45 30.70 6.21
CA SER B 673 25.40 31.37 4.93
C SER B 673 26.75 31.36 4.26
N TYR B 674 26.78 31.67 2.98
CA TYR B 674 28.03 31.74 2.26
C TYR B 674 28.37 33.20 2.10
N GLN B 675 29.51 33.62 2.63
CA GLN B 675 29.88 35.02 2.63
C GLN B 675 31.29 35.32 2.22
N THR B 676 31.50 36.52 1.71
CA THR B 676 32.84 37.02 1.44
C THR B 676 33.38 37.47 2.80
N GLN B 677 34.63 37.06 3.16
CA GLN B 677 35.32 37.36 4.43
C GLN B 677 34.54 36.71 5.59
N SER B 689 38.44 34.04 -1.27
CA SER B 689 38.17 34.93 -0.14
C SER B 689 36.74 34.76 0.47
N GLN B 690 36.03 33.66 0.13
CA GLN B 690 34.67 33.33 0.58
C GLN B 690 34.64 31.98 1.28
N SER B 691 33.72 31.84 2.23
CA SER B 691 33.56 30.59 2.96
C SER B 691 32.18 30.44 3.59
N ILE B 692 31.90 29.25 4.09
CA ILE B 692 30.65 28.99 4.78
C ILE B 692 30.77 29.39 6.25
N ILE B 693 29.82 30.18 6.71
CA ILE B 693 29.77 30.67 8.06
C ILE B 693 28.58 30.21 8.86
N ALA B 694 28.85 29.72 10.06
CA ALA B 694 27.84 29.32 11.03
C ALA B 694 27.62 30.49 11.98
N TYR B 695 26.38 30.75 12.32
CA TYR B 695 26.07 31.83 13.23
C TYR B 695 24.77 31.59 13.97
N THR B 696 24.55 32.30 15.07
CA THR B 696 23.27 32.14 15.73
C THR B 696 22.26 33.07 15.10
N MET B 697 21.00 32.75 15.29
CA MET B 697 19.97 33.61 14.77
C MET B 697 19.70 34.83 15.56
N SER B 698 19.39 35.89 14.86
CA SER B 698 18.89 37.08 15.49
C SER B 698 17.40 36.89 15.61
N LEU B 699 16.77 37.69 16.44
CA LEU B 699 15.32 37.70 16.53
C LEU B 699 14.94 39.12 16.25
N GLY B 700 14.92 39.49 14.99
CA GLY B 700 14.68 40.89 14.69
C GLY B 700 15.76 41.73 15.34
N ALA B 701 15.33 42.72 16.11
CA ALA B 701 16.23 43.63 16.81
C ALA B 701 15.63 43.99 18.14
N GLU B 702 16.47 44.38 19.09
CA GLU B 702 15.96 44.77 20.40
C GLU B 702 15.33 46.14 20.38
N ASN B 703 14.31 46.31 21.22
CA ASN B 703 13.65 47.59 21.37
C ASN B 703 13.12 47.73 22.80
N SER B 704 12.50 48.86 23.09
CA SER B 704 11.98 49.10 24.41
C SER B 704 10.91 50.14 24.40
N VAL B 705 10.23 50.25 25.51
CA VAL B 705 9.20 51.24 25.71
C VAL B 705 9.49 51.95 27.01
N ALA B 706 9.01 53.17 27.16
CA ALA B 706 9.25 53.89 28.41
C ALA B 706 8.35 53.50 29.58
N TYR B 707 7.11 53.20 29.26
CA TYR B 707 6.06 52.93 30.24
C TYR B 707 6.09 53.86 31.46
N SER B 708 6.24 55.14 31.28
CA SER B 708 6.05 55.92 32.47
C SER B 708 4.55 55.76 32.72
N ASN B 709 4.09 55.75 33.98
CA ASN B 709 2.69 55.50 34.35
C ASN B 709 1.74 56.68 34.06
N ASN B 710 2.27 57.85 33.61
CA ASN B 710 1.53 59.04 33.23
C ASN B 710 1.93 59.52 31.85
N SER B 711 2.50 58.65 31.01
CA SER B 711 2.92 59.11 29.68
C SER B 711 2.25 58.37 28.57
N ILE B 712 1.76 59.11 27.59
CA ILE B 712 1.11 58.49 26.44
C ILE B 712 1.68 58.94 25.12
N ALA B 713 1.88 58.01 24.20
CA ALA B 713 2.33 58.44 22.88
C ALA B 713 1.14 58.46 21.95
N ILE B 714 1.03 59.53 21.16
CA ILE B 714 -0.06 59.70 20.23
C ILE B 714 0.50 60.04 18.84
N PRO B 715 0.12 59.34 17.76
CA PRO B 715 0.53 59.59 16.40
C PRO B 715 0.14 60.97 15.99
N THR B 716 0.94 61.62 15.17
CA THR B 716 0.57 62.98 14.69
C THR B 716 0.38 63.06 13.16
N ASN B 717 0.77 61.99 12.43
CA ASN B 717 0.72 61.82 10.98
C ASN B 717 0.40 60.34 10.76
N PHE B 718 0.26 59.90 9.50
CA PHE B 718 -0.04 58.53 9.13
C PHE B 718 0.42 58.22 7.73
N THR B 719 0.55 56.94 7.46
CA THR B 719 0.83 56.47 6.14
C THR B 719 -0.15 55.42 5.71
N ILE B 720 -0.67 55.57 4.53
CA ILE B 720 -1.51 54.55 3.96
C ILE B 720 -0.64 53.75 3.05
N SER B 721 -0.61 52.47 3.31
CA SER B 721 0.26 51.58 2.57
C SER B 721 -0.54 50.44 2.00
N VAL B 722 0.02 49.81 0.98
CA VAL B 722 -0.68 48.69 0.40
C VAL B 722 0.28 47.52 0.37
N THR B 723 -0.17 46.40 0.87
CA THR B 723 0.65 45.21 0.89
C THR B 723 -0.04 44.12 0.15
N THR B 724 0.67 43.07 -0.22
CA THR B 724 -0.01 42.01 -0.93
C THR B 724 -0.04 40.73 -0.15
N GLU B 725 -1.01 39.90 -0.48
CA GLU B 725 -1.13 38.58 0.10
C GLU B 725 -1.56 37.58 -0.95
N ILE B 726 -0.90 36.44 -0.97
CA ILE B 726 -1.17 35.42 -1.97
C ILE B 726 -1.72 34.14 -1.39
N LEU B 727 -2.85 33.70 -1.95
CA LEU B 727 -3.49 32.48 -1.50
C LEU B 727 -3.85 31.56 -2.67
N PRO B 728 -3.25 30.38 -2.78
CA PRO B 728 -3.57 29.39 -3.77
C PRO B 728 -5.02 29.01 -3.64
N VAL B 729 -5.67 28.75 -4.75
CA VAL B 729 -7.07 28.33 -4.74
C VAL B 729 -7.27 26.93 -5.29
N SER B 730 -6.54 26.58 -6.35
CA SER B 730 -6.81 25.27 -6.95
C SER B 730 -5.59 24.56 -7.50
N MET B 731 -5.73 23.25 -7.59
CA MET B 731 -4.77 22.30 -8.12
C MET B 731 -5.05 21.95 -9.55
N THR B 732 -4.04 21.46 -10.23
CA THR B 732 -4.24 20.92 -11.55
C THR B 732 -5.13 19.70 -11.41
N LYS B 733 -6.18 19.62 -12.21
CA LYS B 733 -7.06 18.47 -12.15
C LYS B 733 -6.47 17.37 -12.97
N THR B 734 -6.52 16.14 -12.49
CA THR B 734 -5.97 15.05 -13.29
C THR B 734 -6.94 13.91 -13.38
N SER B 735 -6.64 12.98 -14.26
CA SER B 735 -7.40 11.77 -14.43
C SER B 735 -6.48 10.67 -14.93
N VAL B 736 -6.69 9.44 -14.48
CA VAL B 736 -5.80 8.39 -14.91
C VAL B 736 -6.41 7.21 -15.63
N ASP B 737 -5.88 6.92 -16.80
CA ASP B 737 -6.33 5.73 -17.46
C ASP B 737 -5.43 4.66 -16.87
N CYS B 738 -5.96 4.00 -15.83
CA CYS B 738 -5.31 3.01 -14.99
C CYS B 738 -5.08 1.72 -15.74
N THR B 739 -5.63 1.58 -16.94
CA THR B 739 -5.28 0.41 -17.72
C THR B 739 -4.06 0.79 -18.51
N MET B 740 -4.04 1.98 -19.11
CA MET B 740 -2.87 2.39 -19.90
C MET B 740 -1.58 2.41 -19.11
N TYR B 741 -1.67 2.86 -17.85
CA TYR B 741 -0.51 2.93 -16.98
C TYR B 741 0.07 1.56 -16.63
N ILE B 742 -0.75 0.54 -16.66
CA ILE B 742 -0.32 -0.76 -16.24
C ILE B 742 0.00 -1.70 -17.41
N CYS B 743 -0.94 -1.79 -18.38
CA CYS B 743 -0.95 -2.70 -19.52
C CYS B 743 -1.12 -1.91 -20.82
N GLY B 744 -0.39 -0.82 -20.97
CA GLY B 744 -0.59 -0.05 -22.19
C GLY B 744 -0.24 -0.92 -23.38
N ASP B 745 -1.15 -0.97 -24.35
CA ASP B 745 -1.01 -1.76 -25.55
C ASP B 745 -0.61 -3.23 -25.32
N SER B 746 -1.14 -3.88 -24.29
CA SER B 746 -0.79 -5.30 -24.10
C SER B 746 -1.99 -6.16 -23.72
N THR B 747 -2.37 -7.06 -24.61
CA THR B 747 -3.56 -7.89 -24.42
C THR B 747 -3.46 -8.86 -23.26
N GLU B 748 -2.34 -9.54 -23.13
CA GLU B 748 -2.24 -10.55 -22.08
C GLU B 748 -2.32 -9.95 -20.67
N CYS B 749 -1.68 -8.78 -20.48
CA CYS B 749 -1.65 -8.01 -19.24
C CYS B 749 -3.05 -7.48 -18.98
N SER B 750 -3.69 -6.93 -20.02
CA SER B 750 -5.00 -6.34 -19.87
C SER B 750 -5.99 -7.36 -19.36
N ASN B 751 -5.94 -8.57 -19.89
CA ASN B 751 -6.89 -9.55 -19.41
C ASN B 751 -6.60 -9.93 -17.95
N LEU B 752 -5.33 -10.04 -17.55
CA LEU B 752 -5.04 -10.39 -16.15
C LEU B 752 -5.53 -9.33 -15.20
N LEU B 753 -5.41 -8.08 -15.64
CA LEU B 753 -5.80 -6.91 -14.87
C LEU B 753 -7.28 -6.89 -14.56
N LEU B 754 -8.10 -7.64 -15.31
CA LEU B 754 -9.52 -7.61 -15.03
C LEU B 754 -9.82 -8.21 -13.67
N GLN B 755 -9.03 -9.20 -13.24
CA GLN B 755 -9.35 -9.81 -11.96
C GLN B 755 -9.05 -8.80 -10.87
N TYR B 756 -7.93 -8.11 -11.00
CA TYR B 756 -7.52 -7.09 -10.05
C TYR B 756 -8.12 -5.80 -10.59
N GLY B 757 -9.44 -5.74 -10.70
CA GLY B 757 -10.05 -4.60 -11.40
C GLY B 757 -10.81 -3.58 -10.56
N SER B 758 -11.15 -3.93 -9.33
CA SER B 758 -11.95 -3.04 -8.49
C SER B 758 -11.11 -1.88 -8.00
N PHE B 759 -9.82 -2.14 -7.93
CA PHE B 759 -8.84 -1.17 -7.48
C PHE B 759 -8.61 -0.04 -8.48
N CYS B 760 -8.66 -0.37 -9.80
CA CYS B 760 -8.43 0.51 -10.94
C CYS B 760 -9.59 1.52 -10.92
N THR B 761 -10.81 0.99 -10.73
CA THR B 761 -11.98 1.85 -10.69
C THR B 761 -11.94 2.77 -9.47
N GLN B 762 -11.57 2.24 -8.31
CA GLN B 762 -11.54 3.03 -7.09
C GLN B 762 -10.58 4.21 -7.17
N LEU B 763 -9.42 4.04 -7.83
CA LEU B 763 -8.48 5.14 -7.97
C LEU B 763 -9.12 6.28 -8.72
N ASN B 764 -9.83 5.96 -9.79
CA ASN B 764 -10.44 7.02 -10.55
C ASN B 764 -11.56 7.68 -9.82
N ARG B 765 -12.27 6.96 -8.98
CA ARG B 765 -13.34 7.63 -8.28
C ARG B 765 -12.77 8.71 -7.37
N ALA B 766 -11.66 8.41 -6.70
CA ALA B 766 -11.08 9.41 -5.82
C ALA B 766 -10.58 10.61 -6.60
N LEU B 767 -9.97 10.38 -7.76
CA LEU B 767 -9.45 11.49 -8.53
C LEU B 767 -10.56 12.34 -9.09
N THR B 768 -11.66 11.72 -9.47
CA THR B 768 -12.77 12.48 -10.00
C THR B 768 -13.30 13.39 -8.93
N GLY B 769 -13.44 12.89 -7.71
CA GLY B 769 -13.96 13.72 -6.63
C GLY B 769 -13.06 14.94 -6.40
N ILE B 770 -11.74 14.75 -6.50
CA ILE B 770 -10.83 15.85 -6.33
C ILE B 770 -11.02 16.85 -7.45
N ALA B 771 -11.10 16.36 -8.68
CA ALA B 771 -11.24 17.23 -9.81
C ALA B 771 -12.48 18.09 -9.70
N VAL B 772 -13.57 17.54 -9.19
CA VAL B 772 -14.77 18.36 -9.06
C VAL B 772 -14.57 19.43 -8.02
N GLU B 773 -13.97 19.07 -6.89
CA GLU B 773 -13.74 20.02 -5.82
C GLU B 773 -12.93 21.20 -6.30
N GLN B 774 -11.98 20.98 -7.22
CA GLN B 774 -11.15 22.08 -7.65
C GLN B 774 -11.97 23.16 -8.39
N ASP B 775 -13.07 22.81 -9.06
CA ASP B 775 -13.82 23.86 -9.72
C ASP B 775 -14.69 24.52 -8.69
N LYS B 776 -15.15 23.76 -7.70
CA LYS B 776 -15.94 24.37 -6.67
C LYS B 776 -15.11 25.38 -5.90
N ASN B 777 -13.82 25.10 -5.70
CA ASN B 777 -12.97 26.02 -4.95
C ASN B 777 -12.85 27.33 -5.68
N THR B 778 -12.69 27.26 -7.01
CA THR B 778 -12.54 28.47 -7.78
C THR B 778 -13.82 29.28 -7.72
N GLN B 779 -14.95 28.61 -7.84
CA GLN B 779 -16.21 29.32 -7.80
C GLN B 779 -16.46 29.93 -6.45
N GLU B 780 -16.11 29.24 -5.37
CA GLU B 780 -16.39 29.81 -4.07
C GLU B 780 -15.57 31.07 -3.83
N VAL B 781 -14.31 31.07 -4.26
CA VAL B 781 -13.51 32.26 -4.04
C VAL B 781 -13.95 33.44 -4.89
N PHE B 782 -14.23 33.23 -6.18
CA PHE B 782 -14.53 34.38 -7.02
C PHE B 782 -16.00 34.65 -7.33
N ALA B 783 -16.84 33.63 -7.41
CA ALA B 783 -18.22 33.85 -7.86
C ALA B 783 -19.16 34.21 -6.72
N GLN B 784 -18.87 35.33 -6.07
CA GLN B 784 -19.69 35.86 -4.98
C GLN B 784 -20.63 36.93 -5.45
N VAL B 785 -20.54 37.25 -6.71
CA VAL B 785 -21.32 38.29 -7.30
C VAL B 785 -22.08 37.76 -8.50
N LYS B 786 -23.39 37.92 -8.49
CA LYS B 786 -24.22 37.47 -9.60
C LYS B 786 -24.51 38.61 -10.55
N GLN B 787 -24.16 39.80 -10.13
CA GLN B 787 -24.40 40.99 -10.92
C GLN B 787 -23.05 41.44 -11.41
N ILE B 788 -22.78 41.27 -12.67
CA ILE B 788 -21.45 41.61 -13.11
C ILE B 788 -21.49 43.04 -13.49
N TYR B 789 -20.87 43.84 -12.66
CA TYR B 789 -20.93 45.26 -12.80
C TYR B 789 -19.87 45.73 -13.74
N LYS B 790 -20.24 46.67 -14.58
CA LYS B 790 -19.30 47.27 -15.49
C LYS B 790 -18.53 48.35 -14.78
N THR B 791 -17.29 48.56 -15.21
CA THR B 791 -16.48 49.62 -14.71
C THR B 791 -17.20 50.91 -15.03
N PRO B 792 -17.42 51.83 -14.09
CA PRO B 792 -18.10 53.08 -14.35
C PRO B 792 -17.36 53.88 -15.42
N PRO B 793 -18.08 54.66 -16.25
CA PRO B 793 -17.56 55.58 -17.26
C PRO B 793 -16.92 56.81 -16.63
N ILE B 794 -17.22 57.03 -15.35
CA ILE B 794 -16.74 58.16 -14.60
C ILE B 794 -15.58 57.69 -13.77
N LYS B 795 -14.43 58.34 -13.93
CA LYS B 795 -13.23 57.92 -13.22
C LYS B 795 -12.84 58.87 -12.11
N ASP B 796 -13.74 59.77 -11.76
CA ASP B 796 -13.45 60.79 -10.77
C ASP B 796 -13.60 60.29 -9.35
N PHE B 797 -12.71 59.39 -8.98
CA PHE B 797 -12.70 58.79 -7.66
C PHE B 797 -11.85 59.66 -6.76
N GLY B 798 -12.30 60.88 -6.58
CA GLY B 798 -11.52 61.83 -5.82
C GLY B 798 -10.18 62.00 -6.54
N GLY B 799 -9.09 61.91 -5.81
CA GLY B 799 -7.76 62.04 -6.41
C GLY B 799 -7.08 60.68 -6.65
N PHE B 800 -7.83 59.61 -6.51
CA PHE B 800 -7.29 58.27 -6.62
C PHE B 800 -7.23 57.82 -8.08
N ASN B 801 -6.25 56.96 -8.41
CA ASN B 801 -6.00 56.45 -9.77
C ASN B 801 -6.78 55.15 -10.09
N PHE B 802 -6.34 53.98 -9.55
CA PHE B 802 -6.91 52.61 -9.74
C PHE B 802 -6.81 52.03 -11.16
N SER B 803 -6.13 52.69 -12.09
CA SER B 803 -6.09 52.16 -13.45
C SER B 803 -5.27 50.90 -13.59
N GLN B 804 -4.38 50.63 -12.65
CA GLN B 804 -3.56 49.43 -12.71
C GLN B 804 -4.33 48.23 -12.17
N ILE B 805 -5.41 48.51 -11.44
CA ILE B 805 -6.21 47.50 -10.77
C ILE B 805 -7.36 47.07 -11.69
N LEU B 806 -7.99 48.06 -12.32
CA LEU B 806 -9.12 47.84 -13.21
C LEU B 806 -8.68 47.21 -14.53
N PRO B 807 -9.55 46.47 -15.24
CA PRO B 807 -9.28 45.85 -16.52
C PRO B 807 -8.77 46.84 -17.55
N ASP B 808 -7.78 46.41 -18.33
CA ASP B 808 -7.21 47.23 -19.39
C ASP B 808 -7.96 46.97 -20.70
N PRO B 809 -8.76 47.92 -21.21
CA PRO B 809 -9.64 47.77 -22.36
C PRO B 809 -8.91 47.59 -23.68
N SER B 810 -7.60 47.85 -23.71
CA SER B 810 -6.86 47.72 -24.96
C SER B 810 -6.48 46.27 -25.23
N LYS B 811 -6.63 45.41 -24.22
CA LYS B 811 -6.25 44.02 -24.37
C LYS B 811 -7.43 43.20 -24.88
N PRO B 812 -7.20 42.06 -25.55
CA PRO B 812 -8.24 41.10 -25.96
C PRO B 812 -8.83 40.40 -24.74
N SER B 813 -8.09 40.42 -23.64
CA SER B 813 -8.45 39.83 -22.38
C SER B 813 -9.01 40.94 -21.53
N LYS B 814 -9.49 40.61 -20.35
CA LYS B 814 -10.00 41.64 -19.48
C LYS B 814 -9.08 41.80 -18.28
N ARG B 815 -7.83 41.38 -18.43
CA ARG B 815 -6.87 41.49 -17.35
C ARG B 815 -6.46 42.94 -17.11
N SER B 816 -6.26 43.29 -15.85
CA SER B 816 -5.75 44.58 -15.41
C SER B 816 -4.26 44.59 -15.62
N PHE B 817 -3.61 45.74 -15.47
CA PHE B 817 -2.17 45.75 -15.63
C PHE B 817 -1.49 44.84 -14.60
N ILE B 818 -1.90 44.95 -13.34
CA ILE B 818 -1.28 44.12 -12.32
C ILE B 818 -1.55 42.64 -12.60
N GLU B 819 -2.77 42.30 -13.02
CA GLU B 819 -3.03 40.90 -13.32
C GLU B 819 -2.12 40.44 -14.44
N ASP B 820 -1.88 41.28 -15.43
CA ASP B 820 -1.02 40.87 -16.52
C ASP B 820 0.36 40.49 -15.97
N LEU B 821 0.87 41.25 -15.00
CA LEU B 821 2.17 40.88 -14.43
C LEU B 821 2.10 39.56 -13.69
N LEU B 822 1.02 39.32 -12.94
CA LEU B 822 0.91 38.10 -12.15
C LEU B 822 0.86 36.87 -13.05
N PHE B 823 0.16 37.00 -14.17
CA PHE B 823 0.01 35.91 -15.11
C PHE B 823 1.31 35.64 -15.83
N ASN B 824 2.06 36.67 -16.13
CA ASN B 824 3.34 36.49 -16.79
C ASN B 824 4.40 35.88 -15.88
N LYS B 825 4.34 36.09 -14.57
CA LYS B 825 5.36 35.53 -13.69
C LYS B 825 5.13 34.07 -13.28
N VAL B 826 3.89 33.64 -13.11
CA VAL B 826 3.70 32.24 -12.72
C VAL B 826 3.79 31.40 -13.99
N THR B 827 4.65 30.39 -13.99
CA THR B 827 4.86 29.59 -15.17
C THR B 827 4.12 28.28 -15.16
N LEU B 828 3.32 28.06 -16.18
CA LEU B 828 2.58 26.82 -16.29
C LEU B 828 3.37 25.96 -17.22
N ALA B 829 3.28 24.65 -17.06
CA ALA B 829 4.03 23.77 -17.93
C ALA B 829 3.67 23.95 -19.40
N ASP B 830 2.38 24.19 -19.69
CA ASP B 830 1.93 24.38 -21.06
C ASP B 830 0.57 25.07 -21.05
N ALA B 831 0.00 25.33 -22.22
CA ALA B 831 -1.31 25.95 -22.27
C ALA B 831 -2.13 25.51 -23.48
N GLY B 832 -3.45 25.50 -23.31
CA GLY B 832 -4.42 25.16 -24.35
C GLY B 832 -4.93 23.74 -24.23
N PHE B 833 -4.22 22.91 -23.48
CA PHE B 833 -4.57 21.51 -23.19
C PHE B 833 -4.69 20.53 -24.38
N ILE B 834 -4.31 20.93 -25.60
CA ILE B 834 -4.42 19.99 -26.70
C ILE B 834 -3.10 19.67 -27.36
N LYS B 835 -2.82 18.38 -27.41
CA LYS B 835 -1.67 17.80 -28.09
C LYS B 835 -2.26 16.79 -29.00
N GLN B 836 -1.96 16.86 -30.28
CA GLN B 836 -2.57 15.90 -31.18
C GLN B 836 -1.65 14.72 -31.30
N TYR B 837 -2.16 13.56 -31.65
CA TYR B 837 -1.30 12.40 -31.80
C TYR B 837 -0.18 12.69 -32.77
N GLY B 838 -0.51 13.30 -33.90
CA GLY B 838 0.49 13.60 -34.92
C GLY B 838 1.63 14.46 -34.38
N ASP B 839 1.35 15.32 -33.40
CA ASP B 839 2.37 16.20 -32.83
C ASP B 839 3.50 15.45 -32.08
N CYS B 840 3.22 14.21 -31.60
CA CYS B 840 4.11 13.35 -30.85
C CYS B 840 4.55 12.17 -31.71
N LEU B 841 4.25 12.19 -33.00
CA LEU B 841 4.59 11.01 -33.76
C LEU B 841 6.01 11.06 -34.26
N GLY B 842 6.92 10.80 -33.33
CA GLY B 842 8.35 10.85 -33.56
C GLY B 842 9.14 10.78 -32.25
N ASP B 843 10.43 11.03 -32.35
CA ASP B 843 11.37 10.94 -31.24
C ASP B 843 11.02 11.89 -30.13
N ILE B 844 10.42 12.99 -30.51
CA ILE B 844 9.98 14.07 -29.66
C ILE B 844 9.10 13.60 -28.51
N ALA B 845 8.37 12.51 -28.67
CA ALA B 845 7.48 12.03 -27.63
C ALA B 845 8.24 11.74 -26.34
N ALA B 846 9.50 11.32 -26.46
CA ALA B 846 10.31 10.99 -25.29
C ALA B 846 11.00 12.20 -24.67
N ARG B 847 10.92 13.36 -25.32
CA ARG B 847 11.57 14.56 -24.79
C ARG B 847 10.54 15.47 -24.14
N ASP B 848 9.33 15.42 -24.66
CA ASP B 848 8.25 16.22 -24.18
C ASP B 848 7.57 15.53 -23.01
N LEU B 849 7.75 16.07 -21.81
CA LEU B 849 7.24 15.41 -20.62
C LEU B 849 5.73 15.34 -20.62
N ILE B 850 5.05 16.31 -21.20
CA ILE B 850 3.60 16.22 -21.19
C ILE B 850 3.12 15.07 -22.06
N CYS B 851 3.73 14.92 -23.26
CA CYS B 851 3.42 13.85 -24.19
C CYS B 851 3.74 12.49 -23.51
N ALA B 852 4.89 12.40 -22.84
CA ALA B 852 5.25 11.18 -22.16
C ALA B 852 4.21 10.83 -21.10
N GLN B 853 3.67 11.84 -20.42
CA GLN B 853 2.65 11.53 -19.45
C GLN B 853 1.38 11.00 -20.14
N LYS B 854 0.98 11.61 -21.27
CA LYS B 854 -0.22 11.16 -21.97
C LYS B 854 -0.13 9.75 -22.49
N PHE B 855 1.02 9.35 -22.97
CA PHE B 855 1.18 8.00 -23.50
C PHE B 855 1.15 6.92 -22.45
N ASN B 856 1.23 7.30 -21.18
CA ASN B 856 1.21 6.33 -20.11
C ASN B 856 -0.10 6.43 -19.35
N GLY B 857 -1.10 7.10 -19.96
CA GLY B 857 -2.41 7.19 -19.35
C GLY B 857 -2.61 8.34 -18.37
N LEU B 858 -1.68 9.27 -18.27
CA LEU B 858 -1.87 10.31 -17.31
C LEU B 858 -2.34 11.57 -18.01
N THR B 859 -3.51 12.06 -17.66
CA THR B 859 -3.94 13.28 -18.35
C THR B 859 -4.26 14.39 -17.38
N VAL B 860 -4.50 15.54 -17.98
CA VAL B 860 -4.85 16.77 -17.31
C VAL B 860 -6.14 17.31 -17.85
N LEU B 861 -7.04 17.64 -16.98
CA LEU B 861 -8.31 18.14 -17.41
C LEU B 861 -8.30 19.66 -17.33
N PRO B 862 -8.97 20.38 -18.23
CA PRO B 862 -9.08 21.81 -18.20
C PRO B 862 -10.01 22.19 -17.06
N PRO B 863 -9.88 23.42 -16.51
CA PRO B 863 -10.73 24.03 -15.51
C PRO B 863 -12.03 24.39 -16.16
N LEU B 864 -13.09 24.48 -15.38
CA LEU B 864 -14.35 24.94 -15.93
C LEU B 864 -14.33 26.40 -16.26
N LEU B 865 -13.74 27.22 -15.41
CA LEU B 865 -13.70 28.63 -15.70
C LEU B 865 -12.39 28.95 -16.36
N THR B 866 -12.43 29.88 -17.31
CA THR B 866 -11.26 30.33 -18.03
C THR B 866 -10.72 31.59 -17.43
N ASP B 867 -9.54 32.01 -17.86
CA ASP B 867 -8.98 33.24 -17.33
C ASP B 867 -9.84 34.43 -17.65
N GLU B 868 -10.48 34.42 -18.82
CA GLU B 868 -11.32 35.55 -19.16
C GLU B 868 -12.51 35.63 -18.23
N MET B 869 -13.09 34.48 -17.87
CA MET B 869 -14.24 34.52 -16.99
C MET B 869 -13.83 34.99 -15.60
N ILE B 870 -12.64 34.60 -15.15
CA ILE B 870 -12.22 35.03 -13.85
C ILE B 870 -12.01 36.51 -13.90
N ALA B 871 -11.41 37.02 -14.97
CA ALA B 871 -11.20 38.45 -15.07
C ALA B 871 -12.55 39.16 -15.00
N GLN B 872 -13.60 38.61 -15.58
CA GLN B 872 -14.89 39.28 -15.45
C GLN B 872 -15.36 39.29 -14.01
N TYR B 873 -15.11 38.21 -13.26
CA TYR B 873 -15.53 38.23 -11.87
C TYR B 873 -14.72 39.23 -11.07
N THR B 874 -13.42 39.35 -11.31
CA THR B 874 -12.66 40.30 -10.52
C THR B 874 -13.06 41.69 -10.91
N SER B 875 -13.42 41.90 -12.18
CA SER B 875 -13.85 43.20 -12.61
C SER B 875 -15.09 43.61 -11.87
N ALA B 876 -16.06 42.69 -11.74
CA ALA B 876 -17.29 42.99 -11.03
C ALA B 876 -17.04 43.32 -9.59
N LEU B 877 -16.12 42.60 -8.95
CA LEU B 877 -15.83 42.86 -7.56
C LEU B 877 -15.23 44.24 -7.42
N LEU B 878 -14.37 44.63 -8.34
CA LEU B 878 -13.77 45.94 -8.27
C LEU B 878 -14.78 47.02 -8.56
N ALA B 879 -15.67 46.81 -9.52
CA ALA B 879 -16.67 47.84 -9.81
C ALA B 879 -17.53 48.02 -8.57
N GLY B 880 -17.80 46.91 -7.90
CA GLY B 880 -18.60 46.88 -6.70
C GLY B 880 -17.98 47.69 -5.58
N THR B 881 -16.70 47.45 -5.29
CA THR B 881 -16.10 48.17 -4.19
C THR B 881 -15.62 49.55 -4.55
N ILE B 882 -15.42 49.84 -5.82
CA ILE B 882 -15.01 51.18 -6.15
C ILE B 882 -16.21 52.12 -6.08
N THR B 883 -17.39 51.65 -6.46
CA THR B 883 -18.56 52.53 -6.45
C THR B 883 -19.52 52.37 -5.29
N SER B 884 -19.78 51.15 -4.86
CA SER B 884 -20.78 50.93 -3.82
C SER B 884 -20.20 50.60 -2.46
N GLY B 885 -19.01 50.04 -2.45
CA GLY B 885 -18.36 49.69 -1.20
C GLY B 885 -19.07 48.60 -0.42
N TRP B 886 -19.37 48.89 0.84
CA TRP B 886 -20.00 47.93 1.73
C TRP B 886 -21.25 47.30 1.18
N THR B 887 -22.09 48.12 0.59
CA THR B 887 -23.39 47.66 0.18
C THR B 887 -23.43 47.09 -1.19
N PHE B 888 -22.28 46.87 -1.84
CA PHE B 888 -22.41 46.24 -3.13
C PHE B 888 -22.86 44.81 -2.86
N GLY B 889 -22.56 44.29 -1.64
CA GLY B 889 -22.99 42.97 -1.28
C GLY B 889 -24.09 43.13 -0.23
N ALA B 890 -24.62 42.03 0.31
CA ALA B 890 -25.68 42.12 1.33
C ALA B 890 -26.86 42.99 0.86
N GLY B 891 -27.26 42.85 -0.41
CA GLY B 891 -28.37 43.64 -0.93
C GLY B 891 -28.03 44.23 -2.29
N ALA B 892 -28.92 45.08 -2.81
CA ALA B 892 -28.68 45.71 -4.10
C ALA B 892 -27.58 46.72 -3.95
N ALA B 893 -26.72 46.87 -4.95
CA ALA B 893 -25.70 47.87 -4.82
C ALA B 893 -26.28 49.27 -4.83
N LEU B 894 -25.76 50.10 -3.97
CA LEU B 894 -26.12 51.51 -3.87
C LEU B 894 -24.91 52.30 -4.27
N GLN B 895 -25.04 53.42 -4.96
CA GLN B 895 -23.81 54.17 -5.23
C GLN B 895 -23.50 55.12 -4.09
N ILE B 896 -22.22 55.45 -3.94
CA ILE B 896 -21.78 56.45 -3.01
C ILE B 896 -20.55 57.15 -3.60
N PRO B 897 -20.30 58.45 -3.41
CA PRO B 897 -19.08 59.10 -3.82
C PRO B 897 -17.92 58.38 -3.20
N PHE B 898 -16.80 58.26 -3.91
CA PHE B 898 -15.69 57.49 -3.38
C PHE B 898 -15.13 58.10 -2.10
N ALA B 899 -14.99 59.42 -2.05
CA ALA B 899 -14.44 60.00 -0.85
C ALA B 899 -15.29 59.70 0.36
N MET B 900 -16.60 59.66 0.19
CA MET B 900 -17.45 59.37 1.33
C MET B 900 -17.25 57.95 1.74
N GLN B 901 -17.10 57.07 0.77
CA GLN B 901 -16.91 55.70 1.15
C GLN B 901 -15.71 55.58 2.05
N MET B 902 -14.59 56.23 1.71
CA MET B 902 -13.50 56.10 2.63
C MET B 902 -13.75 56.82 3.93
N ALA B 903 -14.51 57.91 3.93
CA ALA B 903 -14.75 58.59 5.18
C ALA B 903 -15.38 57.66 6.17
N TYR B 904 -16.25 56.80 5.68
CA TYR B 904 -16.89 55.88 6.57
C TYR B 904 -15.93 54.79 7.00
N ARG B 905 -14.98 54.44 6.15
CA ARG B 905 -14.01 53.42 6.52
C ARG B 905 -13.10 53.97 7.63
N PHE B 906 -12.84 55.28 7.61
CA PHE B 906 -12.04 55.90 8.65
C PHE B 906 -12.80 55.89 9.96
N ASN B 907 -14.11 56.14 9.92
CA ASN B 907 -14.86 56.07 11.17
C ASN B 907 -14.80 54.66 11.70
N GLY B 908 -14.77 53.69 10.80
CA GLY B 908 -14.68 52.28 11.16
C GLY B 908 -13.39 51.98 11.93
N ILE B 909 -12.27 52.54 11.47
CA ILE B 909 -10.99 52.40 12.14
C ILE B 909 -11.04 53.06 13.49
N GLY B 910 -11.63 54.23 13.54
CA GLY B 910 -11.71 54.98 14.77
C GLY B 910 -11.00 56.30 14.68
N VAL B 911 -10.99 56.86 13.48
CA VAL B 911 -10.40 58.14 13.18
C VAL B 911 -11.50 59.01 12.66
N THR B 912 -11.66 60.20 13.20
CA THR B 912 -12.73 61.04 12.70
C THR B 912 -12.61 61.27 11.22
N GLN B 913 -13.77 61.37 10.57
CA GLN B 913 -13.88 61.57 9.12
C GLN B 913 -13.24 62.88 8.69
N ASN B 914 -13.05 63.77 9.65
CA ASN B 914 -12.48 65.04 9.33
C ASN B 914 -11.08 64.87 8.80
N VAL B 915 -10.39 63.81 9.20
CA VAL B 915 -9.04 63.61 8.74
C VAL B 915 -9.02 63.37 7.26
N LEU B 916 -9.94 62.53 6.76
CA LEU B 916 -9.95 62.25 5.35
C LEU B 916 -10.21 63.45 4.51
N TYR B 917 -11.13 64.30 4.92
CA TYR B 917 -11.39 65.40 4.04
C TYR B 917 -10.28 66.44 4.11
N GLU B 918 -9.72 66.70 5.27
CA GLU B 918 -8.70 67.72 5.32
C GLU B 918 -7.42 67.28 4.64
N ASN B 919 -7.13 65.99 4.69
CA ASN B 919 -5.94 65.43 4.09
C ASN B 919 -6.27 64.65 2.83
N GLN B 920 -7.39 64.96 2.17
CA GLN B 920 -7.76 64.16 1.01
C GLN B 920 -6.69 64.08 -0.07
N LYS B 921 -5.96 65.16 -0.30
CA LYS B 921 -4.94 65.12 -1.34
C LYS B 921 -3.76 64.24 -0.92
N LEU B 922 -3.43 64.27 0.36
CA LEU B 922 -2.31 63.47 0.84
C LEU B 922 -2.65 62.01 0.74
N ILE B 923 -3.87 61.68 1.13
CA ILE B 923 -4.31 60.32 1.13
C ILE B 923 -4.34 59.78 -0.26
N ALA B 924 -4.88 60.52 -1.19
CA ALA B 924 -4.90 60.03 -2.55
C ALA B 924 -3.48 59.85 -3.08
N ASN B 925 -2.56 60.75 -2.75
CA ASN B 925 -1.22 60.59 -3.27
C ASN B 925 -0.52 59.41 -2.66
N GLN B 926 -0.72 59.15 -1.37
CA GLN B 926 -0.04 58.02 -0.78
C GLN B 926 -0.57 56.73 -1.39
N PHE B 927 -1.88 56.67 -1.64
CA PHE B 927 -2.45 55.48 -2.22
C PHE B 927 -1.87 55.23 -3.59
N ASN B 928 -1.83 56.27 -4.42
CA ASN B 928 -1.38 56.09 -5.78
C ASN B 928 0.08 55.68 -5.82
N SER B 929 0.90 56.21 -4.90
CA SER B 929 2.28 55.84 -4.87
C SER B 929 2.44 54.40 -4.43
N ALA B 930 1.62 53.95 -3.47
CA ALA B 930 1.72 52.59 -3.00
C ALA B 930 1.41 51.60 -4.11
N ILE B 931 0.44 51.92 -4.96
CA ILE B 931 0.13 50.99 -6.03
C ILE B 931 1.28 50.95 -7.00
N GLY B 932 1.87 52.10 -7.31
CA GLY B 932 3.00 52.11 -8.21
C GLY B 932 4.15 51.26 -7.67
N LYS B 933 4.39 51.32 -6.36
CA LYS B 933 5.46 50.50 -5.79
C LYS B 933 5.17 49.02 -5.96
N ILE B 934 3.91 48.61 -5.78
CA ILE B 934 3.58 47.20 -5.95
C ILE B 934 3.81 46.78 -7.37
N GLN B 935 3.41 47.59 -8.32
CA GLN B 935 3.61 47.26 -9.70
C GLN B 935 5.07 47.00 -10.01
N ASP B 936 5.94 47.88 -9.55
CA ASP B 936 7.34 47.71 -9.84
C ASP B 936 7.94 46.54 -9.09
N SER B 937 7.47 46.31 -7.87
CA SER B 937 7.98 45.22 -7.08
C SER B 937 7.66 43.91 -7.75
N LEU B 938 6.43 43.73 -8.23
CA LEU B 938 6.04 42.51 -8.91
C LEU B 938 6.77 42.32 -10.21
N SER B 939 7.04 43.40 -10.93
CA SER B 939 7.77 43.31 -12.17
C SER B 939 9.20 42.82 -11.94
N SER B 940 9.85 43.38 -10.90
CA SER B 940 11.22 43.03 -10.55
C SER B 940 11.45 41.66 -9.89
N THR B 941 10.71 41.35 -8.81
CA THR B 941 10.92 40.08 -8.10
C THR B 941 9.71 39.16 -8.12
N ALA B 942 9.90 37.99 -8.71
CA ALA B 942 8.82 37.02 -8.83
C ALA B 942 8.70 36.07 -7.65
N SER B 943 9.61 36.16 -6.68
CA SER B 943 9.63 35.21 -5.57
C SER B 943 8.38 35.23 -4.72
N ALA B 944 7.66 36.34 -4.69
CA ALA B 944 6.43 36.43 -3.92
C ALA B 944 5.40 35.41 -4.40
N LEU B 945 5.48 35.08 -5.67
CA LEU B 945 4.52 34.21 -6.33
C LEU B 945 4.91 32.77 -6.25
N GLY B 946 5.97 32.48 -5.49
CA GLY B 946 6.44 31.13 -5.34
C GLY B 946 5.33 30.22 -4.85
N LYS B 947 4.41 30.70 -4.02
CA LYS B 947 3.35 29.81 -3.57
C LYS B 947 2.52 29.24 -4.72
N LEU B 948 2.28 30.03 -5.76
CA LEU B 948 1.46 29.54 -6.84
C LEU B 948 2.31 28.67 -7.73
N GLN B 949 3.58 29.02 -7.83
CA GLN B 949 4.47 28.24 -8.65
C GLN B 949 4.67 26.86 -8.06
N ASP B 950 4.68 26.77 -6.73
CA ASP B 950 4.86 25.52 -6.01
C ASP B 950 3.68 24.60 -6.24
N VAL B 951 2.46 25.14 -6.31
CA VAL B 951 1.34 24.25 -6.58
C VAL B 951 1.52 23.61 -7.94
N VAL B 952 1.92 24.41 -8.90
CA VAL B 952 2.12 23.90 -10.25
C VAL B 952 3.24 22.87 -10.30
N ASN B 953 4.35 23.17 -9.65
CA ASN B 953 5.49 22.29 -9.71
C ASN B 953 5.24 20.97 -9.02
N GLN B 954 4.50 20.99 -7.91
CA GLN B 954 4.24 19.76 -7.19
C GLN B 954 3.38 18.81 -7.99
N ASN B 955 2.40 19.32 -8.72
CA ASN B 955 1.58 18.41 -9.48
C ASN B 955 2.35 17.88 -10.67
N ALA B 956 3.20 18.72 -11.28
CA ALA B 956 3.98 18.25 -12.40
C ALA B 956 4.94 17.16 -11.98
N GLN B 957 5.53 17.30 -10.80
CA GLN B 957 6.46 16.30 -10.34
C GLN B 957 5.76 15.01 -10.03
N ALA B 958 4.57 15.07 -9.45
CA ALA B 958 3.89 13.83 -9.14
C ALA B 958 3.62 13.02 -10.40
N LEU B 959 3.25 13.68 -11.48
CA LEU B 959 2.98 12.97 -12.71
C LEU B 959 4.27 12.45 -13.34
N ASN B 960 5.35 13.21 -13.24
CA ASN B 960 6.60 12.75 -13.82
C ASN B 960 7.14 11.58 -13.01
N THR B 961 6.86 11.56 -11.71
CA THR B 961 7.27 10.47 -10.86
C THR B 961 6.56 9.21 -11.29
N LEU B 962 5.26 9.29 -11.57
CA LEU B 962 4.58 8.09 -12.01
C LEU B 962 5.17 7.55 -13.28
N VAL B 963 5.60 8.41 -14.20
CA VAL B 963 6.22 7.85 -15.38
C VAL B 963 7.54 7.19 -15.00
N LYS B 964 8.36 7.84 -14.21
CA LYS B 964 9.65 7.25 -13.87
C LYS B 964 9.55 5.91 -13.14
N GLN B 965 8.55 5.75 -12.30
CA GLN B 965 8.41 4.52 -11.53
C GLN B 965 8.02 3.32 -12.37
N LEU B 966 7.68 3.54 -13.64
CA LEU B 966 7.33 2.44 -14.52
C LEU B 966 8.53 1.54 -14.73
N SER B 967 9.74 2.09 -14.57
CA SER B 967 10.95 1.32 -14.80
C SER B 967 11.26 0.32 -13.70
N SER B 968 10.58 0.40 -12.55
CA SER B 968 10.89 -0.51 -11.47
C SER B 968 10.48 -1.94 -11.79
N ASN B 969 11.32 -2.90 -11.40
CA ASN B 969 11.01 -4.30 -11.63
C ASN B 969 10.01 -4.86 -10.63
N PHE B 970 10.00 -4.37 -9.41
CA PHE B 970 9.09 -4.91 -8.40
C PHE B 970 9.21 -6.42 -8.18
N GLY B 971 10.40 -6.98 -8.33
CA GLY B 971 10.57 -8.41 -8.12
C GLY B 971 10.51 -9.19 -9.42
N ALA B 972 10.10 -8.53 -10.49
CA ALA B 972 10.00 -9.15 -11.78
C ALA B 972 11.37 -9.26 -12.42
N ILE B 973 11.47 -10.12 -13.43
CA ILE B 973 12.66 -10.27 -14.24
C ILE B 973 12.98 -8.99 -14.99
N SER B 974 11.94 -8.36 -15.52
CA SER B 974 12.06 -7.13 -16.28
C SER B 974 10.85 -6.27 -16.09
N SER B 975 11.06 -4.96 -16.14
CA SER B 975 10.02 -3.94 -16.03
C SER B 975 9.21 -3.78 -17.30
N VAL B 976 9.69 -4.38 -18.37
CA VAL B 976 9.04 -4.29 -19.66
C VAL B 976 8.17 -5.51 -19.94
N LEU B 977 6.89 -5.27 -20.16
CA LEU B 977 5.96 -6.37 -20.41
C LEU B 977 6.31 -7.11 -21.66
N ASN B 978 6.85 -6.42 -22.64
CA ASN B 978 7.22 -7.06 -23.87
C ASN B 978 8.40 -8.01 -23.70
N ASP B 979 9.28 -7.79 -22.72
CA ASP B 979 10.40 -8.71 -22.58
C ASP B 979 9.87 -9.97 -21.95
N ILE B 980 8.93 -9.79 -21.02
CA ILE B 980 8.36 -10.91 -20.32
C ILE B 980 7.57 -11.78 -21.27
N LEU B 981 6.72 -11.16 -22.05
CA LEU B 981 5.89 -11.89 -22.97
C LEU B 981 6.65 -12.53 -24.10
N SER B 982 7.71 -11.90 -24.57
CA SER B 982 8.46 -12.55 -25.62
C SER B 982 9.20 -13.79 -25.15
N ARG B 983 9.85 -13.73 -23.99
CA ARG B 983 10.63 -14.86 -23.53
C ARG B 983 9.90 -15.95 -22.76
N LEU B 984 8.78 -15.62 -22.13
CA LEU B 984 8.11 -16.62 -21.33
C LEU B 984 6.79 -17.09 -21.91
N ASP B 985 6.43 -18.32 -21.61
CA ASP B 985 5.16 -18.84 -22.06
C ASP B 985 4.11 -18.24 -21.14
N PRO B 986 2.81 -18.35 -21.42
CA PRO B 986 1.76 -17.81 -20.58
C PRO B 986 1.88 -18.14 -19.08
N PRO B 987 1.88 -19.41 -18.62
CA PRO B 987 1.84 -19.64 -17.18
C PRO B 987 3.07 -19.11 -16.45
N GLU B 988 4.21 -18.98 -17.12
CA GLU B 988 5.34 -18.41 -16.42
C GLU B 988 5.25 -16.88 -16.47
N ALA B 989 4.81 -16.36 -17.62
CA ALA B 989 4.69 -14.93 -17.84
C ALA B 989 3.72 -14.35 -16.86
N GLU B 990 2.69 -15.10 -16.52
CA GLU B 990 1.67 -14.65 -15.60
C GLU B 990 2.26 -14.33 -14.24
N VAL B 991 3.29 -15.04 -13.81
CA VAL B 991 3.83 -14.73 -12.51
C VAL B 991 4.53 -13.39 -12.58
N GLN B 992 5.31 -13.22 -13.63
CA GLN B 992 6.09 -12.00 -13.76
C GLN B 992 5.20 -10.79 -13.97
N ILE B 993 4.11 -10.99 -14.70
CA ILE B 993 3.20 -9.92 -14.98
C ILE B 993 2.47 -9.58 -13.72
N ASP B 994 2.03 -10.56 -12.95
CA ASP B 994 1.30 -10.23 -11.75
C ASP B 994 2.19 -9.42 -10.80
N ARG B 995 3.51 -9.69 -10.76
CA ARG B 995 4.33 -8.88 -9.88
C ARG B 995 4.32 -7.44 -10.37
N LEU B 996 4.42 -7.24 -11.69
CA LEU B 996 4.39 -5.88 -12.17
C LEU B 996 3.06 -5.21 -11.98
N ILE B 997 1.95 -5.93 -12.13
CA ILE B 997 0.66 -5.30 -11.96
C ILE B 997 0.49 -4.84 -10.54
N THR B 998 0.85 -5.67 -9.57
CA THR B 998 0.67 -5.24 -8.20
C THR B 998 1.50 -4.00 -7.95
N GLY B 999 2.74 -4.00 -8.44
CA GLY B 999 3.62 -2.87 -8.24
C GLY B 999 3.11 -1.58 -8.88
N ARG B 1000 2.52 -1.70 -10.05
CA ARG B 1000 2.00 -0.53 -10.72
C ARG B 1000 0.82 0.02 -9.95
N LEU B 1001 -0.01 -0.85 -9.37
CA LEU B 1001 -1.12 -0.29 -8.61
C LEU B 1001 -0.55 0.40 -7.39
N GLN B 1002 0.49 -0.16 -6.79
CA GLN B 1002 1.05 0.47 -5.62
C GLN B 1002 1.48 1.90 -5.95
N SER B 1003 2.09 2.11 -7.12
CA SER B 1003 2.48 3.46 -7.52
C SER B 1003 1.27 4.36 -7.70
N LEU B 1004 0.21 3.85 -8.32
CA LEU B 1004 -0.97 4.67 -8.52
C LEU B 1004 -1.69 4.99 -7.23
N GLN B 1005 -1.75 4.06 -6.30
CA GLN B 1005 -2.42 4.32 -5.04
C GLN B 1005 -1.65 5.37 -4.27
N THR B 1006 -0.32 5.32 -4.35
CA THR B 1006 0.49 6.29 -3.66
C THR B 1006 0.19 7.67 -4.22
N TYR B 1007 0.11 7.77 -5.54
CA TYR B 1007 -0.20 9.02 -6.21
C TYR B 1007 -1.53 9.57 -5.78
N VAL B 1008 -2.56 8.74 -5.80
CA VAL B 1008 -3.86 9.23 -5.46
C VAL B 1008 -3.90 9.72 -4.03
N THR B 1009 -3.28 8.98 -3.11
CA THR B 1009 -3.28 9.41 -1.73
C THR B 1009 -2.59 10.75 -1.59
N GLN B 1010 -1.46 10.95 -2.27
CA GLN B 1010 -0.79 12.23 -2.14
C GLN B 1010 -1.63 13.34 -2.73
N GLN B 1011 -2.32 13.09 -3.84
CA GLN B 1011 -3.12 14.15 -4.43
C GLN B 1011 -4.28 14.48 -3.53
N LEU B 1012 -4.84 13.48 -2.89
CA LEU B 1012 -5.98 13.67 -2.02
C LEU B 1012 -5.60 14.45 -0.78
N ILE B 1013 -4.44 14.18 -0.21
CA ILE B 1013 -4.06 14.96 0.94
C ILE B 1013 -3.80 16.38 0.52
N ARG B 1014 -3.11 16.59 -0.60
CA ARG B 1014 -2.83 17.94 -1.06
C ARG B 1014 -4.13 18.66 -1.35
N ALA B 1015 -5.13 17.94 -1.85
CA ALA B 1015 -6.41 18.54 -2.13
C ALA B 1015 -7.03 19.06 -0.83
N ALA B 1016 -6.84 18.35 0.27
CA ALA B 1016 -7.41 18.86 1.50
C ALA B 1016 -6.75 20.18 1.87
N GLU B 1017 -5.44 20.27 1.64
CA GLU B 1017 -4.72 21.48 1.95
C GLU B 1017 -5.10 22.64 1.05
N ILE B 1018 -5.32 22.38 -0.25
CA ILE B 1018 -5.66 23.45 -1.14
C ILE B 1018 -7.05 23.92 -0.81
N ARG B 1019 -7.93 23.01 -0.38
CA ARG B 1019 -9.27 23.42 -0.02
C ARG B 1019 -9.22 24.34 1.18
N ALA B 1020 -8.39 24.03 2.16
CA ALA B 1020 -8.32 24.91 3.31
C ALA B 1020 -7.86 26.30 2.89
N SER B 1021 -6.91 26.37 1.95
CA SER B 1021 -6.44 27.66 1.48
C SER B 1021 -7.57 28.37 0.76
N ALA B 1022 -8.31 27.65 -0.09
CA ALA B 1022 -9.41 28.24 -0.83
C ALA B 1022 -10.48 28.76 0.10
N ASN B 1023 -10.74 28.06 1.20
CA ASN B 1023 -11.76 28.53 2.11
C ASN B 1023 -11.32 29.80 2.77
N LEU B 1024 -10.03 29.90 3.08
CA LEU B 1024 -9.54 31.10 3.68
C LEU B 1024 -9.60 32.23 2.69
N ALA B 1025 -9.24 31.94 1.43
CA ALA B 1025 -9.27 32.95 0.41
C ALA B 1025 -10.66 33.46 0.21
N ALA B 1026 -11.65 32.57 0.24
CA ALA B 1026 -13.02 32.99 0.07
C ALA B 1026 -13.42 33.86 1.23
N THR B 1027 -12.97 33.50 2.43
CA THR B 1027 -13.31 34.30 3.58
C THR B 1027 -12.71 35.67 3.46
N LYS B 1028 -11.44 35.77 3.06
CA LYS B 1028 -10.83 37.07 2.93
C LYS B 1028 -11.50 37.86 1.84
N MET B 1029 -11.92 37.22 0.77
CA MET B 1029 -12.58 37.97 -0.27
C MET B 1029 -13.78 38.65 0.34
N SER B 1030 -14.59 37.88 1.04
CA SER B 1030 -15.78 38.47 1.55
C SER B 1030 -15.53 39.45 2.68
N GLU B 1031 -14.59 39.18 3.58
CA GLU B 1031 -14.41 40.05 4.72
C GLU B 1031 -13.50 41.29 4.51
N CYS B 1032 -12.58 41.25 3.52
CA CYS B 1032 -11.64 42.34 3.21
C CYS B 1032 -12.13 43.16 2.02
N VAL B 1033 -12.82 42.54 1.04
CA VAL B 1033 -13.24 43.25 -0.17
C VAL B 1033 -14.68 43.68 -0.08
N LEU B 1034 -15.56 42.75 0.26
CA LEU B 1034 -17.01 43.02 0.32
C LEU B 1034 -17.44 43.72 1.60
N GLY B 1035 -16.51 43.89 2.51
CA GLY B 1035 -16.78 44.52 3.79
C GLY B 1035 -15.50 45.00 4.42
N GLN B 1036 -15.59 45.52 5.64
CA GLN B 1036 -14.41 46.01 6.34
C GLN B 1036 -14.15 45.18 7.58
N SER B 1037 -13.15 44.34 7.52
CA SER B 1037 -12.81 43.49 8.63
C SER B 1037 -12.21 44.32 9.71
N LYS B 1038 -12.50 43.97 10.96
CA LYS B 1038 -11.85 44.63 12.08
C LYS B 1038 -10.91 43.68 12.80
N ARG B 1039 -10.65 42.53 12.19
CA ARG B 1039 -9.76 41.57 12.79
C ARG B 1039 -8.35 42.10 12.59
N VAL B 1040 -7.56 42.11 13.65
CA VAL B 1040 -6.26 42.78 13.58
C VAL B 1040 -5.28 42.13 12.63
N ASP B 1041 -5.38 40.83 12.40
CA ASP B 1041 -4.42 40.20 11.54
C ASP B 1041 -4.99 39.82 10.19
N PHE B 1042 -6.10 40.42 9.85
CA PHE B 1042 -6.65 40.19 8.53
C PHE B 1042 -6.41 41.39 7.70
N CYS B 1043 -6.28 41.14 6.39
CA CYS B 1043 -6.13 42.12 5.32
C CYS B 1043 -4.79 42.90 5.49
N GLY B 1044 -3.75 42.20 5.87
CA GLY B 1044 -2.43 42.80 6.01
C GLY B 1044 -2.22 43.45 7.37
N LYS B 1045 -1.09 44.13 7.53
CA LYS B 1045 -0.76 44.76 8.81
C LYS B 1045 -1.18 46.21 8.80
N GLY B 1046 -1.76 46.66 9.89
CA GLY B 1046 -2.23 48.03 10.01
C GLY B 1046 -3.73 47.94 10.19
N TYR B 1047 -4.40 49.05 10.26
CA TYR B 1047 -5.82 48.95 10.46
C TYR B 1047 -6.44 48.77 9.08
N HIS B 1048 -7.31 47.80 8.91
CA HIS B 1048 -7.85 47.62 7.57
C HIS B 1048 -8.69 48.77 7.10
N LEU B 1049 -8.42 49.29 5.91
CA LEU B 1049 -9.16 50.39 5.36
C LEU B 1049 -10.00 49.93 4.14
N MET B 1050 -9.40 49.16 3.22
CA MET B 1050 -10.10 48.65 2.02
C MET B 1050 -9.24 47.63 1.26
N SER B 1051 -9.81 46.88 0.32
CA SER B 1051 -8.94 46.00 -0.46
C SER B 1051 -9.47 45.74 -1.86
N PHE B 1052 -8.58 45.28 -2.72
CA PHE B 1052 -8.93 44.98 -4.09
C PHE B 1052 -8.34 43.63 -4.50
N PRO B 1053 -9.12 42.65 -4.95
CA PRO B 1053 -8.63 41.38 -5.41
C PRO B 1053 -8.07 41.51 -6.80
N GLN B 1054 -7.13 40.64 -7.15
CA GLN B 1054 -6.60 40.46 -8.51
C GLN B 1054 -6.45 38.94 -8.74
N SER B 1055 -6.69 38.44 -9.95
CA SER B 1055 -6.48 37.01 -10.15
C SER B 1055 -5.07 36.64 -10.59
N ALA B 1056 -4.74 35.35 -10.45
CA ALA B 1056 -3.46 34.82 -10.87
C ALA B 1056 -3.67 33.34 -11.21
N PRO B 1057 -2.79 32.68 -11.97
CA PRO B 1057 -2.96 31.29 -12.23
C PRO B 1057 -3.04 30.55 -10.93
N HIS B 1058 -4.01 29.67 -10.83
CA HIS B 1058 -4.23 28.81 -9.67
C HIS B 1058 -4.46 29.52 -8.35
N GLY B 1059 -4.84 30.79 -8.35
CA GLY B 1059 -5.09 31.45 -7.08
C GLY B 1059 -5.50 32.90 -7.15
N VAL B 1060 -5.55 33.52 -5.97
CA VAL B 1060 -5.97 34.89 -5.86
C VAL B 1060 -4.91 35.69 -5.14
N VAL B 1061 -4.67 36.90 -5.63
CA VAL B 1061 -3.71 37.77 -5.01
C VAL B 1061 -4.45 39.00 -4.55
N PHE B 1062 -4.31 39.36 -3.31
CA PHE B 1062 -5.01 40.52 -2.84
C PHE B 1062 -4.12 41.70 -2.63
N LEU B 1063 -4.65 42.87 -2.92
CA LEU B 1063 -3.99 44.12 -2.60
C LEU B 1063 -4.72 44.68 -1.39
N HIS B 1064 -4.08 44.70 -0.25
CA HIS B 1064 -4.77 45.16 0.96
C HIS B 1064 -4.30 46.53 1.35
N VAL B 1065 -5.23 47.43 1.54
CA VAL B 1065 -4.90 48.79 1.87
C VAL B 1065 -5.12 49.02 3.34
N THR B 1066 -4.08 49.39 4.04
CA THR B 1066 -4.20 49.57 5.48
C THR B 1066 -3.72 50.94 5.92
N TYR B 1067 -4.17 51.32 7.09
CA TYR B 1067 -3.80 52.58 7.71
C TYR B 1067 -2.83 52.35 8.85
N VAL B 1068 -1.66 52.95 8.76
CA VAL B 1068 -0.67 52.80 9.80
C VAL B 1068 -0.30 54.16 10.37
N PRO B 1069 -0.41 54.39 11.69
CA PRO B 1069 -0.10 55.65 12.34
C PRO B 1069 1.38 55.96 12.24
N ALA B 1070 1.73 57.24 12.29
CA ALA B 1070 3.13 57.62 12.20
C ALA B 1070 3.50 58.89 13.00
N GLN B 1071 4.80 59.00 13.28
CA GLN B 1071 5.35 60.20 13.91
C GLN B 1071 4.70 60.54 15.23
N GLU B 1072 4.72 59.62 16.15
CA GLU B 1072 4.15 59.86 17.46
C GLU B 1072 5.01 60.77 18.31
N LYS B 1073 4.36 61.44 19.23
CA LYS B 1073 5.01 62.27 20.24
C LYS B 1073 4.50 61.82 21.58
N ASN B 1074 5.29 61.96 22.69
CA ASN B 1074 4.80 61.64 24.04
C ASN B 1074 4.38 62.90 24.79
N PHE B 1075 3.16 62.82 25.35
CA PHE B 1075 2.42 63.81 26.08
C PHE B 1075 2.09 63.30 27.47
N THR B 1076 1.79 64.22 28.37
CA THR B 1076 1.38 63.86 29.73
C THR B 1076 -0.08 63.43 29.70
N THR B 1077 -0.45 62.44 30.48
CA THR B 1077 -1.86 62.07 30.51
C THR B 1077 -2.46 61.85 31.89
N ALA B 1078 -3.78 61.84 31.94
CA ALA B 1078 -4.49 61.55 33.19
C ALA B 1078 -5.82 60.88 32.87
N PRO B 1079 -6.31 59.95 33.70
CA PRO B 1079 -7.57 59.25 33.54
C PRO B 1079 -8.81 60.09 33.71
N ALA B 1080 -8.68 61.20 34.38
CA ALA B 1080 -9.83 62.05 34.62
C ALA B 1080 -9.39 63.43 34.98
N ILE B 1081 -10.30 64.35 34.83
CA ILE B 1081 -10.12 65.72 35.26
C ILE B 1081 -11.09 66.12 36.37
N CYS B 1082 -10.55 66.74 37.43
CA CYS B 1082 -11.27 67.24 38.59
C CYS B 1082 -11.66 68.68 38.34
N HIS B 1083 -12.95 68.95 38.39
CA HIS B 1083 -13.39 70.32 38.13
C HIS B 1083 -13.81 71.04 39.41
N ASP B 1084 -14.99 70.72 39.92
CA ASP B 1084 -15.52 71.31 41.14
C ASP B 1084 -15.68 70.27 42.22
N GLY B 1085 -14.95 69.17 42.09
CA GLY B 1085 -15.01 68.06 42.99
C GLY B 1085 -15.61 66.86 42.27
N LYS B 1086 -16.28 67.12 41.15
CA LYS B 1086 -16.83 66.04 40.34
C LYS B 1086 -15.73 65.57 39.41
N ALA B 1087 -15.76 64.30 39.02
CA ALA B 1087 -14.76 63.79 38.10
C ALA B 1087 -15.29 63.68 36.67
N HIS B 1088 -14.55 64.25 35.75
CA HIS B 1088 -14.85 64.29 34.34
C HIS B 1088 -13.99 63.30 33.55
N PHE B 1089 -14.63 62.40 32.82
CA PHE B 1089 -13.91 61.38 32.06
C PHE B 1089 -14.10 61.67 30.58
N PRO B 1090 -13.15 61.42 29.69
CA PRO B 1090 -13.30 61.80 28.32
C PRO B 1090 -14.44 61.03 27.73
N ARG B 1091 -15.28 61.69 26.94
CA ARG B 1091 -16.42 61.01 26.34
C ARG B 1091 -15.89 59.99 25.38
N GLU B 1092 -14.85 60.38 24.68
CA GLU B 1092 -14.13 59.58 23.74
C GLU B 1092 -12.73 60.14 23.75
N GLY B 1093 -11.76 59.32 23.44
CA GLY B 1093 -10.41 59.79 23.41
C GLY B 1093 -9.77 59.78 24.80
N VAL B 1094 -8.69 60.53 24.92
CA VAL B 1094 -7.88 60.58 26.13
C VAL B 1094 -7.61 62.02 26.54
N PHE B 1095 -7.49 62.27 27.84
CA PHE B 1095 -7.09 63.61 28.25
C PHE B 1095 -5.58 63.65 28.21
N VAL B 1096 -5.08 64.56 27.41
CA VAL B 1096 -3.66 64.70 27.14
C VAL B 1096 -3.18 66.12 27.32
N SER B 1097 -1.94 66.30 27.77
CA SER B 1097 -1.44 67.65 27.91
C SER B 1097 0.02 67.87 27.56
N ASN B 1098 0.29 69.15 27.24
CA ASN B 1098 1.61 69.73 27.04
C ASN B 1098 1.98 70.42 28.37
N GLY B 1099 3.10 71.16 28.43
CA GLY B 1099 3.56 71.81 29.67
C GLY B 1099 2.59 72.82 30.33
N THR B 1100 1.61 73.36 29.59
CA THR B 1100 0.68 74.32 30.21
C THR B 1100 -0.83 74.02 30.10
N HIS B 1101 -1.25 73.23 29.12
CA HIS B 1101 -2.69 73.00 28.94
C HIS B 1101 -3.14 71.57 28.67
N TRP B 1102 -4.35 71.27 29.16
CA TRP B 1102 -5.00 69.99 28.92
C TRP B 1102 -6.01 70.07 27.80
N PHE B 1103 -5.96 69.08 26.93
CA PHE B 1103 -6.81 68.92 25.78
C PHE B 1103 -7.34 67.51 25.67
N VAL B 1104 -8.41 67.35 24.94
CA VAL B 1104 -8.87 65.99 24.71
C VAL B 1104 -8.65 65.65 23.27
N THR B 1105 -8.12 64.46 23.02
CA THR B 1105 -7.86 64.00 21.66
C THR B 1105 -8.38 62.62 21.40
N GLN B 1106 -8.62 62.34 20.13
CA GLN B 1106 -8.96 61.00 19.69
C GLN B 1106 -7.71 60.17 19.77
N ARG B 1107 -7.83 58.87 19.91
CA ARG B 1107 -6.65 58.03 20.08
C ARG B 1107 -5.69 57.86 18.92
N ASN B 1108 -6.15 57.81 17.68
CA ASN B 1108 -5.20 57.49 16.61
C ASN B 1108 -4.63 58.64 15.77
N PHE B 1109 -4.92 59.88 16.12
CA PHE B 1109 -4.40 61.00 15.36
C PHE B 1109 -4.53 62.28 16.18
N TYR B 1110 -3.41 62.85 16.60
CA TYR B 1110 -3.46 63.97 17.49
C TYR B 1110 -4.18 65.16 16.90
N GLU B 1111 -5.15 65.65 17.65
CA GLU B 1111 -5.97 66.79 17.30
C GLU B 1111 -6.54 67.37 18.58
N PRO B 1112 -5.86 68.27 19.25
CA PRO B 1112 -6.26 68.74 20.55
C PRO B 1112 -7.52 69.56 20.44
N GLN B 1113 -8.43 69.32 21.37
CA GLN B 1113 -9.65 70.08 21.44
C GLN B 1113 -9.81 70.59 22.85
N ILE B 1114 -10.51 71.68 23.01
CA ILE B 1114 -10.74 72.21 24.33
C ILE B 1114 -11.66 71.29 25.09
N ILE B 1115 -11.33 71.04 26.33
CA ILE B 1115 -12.13 70.18 27.15
C ILE B 1115 -13.29 70.98 27.66
N THR B 1116 -14.47 70.56 27.29
CA THR B 1116 -15.69 71.22 27.63
C THR B 1116 -16.61 70.20 28.18
N THR B 1117 -17.74 70.64 28.66
CA THR B 1117 -18.76 69.78 29.24
C THR B 1117 -19.46 68.90 28.20
N ASP B 1118 -19.21 69.14 26.92
CA ASP B 1118 -19.80 68.35 25.85
C ASP B 1118 -18.99 67.12 25.57
N ASN B 1119 -17.71 67.15 25.91
CA ASN B 1119 -16.78 66.10 25.59
C ASN B 1119 -16.50 65.22 26.77
N THR B 1120 -17.33 65.28 27.80
CA THR B 1120 -17.01 64.49 28.97
C THR B 1120 -18.19 63.94 29.77
N PHE B 1121 -17.95 62.80 30.42
CA PHE B 1121 -18.91 62.14 31.28
C PHE B 1121 -18.67 62.59 32.68
N VAL B 1122 -19.72 62.76 33.47
CA VAL B 1122 -19.45 63.11 34.84
C VAL B 1122 -19.98 62.08 35.79
N SER B 1123 -19.11 61.60 36.66
CA SER B 1123 -19.50 60.60 37.65
C SER B 1123 -18.52 60.59 38.80
N GLY B 1124 -18.90 59.93 39.89
CA GLY B 1124 -18.01 59.74 41.01
C GLY B 1124 -17.54 61.07 41.56
N ASN B 1125 -16.30 61.10 42.01
CA ASN B 1125 -15.72 62.32 42.53
C ASN B 1125 -14.17 62.22 42.49
N CYS B 1126 -13.52 63.33 42.88
CA CYS B 1126 -12.07 63.53 42.86
C CYS B 1126 -11.35 62.75 43.97
N ASP B 1127 -12.10 62.17 44.89
CA ASP B 1127 -11.45 61.41 45.95
C ASP B 1127 -11.41 59.93 45.61
N VAL B 1128 -11.95 59.56 44.45
CA VAL B 1128 -11.98 58.17 44.05
C VAL B 1128 -11.02 57.87 42.92
N VAL B 1129 -11.00 58.71 41.89
CA VAL B 1129 -10.16 58.33 40.75
C VAL B 1129 -8.67 58.50 41.03
N ILE B 1130 -7.93 57.45 40.81
CA ILE B 1130 -6.50 57.46 41.02
C ILE B 1130 -5.85 58.15 39.85
N GLY B 1131 -5.03 59.16 40.13
CA GLY B 1131 -4.36 59.87 39.06
C GLY B 1131 -5.13 61.06 38.52
N ILE B 1132 -6.26 61.42 39.14
CA ILE B 1132 -7.04 62.55 38.65
C ILE B 1132 -6.25 63.84 38.81
N VAL B 1133 -6.37 64.74 37.83
CA VAL B 1133 -5.67 66.02 37.89
C VAL B 1133 -6.67 67.16 37.89
N ASN B 1134 -6.27 68.36 38.37
CA ASN B 1134 -7.09 69.59 38.46
C ASN B 1134 -6.95 70.43 37.19
N ASN B 1135 -8.06 70.60 36.43
CA ASN B 1135 -8.10 71.36 35.16
C ASN B 1135 -9.49 71.86 34.88
N THR B 1136 -9.63 73.16 34.70
CA THR B 1136 -10.94 73.72 34.47
C THR B 1136 -11.59 73.19 33.21
N VAL B 1137 -12.84 72.74 33.35
CA VAL B 1137 -13.65 72.25 32.24
C VAL B 1137 -14.52 73.39 31.77
N TYR B 1138 -14.50 73.66 30.47
CA TYR B 1138 -15.26 74.78 29.95
C TYR B 1138 -16.73 74.54 29.67
N ASP B 1139 -17.56 75.44 30.20
CA ASP B 1139 -18.99 75.43 30.02
C ASP B 1139 -19.34 76.25 28.77
N PRO B 1140 -19.78 75.65 27.67
CA PRO B 1140 -20.01 76.28 26.39
C PRO B 1140 -21.20 77.19 26.35
N LEU B 1141 -22.07 77.10 27.34
CA LEU B 1141 -23.30 77.88 27.29
C LEU B 1141 -23.34 79.03 28.25
N GLN B 1142 -22.86 78.85 29.46
CA GLN B 1142 -23.02 79.94 30.40
C GLN B 1142 -22.53 81.29 29.83
N PRO B 1143 -21.36 81.40 29.17
CA PRO B 1143 -20.86 82.66 28.63
C PRO B 1143 -21.78 83.30 27.59
N GLU B 1144 -22.66 82.51 26.95
CA GLU B 1144 -23.56 83.05 25.95
C GLU B 1144 -24.76 83.64 26.66
N LEU B 1145 -25.10 83.03 27.79
CA LEU B 1145 -26.23 83.49 28.58
C LEU B 1145 -25.88 84.79 29.35
N ASP B 1146 -24.60 84.94 29.80
CA ASP B 1146 -24.05 86.09 30.53
C ASP B 1146 -24.08 87.32 29.61
N GLN C 14 -23.59 -42.00 -52.90
CA GLN C 14 -24.35 -41.48 -54.02
C GLN C 14 -24.97 -40.13 -53.59
N CYS C 15 -24.78 -39.07 -54.40
CA CYS C 15 -25.32 -37.75 -54.14
C CYS C 15 -25.59 -37.03 -55.45
N VAL C 16 -26.32 -35.93 -55.35
CA VAL C 16 -26.66 -35.14 -56.52
C VAL C 16 -26.48 -33.64 -56.28
N ASN C 17 -25.99 -32.92 -57.31
CA ASN C 17 -25.89 -31.46 -57.36
C ASN C 17 -27.26 -30.92 -57.78
N LEU C 18 -27.86 -30.01 -56.97
CA LEU C 18 -29.19 -29.44 -57.25
C LEU C 18 -28.98 -28.27 -58.21
N THR C 19 -29.76 -28.24 -59.29
CA THR C 19 -29.55 -27.27 -60.38
C THR C 19 -30.59 -26.21 -60.70
N THR C 20 -31.63 -26.03 -59.89
CA THR C 20 -32.68 -25.07 -60.24
C THR C 20 -32.75 -23.79 -59.41
N ARG C 21 -31.71 -23.50 -58.65
CA ARG C 21 -31.72 -22.31 -57.81
C ARG C 21 -31.64 -21.01 -58.60
N THR C 22 -32.47 -20.04 -58.21
CA THR C 22 -32.45 -18.70 -58.77
C THR C 22 -31.24 -18.03 -58.14
N GLN C 23 -30.49 -17.27 -58.92
CA GLN C 23 -29.29 -16.66 -58.39
C GLN C 23 -29.57 -15.31 -57.78
N LEU C 24 -29.56 -15.30 -56.45
CA LEU C 24 -29.95 -14.16 -55.65
C LEU C 24 -28.86 -13.87 -54.60
N PRO C 25 -28.69 -12.62 -54.17
CA PRO C 25 -27.74 -12.17 -53.14
C PRO C 25 -28.15 -12.59 -51.72
N PRO C 26 -27.18 -12.60 -50.77
CA PRO C 26 -27.38 -12.79 -49.35
C PRO C 26 -28.01 -11.56 -48.75
N ALA C 27 -28.73 -11.73 -47.65
CA ALA C 27 -29.32 -10.60 -46.95
C ALA C 27 -28.53 -10.35 -45.68
N TYR C 28 -28.61 -9.15 -45.12
CA TYR C 28 -27.91 -8.89 -43.88
C TYR C 28 -28.86 -8.29 -42.85
N THR C 29 -28.66 -8.64 -41.59
CA THR C 29 -29.50 -8.08 -40.54
C THR C 29 -28.77 -7.69 -39.25
N ASN C 30 -29.54 -7.13 -38.33
CA ASN C 30 -29.16 -6.64 -37.01
C ASN C 30 -29.31 -7.70 -35.91
N SER C 31 -28.21 -8.07 -35.25
CA SER C 31 -28.22 -9.09 -34.19
C SER C 31 -28.86 -8.64 -32.89
N PHE C 32 -29.07 -7.35 -32.77
CA PHE C 32 -29.60 -6.71 -31.59
C PHE C 32 -28.86 -7.13 -30.34
N THR C 33 -29.54 -7.77 -29.40
CA THR C 33 -28.92 -8.13 -28.14
C THR C 33 -28.85 -9.63 -27.89
N ARG C 34 -28.96 -10.43 -28.93
CA ARG C 34 -28.91 -11.88 -28.78
C ARG C 34 -27.48 -12.41 -28.73
N GLY C 35 -27.30 -13.65 -28.25
CA GLY C 35 -25.98 -14.27 -28.25
C GLY C 35 -25.33 -14.44 -26.87
N VAL C 36 -26.06 -14.07 -25.84
CA VAL C 36 -25.64 -14.23 -24.46
C VAL C 36 -25.97 -15.63 -24.00
N TYR C 37 -25.10 -16.18 -23.18
CA TYR C 37 -25.29 -17.51 -22.64
C TYR C 37 -24.74 -17.56 -21.26
N TYR C 38 -25.16 -18.56 -20.49
CA TYR C 38 -24.65 -18.66 -19.14
C TYR C 38 -23.19 -19.07 -19.21
N PRO C 39 -22.23 -18.22 -18.80
CA PRO C 39 -20.80 -18.42 -18.93
C PRO C 39 -20.22 -19.52 -18.06
N ASP C 40 -20.96 -19.94 -17.03
CA ASP C 40 -20.47 -20.96 -16.13
C ASP C 40 -21.61 -21.67 -15.45
N LYS C 41 -21.36 -22.88 -14.95
CA LYS C 41 -22.37 -23.66 -14.27
C LYS C 41 -22.46 -23.35 -12.78
N VAL C 42 -22.75 -22.10 -12.50
CA VAL C 42 -22.83 -21.58 -11.13
C VAL C 42 -24.11 -20.84 -10.88
N PHE C 43 -24.75 -21.10 -9.75
CA PHE C 43 -25.97 -20.37 -9.45
C PHE C 43 -25.69 -19.05 -8.79
N ARG C 44 -26.18 -18.00 -9.40
CA ARG C 44 -26.05 -16.65 -8.87
C ARG C 44 -27.39 -16.02 -8.97
N SER C 45 -27.71 -15.09 -8.08
CA SER C 45 -28.98 -14.38 -8.19
C SER C 45 -28.89 -13.00 -7.61
N SER C 46 -29.80 -12.13 -8.05
CA SER C 46 -29.92 -10.76 -7.57
C SER C 46 -28.58 -10.06 -7.57
N VAL C 47 -27.86 -10.17 -8.68
CA VAL C 47 -26.51 -9.63 -8.73
C VAL C 47 -26.08 -9.26 -10.13
N LEU C 48 -25.22 -8.26 -10.23
CA LEU C 48 -24.64 -8.00 -11.53
C LEU C 48 -23.27 -8.63 -11.51
N HIS C 49 -22.91 -9.28 -12.59
CA HIS C 49 -21.64 -9.95 -12.68
C HIS C 49 -20.85 -9.57 -13.91
N SER C 50 -19.57 -9.32 -13.74
CA SER C 50 -18.74 -8.97 -14.89
C SER C 50 -17.91 -10.14 -15.36
N THR C 51 -18.04 -10.49 -16.63
CA THR C 51 -17.30 -11.60 -17.18
C THR C 51 -16.65 -11.29 -18.51
N GLN C 52 -15.78 -12.20 -18.96
CA GLN C 52 -15.11 -12.06 -20.26
C GLN C 52 -15.16 -13.39 -20.98
N ASP C 53 -15.62 -13.36 -22.22
CA ASP C 53 -15.76 -14.57 -23.02
C ASP C 53 -15.92 -14.20 -24.49
N LEU C 54 -16.08 -15.19 -25.35
CA LEU C 54 -16.34 -14.92 -26.75
C LEU C 54 -17.85 -14.85 -26.94
N PHE C 55 -18.33 -13.67 -27.31
CA PHE C 55 -19.75 -13.38 -27.43
C PHE C 55 -20.10 -12.78 -28.75
N LEU C 56 -21.35 -12.92 -29.16
CA LEU C 56 -21.73 -12.21 -30.35
C LEU C 56 -21.75 -10.76 -29.90
N PRO C 57 -21.09 -9.80 -30.56
CA PRO C 57 -21.11 -8.41 -30.19
C PRO C 57 -22.52 -7.92 -30.31
N PHE C 58 -22.91 -6.97 -29.50
CA PHE C 58 -24.25 -6.43 -29.67
C PHE C 58 -24.33 -5.59 -30.92
N PHE C 59 -25.48 -5.66 -31.56
CA PHE C 59 -25.79 -4.96 -32.79
C PHE C 59 -24.81 -5.27 -33.90
N SER C 60 -24.39 -6.53 -33.96
CA SER C 60 -23.47 -6.99 -34.97
C SER C 60 -24.19 -7.23 -36.30
N ASN C 61 -23.38 -7.36 -37.37
CA ASN C 61 -23.77 -7.65 -38.76
C ASN C 61 -23.88 -9.17 -38.98
N VAL C 62 -25.12 -9.67 -39.15
CA VAL C 62 -25.50 -11.07 -39.28
C VAL C 62 -25.86 -11.45 -40.70
N THR C 63 -25.30 -12.54 -41.20
CA THR C 63 -25.64 -12.91 -42.57
C THR C 63 -26.88 -13.79 -42.57
N TRP C 64 -27.85 -13.41 -43.38
CA TRP C 64 -29.15 -14.04 -43.50
C TRP C 64 -29.33 -14.88 -44.77
N PHE C 65 -29.56 -16.17 -44.55
CA PHE C 65 -29.69 -17.20 -45.57
C PHE C 65 -31.12 -17.72 -45.64
N HIS C 66 -31.55 -18.21 -46.82
CA HIS C 66 -32.91 -18.70 -46.93
C HIS C 66 -33.12 -20.06 -47.57
N ALA C 67 -34.22 -20.68 -47.17
CA ALA C 67 -34.79 -21.82 -47.82
C ALA C 67 -36.19 -21.38 -48.17
N ILE C 68 -36.47 -21.22 -49.46
CA ILE C 68 -37.79 -20.73 -49.82
C ILE C 68 -38.17 -21.01 -51.25
N HIS C 69 -39.44 -21.26 -51.47
CA HIS C 69 -39.93 -21.39 -52.82
C HIS C 69 -41.10 -20.49 -53.12
N VAL C 70 -40.88 -19.55 -53.99
CA VAL C 70 -41.93 -18.69 -54.44
C VAL C 70 -42.10 -19.06 -55.88
N SER C 71 -43.30 -19.53 -56.20
CA SER C 71 -43.63 -20.01 -57.52
C SER C 71 -43.89 -18.88 -58.50
N GLY C 72 -43.90 -19.22 -59.77
CA GLY C 72 -44.15 -18.26 -60.84
C GLY C 72 -43.03 -18.36 -61.85
N THR C 73 -43.19 -17.75 -63.02
CA THR C 73 -42.14 -17.81 -64.03
C THR C 73 -40.89 -17.18 -63.44
N ASN C 74 -41.08 -16.04 -62.81
CA ASN C 74 -40.01 -15.31 -62.16
C ASN C 74 -39.91 -15.80 -60.72
N GLY C 75 -39.64 -17.09 -60.59
CA GLY C 75 -39.57 -17.74 -59.30
C GLY C 75 -38.27 -17.41 -58.59
N THR C 76 -38.29 -17.56 -57.29
CA THR C 76 -37.13 -17.24 -56.46
C THR C 76 -36.62 -18.43 -55.68
N LYS C 77 -36.91 -19.62 -56.16
CA LYS C 77 -36.50 -20.81 -55.42
C LYS C 77 -35.03 -20.73 -55.06
N ARG C 78 -34.75 -20.86 -53.77
CA ARG C 78 -33.39 -20.85 -53.28
C ARG C 78 -33.27 -21.78 -52.09
N PHE C 79 -32.18 -22.51 -52.08
CA PHE C 79 -31.90 -23.45 -51.02
C PHE C 79 -30.46 -23.22 -50.60
N ASP C 80 -30.27 -22.36 -49.62
CA ASP C 80 -28.93 -21.97 -49.26
C ASP C 80 -28.24 -22.87 -48.25
N ASN C 81 -27.19 -23.55 -48.71
CA ASN C 81 -26.38 -24.42 -47.88
C ASN C 81 -24.88 -24.22 -48.18
N PRO C 82 -24.36 -22.97 -48.15
CA PRO C 82 -23.00 -22.60 -48.45
C PRO C 82 -22.06 -22.99 -47.34
N VAL C 83 -20.78 -23.03 -47.67
CA VAL C 83 -19.80 -23.24 -46.62
C VAL C 83 -19.34 -21.91 -46.12
N LEU C 84 -19.45 -21.73 -44.83
CA LEU C 84 -19.11 -20.49 -44.17
C LEU C 84 -17.88 -20.71 -43.31
N PRO C 85 -17.08 -19.69 -43.02
CA PRO C 85 -15.96 -19.79 -42.11
C PRO C 85 -16.49 -19.98 -40.71
N PHE C 86 -15.71 -20.61 -39.85
CA PHE C 86 -16.07 -20.79 -38.45
C PHE C 86 -15.45 -19.71 -37.57
N ASN C 87 -14.29 -19.22 -37.99
CA ASN C 87 -13.54 -18.22 -37.25
C ASN C 87 -13.30 -18.59 -35.79
N ASP C 88 -13.76 -17.76 -34.85
CA ASP C 88 -13.53 -17.99 -33.43
C ASP C 88 -14.73 -18.56 -32.73
N GLY C 89 -15.70 -19.03 -33.48
CA GLY C 89 -16.91 -19.54 -32.90
C GLY C 89 -18.07 -18.92 -33.63
N VAL C 90 -19.16 -19.66 -33.65
CA VAL C 90 -20.32 -19.28 -34.40
C VAL C 90 -21.62 -19.12 -33.68
N TYR C 91 -22.26 -18.00 -33.94
CA TYR C 91 -23.60 -17.80 -33.43
C TYR C 91 -24.50 -18.26 -34.52
N PHE C 92 -25.36 -19.20 -34.24
CA PHE C 92 -26.24 -19.70 -35.27
C PHE C 92 -27.66 -19.63 -34.79
N ALA C 93 -28.55 -19.18 -35.63
CA ALA C 93 -29.93 -19.18 -35.22
C ALA C 93 -30.80 -19.52 -36.36
N SER C 94 -31.90 -20.16 -36.08
CA SER C 94 -32.82 -20.47 -37.14
C SER C 94 -34.23 -20.20 -36.75
N THR C 95 -35.00 -19.85 -37.75
CA THR C 95 -36.41 -19.64 -37.58
C THR C 95 -37.12 -20.52 -38.56
N GLU C 96 -38.01 -21.35 -38.05
CA GLU C 96 -38.70 -22.23 -38.97
C GLU C 96 -40.09 -22.64 -38.51
N LYS C 97 -40.85 -23.08 -39.48
CA LYS C 97 -42.17 -23.64 -39.23
C LYS C 97 -42.22 -25.15 -39.48
N SER C 98 -41.29 -25.68 -40.30
CA SER C 98 -41.36 -27.07 -40.75
C SER C 98 -40.12 -27.97 -40.53
N ASN C 99 -39.29 -27.77 -39.50
CA ASN C 99 -38.16 -28.69 -39.31
C ASN C 99 -37.28 -28.92 -40.57
N ILE C 100 -36.85 -27.82 -41.19
CA ILE C 100 -36.05 -27.83 -42.40
C ILE C 100 -34.58 -27.74 -42.12
N ILE C 101 -34.21 -26.93 -41.15
CA ILE C 101 -32.81 -26.74 -40.84
C ILE C 101 -32.43 -27.81 -39.85
N ARG C 102 -31.64 -28.80 -40.27
CA ARG C 102 -31.46 -29.99 -39.44
C ARG C 102 -30.06 -30.53 -39.25
N GLY C 103 -29.18 -29.74 -38.67
CA GLY C 103 -27.81 -30.22 -38.43
C GLY C 103 -26.77 -29.49 -39.26
N TRP C 104 -25.51 -29.87 -39.05
CA TRP C 104 -24.41 -29.20 -39.69
C TRP C 104 -23.21 -30.11 -39.91
N ILE C 105 -22.18 -29.55 -40.53
CA ILE C 105 -20.89 -30.18 -40.71
C ILE C 105 -19.80 -29.23 -40.27
N PHE C 106 -18.86 -29.65 -39.44
CA PHE C 106 -17.77 -28.78 -39.03
C PHE C 106 -16.40 -29.41 -39.33
N GLY C 107 -15.45 -28.66 -39.92
CA GLY C 107 -14.13 -29.23 -40.20
C GLY C 107 -13.17 -28.27 -40.91
N THR C 108 -12.04 -28.78 -41.42
CA THR C 108 -11.09 -27.89 -42.10
C THR C 108 -11.12 -27.99 -43.60
N THR C 109 -11.38 -29.17 -44.10
CA THR C 109 -11.42 -29.38 -45.54
C THR C 109 -12.77 -29.85 -45.99
N LEU C 110 -13.55 -30.39 -45.05
CA LEU C 110 -14.84 -30.96 -45.36
C LEU C 110 -14.65 -31.97 -46.48
N ASP C 111 -13.57 -32.75 -46.37
CA ASP C 111 -13.20 -33.72 -47.37
C ASP C 111 -12.61 -34.97 -46.71
N SER C 112 -12.25 -35.95 -47.53
CA SER C 112 -11.78 -37.27 -47.06
C SER C 112 -10.40 -37.30 -46.46
N LYS C 113 -9.68 -36.21 -46.56
CA LYS C 113 -8.34 -36.15 -46.05
C LYS C 113 -8.21 -35.74 -44.58
N THR C 114 -9.26 -35.16 -43.98
CA THR C 114 -9.14 -34.69 -42.59
C THR C 114 -10.37 -35.07 -41.77
N GLN C 115 -10.19 -35.44 -40.51
CA GLN C 115 -11.37 -35.75 -39.69
C GLN C 115 -12.24 -34.53 -39.50
N SER C 116 -13.54 -34.75 -39.54
CA SER C 116 -14.51 -33.70 -39.37
C SER C 116 -15.73 -34.20 -38.61
N LEU C 117 -16.48 -33.25 -38.09
CA LEU C 117 -17.66 -33.48 -37.28
C LEU C 117 -18.99 -33.33 -37.95
N LEU C 118 -19.76 -34.40 -37.91
CA LEU C 118 -21.07 -34.41 -38.50
C LEU C 118 -22.17 -34.49 -37.46
N ILE C 119 -23.05 -33.49 -37.41
CA ILE C 119 -24.16 -33.50 -36.47
C ILE C 119 -25.46 -33.49 -37.23
N VAL C 120 -26.20 -34.59 -37.26
CA VAL C 120 -27.40 -34.59 -38.09
C VAL C 120 -28.64 -34.95 -37.37
N ASN C 121 -29.64 -34.08 -37.42
CA ASN C 121 -30.90 -34.45 -36.79
C ASN C 121 -31.79 -35.11 -37.83
N ASN C 122 -31.49 -36.38 -38.17
CA ASN C 122 -32.22 -37.15 -39.18
C ASN C 122 -33.46 -37.73 -38.51
N ALA C 123 -34.54 -38.03 -39.27
CA ALA C 123 -35.78 -38.53 -38.66
C ALA C 123 -35.53 -39.74 -37.77
N THR C 124 -36.10 -39.61 -36.58
CA THR C 124 -36.11 -40.51 -35.44
C THR C 124 -34.85 -40.60 -34.57
N ASN C 125 -33.72 -39.97 -34.91
CA ASN C 125 -32.56 -40.06 -34.01
C ASN C 125 -31.73 -38.78 -34.06
N VAL C 126 -30.67 -38.74 -33.26
CA VAL C 126 -29.71 -37.65 -33.35
C VAL C 126 -28.37 -38.31 -33.51
N VAL C 127 -27.67 -37.97 -34.57
CA VAL C 127 -26.40 -38.62 -34.81
C VAL C 127 -25.21 -37.70 -34.80
N ILE C 128 -24.22 -38.03 -33.98
CA ILE C 128 -22.98 -37.28 -33.94
C ILE C 128 -21.82 -38.20 -34.26
N LYS C 129 -21.05 -37.87 -35.28
CA LYS C 129 -19.92 -38.69 -35.66
C LYS C 129 -18.69 -37.87 -35.99
N VAL C 130 -17.51 -38.36 -35.66
CA VAL C 130 -16.30 -37.69 -36.11
C VAL C 130 -15.55 -38.68 -36.98
N CYS C 131 -15.32 -38.38 -38.28
CA CYS C 131 -14.75 -39.33 -39.24
C CYS C 131 -14.04 -38.61 -40.35
N GLU C 132 -13.31 -39.37 -41.14
CA GLU C 132 -12.76 -38.81 -42.33
C GLU C 132 -13.81 -39.07 -43.37
N PHE C 133 -14.72 -38.10 -43.50
CA PHE C 133 -15.89 -38.22 -44.35
C PHE C 133 -15.63 -37.74 -45.73
N GLN C 134 -16.20 -38.40 -46.71
CA GLN C 134 -16.16 -37.87 -48.03
C GLN C 134 -17.48 -37.23 -48.24
N PHE C 135 -17.51 -35.92 -48.09
CA PHE C 135 -18.75 -35.18 -48.15
C PHE C 135 -19.12 -34.86 -49.59
N CYS C 136 -20.45 -34.74 -49.83
CA CYS C 136 -21.08 -34.28 -51.05
C CYS C 136 -20.88 -32.78 -51.19
N ASN C 137 -20.67 -32.31 -52.42
CA ASN C 137 -20.51 -30.89 -52.68
C ASN C 137 -21.77 -30.08 -52.38
N ASP C 138 -22.92 -30.73 -52.44
CA ASP C 138 -24.21 -30.07 -52.23
C ASP C 138 -25.07 -31.02 -51.41
N PRO C 139 -24.77 -31.21 -50.12
CA PRO C 139 -25.39 -32.17 -49.26
C PRO C 139 -26.78 -31.74 -48.89
N PHE C 140 -27.65 -32.72 -48.69
CA PHE C 140 -28.99 -32.45 -48.20
C PHE C 140 -29.67 -33.68 -47.61
N LEU C 141 -30.73 -33.40 -46.88
CA LEU C 141 -31.65 -34.38 -46.35
C LEU C 141 -32.97 -34.21 -47.08
N GLY C 142 -33.90 -35.13 -46.98
CA GLY C 142 -35.19 -34.80 -47.58
C GLY C 142 -36.35 -35.75 -47.29
N VAL C 143 -37.52 -35.15 -47.39
CA VAL C 143 -38.79 -35.76 -47.08
C VAL C 143 -39.73 -35.78 -48.26
N TYR C 144 -40.32 -36.93 -48.52
CA TYR C 144 -41.23 -37.08 -49.62
C TYR C 144 -42.67 -37.10 -49.13
N TYR C 145 -43.52 -36.32 -49.77
CA TYR C 145 -44.93 -36.30 -49.46
C TYR C 145 -45.69 -37.28 -50.32
N HIS C 146 -46.36 -38.21 -49.68
CA HIS C 146 -47.07 -39.27 -50.38
C HIS C 146 -48.42 -38.88 -50.94
N LYS C 147 -48.79 -39.55 -52.03
CA LYS C 147 -50.06 -39.35 -52.73
C LYS C 147 -51.25 -40.13 -52.20
N ASN C 148 -51.01 -41.31 -51.67
CA ASN C 148 -52.11 -42.21 -51.27
C ASN C 148 -52.59 -42.13 -49.81
N ASN C 149 -52.04 -41.19 -49.04
CA ASN C 149 -52.27 -40.88 -47.64
C ASN C 149 -51.78 -39.45 -47.45
N LYS C 150 -51.71 -38.96 -46.20
CA LYS C 150 -51.25 -37.59 -45.88
C LYS C 150 -49.91 -37.61 -45.19
N SER C 151 -49.21 -38.73 -45.20
CA SER C 151 -47.94 -38.77 -44.50
C SER C 151 -46.77 -38.26 -45.30
N TRP C 152 -45.81 -37.76 -44.54
CA TRP C 152 -44.54 -37.28 -45.02
C TRP C 152 -43.49 -38.24 -44.46
N MET C 153 -42.52 -38.65 -45.26
CA MET C 153 -41.50 -39.56 -44.74
C MET C 153 -40.09 -39.21 -45.16
N GLU C 154 -39.13 -39.47 -44.29
CA GLU C 154 -37.77 -39.19 -44.68
C GLU C 154 -37.21 -40.32 -45.47
N SER C 155 -36.69 -39.98 -46.63
CA SER C 155 -36.13 -40.97 -47.54
C SER C 155 -34.77 -40.57 -48.08
N GLU C 156 -34.46 -39.27 -48.05
CA GLU C 156 -33.24 -38.76 -48.63
C GLU C 156 -32.19 -38.41 -47.59
N PHE C 157 -31.09 -39.14 -47.60
CA PHE C 157 -29.98 -38.87 -46.72
C PHE C 157 -28.74 -38.83 -47.58
N ARG C 158 -28.36 -37.65 -48.05
CA ARG C 158 -27.26 -37.55 -48.97
C ARG C 158 -26.28 -36.52 -48.47
N VAL C 159 -25.50 -36.92 -47.49
CA VAL C 159 -24.59 -36.00 -46.84
C VAL C 159 -23.17 -36.34 -47.26
N TYR C 160 -22.85 -37.61 -47.19
CA TYR C 160 -21.53 -38.10 -47.50
C TYR C 160 -21.65 -39.37 -48.29
N SER C 161 -20.64 -39.66 -49.11
CA SER C 161 -20.62 -40.89 -49.87
C SER C 161 -19.88 -41.98 -49.12
N SER C 162 -18.97 -41.58 -48.26
CA SER C 162 -18.22 -42.57 -47.49
C SER C 162 -17.67 -42.01 -46.20
N ALA C 163 -17.26 -42.90 -45.31
CA ALA C 163 -16.59 -42.46 -44.11
C ALA C 163 -15.72 -43.56 -43.57
N ASN C 164 -14.61 -43.17 -42.95
CA ASN C 164 -13.77 -44.15 -42.29
C ASN C 164 -13.04 -43.49 -41.11
N ASN C 165 -12.24 -44.26 -40.34
CA ASN C 165 -11.43 -43.81 -39.19
C ASN C 165 -12.29 -43.00 -38.18
N CYS C 166 -13.49 -43.54 -37.85
CA CYS C 166 -14.46 -42.90 -36.99
C CYS C 166 -14.16 -43.06 -35.51
N THR C 167 -14.41 -41.97 -34.81
CA THR C 167 -14.30 -41.85 -33.38
C THR C 167 -15.49 -41.09 -32.82
N PHE C 168 -15.59 -41.08 -31.51
CA PHE C 168 -16.64 -40.36 -30.82
C PHE C 168 -18.01 -40.61 -31.43
N GLU C 169 -18.36 -41.86 -31.65
CA GLU C 169 -19.66 -42.08 -32.26
C GLU C 169 -20.76 -42.12 -31.23
N TYR C 170 -21.78 -41.30 -31.45
CA TYR C 170 -22.93 -41.24 -30.58
C TYR C 170 -24.26 -41.20 -31.31
N VAL C 171 -25.19 -42.04 -30.89
CA VAL C 171 -26.52 -41.97 -31.46
C VAL C 171 -27.52 -41.94 -30.31
N SER C 172 -28.45 -41.00 -30.36
CA SER C 172 -29.48 -40.86 -29.35
C SER C 172 -30.57 -41.89 -29.47
N GLN C 173 -31.41 -41.95 -28.44
CA GLN C 173 -32.52 -42.87 -28.39
C GLN C 173 -33.57 -42.45 -29.39
N PRO C 174 -34.34 -43.40 -29.95
CA PRO C 174 -35.35 -43.16 -30.95
C PRO C 174 -36.53 -42.34 -30.48
N PHE C 175 -37.07 -41.58 -31.42
CA PHE C 175 -38.24 -40.72 -31.24
C PHE C 175 -38.94 -40.53 -32.58
N LEU C 176 -40.12 -39.93 -32.59
CA LEU C 176 -40.73 -39.66 -33.90
C LEU C 176 -40.54 -38.20 -34.22
N MET C 177 -40.36 -37.89 -35.49
CA MET C 177 -40.15 -36.51 -35.87
C MET C 177 -41.34 -35.93 -36.62
N ASP C 178 -41.64 -34.67 -36.32
CA ASP C 178 -42.75 -34.02 -37.00
C ASP C 178 -42.32 -33.51 -38.37
N LEU C 179 -42.45 -34.36 -39.38
CA LEU C 179 -41.95 -34.02 -40.72
C LEU C 179 -42.98 -33.31 -41.60
N GLU C 180 -44.19 -33.12 -41.09
CA GLU C 180 -45.23 -32.50 -41.90
C GLU C 180 -44.92 -31.05 -42.21
N GLY C 181 -45.12 -30.65 -43.47
CA GLY C 181 -44.90 -29.27 -43.85
C GLY C 181 -46.02 -28.39 -43.31
N LYS C 182 -45.70 -27.15 -42.98
CA LYS C 182 -46.70 -26.23 -42.46
C LYS C 182 -46.74 -24.87 -43.16
N GLN C 183 -47.86 -24.19 -42.98
CA GLN C 183 -48.09 -22.83 -43.46
C GLN C 183 -48.12 -21.86 -42.28
N GLY C 184 -48.24 -20.57 -42.55
CA GLY C 184 -48.31 -19.58 -41.47
C GLY C 184 -46.98 -18.92 -41.15
N ASN C 185 -46.88 -18.34 -39.96
CA ASN C 185 -45.68 -17.60 -39.59
C ASN C 185 -44.67 -18.60 -39.10
N PHE C 186 -43.48 -18.16 -38.73
CA PHE C 186 -42.52 -19.11 -38.22
C PHE C 186 -42.95 -19.39 -36.81
N LYS C 187 -42.71 -20.61 -36.32
CA LYS C 187 -43.16 -20.96 -34.99
C LYS C 187 -42.05 -21.19 -33.98
N ASN C 188 -40.89 -21.61 -34.45
CA ASN C 188 -39.84 -21.96 -33.53
C ASN C 188 -38.53 -21.29 -33.79
N LEU C 189 -38.04 -20.55 -32.81
CA LEU C 189 -36.75 -19.91 -32.90
C LEU C 189 -35.74 -20.73 -32.13
N ARG C 190 -34.73 -21.21 -32.80
CA ARG C 190 -33.74 -22.01 -32.13
C ARG C 190 -32.40 -21.32 -32.18
N GLU C 191 -31.78 -21.12 -31.04
CA GLU C 191 -30.50 -20.44 -31.03
C GLU C 191 -29.41 -21.32 -30.48
N PHE C 192 -28.27 -21.31 -31.16
CA PHE C 192 -27.11 -22.08 -30.76
C PHE C 192 -25.80 -21.31 -30.78
N VAL C 193 -24.91 -21.65 -29.87
CA VAL C 193 -23.54 -21.12 -29.93
C VAL C 193 -22.53 -22.23 -29.96
N PHE C 194 -21.68 -22.20 -30.98
CA PHE C 194 -20.67 -23.22 -31.17
C PHE C 194 -19.25 -22.70 -30.95
N LYS C 195 -18.52 -23.33 -30.05
CA LYS C 195 -17.15 -22.90 -29.79
C LYS C 195 -16.18 -24.08 -29.87
N ASN C 196 -14.96 -23.86 -30.33
CA ASN C 196 -14.01 -24.97 -30.39
C ASN C 196 -12.78 -24.64 -29.58
N ILE C 197 -12.76 -25.07 -28.32
CA ILE C 197 -11.69 -24.69 -27.41
C ILE C 197 -10.98 -25.85 -26.71
N ASP C 198 -9.68 -25.90 -26.87
CA ASP C 198 -8.81 -26.86 -26.20
C ASP C 198 -9.26 -28.31 -26.29
N GLY C 199 -9.68 -28.73 -27.47
CA GLY C 199 -10.10 -30.10 -27.68
C GLY C 199 -11.60 -30.33 -27.49
N TYR C 200 -12.34 -29.30 -27.07
CA TYR C 200 -13.77 -29.50 -26.90
C TYR C 200 -14.65 -28.67 -27.80
N PHE C 201 -15.74 -29.27 -28.23
CA PHE C 201 -16.72 -28.56 -29.03
C PHE C 201 -17.90 -28.30 -28.14
N LYS C 202 -18.04 -27.05 -27.74
CA LYS C 202 -19.05 -26.66 -26.79
C LYS C 202 -20.30 -26.22 -27.50
N ILE C 203 -21.45 -26.74 -27.11
CA ILE C 203 -22.68 -26.33 -27.77
C ILE C 203 -23.69 -25.78 -26.78
N TYR C 204 -24.09 -24.53 -26.96
CA TYR C 204 -25.09 -23.91 -26.09
C TYR C 204 -26.40 -23.83 -26.84
N SER C 205 -27.55 -23.92 -26.15
CA SER C 205 -28.85 -23.84 -26.83
C SER C 205 -30.06 -23.36 -26.04
N LYS C 206 -30.99 -22.72 -26.76
CA LYS C 206 -32.30 -22.35 -26.24
C LYS C 206 -33.39 -22.34 -27.30
N HIS C 207 -34.59 -22.81 -26.95
CA HIS C 207 -35.72 -22.75 -27.88
C HIS C 207 -36.78 -21.77 -27.38
N THR C 208 -37.20 -20.88 -28.26
CA THR C 208 -38.21 -19.87 -27.97
C THR C 208 -39.40 -19.91 -28.96
N PRO C 209 -40.66 -19.96 -28.50
CA PRO C 209 -41.80 -19.93 -29.38
C PRO C 209 -41.93 -18.54 -29.98
N ILE C 210 -42.21 -18.47 -31.26
CA ILE C 210 -42.40 -17.20 -31.97
C ILE C 210 -43.63 -17.24 -32.86
N ASN C 211 -44.12 -16.07 -33.28
CA ASN C 211 -45.18 -16.01 -34.30
C ASN C 211 -44.85 -14.90 -35.30
N LEU C 212 -43.57 -14.79 -35.64
CA LEU C 212 -43.04 -13.74 -36.52
C LEU C 212 -42.76 -14.24 -37.93
N VAL C 213 -42.82 -13.36 -38.92
CA VAL C 213 -42.55 -13.79 -40.29
C VAL C 213 -41.22 -13.35 -40.92
N ARG C 214 -40.93 -12.06 -40.91
CA ARG C 214 -39.81 -11.57 -41.71
C ARG C 214 -38.36 -11.73 -41.24
N ASP C 215 -38.07 -11.57 -39.96
CA ASP C 215 -36.68 -11.50 -39.52
C ASP C 215 -36.45 -11.99 -38.08
N LEU C 216 -35.21 -11.95 -37.59
CA LEU C 216 -34.98 -12.33 -36.19
C LEU C 216 -35.77 -11.40 -35.28
N PRO C 217 -36.52 -11.91 -34.29
CA PRO C 217 -37.23 -11.07 -33.35
C PRO C 217 -36.23 -10.31 -32.54
N GLN C 218 -36.58 -9.11 -32.13
CA GLN C 218 -35.76 -8.39 -31.19
C GLN C 218 -36.13 -8.88 -29.82
N GLY C 219 -35.15 -9.12 -28.97
CA GLY C 219 -35.44 -9.58 -27.62
C GLY C 219 -34.17 -10.08 -26.96
N PHE C 220 -34.28 -10.56 -25.74
CA PHE C 220 -33.11 -11.03 -25.02
C PHE C 220 -33.37 -12.34 -24.33
N SER C 221 -32.40 -13.22 -24.42
CA SER C 221 -32.46 -14.50 -23.74
C SER C 221 -31.05 -15.01 -23.52
N ALA C 222 -30.87 -15.99 -22.66
CA ALA C 222 -29.55 -16.57 -22.50
C ALA C 222 -29.61 -18.06 -22.76
N LEU C 223 -28.59 -18.57 -23.43
CA LEU C 223 -28.57 -20.01 -23.76
C LEU C 223 -27.97 -20.87 -22.68
N GLU C 224 -28.49 -22.08 -22.55
CA GLU C 224 -27.98 -23.01 -21.56
C GLU C 224 -26.91 -23.89 -22.18
N PRO C 225 -25.96 -24.39 -21.42
CA PRO C 225 -24.84 -25.20 -21.87
C PRO C 225 -25.06 -26.53 -22.55
N LEU C 226 -26.19 -27.21 -22.41
CA LEU C 226 -26.27 -28.52 -23.07
C LEU C 226 -25.04 -29.41 -22.88
N VAL C 227 -24.18 -29.45 -23.90
CA VAL C 227 -23.11 -30.42 -23.94
C VAL C 227 -21.74 -29.88 -24.24
N ASP C 228 -20.75 -30.68 -23.92
CA ASP C 228 -19.39 -30.31 -24.20
C ASP C 228 -18.71 -31.56 -24.78
N LEU C 229 -18.52 -31.60 -26.09
CA LEU C 229 -18.10 -32.82 -26.74
C LEU C 229 -16.56 -32.93 -26.80
N PRO C 230 -15.95 -34.02 -26.33
CA PRO C 230 -14.52 -34.26 -26.29
C PRO C 230 -13.95 -34.66 -27.63
N ILE C 231 -14.01 -33.75 -28.57
CA ILE C 231 -13.57 -34.02 -29.92
C ILE C 231 -12.35 -33.19 -30.29
N GLY C 232 -11.21 -33.85 -30.41
CA GLY C 232 -9.94 -33.18 -30.69
C GLY C 232 -9.70 -32.84 -32.16
N ILE C 233 -10.56 -32.02 -32.76
CA ILE C 233 -10.33 -31.69 -34.18
C ILE C 233 -10.27 -30.17 -34.38
N ASN C 234 -9.67 -29.79 -35.51
CA ASN C 234 -9.50 -28.42 -36.02
C ASN C 234 -10.72 -28.07 -36.90
N ILE C 235 -11.48 -27.01 -36.54
CA ILE C 235 -12.67 -26.55 -37.27
C ILE C 235 -12.44 -25.15 -37.80
N THR C 236 -12.48 -24.98 -39.11
CA THR C 236 -12.27 -23.67 -39.69
C THR C 236 -13.41 -23.26 -40.60
N ARG C 237 -14.19 -24.22 -41.06
CA ARG C 237 -15.30 -24.07 -42.00
C ARG C 237 -16.49 -24.88 -41.53
N PHE C 238 -17.70 -24.45 -41.87
CA PHE C 238 -18.83 -25.30 -41.55
C PHE C 238 -19.92 -25.16 -42.58
N GLN C 239 -20.81 -26.13 -42.62
CA GLN C 239 -21.90 -26.10 -43.57
C GLN C 239 -23.20 -26.46 -42.90
N THR C 240 -24.28 -25.80 -43.29
CA THR C 240 -25.60 -26.06 -42.73
C THR C 240 -26.33 -27.09 -43.57
N LEU C 241 -26.95 -28.08 -42.94
CA LEU C 241 -27.70 -29.09 -43.66
C LEU C 241 -29.19 -28.81 -43.65
N LEU C 242 -29.76 -28.66 -44.83
CA LEU C 242 -31.18 -28.38 -44.96
C LEU C 242 -31.89 -29.57 -45.58
N ALA C 243 -33.15 -29.75 -45.23
CA ALA C 243 -33.96 -30.76 -45.88
C ALA C 243 -34.73 -30.21 -47.07
N LEU C 244 -34.91 -31.04 -48.10
CA LEU C 244 -35.74 -30.77 -49.26
C LEU C 244 -37.09 -31.39 -49.12
N HIS C 245 -38.09 -30.82 -49.75
CA HIS C 245 -39.37 -31.47 -49.80
C HIS C 245 -39.61 -31.94 -51.22
N ARG C 246 -40.01 -33.17 -51.36
CA ARG C 246 -40.31 -33.75 -52.66
C ARG C 246 -41.72 -34.26 -52.59
N SER C 247 -42.36 -34.39 -53.72
CA SER C 247 -43.73 -34.87 -53.74
C SER C 247 -44.08 -35.37 -55.11
N TYR C 248 -45.23 -36.00 -55.19
CA TYR C 248 -45.81 -36.50 -56.43
C TYR C 248 -46.19 -35.38 -57.40
N LEU C 249 -46.27 -34.17 -56.88
CA LEU C 249 -46.62 -32.99 -57.64
C LEU C 249 -45.40 -32.22 -58.09
N THR C 250 -44.20 -32.73 -57.83
CA THR C 250 -42.99 -32.02 -58.18
C THR C 250 -42.16 -32.84 -59.18
N PRO C 251 -42.35 -32.68 -60.49
CA PRO C 251 -41.73 -33.47 -61.54
C PRO C 251 -40.27 -33.11 -61.68
N GLY C 252 -39.48 -34.04 -62.21
CA GLY C 252 -38.07 -33.80 -62.47
C GLY C 252 -37.21 -34.92 -61.90
N ASP C 253 -35.95 -34.97 -62.29
CA ASP C 253 -35.05 -36.02 -61.81
C ASP C 253 -34.48 -35.54 -60.47
N SER C 254 -33.52 -36.25 -59.91
CA SER C 254 -33.04 -35.89 -58.58
C SER C 254 -32.40 -34.51 -58.45
N SER C 255 -32.01 -33.88 -59.57
CA SER C 255 -31.39 -32.55 -59.53
C SER C 255 -32.40 -31.41 -59.62
N SER C 256 -33.64 -31.69 -60.05
CA SER C 256 -34.62 -30.61 -60.24
C SER C 256 -35.98 -30.89 -59.60
N GLY C 257 -36.28 -32.15 -59.30
CA GLY C 257 -37.57 -32.58 -58.77
C GLY C 257 -37.71 -32.35 -57.28
N TRP C 258 -37.53 -31.11 -56.86
CA TRP C 258 -37.60 -30.74 -55.46
C TRP C 258 -38.09 -29.34 -55.25
N THR C 259 -38.62 -29.10 -54.05
CA THR C 259 -39.04 -27.79 -53.64
C THR C 259 -38.47 -27.40 -52.28
N ALA C 260 -37.96 -26.19 -52.20
CA ALA C 260 -37.49 -25.71 -50.92
C ALA C 260 -38.68 -25.48 -50.03
N GLY C 261 -38.57 -25.79 -48.75
CA GLY C 261 -39.65 -25.48 -47.85
C GLY C 261 -39.38 -24.09 -47.37
N ALA C 262 -40.12 -23.57 -46.39
CA ALA C 262 -39.86 -22.22 -45.93
C ALA C 262 -39.18 -22.20 -44.57
N ALA C 263 -37.97 -21.67 -44.53
CA ALA C 263 -37.16 -21.56 -43.31
C ALA C 263 -36.04 -20.56 -43.52
N ALA C 264 -35.44 -20.09 -42.44
CA ALA C 264 -34.30 -19.22 -42.61
C ALA C 264 -33.31 -19.35 -41.49
N TYR C 265 -32.08 -18.96 -41.75
CA TYR C 265 -31.09 -19.00 -40.71
C TYR C 265 -30.12 -17.86 -40.78
N TYR C 266 -29.53 -17.61 -39.64
CA TYR C 266 -28.65 -16.52 -39.46
C TYR C 266 -27.31 -16.94 -38.91
N VAL C 267 -26.25 -16.36 -39.43
CA VAL C 267 -24.93 -16.65 -38.90
C VAL C 267 -24.14 -15.42 -38.52
N GLY C 268 -23.66 -15.39 -37.29
CA GLY C 268 -22.84 -14.29 -36.82
C GLY C 268 -21.55 -14.86 -36.26
N TYR C 269 -20.63 -14.02 -35.82
CA TYR C 269 -19.38 -14.55 -35.28
C TYR C 269 -19.07 -13.98 -33.94
N LEU C 270 -18.40 -14.78 -33.12
CA LEU C 270 -18.09 -14.35 -31.77
C LEU C 270 -16.78 -13.59 -31.74
N GLN C 271 -16.67 -12.66 -30.80
CA GLN C 271 -15.44 -11.92 -30.57
C GLN C 271 -15.20 -11.83 -29.08
N PRO C 272 -13.97 -11.71 -28.59
CA PRO C 272 -13.72 -11.45 -27.20
C PRO C 272 -14.39 -10.17 -26.80
N ARG C 273 -15.13 -10.23 -25.71
CA ARG C 273 -15.83 -9.11 -25.15
C ARG C 273 -15.96 -9.20 -23.66
N THR C 274 -16.12 -8.05 -23.06
CA THR C 274 -16.40 -7.96 -21.65
C THR C 274 -17.86 -7.56 -21.54
N PHE C 275 -18.57 -8.29 -20.71
CA PHE C 275 -19.98 -8.05 -20.44
C PHE C 275 -20.38 -7.90 -19.01
N LEU C 276 -21.35 -7.06 -18.81
CA LEU C 276 -21.99 -6.94 -17.51
C LEU C 276 -23.29 -7.72 -17.62
N LEU C 277 -23.42 -8.79 -16.88
CA LEU C 277 -24.64 -9.60 -16.98
C LEU C 277 -25.52 -9.39 -15.78
N LYS C 278 -26.81 -9.28 -16.02
CA LYS C 278 -27.75 -9.10 -14.92
C LYS C 278 -28.54 -10.34 -14.61
N TYR C 279 -28.35 -10.86 -13.38
CA TYR C 279 -29.06 -12.03 -12.88
C TYR C 279 -30.21 -11.59 -12.01
N ASN C 280 -31.41 -12.07 -12.29
CA ASN C 280 -32.58 -11.69 -11.52
C ASN C 280 -32.68 -12.52 -10.26
N GLU C 281 -33.76 -12.38 -9.54
CA GLU C 281 -33.94 -13.06 -8.26
C GLU C 281 -33.95 -14.60 -8.29
N ASN C 282 -34.23 -15.21 -9.46
CA ASN C 282 -34.28 -16.67 -9.66
C ASN C 282 -33.02 -17.19 -10.39
N GLY C 283 -31.99 -16.33 -10.60
CA GLY C 283 -30.75 -16.65 -11.27
C GLY C 283 -30.82 -16.72 -12.78
N THR C 284 -31.80 -16.05 -13.37
CA THR C 284 -31.94 -16.04 -14.80
C THR C 284 -31.29 -14.79 -15.34
N ILE C 285 -30.52 -14.93 -16.41
CA ILE C 285 -29.93 -13.72 -16.96
C ILE C 285 -31.03 -13.03 -17.72
N THR C 286 -31.31 -11.80 -17.36
CA THR C 286 -32.39 -11.08 -18.00
C THR C 286 -31.90 -9.93 -18.84
N ASP C 287 -30.69 -9.47 -18.59
CA ASP C 287 -30.19 -8.37 -19.40
C ASP C 287 -28.66 -8.42 -19.53
N ALA C 288 -28.09 -7.51 -20.31
CA ALA C 288 -26.65 -7.45 -20.46
C ALA C 288 -26.14 -6.14 -21.07
N VAL C 289 -24.91 -5.77 -20.74
CA VAL C 289 -24.25 -4.64 -21.39
C VAL C 289 -22.97 -5.06 -22.09
N ASP C 290 -22.88 -4.73 -23.36
CA ASP C 290 -21.67 -5.00 -24.16
C ASP C 290 -20.74 -3.82 -23.94
N CYS C 291 -19.66 -4.01 -23.16
CA CYS C 291 -18.76 -2.97 -22.68
C CYS C 291 -17.95 -2.35 -23.81
N ALA C 292 -17.96 -2.96 -25.00
CA ALA C 292 -17.21 -2.43 -26.12
C ALA C 292 -18.11 -1.83 -27.20
N LEU C 293 -19.40 -1.74 -26.95
CA LEU C 293 -20.34 -1.26 -27.96
C LEU C 293 -20.21 0.22 -28.30
N ASP C 294 -19.97 1.04 -27.30
CA ASP C 294 -19.89 2.49 -27.45
C ASP C 294 -19.49 3.10 -26.10
N PRO C 295 -19.07 4.38 -26.04
CA PRO C 295 -18.76 5.11 -24.84
C PRO C 295 -19.85 5.11 -23.75
N LEU C 296 -21.13 5.05 -24.11
CA LEU C 296 -22.13 5.02 -23.04
C LEU C 296 -22.08 3.69 -22.33
N SER C 297 -21.92 2.60 -23.08
CA SER C 297 -21.87 1.29 -22.50
C SER C 297 -20.61 1.16 -21.65
N GLU C 298 -19.52 1.79 -22.08
CA GLU C 298 -18.30 1.73 -21.28
C GLU C 298 -18.57 2.34 -19.91
N THR C 299 -19.34 3.44 -19.88
CA THR C 299 -19.69 4.05 -18.61
C THR C 299 -20.53 3.11 -17.78
N LYS C 300 -21.53 2.47 -18.40
CA LYS C 300 -22.39 1.53 -17.66
C LYS C 300 -21.62 0.36 -17.02
N CYS C 301 -20.62 -0.21 -17.73
CA CYS C 301 -19.79 -1.31 -17.21
C CYS C 301 -18.92 -0.83 -16.07
N THR C 302 -18.35 0.35 -16.20
CA THR C 302 -17.47 0.89 -15.17
C THR C 302 -18.24 1.07 -13.86
N LEU C 303 -19.45 1.58 -13.97
CA LEU C 303 -20.28 1.87 -12.81
C LEU C 303 -21.10 0.69 -12.32
N LYS C 304 -21.02 -0.45 -13.00
CA LYS C 304 -21.82 -1.61 -12.64
C LYS C 304 -23.30 -1.25 -12.56
N SER C 305 -23.80 -0.58 -13.58
CA SER C 305 -25.19 -0.16 -13.56
C SER C 305 -25.83 -0.13 -14.92
N PHE C 306 -27.12 -0.37 -14.95
CA PHE C 306 -27.84 -0.29 -16.21
C PHE C 306 -28.48 1.08 -16.39
N THR C 307 -28.27 1.93 -15.39
CA THR C 307 -28.74 3.32 -15.36
C THR C 307 -27.60 4.28 -15.04
N VAL C 308 -27.50 5.32 -15.82
CA VAL C 308 -26.47 6.33 -15.62
C VAL C 308 -27.13 7.69 -15.41
N GLU C 309 -26.74 8.36 -14.35
CA GLU C 309 -27.29 9.66 -14.00
C GLU C 309 -26.73 10.72 -14.90
N LYS C 310 -27.44 11.82 -15.05
CA LYS C 310 -26.91 12.86 -15.90
C LYS C 310 -25.57 13.32 -15.36
N GLY C 311 -24.60 13.49 -16.26
CA GLY C 311 -23.28 13.93 -15.84
C GLY C 311 -22.20 13.66 -16.87
N ILE C 312 -20.96 13.88 -16.46
CA ILE C 312 -19.83 13.66 -17.34
C ILE C 312 -19.07 12.48 -16.82
N TYR C 313 -18.81 11.53 -17.68
CA TYR C 313 -18.07 10.39 -17.23
C TYR C 313 -16.80 10.27 -18.02
N GLN C 314 -15.74 9.82 -17.39
CA GLN C 314 -14.49 9.65 -18.13
C GLN C 314 -14.42 8.24 -18.61
N THR C 315 -13.75 8.01 -19.73
CA THR C 315 -13.55 6.67 -20.19
C THR C 315 -12.12 6.46 -20.65
N SER C 316 -11.85 5.30 -21.21
CA SER C 316 -10.55 4.89 -21.67
C SER C 316 -10.00 5.78 -22.76
N ASN C 317 -8.69 5.96 -22.79
CA ASN C 317 -8.10 6.76 -23.84
C ASN C 317 -8.38 6.09 -25.15
N PHE C 318 -8.62 6.90 -26.18
CA PHE C 318 -8.93 6.41 -27.52
C PHE C 318 -7.85 5.47 -28.00
N ARG C 319 -8.27 4.35 -28.58
CA ARG C 319 -7.32 3.35 -29.04
C ARG C 319 -7.64 2.92 -30.44
N VAL C 320 -6.63 2.43 -31.12
CA VAL C 320 -6.80 1.87 -32.43
C VAL C 320 -6.20 0.50 -32.38
N GLN C 321 -6.57 -0.36 -33.30
CA GLN C 321 -6.00 -1.68 -33.32
C GLN C 321 -4.94 -1.77 -34.39
N PRO C 322 -3.96 -2.66 -34.25
CA PRO C 322 -2.96 -2.96 -35.24
C PRO C 322 -3.65 -3.69 -36.37
N THR C 323 -3.16 -3.53 -37.59
CA THR C 323 -3.78 -4.20 -38.71
C THR C 323 -3.00 -5.33 -39.37
N GLU C 324 -1.72 -5.40 -39.14
CA GLU C 324 -0.85 -6.38 -39.76
C GLU C 324 0.35 -6.66 -38.89
N SER C 325 1.04 -7.78 -39.14
CA SER C 325 2.23 -8.12 -38.36
C SER C 325 3.51 -8.10 -39.16
N ILE C 326 4.50 -7.38 -38.65
CA ILE C 326 5.80 -7.24 -39.25
C ILE C 326 6.86 -8.04 -38.55
N VAL C 327 7.49 -8.93 -39.29
CA VAL C 327 8.51 -9.77 -38.70
C VAL C 327 9.85 -9.54 -39.34
N ARG C 328 10.83 -9.14 -38.55
CA ARG C 328 12.12 -8.84 -39.14
C ARG C 328 13.26 -9.53 -38.43
N PHE C 329 13.99 -10.29 -39.23
CA PHE C 329 15.16 -11.02 -38.80
C PHE C 329 16.21 -10.76 -39.86
N PRO C 330 17.50 -10.87 -39.57
CA PRO C 330 18.55 -10.75 -40.54
C PRO C 330 18.38 -11.92 -41.49
N ASN C 331 18.73 -11.73 -42.79
CA ASN C 331 18.55 -12.76 -43.82
C ASN C 331 19.73 -13.75 -43.82
N ILE C 332 19.71 -14.64 -42.83
CA ILE C 332 20.68 -15.70 -42.59
C ILE C 332 20.20 -16.94 -43.32
N THR C 333 21.05 -17.52 -44.15
CA THR C 333 20.64 -18.69 -44.91
C THR C 333 21.27 -20.00 -44.44
N ASN C 334 22.33 -19.94 -43.67
CA ASN C 334 23.01 -21.14 -43.24
C ASN C 334 22.35 -21.76 -42.03
N LEU C 335 22.30 -23.08 -42.01
CA LEU C 335 21.78 -23.82 -40.87
C LEU C 335 22.90 -23.93 -39.83
N CYS C 336 22.56 -23.85 -38.51
CA CYS C 336 23.51 -24.02 -37.41
C CYS C 336 24.11 -25.42 -37.43
N PRO C 337 25.34 -25.59 -36.93
CA PRO C 337 26.09 -26.82 -36.97
C PRO C 337 25.62 -27.86 -35.99
N PHE C 338 24.40 -28.32 -36.16
CA PHE C 338 23.83 -29.28 -35.25
C PHE C 338 24.57 -30.58 -35.43
N GLY C 339 25.07 -30.82 -36.63
CA GLY C 339 25.82 -32.02 -36.96
C GLY C 339 27.22 -32.03 -36.35
N GLU C 340 27.69 -30.92 -35.78
CA GLU C 340 29.01 -30.91 -35.15
C GLU C 340 28.86 -30.87 -33.64
N VAL C 341 27.84 -30.16 -33.17
CA VAL C 341 27.60 -29.99 -31.76
C VAL C 341 27.06 -31.27 -31.14
N PHE C 342 26.10 -31.90 -31.81
CA PHE C 342 25.49 -33.11 -31.29
C PHE C 342 25.96 -34.45 -31.91
N ASN C 343 26.72 -34.42 -33.03
CA ASN C 343 27.17 -35.61 -33.79
C ASN C 343 28.70 -35.78 -33.84
N ALA C 344 29.46 -35.18 -32.91
CA ALA C 344 30.93 -35.27 -32.87
C ALA C 344 31.43 -36.69 -32.64
N THR C 345 32.54 -37.00 -33.29
CA THR C 345 33.21 -38.28 -33.15
C THR C 345 33.73 -38.42 -31.73
N ARG C 346 34.27 -37.34 -31.21
CA ARG C 346 34.81 -37.31 -29.87
C ARG C 346 34.37 -36.08 -29.11
N PHE C 347 34.11 -36.29 -27.85
CA PHE C 347 33.79 -35.26 -26.89
C PHE C 347 34.92 -35.08 -25.93
N ALA C 348 35.04 -33.87 -25.44
CA ALA C 348 36.02 -33.56 -24.43
C ALA C 348 35.60 -34.18 -23.12
N SER C 349 36.56 -34.47 -22.28
CA SER C 349 36.25 -34.95 -20.97
C SER C 349 35.79 -33.79 -20.14
N VAL C 350 35.10 -34.05 -19.02
CA VAL C 350 34.63 -32.96 -18.20
C VAL C 350 35.79 -32.20 -17.60
N TYR C 351 36.89 -32.89 -17.40
CA TYR C 351 38.14 -32.29 -16.97
C TYR C 351 38.58 -31.07 -17.78
N ALA C 352 38.42 -31.14 -19.09
CA ALA C 352 38.89 -30.10 -19.99
C ALA C 352 37.86 -29.88 -21.07
N TRP C 353 36.70 -29.38 -20.68
CA TRP C 353 35.55 -29.28 -21.59
C TRP C 353 35.77 -28.31 -22.71
N ASN C 354 35.11 -28.57 -23.86
CA ASN C 354 35.28 -27.72 -25.02
C ASN C 354 34.26 -26.59 -24.99
N ARG C 355 34.54 -25.52 -25.71
CA ARG C 355 33.61 -24.41 -25.85
C ARG C 355 33.55 -23.88 -27.27
N LYS C 356 32.54 -24.28 -28.03
CA LYS C 356 32.42 -23.91 -29.43
C LYS C 356 31.60 -22.64 -29.63
N ARG C 357 32.10 -21.69 -30.41
CA ARG C 357 31.32 -20.49 -30.66
C ARG C 357 30.44 -20.69 -31.89
N ILE C 358 29.18 -20.28 -31.77
CA ILE C 358 28.21 -20.40 -32.84
C ILE C 358 27.73 -19.02 -33.30
N SER C 359 27.75 -18.80 -34.61
CA SER C 359 27.33 -17.51 -35.16
C SER C 359 26.82 -17.62 -36.57
N ASN C 360 26.09 -16.57 -37.00
CA ASN C 360 25.63 -16.45 -38.39
C ASN C 360 24.88 -17.66 -38.93
N CYS C 361 23.85 -18.14 -38.21
CA CYS C 361 23.10 -19.34 -38.59
C CYS C 361 21.64 -19.35 -38.10
N VAL C 362 20.88 -20.27 -38.68
CA VAL C 362 19.50 -20.47 -38.30
C VAL C 362 19.38 -21.65 -37.35
N ALA C 363 18.80 -21.40 -36.19
CA ALA C 363 18.68 -22.39 -35.13
C ALA C 363 17.46 -23.26 -35.33
N ASP C 364 17.43 -23.95 -36.44
CA ASP C 364 16.28 -24.78 -36.70
C ASP C 364 16.50 -26.14 -36.09
N TYR C 365 16.06 -26.28 -34.87
CA TYR C 365 16.36 -27.50 -34.14
C TYR C 365 15.43 -28.63 -34.49
N SER C 366 14.52 -28.43 -35.44
CA SER C 366 13.64 -29.51 -35.80
C SER C 366 14.43 -30.55 -36.57
N VAL C 367 15.65 -30.19 -37.00
CA VAL C 367 16.48 -31.11 -37.75
C VAL C 367 16.97 -32.25 -36.88
N LEU C 368 16.88 -32.08 -35.57
CA LEU C 368 17.30 -33.11 -34.65
C LEU C 368 16.22 -34.16 -34.47
N TYR C 369 14.98 -33.85 -34.84
CA TYR C 369 13.87 -34.73 -34.51
C TYR C 369 13.92 -36.06 -35.24
N ASN C 370 14.54 -36.13 -36.40
CA ASN C 370 14.57 -37.38 -37.12
C ASN C 370 15.43 -38.46 -36.47
N SER C 371 16.41 -38.11 -35.62
CA SER C 371 17.21 -39.19 -35.07
C SER C 371 17.85 -38.96 -33.70
N ALA C 372 17.88 -37.73 -33.19
CA ALA C 372 18.47 -37.51 -31.89
C ALA C 372 17.46 -37.87 -30.82
N SER C 373 17.93 -38.27 -29.65
CA SER C 373 17.03 -38.52 -28.54
C SER C 373 17.67 -38.01 -27.30
N PHE C 374 16.97 -37.15 -26.57
CA PHE C 374 17.57 -36.56 -25.39
C PHE C 374 16.77 -36.85 -24.16
N SER C 375 17.38 -37.57 -23.22
CA SER C 375 16.71 -37.90 -21.98
C SER C 375 16.59 -36.70 -21.07
N THR C 376 17.48 -35.74 -21.22
CA THR C 376 17.43 -34.54 -20.41
C THR C 376 17.42 -33.28 -21.23
N PHE C 377 16.52 -32.38 -20.90
CA PHE C 377 16.46 -31.09 -21.54
C PHE C 377 15.75 -30.09 -20.69
N LYS C 378 16.43 -29.03 -20.35
CA LYS C 378 15.82 -27.99 -19.55
C LYS C 378 16.35 -26.62 -19.92
N CYS C 379 15.46 -25.62 -20.10
CA CYS C 379 15.82 -24.23 -20.36
C CYS C 379 15.58 -23.39 -19.12
N TYR C 380 16.53 -22.51 -18.86
CA TYR C 380 16.49 -21.66 -17.68
C TYR C 380 16.15 -20.22 -17.98
N GLY C 381 16.67 -19.67 -19.05
CA GLY C 381 16.42 -18.24 -19.30
C GLY C 381 15.24 -17.95 -20.22
N VAL C 382 14.61 -18.99 -20.73
CA VAL C 382 13.53 -18.83 -21.67
C VAL C 382 12.63 -20.02 -21.63
N SER C 383 11.34 -19.84 -21.86
CA SER C 383 10.48 -21.00 -21.94
C SER C 383 10.85 -21.69 -23.24
N PRO C 384 10.93 -23.01 -23.32
CA PRO C 384 11.33 -23.72 -24.52
C PRO C 384 10.38 -23.50 -25.69
N THR C 385 9.13 -23.12 -25.44
CA THR C 385 8.18 -22.92 -26.52
C THR C 385 8.44 -21.64 -27.29
N LYS C 386 9.26 -20.78 -26.73
CA LYS C 386 9.61 -19.52 -27.35
C LYS C 386 10.91 -19.57 -28.12
N LEU C 387 11.57 -20.73 -28.16
CA LEU C 387 12.85 -20.75 -28.83
C LEU C 387 12.76 -20.42 -30.30
N ASN C 388 11.64 -20.69 -30.94
CA ASN C 388 11.57 -20.40 -32.37
C ASN C 388 11.18 -18.97 -32.73
N ASP C 389 10.86 -18.11 -31.76
CA ASP C 389 10.48 -16.73 -32.12
C ASP C 389 11.57 -15.72 -31.81
N LEU C 390 12.66 -16.22 -31.29
CA LEU C 390 13.77 -15.42 -30.79
C LEU C 390 15.06 -15.52 -31.57
N CYS C 391 15.90 -14.46 -31.45
CA CYS C 391 17.28 -14.44 -31.89
C CYS C 391 18.15 -14.52 -30.64
N PHE C 392 19.29 -15.15 -30.79
CA PHE C 392 20.19 -15.38 -29.69
C PHE C 392 21.53 -14.72 -29.96
N THR C 393 22.16 -14.20 -28.94
CA THR C 393 23.48 -13.67 -29.21
C THR C 393 24.50 -14.25 -28.28
N ASN C 394 25.77 -14.04 -28.60
CA ASN C 394 26.86 -14.56 -27.78
C ASN C 394 26.64 -16.02 -27.50
N VAL C 395 26.31 -16.78 -28.53
CA VAL C 395 25.99 -18.18 -28.33
C VAL C 395 27.20 -19.11 -28.30
N TYR C 396 27.31 -19.88 -27.23
CA TYR C 396 28.39 -20.84 -27.10
C TYR C 396 27.86 -22.20 -26.70
N ALA C 397 28.48 -23.26 -27.23
CA ALA C 397 28.09 -24.60 -26.83
C ALA C 397 29.19 -25.30 -26.08
N ASP C 398 29.00 -25.49 -24.78
CA ASP C 398 30.01 -26.18 -23.99
C ASP C 398 29.79 -27.64 -24.25
N SER C 399 30.84 -28.42 -24.28
CA SER C 399 30.64 -29.85 -24.54
C SER C 399 31.55 -30.83 -23.83
N PHE C 400 30.94 -31.82 -23.18
CA PHE C 400 31.68 -32.82 -22.42
C PHE C 400 30.97 -34.14 -22.07
N VAL C 401 31.77 -35.13 -21.65
CA VAL C 401 31.25 -36.41 -21.14
C VAL C 401 31.39 -36.63 -19.64
N ILE C 402 30.27 -36.98 -19.02
CA ILE C 402 30.15 -37.27 -17.59
C ILE C 402 29.46 -38.60 -17.31
N ARG C 403 29.49 -39.05 -16.06
CA ARG C 403 28.79 -40.26 -15.65
C ARG C 403 27.28 -39.97 -15.56
N GLY C 404 26.42 -40.92 -15.87
CA GLY C 404 24.97 -40.67 -15.78
C GLY C 404 24.44 -40.16 -14.45
N ASP C 405 24.99 -40.61 -13.33
CA ASP C 405 24.51 -40.12 -12.04
C ASP C 405 24.94 -38.69 -11.76
N GLU C 406 25.79 -38.12 -12.60
CA GLU C 406 26.28 -36.77 -12.46
C GLU C 406 25.51 -35.79 -13.31
N VAL C 407 24.55 -36.24 -14.11
CA VAL C 407 23.85 -35.31 -15.00
C VAL C 407 23.14 -34.25 -14.21
N ARG C 408 22.58 -34.64 -13.08
CA ARG C 408 21.86 -33.74 -12.22
C ARG C 408 22.72 -32.64 -11.63
N GLN C 409 24.05 -32.75 -11.66
CA GLN C 409 24.91 -31.73 -11.08
C GLN C 409 25.20 -30.58 -12.01
N ILE C 410 24.77 -30.67 -13.25
CA ILE C 410 25.06 -29.62 -14.20
C ILE C 410 24.27 -28.37 -13.90
N ALA C 411 23.03 -28.52 -13.47
CA ALA C 411 22.15 -27.40 -13.19
C ALA C 411 22.78 -26.42 -12.19
N PRO C 412 22.49 -25.13 -12.29
CA PRO C 412 23.03 -24.11 -11.43
C PRO C 412 22.54 -24.35 -10.05
N GLY C 413 23.38 -24.07 -9.06
CA GLY C 413 23.00 -24.22 -7.67
C GLY C 413 23.34 -25.60 -7.10
N GLN C 414 23.88 -26.50 -7.92
CA GLN C 414 24.21 -27.83 -7.43
C GLN C 414 25.63 -27.95 -6.92
N THR C 415 25.86 -28.99 -6.11
CA THR C 415 27.17 -29.33 -5.55
C THR C 415 27.54 -30.74 -5.94
N GLY C 416 28.79 -31.14 -5.72
CA GLY C 416 29.22 -32.49 -6.07
C GLY C 416 30.55 -32.43 -6.79
N LYS C 417 31.16 -33.55 -7.09
CA LYS C 417 32.47 -33.44 -7.72
C LYS C 417 32.46 -32.72 -9.07
N ILE C 418 31.36 -32.73 -9.82
CA ILE C 418 31.42 -32.03 -11.09
C ILE C 418 31.09 -30.59 -10.83
N ALA C 419 30.02 -30.34 -10.11
CA ALA C 419 29.63 -28.97 -9.87
C ALA C 419 30.72 -28.18 -9.14
N ASP C 420 31.47 -28.81 -8.27
CA ASP C 420 32.48 -28.09 -7.54
C ASP C 420 33.85 -28.07 -8.19
N TYR C 421 34.28 -29.15 -8.87
CA TYR C 421 35.65 -29.15 -9.38
C TYR C 421 35.84 -29.21 -10.90
N ASN C 422 34.80 -29.46 -11.68
CA ASN C 422 35.01 -29.60 -13.12
C ASN C 422 34.25 -28.61 -14.00
N TYR C 423 32.98 -28.36 -13.68
CA TYR C 423 32.15 -27.52 -14.52
C TYR C 423 31.02 -26.90 -13.76
N LYS C 424 30.98 -25.59 -13.74
CA LYS C 424 29.92 -24.97 -12.98
C LYS C 424 29.20 -23.87 -13.71
N LEU C 425 27.87 -23.90 -13.64
CA LEU C 425 27.07 -22.87 -14.24
C LEU C 425 26.84 -21.79 -13.21
N PRO C 426 26.68 -20.53 -13.60
CA PRO C 426 26.39 -19.41 -12.76
C PRO C 426 24.99 -19.48 -12.24
N ASP C 427 24.78 -18.79 -11.12
CA ASP C 427 23.49 -18.71 -10.45
C ASP C 427 22.38 -18.16 -11.32
N ASP C 428 22.73 -17.24 -12.20
CA ASP C 428 21.80 -16.61 -13.10
C ASP C 428 21.91 -17.10 -14.54
N PHE C 429 22.36 -18.33 -14.75
CA PHE C 429 22.48 -18.88 -16.10
C PHE C 429 21.21 -18.71 -16.89
N THR C 430 21.36 -18.21 -18.13
CA THR C 430 20.24 -17.92 -19.01
C THR C 430 20.07 -18.81 -20.23
N GLY C 431 20.78 -19.90 -20.29
CA GLY C 431 20.71 -20.77 -21.46
C GLY C 431 19.83 -22.01 -21.26
N CYS C 432 20.21 -23.12 -21.95
CA CYS C 432 19.54 -24.43 -21.97
C CYS C 432 20.57 -25.58 -21.83
N VAL C 433 20.23 -26.59 -21.05
CA VAL C 433 21.09 -27.75 -20.85
C VAL C 433 20.47 -29.00 -21.45
N ILE C 434 21.20 -29.66 -22.34
CA ILE C 434 20.68 -30.83 -23.01
C ILE C 434 21.64 -32.03 -22.87
N ALA C 435 21.12 -33.23 -22.64
CA ALA C 435 22.03 -34.38 -22.49
C ALA C 435 21.44 -35.71 -22.96
N TRP C 436 22.32 -36.65 -23.35
CA TRP C 436 21.84 -37.95 -23.80
C TRP C 436 22.76 -39.15 -23.50
N ASN C 437 22.15 -40.35 -23.51
CA ASN C 437 22.87 -41.56 -23.12
C ASN C 437 23.66 -42.28 -24.20
N SER C 438 24.90 -41.86 -24.39
CA SER C 438 25.79 -42.40 -25.42
C SER C 438 26.48 -43.72 -25.00
N ASN C 439 25.71 -44.70 -24.59
CA ASN C 439 26.28 -45.93 -24.05
C ASN C 439 26.77 -46.91 -25.08
N ASN C 440 26.61 -46.55 -26.34
CA ASN C 440 27.10 -47.37 -27.41
C ASN C 440 28.13 -46.62 -28.23
N LEU C 441 28.56 -45.45 -27.74
CA LEU C 441 29.56 -44.68 -28.47
C LEU C 441 30.80 -44.47 -27.63
N ASP C 442 30.58 -44.12 -26.37
CA ASP C 442 31.65 -43.77 -25.46
C ASP C 442 32.04 -44.90 -24.53
N SER C 443 31.54 -46.08 -24.79
CA SER C 443 31.81 -47.23 -23.95
C SER C 443 32.72 -48.20 -24.65
N LYS C 444 33.46 -48.96 -23.87
CA LYS C 444 34.38 -49.96 -24.42
C LYS C 444 34.34 -51.21 -23.59
N VAL C 445 34.58 -52.36 -24.20
CA VAL C 445 34.47 -53.61 -23.45
C VAL C 445 35.40 -53.69 -22.25
N GLY C 446 36.64 -53.26 -22.39
CA GLY C 446 37.57 -53.32 -21.27
C GLY C 446 37.58 -52.04 -20.45
N GLY C 447 36.68 -51.12 -20.78
CA GLY C 447 36.58 -49.80 -20.19
C GLY C 447 37.20 -48.77 -21.12
N ASN C 448 36.69 -47.56 -21.05
CA ASN C 448 37.14 -46.46 -21.86
C ASN C 448 37.87 -45.51 -20.98
N TYR C 449 39.18 -45.51 -21.06
CA TYR C 449 39.92 -44.73 -20.09
C TYR C 449 40.36 -43.40 -20.65
N ASN C 450 39.74 -42.98 -21.73
CA ASN C 450 40.09 -41.71 -22.31
C ASN C 450 39.31 -40.56 -21.67
N TYR C 451 38.38 -40.87 -20.78
CA TYR C 451 37.63 -39.80 -20.14
C TYR C 451 38.10 -39.59 -18.72
N LEU C 452 38.36 -38.33 -18.39
CA LEU C 452 38.84 -37.90 -17.09
C LEU C 452 38.00 -36.86 -16.41
N TYR C 453 38.07 -36.87 -15.08
CA TYR C 453 37.45 -35.85 -14.27
C TYR C 453 38.36 -35.49 -13.12
N ARG C 454 38.23 -34.29 -12.62
CA ARG C 454 39.00 -33.86 -11.48
C ARG C 454 38.32 -34.24 -10.21
N LEU C 455 39.08 -34.87 -9.34
CA LEU C 455 38.58 -35.26 -8.05
C LEU C 455 39.12 -34.39 -6.93
N PHE C 456 40.38 -33.98 -7.04
CA PHE C 456 40.93 -33.20 -5.97
C PHE C 456 41.23 -31.77 -6.37
N ARG C 457 40.84 -30.86 -5.52
CA ARG C 457 41.10 -29.45 -5.73
C ARG C 457 41.14 -28.80 -4.34
N LYS C 458 41.79 -27.65 -4.21
CA LYS C 458 41.83 -26.98 -2.90
C LYS C 458 40.71 -25.99 -2.65
N SER C 459 39.94 -25.70 -3.67
CA SER C 459 38.86 -24.72 -3.61
C SER C 459 37.85 -25.04 -4.70
N ASN C 460 36.70 -24.39 -4.67
CA ASN C 460 35.71 -24.63 -5.69
C ASN C 460 35.90 -23.71 -6.86
N LEU C 461 35.39 -24.12 -8.02
CA LEU C 461 35.44 -23.32 -9.24
C LEU C 461 34.43 -22.19 -9.26
N LYS C 462 34.74 -21.16 -10.02
CA LYS C 462 33.79 -20.09 -10.24
C LYS C 462 33.10 -20.44 -11.57
N PRO C 463 31.99 -19.82 -11.92
CA PRO C 463 31.26 -20.15 -13.12
C PRO C 463 32.12 -20.11 -14.37
N PHE C 464 31.94 -21.13 -15.18
CA PHE C 464 32.60 -21.36 -16.45
C PHE C 464 34.11 -21.41 -16.46
N GLU C 465 34.74 -21.68 -15.33
CA GLU C 465 36.18 -21.81 -15.33
C GLU C 465 36.65 -23.19 -15.72
N ARG C 466 37.85 -23.25 -16.28
CA ARG C 466 38.51 -24.51 -16.59
C ARG C 466 39.82 -24.54 -15.88
N ASP C 467 40.28 -25.73 -15.56
CA ASP C 467 41.58 -25.90 -14.97
C ASP C 467 42.11 -27.23 -15.42
N ILE C 468 43.20 -27.21 -16.17
CA ILE C 468 43.75 -28.44 -16.70
C ILE C 468 45.10 -28.76 -16.11
N SER C 469 45.39 -28.11 -15.01
CA SER C 469 46.61 -28.34 -14.26
C SER C 469 46.65 -29.73 -13.69
N THR C 470 47.83 -30.31 -13.70
CA THR C 470 48.05 -31.65 -13.16
C THR C 470 48.94 -31.59 -11.93
N GLU C 471 49.11 -30.41 -11.38
CA GLU C 471 49.95 -30.23 -10.20
C GLU C 471 49.43 -31.16 -9.14
N ILE C 472 50.30 -31.94 -8.54
CA ILE C 472 49.85 -32.95 -7.61
C ILE C 472 49.23 -32.33 -6.37
N TYR C 473 48.12 -32.91 -5.91
CA TYR C 473 47.39 -32.42 -4.77
C TYR C 473 47.98 -32.86 -3.47
N GLN C 474 48.22 -31.90 -2.59
CA GLN C 474 48.76 -32.17 -1.28
C GLN C 474 47.64 -32.26 -0.27
N ALA C 475 47.62 -33.35 0.48
CA ALA C 475 46.57 -33.59 1.46
C ALA C 475 47.15 -33.64 2.88
N GLY C 476 46.33 -33.33 3.88
CA GLY C 476 46.73 -33.62 5.26
C GLY C 476 47.89 -32.80 5.78
N SER C 477 48.10 -31.61 5.23
CA SER C 477 49.22 -30.75 5.63
C SER C 477 50.54 -31.53 5.63
N THR C 478 50.71 -32.42 4.66
CA THR C 478 51.89 -33.23 4.52
C THR C 478 52.64 -32.82 3.27
N PRO C 479 53.75 -32.07 3.37
CA PRO C 479 54.45 -31.50 2.25
C PRO C 479 54.75 -32.56 1.21
N CYS C 480 54.51 -32.25 -0.09
CA CYS C 480 54.74 -33.17 -1.19
C CYS C 480 55.38 -32.47 -2.40
N ASN C 481 56.53 -32.96 -2.78
CA ASN C 481 57.32 -32.42 -3.87
C ASN C 481 57.01 -33.05 -5.22
N GLY C 482 55.73 -33.08 -5.58
CA GLY C 482 55.34 -33.64 -6.86
C GLY C 482 55.32 -35.18 -6.94
N VAL C 483 55.24 -35.88 -5.81
CA VAL C 483 55.30 -37.33 -5.85
C VAL C 483 54.10 -38.04 -5.23
N GLU C 484 53.43 -38.89 -6.01
CA GLU C 484 52.28 -39.63 -5.51
C GLU C 484 52.69 -40.45 -4.32
N GLY C 485 51.84 -40.50 -3.31
CA GLY C 485 52.20 -41.24 -2.12
C GLY C 485 51.28 -40.97 -0.95
N PHE C 486 51.77 -41.21 0.25
CA PHE C 486 50.92 -40.99 1.40
C PHE C 486 50.55 -39.53 1.42
N ASN C 487 49.25 -39.28 1.53
CA ASN C 487 48.71 -37.93 1.52
C ASN C 487 49.15 -37.05 0.34
N CYS C 488 49.27 -37.62 -0.89
CA CYS C 488 49.65 -36.85 -2.08
C CYS C 488 49.03 -37.58 -3.29
N TYR C 489 48.13 -36.88 -3.97
CA TYR C 489 47.36 -37.53 -5.01
C TYR C 489 47.42 -36.89 -6.36
N PHE C 490 47.44 -37.70 -7.39
CA PHE C 490 47.32 -37.13 -8.70
C PHE C 490 45.85 -36.70 -8.71
N PRO C 491 45.49 -35.46 -9.07
CA PRO C 491 44.16 -34.93 -8.98
C PRO C 491 43.12 -35.48 -9.91
N LEU C 492 43.52 -36.18 -10.97
CA LEU C 492 42.56 -36.66 -11.94
C LEU C 492 42.37 -38.15 -11.89
N GLN C 493 41.16 -38.59 -12.17
CA GLN C 493 40.84 -39.99 -12.25
C GLN C 493 40.05 -40.29 -13.50
N SER C 494 40.17 -41.51 -13.96
CA SER C 494 39.43 -41.97 -15.12
C SER C 494 38.08 -42.55 -14.79
N TYR C 495 37.26 -42.64 -15.81
CA TYR C 495 35.97 -43.30 -15.73
C TYR C 495 36.09 -44.68 -16.33
N GLY C 496 35.19 -45.59 -15.95
CA GLY C 496 35.13 -46.94 -16.53
C GLY C 496 34.32 -46.96 -17.84
N PHE C 497 33.02 -46.82 -17.73
CA PHE C 497 32.15 -46.87 -18.89
C PHE C 497 32.18 -48.15 -19.71
N GLN C 498 32.10 -49.27 -19.04
CA GLN C 498 31.97 -50.56 -19.71
C GLN C 498 30.52 -50.68 -20.18
N PRO C 499 30.24 -51.42 -21.25
CA PRO C 499 28.92 -51.66 -21.82
C PRO C 499 27.98 -52.46 -20.93
N THR C 500 28.53 -53.06 -19.88
CA THR C 500 27.76 -53.89 -18.98
C THR C 500 27.42 -53.19 -17.67
N ASN C 501 27.76 -51.92 -17.56
CA ASN C 501 27.47 -51.22 -16.32
C ASN C 501 26.01 -50.81 -16.26
N GLY C 502 25.50 -50.59 -15.05
CA GLY C 502 24.12 -50.17 -14.90
C GLY C 502 24.02 -48.72 -15.32
N VAL C 503 22.81 -48.19 -15.33
CA VAL C 503 22.57 -46.87 -15.90
C VAL C 503 23.35 -45.75 -15.28
N GLY C 504 23.50 -45.74 -13.98
CA GLY C 504 24.20 -44.63 -13.34
C GLY C 504 25.66 -44.52 -13.76
N TYR C 505 26.21 -45.59 -14.32
CA TYR C 505 27.60 -45.61 -14.73
C TYR C 505 27.77 -45.57 -16.23
N GLN C 506 26.71 -45.34 -16.98
CA GLN C 506 26.85 -45.26 -18.42
C GLN C 506 27.29 -43.82 -18.68
N PRO C 507 28.06 -43.55 -19.73
CA PRO C 507 28.48 -42.21 -20.10
C PRO C 507 27.34 -41.42 -20.67
N TYR C 508 27.36 -40.13 -20.41
CA TYR C 508 26.43 -39.20 -21.00
C TYR C 508 27.09 -38.02 -21.66
N ARG C 509 26.56 -37.63 -22.78
CA ARG C 509 27.06 -36.47 -23.49
C ARG C 509 26.24 -35.29 -23.10
N VAL C 510 26.91 -34.24 -22.71
CA VAL C 510 26.24 -33.05 -22.27
C VAL C 510 26.64 -31.85 -23.09
N VAL C 511 25.64 -31.12 -23.53
CA VAL C 511 25.85 -29.90 -24.26
C VAL C 511 25.16 -28.77 -23.55
N VAL C 512 25.88 -27.70 -23.30
CA VAL C 512 25.22 -26.58 -22.66
C VAL C 512 25.22 -25.41 -23.60
N LEU C 513 24.04 -24.91 -23.89
CA LEU C 513 23.95 -23.80 -24.79
C LEU C 513 23.77 -22.55 -24.00
N SER C 514 24.78 -21.72 -23.99
CA SER C 514 24.77 -20.49 -23.24
C SER C 514 24.52 -19.36 -24.18
N PHE C 515 23.54 -18.54 -23.89
CA PHE C 515 23.19 -17.43 -24.76
C PHE C 515 22.49 -16.30 -24.04
N GLU C 516 22.46 -15.14 -24.69
CA GLU C 516 21.75 -13.98 -24.16
C GLU C 516 20.62 -13.53 -25.08
N LEU C 517 19.57 -12.94 -24.48
CA LEU C 517 18.42 -12.51 -25.28
C LEU C 517 18.03 -11.04 -25.17
N LEU C 518 17.64 -10.48 -26.32
CA LEU C 518 17.02 -9.16 -26.56
C LEU C 518 17.80 -7.87 -26.21
N HIS C 519 19.09 -7.94 -25.93
CA HIS C 519 19.81 -6.71 -25.61
C HIS C 519 21.05 -6.45 -26.41
N ALA C 520 21.16 -7.03 -27.57
CA ALA C 520 22.35 -6.84 -28.38
C ALA C 520 22.05 -7.31 -29.77
N PRO C 521 22.87 -6.99 -30.77
CA PRO C 521 22.80 -7.53 -32.08
C PRO C 521 22.95 -9.02 -31.92
N ALA C 522 22.30 -9.78 -32.78
CA ALA C 522 22.35 -11.23 -32.71
C ALA C 522 22.54 -11.81 -34.08
N THR C 523 23.33 -12.88 -34.17
CA THR C 523 23.55 -13.53 -35.44
C THR C 523 23.10 -14.99 -35.50
N VAL C 524 22.59 -15.55 -34.40
CA VAL C 524 22.08 -16.90 -34.42
C VAL C 524 20.62 -16.69 -34.20
N CYS C 525 19.71 -17.16 -35.07
CA CYS C 525 18.28 -16.84 -34.90
C CYS C 525 17.39 -17.97 -35.35
N GLY C 526 16.24 -18.09 -34.73
CA GLY C 526 15.31 -19.16 -35.05
C GLY C 526 14.81 -19.07 -36.49
N PRO C 527 13.98 -20.03 -36.92
CA PRO C 527 13.49 -20.24 -38.26
C PRO C 527 12.28 -19.43 -38.72
N LYS C 528 11.79 -18.50 -37.93
CA LYS C 528 10.60 -17.79 -38.36
C LYS C 528 10.93 -16.93 -39.58
N LYS C 529 10.02 -16.92 -40.54
CA LYS C 529 10.19 -16.14 -41.76
C LYS C 529 9.93 -14.69 -41.56
N SER C 530 10.66 -13.86 -42.28
CA SER C 530 10.47 -12.43 -42.27
C SER C 530 9.40 -11.97 -43.24
N THR C 531 8.98 -10.73 -43.05
CA THR C 531 8.01 -10.03 -43.88
C THR C 531 8.57 -8.70 -44.29
N ASN C 532 7.78 -7.96 -45.05
CA ASN C 532 8.14 -6.61 -45.45
C ASN C 532 7.84 -5.71 -44.29
N LEU C 533 8.46 -4.54 -44.25
CA LEU C 533 8.21 -3.61 -43.16
C LEU C 533 7.30 -2.49 -43.64
N VAL C 534 6.30 -2.18 -42.83
CA VAL C 534 5.35 -1.14 -43.14
C VAL C 534 5.43 0.03 -42.20
N LYS C 535 5.68 1.20 -42.76
CA LYS C 535 5.82 2.44 -42.00
C LYS C 535 4.52 3.22 -41.86
N ASN C 536 4.46 3.99 -40.77
CA ASN C 536 3.41 4.95 -40.42
C ASN C 536 2.01 4.37 -40.25
N LYS C 537 1.90 3.15 -39.75
CA LYS C 537 0.63 2.51 -39.47
C LYS C 537 0.77 1.80 -38.15
N CYS C 538 -0.36 1.52 -37.42
CA CYS C 538 -0.32 0.73 -36.20
C CYS C 538 -0.17 -0.75 -36.57
N VAL C 539 0.93 -1.32 -36.14
CA VAL C 539 1.28 -2.67 -36.47
C VAL C 539 1.71 -3.49 -35.28
N ASN C 540 1.70 -4.80 -35.47
CA ASN C 540 2.28 -5.69 -34.49
C ASN C 540 3.67 -5.91 -35.01
N PHE C 541 4.61 -6.24 -34.17
CA PHE C 541 5.93 -6.53 -34.69
C PHE C 541 6.77 -7.47 -33.86
N ASN C 542 7.80 -7.97 -34.52
CA ASN C 542 8.86 -8.80 -33.96
C ASN C 542 10.23 -8.41 -34.53
N PHE C 543 11.05 -7.68 -33.77
CA PHE C 543 12.38 -7.31 -34.27
C PHE C 543 13.43 -8.11 -33.53
N ASN C 544 13.95 -9.12 -34.20
CA ASN C 544 14.93 -10.02 -33.62
C ASN C 544 14.49 -10.63 -32.29
N GLY C 545 13.22 -10.97 -32.17
CA GLY C 545 12.69 -11.53 -30.95
C GLY C 545 12.02 -10.50 -30.06
N LEU C 546 12.19 -9.22 -30.30
CA LEU C 546 11.50 -8.30 -29.42
C LEU C 546 10.17 -7.94 -29.99
N THR C 547 9.13 -8.33 -29.30
CA THR C 547 7.81 -8.12 -29.80
C THR C 547 7.11 -6.98 -29.13
N GLY C 548 6.05 -6.55 -29.75
CA GLY C 548 5.22 -5.49 -29.20
C GLY C 548 4.40 -4.87 -30.29
N THR C 549 3.73 -3.77 -30.00
CA THR C 549 2.93 -3.11 -31.00
C THR C 549 3.29 -1.65 -30.99
N GLY C 550 2.91 -0.95 -32.04
CA GLY C 550 3.16 0.48 -32.11
C GLY C 550 3.26 0.94 -33.54
N VAL C 551 3.68 2.17 -33.72
CA VAL C 551 3.79 2.74 -35.05
C VAL C 551 5.26 2.95 -35.32
N LEU C 552 5.72 2.44 -36.45
CA LEU C 552 7.12 2.53 -36.82
C LEU C 552 7.34 3.75 -37.71
N THR C 553 8.25 4.63 -37.33
CA THR C 553 8.53 5.82 -38.14
C THR C 553 10.03 5.97 -38.35
N GLU C 554 10.46 6.76 -39.31
CA GLU C 554 11.89 6.97 -39.49
C GLU C 554 12.44 7.85 -38.41
N SER C 555 13.66 7.56 -37.94
CA SER C 555 14.25 8.33 -36.87
C SER C 555 15.56 9.02 -37.19
N ASN C 556 15.85 10.08 -36.45
CA ASN C 556 17.11 10.81 -36.57
C ASN C 556 18.12 10.40 -35.50
N LYS C 557 17.78 9.36 -34.75
CA LYS C 557 18.70 8.86 -33.74
C LYS C 557 19.78 8.09 -34.45
N LYS C 558 21.00 8.15 -33.93
CA LYS C 558 22.07 7.38 -34.53
C LYS C 558 22.68 6.47 -33.50
N PHE C 559 22.52 5.19 -33.73
CA PHE C 559 23.01 4.18 -32.82
C PHE C 559 24.47 3.93 -33.07
N LEU C 560 25.18 3.57 -32.02
CA LEU C 560 26.57 3.21 -32.16
C LEU C 560 26.56 1.83 -32.83
N PRO C 561 27.64 1.41 -33.50
CA PRO C 561 27.73 0.15 -34.21
C PRO C 561 27.33 -1.10 -33.42
N PHE C 562 27.48 -1.08 -32.10
CA PHE C 562 27.14 -2.23 -31.29
C PHE C 562 25.80 -2.16 -30.57
N GLN C 563 25.02 -1.11 -30.83
CA GLN C 563 23.74 -0.94 -30.16
C GLN C 563 22.58 -1.37 -31.05
N GLN C 564 21.81 -2.35 -30.61
CA GLN C 564 20.71 -2.85 -31.43
C GLN C 564 19.36 -2.21 -31.13
N PHE C 565 19.14 -1.88 -29.87
CA PHE C 565 17.88 -1.34 -29.40
C PHE C 565 18.12 -0.11 -28.57
N GLY C 566 17.16 0.80 -28.55
CA GLY C 566 17.26 1.91 -27.63
C GLY C 566 16.23 1.76 -26.53
N ARG C 567 16.25 2.68 -25.58
CA ARG C 567 15.32 2.73 -24.46
C ARG C 567 14.95 4.15 -24.10
N ASP C 568 13.70 4.37 -23.71
CA ASP C 568 13.26 5.67 -23.24
C ASP C 568 13.54 5.82 -21.75
N ILE C 569 13.02 6.90 -21.17
CA ILE C 569 13.20 7.29 -19.78
C ILE C 569 12.72 6.26 -18.76
N ALA C 570 11.80 5.38 -19.15
CA ALA C 570 11.24 4.40 -18.26
C ALA C 570 11.60 3.00 -18.73
N ASP C 571 12.71 2.89 -19.45
CA ASP C 571 13.24 1.66 -19.99
C ASP C 571 12.32 0.88 -20.90
N THR C 572 11.55 1.58 -21.72
CA THR C 572 10.69 0.93 -22.68
C THR C 572 11.31 1.14 -24.05
N THR C 573 11.40 0.10 -24.85
CA THR C 573 12.03 0.27 -26.16
C THR C 573 11.29 1.30 -26.95
N ASP C 574 11.99 2.30 -27.49
CA ASP C 574 11.34 3.32 -28.29
C ASP C 574 12.03 3.51 -29.61
N ALA C 575 12.99 2.66 -29.89
CA ALA C 575 13.72 2.70 -31.13
C ALA C 575 14.40 1.39 -31.37
N VAL C 576 14.47 0.98 -32.63
CA VAL C 576 15.20 -0.21 -33.01
C VAL C 576 16.03 -0.01 -34.25
N ARG C 577 17.06 -0.82 -34.41
CA ARG C 577 17.75 -0.83 -35.68
C ARG C 577 17.19 -1.98 -36.48
N ASP C 578 16.70 -1.71 -37.68
CA ASP C 578 16.16 -2.79 -38.48
C ASP C 578 17.30 -3.74 -38.87
N PRO C 579 17.15 -5.06 -38.71
CA PRO C 579 18.15 -6.04 -39.04
C PRO C 579 18.54 -6.22 -40.51
N GLN C 580 17.74 -5.77 -41.49
CA GLN C 580 18.22 -6.00 -42.86
C GLN C 580 18.74 -4.72 -43.48
N THR C 581 18.04 -3.63 -43.27
CA THR C 581 18.49 -2.36 -43.82
C THR C 581 18.74 -1.60 -42.57
N LEU C 582 19.93 -1.08 -42.37
CA LEU C 582 20.20 -0.52 -41.06
C LEU C 582 19.72 0.89 -40.82
N GLU C 583 18.42 1.03 -40.78
CA GLU C 583 17.74 2.28 -40.52
C GLU C 583 17.37 2.31 -39.08
N ILE C 584 17.30 3.49 -38.50
CA ILE C 584 16.83 3.54 -37.14
C ILE C 584 15.41 3.98 -37.19
N LEU C 585 14.56 3.19 -36.55
CA LEU C 585 13.15 3.49 -36.52
C LEU C 585 12.74 3.84 -35.11
N ASP C 586 11.85 4.79 -34.98
CA ASP C 586 11.28 5.12 -33.69
C ASP C 586 10.03 4.31 -33.55
N ILE C 587 9.64 3.99 -32.34
CA ILE C 587 8.40 3.29 -32.16
C ILE C 587 7.51 4.07 -31.22
N THR C 588 6.30 4.40 -31.65
CA THR C 588 5.45 5.12 -30.74
C THR C 588 4.26 4.23 -30.39
N PRO C 589 3.60 4.39 -29.24
CA PRO C 589 2.40 3.70 -28.85
C PRO C 589 1.28 4.04 -29.83
N CYS C 590 0.30 3.12 -29.99
CA CYS C 590 -0.85 3.32 -30.88
C CYS C 590 -1.95 4.09 -30.15
N SER C 591 -2.07 3.84 -28.86
CA SER C 591 -3.11 4.47 -28.04
C SER C 591 -2.64 5.83 -27.58
N PHE C 592 -3.56 6.77 -27.50
CA PHE C 592 -3.24 8.13 -27.06
C PHE C 592 -4.52 8.90 -27.03
N GLY C 593 -4.62 9.88 -26.16
CA GLY C 593 -5.79 10.72 -26.19
C GLY C 593 -6.50 10.77 -24.85
N GLY C 594 -7.80 10.89 -24.91
CA GLY C 594 -8.64 11.02 -23.74
C GLY C 594 -10.04 11.31 -24.21
N VAL C 595 -11.00 10.63 -23.61
CA VAL C 595 -12.39 10.76 -24.01
C VAL C 595 -13.29 10.86 -22.82
N SER C 596 -14.32 11.69 -22.93
CA SER C 596 -15.32 11.74 -21.89
C SER C 596 -16.69 11.80 -22.53
N VAL C 597 -17.68 11.33 -21.81
CA VAL C 597 -19.01 11.24 -22.36
C VAL C 597 -19.99 12.09 -21.61
N ILE C 598 -20.74 12.87 -22.36
CA ILE C 598 -21.75 13.77 -21.87
C ILE C 598 -23.07 13.05 -21.94
N THR C 599 -23.61 12.72 -20.78
CA THR C 599 -24.80 11.89 -20.74
C THR C 599 -26.00 12.54 -20.04
N PRO C 600 -27.14 12.72 -20.71
CA PRO C 600 -28.40 13.13 -20.14
C PRO C 600 -28.77 11.93 -19.35
N GLY C 601 -29.62 12.02 -18.35
CA GLY C 601 -29.86 10.76 -17.65
C GLY C 601 -30.44 9.73 -18.61
N THR C 602 -30.08 8.47 -18.40
CA THR C 602 -30.50 7.37 -19.28
C THR C 602 -31.94 7.00 -19.08
N ASN C 603 -32.55 7.57 -18.04
CA ASN C 603 -33.95 7.36 -17.77
C ASN C 603 -34.78 8.40 -18.50
N THR C 604 -34.11 9.25 -19.27
CA THR C 604 -34.71 10.30 -20.05
C THR C 604 -34.40 10.14 -21.53
N SER C 605 -33.14 9.94 -21.84
CA SER C 605 -32.69 9.87 -23.22
C SER C 605 -31.45 9.01 -23.44
N ASN C 606 -31.35 8.40 -24.61
CA ASN C 606 -30.18 7.62 -24.94
C ASN C 606 -29.20 8.38 -25.83
N GLN C 607 -29.42 9.67 -26.02
CA GLN C 607 -28.49 10.44 -26.83
C GLN C 607 -27.32 10.80 -25.98
N VAL C 608 -26.11 10.69 -26.52
CA VAL C 608 -24.95 11.17 -25.79
C VAL C 608 -24.11 11.99 -26.70
N ALA C 609 -23.25 12.80 -26.12
CA ALA C 609 -22.27 13.53 -26.91
C ALA C 609 -20.91 13.12 -26.42
N VAL C 610 -19.94 13.04 -27.31
CA VAL C 610 -18.62 12.61 -26.88
C VAL C 610 -17.56 13.65 -27.10
N LEU C 611 -16.82 13.93 -26.04
CA LEU C 611 -15.75 14.90 -26.08
C LEU C 611 -14.39 14.26 -26.22
N TYR C 612 -13.67 14.65 -27.26
CA TYR C 612 -12.34 14.15 -27.54
C TYR C 612 -11.33 15.22 -27.17
N GLN C 613 -10.45 14.91 -26.23
CA GLN C 613 -9.52 15.92 -25.72
C GLN C 613 -8.30 16.20 -26.58
N ASP C 614 -7.93 15.28 -27.45
CA ASP C 614 -6.72 15.39 -28.27
C ASP C 614 -6.94 15.64 -29.75
N VAL C 615 -8.06 16.19 -30.15
CA VAL C 615 -8.19 16.42 -31.58
C VAL C 615 -8.61 17.88 -31.79
N ASN C 616 -8.30 18.39 -33.00
CA ASN C 616 -8.60 19.74 -33.48
C ASN C 616 -9.90 19.83 -34.30
N CYS C 617 -10.28 18.76 -35.05
CA CYS C 617 -11.46 18.67 -35.92
C CYS C 617 -11.56 19.83 -36.92
N THR C 618 -10.42 20.26 -37.47
CA THR C 618 -10.36 21.34 -38.46
C THR C 618 -8.91 21.57 -38.87
N THR C 632 -9.40 9.44 -40.62
CA THR C 632 -9.13 10.87 -40.64
C THR C 632 -8.83 11.35 -39.20
N TRP C 633 -9.89 11.64 -38.42
CA TRP C 633 -9.86 12.10 -37.03
C TRP C 633 -9.81 10.92 -36.09
N ARG C 634 -9.14 11.07 -34.97
CA ARG C 634 -9.11 9.98 -33.98
C ARG C 634 -10.36 9.99 -33.13
N VAL C 635 -11.47 9.64 -33.75
CA VAL C 635 -12.75 9.65 -33.08
C VAL C 635 -13.41 8.31 -33.32
N TYR C 636 -14.42 7.96 -32.53
CA TYR C 636 -15.08 6.69 -32.76
C TYR C 636 -16.01 6.77 -33.95
N SER C 637 -16.60 7.93 -34.15
CA SER C 637 -17.51 8.18 -35.24
C SER C 637 -17.58 9.67 -35.45
N THR C 638 -18.02 10.09 -36.62
CA THR C 638 -18.22 11.52 -36.82
C THR C 638 -19.66 11.75 -37.21
N GLY C 639 -20.34 12.61 -36.47
CA GLY C 639 -21.73 12.93 -36.76
C GLY C 639 -21.80 14.24 -37.50
N SER C 640 -23.01 14.78 -37.64
CA SER C 640 -23.19 16.03 -38.35
C SER C 640 -22.92 17.25 -37.48
N ASN C 641 -22.90 17.04 -36.17
CA ASN C 641 -22.70 18.11 -35.23
C ASN C 641 -21.32 18.12 -34.63
N VAL C 642 -20.43 18.94 -35.17
CA VAL C 642 -19.08 18.95 -34.64
C VAL C 642 -18.72 20.35 -34.18
N PHE C 643 -18.40 20.48 -32.91
CA PHE C 643 -18.05 21.75 -32.29
C PHE C 643 -16.68 21.73 -31.67
N GLN C 644 -15.82 22.67 -32.03
CA GLN C 644 -14.48 22.66 -31.47
C GLN C 644 -14.28 23.72 -30.41
N THR C 645 -13.80 23.30 -29.25
CA THR C 645 -13.51 24.23 -28.18
C THR C 645 -12.16 23.96 -27.54
N ARG C 646 -11.81 24.79 -26.56
CA ARG C 646 -10.53 24.65 -25.87
C ARG C 646 -10.41 23.32 -25.13
N ALA C 647 -11.52 22.80 -24.68
CA ALA C 647 -11.53 21.56 -23.93
C ALA C 647 -11.50 20.33 -24.84
N GLY C 648 -11.53 20.52 -26.16
CA GLY C 648 -11.55 19.38 -27.07
C GLY C 648 -12.62 19.51 -28.14
N CYS C 649 -12.79 18.45 -28.95
CA CYS C 649 -13.74 18.36 -30.04
C CYS C 649 -14.97 17.64 -29.53
N LEU C 650 -16.07 18.33 -29.58
CA LEU C 650 -17.30 17.79 -29.10
C LEU C 650 -18.17 17.33 -30.25
N ILE C 651 -18.44 16.04 -30.30
CA ILE C 651 -19.23 15.50 -31.39
C ILE C 651 -20.57 14.95 -30.95
N GLY C 652 -21.63 15.46 -31.57
CA GLY C 652 -23.00 15.07 -31.28
C GLY C 652 -23.85 16.14 -30.61
N ALA C 653 -23.23 17.17 -30.04
CA ALA C 653 -24.00 18.24 -29.43
C ALA C 653 -24.18 19.37 -30.42
N GLU C 654 -25.35 19.97 -30.42
CA GLU C 654 -25.59 21.12 -31.27
C GLU C 654 -25.01 22.32 -30.57
N HIS C 655 -24.56 23.32 -31.29
CA HIS C 655 -24.06 24.50 -30.58
C HIS C 655 -24.98 25.68 -30.75
N VAL C 656 -25.18 26.43 -29.68
CA VAL C 656 -26.00 27.64 -29.80
C VAL C 656 -25.24 28.87 -29.38
N ASN C 657 -25.73 30.03 -29.79
CA ASN C 657 -25.06 31.29 -29.48
C ASN C 657 -25.56 31.95 -28.22
N ASN C 658 -26.42 31.27 -27.50
CA ASN C 658 -26.95 31.79 -26.27
C ASN C 658 -26.05 31.44 -25.13
N SER C 659 -26.40 31.89 -23.95
CA SER C 659 -25.64 31.59 -22.77
C SER C 659 -26.62 31.26 -21.69
N TYR C 660 -26.20 30.42 -20.77
CA TYR C 660 -27.11 30.00 -19.71
C TYR C 660 -26.37 29.61 -18.46
N GLU C 661 -27.13 29.25 -17.44
CA GLU C 661 -26.59 28.72 -16.21
C GLU C 661 -25.98 27.37 -16.57
N CYS C 662 -24.86 26.99 -15.93
CA CYS C 662 -24.15 25.75 -16.21
C CYS C 662 -24.82 24.52 -15.58
N ASP C 663 -24.77 23.46 -16.35
CA ASP C 663 -25.16 22.11 -16.00
C ASP C 663 -24.25 21.25 -16.84
N ILE C 664 -24.05 20.03 -16.43
CA ILE C 664 -23.23 19.11 -17.20
C ILE C 664 -22.02 19.89 -17.75
N PRO C 665 -21.09 20.34 -16.91
CA PRO C 665 -19.95 21.14 -17.33
C PRO C 665 -19.03 20.37 -18.23
N ILE C 666 -18.52 21.01 -19.27
CA ILE C 666 -17.59 20.36 -20.18
C ILE C 666 -16.17 20.79 -19.87
N GLY C 667 -15.99 22.08 -19.71
CA GLY C 667 -14.68 22.63 -19.42
C GLY C 667 -14.36 23.81 -20.32
N ALA C 668 -13.43 24.63 -19.87
CA ALA C 668 -12.95 25.78 -20.60
C ALA C 668 -14.06 26.70 -21.09
N GLY C 669 -15.02 27.01 -20.24
CA GLY C 669 -16.09 27.92 -20.61
C GLY C 669 -17.35 27.28 -21.19
N ILE C 670 -17.29 25.99 -21.49
CA ILE C 670 -18.42 25.29 -22.10
C ILE C 670 -19.16 24.34 -21.14
N CYS C 671 -20.51 24.41 -21.17
CA CYS C 671 -21.46 23.57 -20.43
C CYS C 671 -22.48 23.00 -21.41
N ALA C 672 -23.27 22.03 -20.97
CA ALA C 672 -24.25 21.46 -21.87
C ALA C 672 -25.55 21.08 -21.18
N SER C 673 -26.60 20.96 -21.95
CA SER C 673 -27.85 20.52 -21.36
C SER C 673 -28.71 19.80 -22.38
N TYR C 674 -29.73 19.11 -21.91
CA TYR C 674 -30.64 18.43 -22.82
C TYR C 674 -31.88 19.27 -22.88
N GLN C 675 -32.24 19.72 -24.07
CA GLN C 675 -33.37 20.62 -24.23
C GLN C 675 -34.30 20.28 -25.37
N THR C 676 -35.55 20.71 -25.22
CA THR C 676 -36.51 20.63 -26.31
C THR C 676 -36.18 21.80 -27.24
N GLN C 677 -36.08 21.55 -28.57
CA GLN C 677 -35.74 22.53 -29.63
C GLN C 677 -34.31 23.04 -29.40
N SER C 689 -37.91 15.68 -30.90
CA SER C 689 -37.75 17.13 -30.95
C SER C 689 -36.79 17.70 -29.86
N GLN C 690 -35.97 16.83 -29.22
CA GLN C 690 -35.01 17.16 -28.16
C GLN C 690 -33.60 16.73 -28.55
N SER C 691 -32.62 17.47 -28.05
CA SER C 691 -31.21 17.16 -28.31
C SER C 691 -30.27 17.73 -27.28
N ILE C 692 -29.01 17.33 -27.36
CA ILE C 692 -27.98 17.85 -26.47
C ILE C 692 -27.40 19.14 -27.05
N ILE C 693 -27.38 20.18 -26.24
CA ILE C 693 -26.87 21.48 -26.62
C ILE C 693 -25.67 21.93 -25.85
N ALA C 694 -24.66 22.39 -26.58
CA ALA C 694 -23.46 22.98 -26.05
C ALA C 694 -23.63 24.50 -26.04
N TYR C 695 -23.20 25.13 -24.98
CA TYR C 695 -23.30 26.57 -24.87
C TYR C 695 -22.25 27.16 -23.96
N THR C 696 -22.01 28.45 -24.06
CA THR C 696 -21.06 29.04 -23.13
C THR C 696 -21.77 29.41 -21.86
N MET C 697 -21.02 29.55 -20.80
CA MET C 697 -21.62 29.96 -19.55
C MET C 697 -21.90 31.40 -19.43
N SER C 698 -23.00 31.69 -18.77
CA SER C 698 -23.29 33.04 -18.37
C SER C 698 -22.58 33.26 -17.05
N LEU C 699 -22.43 34.51 -16.67
CA LEU C 699 -21.91 34.83 -15.35
C LEU C 699 -22.97 35.68 -14.72
N GLY C 700 -24.00 35.05 -14.21
CA GLY C 700 -25.11 35.84 -13.71
C GLY C 700 -25.67 36.69 -14.84
N ALA C 701 -25.76 37.99 -14.59
CA ALA C 701 -26.28 38.94 -15.55
C ALA C 701 -25.51 40.25 -15.43
N GLU C 702 -25.49 41.03 -16.49
CA GLU C 702 -24.80 42.31 -16.44
C GLU C 702 -25.58 43.34 -15.68
N ASN C 703 -24.86 44.24 -15.01
CA ASN C 703 -25.46 45.33 -14.28
C ASN C 703 -24.51 46.53 -14.29
N SER C 704 -24.92 47.63 -13.68
CA SER C 704 -24.11 48.82 -13.64
C SER C 704 -24.51 49.71 -12.51
N VAL C 705 -23.68 50.69 -12.26
CA VAL C 705 -23.93 51.69 -11.26
C VAL C 705 -23.73 53.04 -11.90
N ALA C 706 -24.35 54.08 -11.35
CA ALA C 706 -24.19 55.41 -11.93
C ALA C 706 -22.88 56.11 -11.55
N TYR C 707 -22.45 55.91 -10.33
CA TYR C 707 -21.31 56.60 -9.74
C TYR C 707 -21.24 58.09 -10.10
N SER C 708 -22.32 58.82 -10.01
CA SER C 708 -22.08 60.23 -10.15
C SER C 708 -21.31 60.56 -8.87
N ASN C 709 -20.38 61.53 -8.90
CA ASN C 709 -19.50 61.86 -7.77
C ASN C 709 -20.21 62.64 -6.62
N ASN C 710 -21.49 63.03 -6.81
CA ASN C 710 -22.34 63.71 -5.85
C ASN C 710 -23.66 63.00 -5.66
N SER C 711 -23.74 61.71 -6.00
CA SER C 711 -25.03 61.02 -5.87
C SER C 711 -24.96 59.84 -4.94
N ILE C 712 -25.94 59.74 -4.05
CA ILE C 712 -25.98 58.62 -3.11
C ILE C 712 -27.30 57.90 -3.12
N ALA C 713 -27.27 56.58 -3.09
CA ALA C 713 -28.53 55.87 -2.99
C ALA C 713 -28.73 55.43 -1.54
N ILE C 714 -29.94 55.63 -1.04
CA ILE C 714 -30.28 55.29 0.33
C ILE C 714 -31.56 54.44 0.35
N PRO C 715 -31.59 53.27 0.99
CA PRO C 715 -32.74 52.41 1.13
C PRO C 715 -33.85 53.14 1.82
N THR C 716 -35.10 52.86 1.44
CA THR C 716 -36.23 53.53 2.12
C THR C 716 -37.17 52.54 2.85
N ASN C 717 -36.98 51.21 2.61
CA ASN C 717 -37.73 50.10 3.15
C ASN C 717 -36.70 48.98 3.34
N PHE C 718 -37.12 47.81 3.87
CA PHE C 718 -36.26 46.66 4.10
C PHE C 718 -37.05 45.39 4.13
N THR C 719 -36.34 44.29 3.95
CA THR C 719 -36.92 42.99 4.10
C THR C 719 -36.09 42.14 5.03
N ILE C 720 -36.77 41.50 5.95
CA ILE C 720 -36.11 40.55 6.80
C ILE C 720 -36.38 39.20 6.22
N SER C 721 -35.32 38.49 5.94
CA SER C 721 -35.42 37.21 5.29
C SER C 721 -34.70 36.17 6.09
N VAL C 722 -35.05 34.92 5.86
CA VAL C 722 -34.38 33.86 6.57
C VAL C 722 -33.87 32.87 5.55
N THR C 723 -32.62 32.53 5.65
CA THR C 723 -32.02 31.58 4.73
C THR C 723 -31.46 30.43 5.50
N THR C 724 -31.18 29.32 4.83
CA THR C 724 -30.62 28.22 5.59
C THR C 724 -29.23 27.89 5.17
N GLU C 725 -28.52 27.26 6.09
CA GLU C 725 -27.17 26.78 5.83
C GLU C 725 -26.95 25.43 6.48
N ILE C 726 -26.37 24.52 5.73
CA ILE C 726 -26.18 23.16 6.21
C ILE C 726 -24.72 22.79 6.36
N LEU C 727 -24.37 22.29 7.54
CA LEU C 727 -23.01 21.88 7.83
C LEU C 727 -22.95 20.49 8.46
N PRO C 728 -22.36 19.50 7.79
CA PRO C 728 -22.17 18.17 8.32
C PRO C 728 -21.33 18.27 9.57
N VAL C 729 -21.61 17.42 10.53
CA VAL C 729 -20.84 17.39 11.77
C VAL C 729 -20.12 16.07 11.98
N SER C 730 -20.75 14.95 11.64
CA SER C 730 -20.09 13.68 11.94
C SER C 730 -20.33 12.59 10.90
N MET C 731 -19.40 11.65 10.91
CA MET C 731 -19.36 10.45 10.09
C MET C 731 -19.90 9.25 10.81
N THR C 732 -20.29 8.26 10.05
CA THR C 732 -20.66 6.99 10.64
C THR C 732 -19.41 6.41 11.27
N LYS C 733 -19.49 5.98 12.51
CA LYS C 733 -18.33 5.39 13.17
C LYS C 733 -18.26 3.95 12.78
N THR C 734 -17.07 3.45 12.49
CA THR C 734 -16.96 2.04 12.14
C THR C 734 -15.87 1.36 12.93
N SER C 735 -15.85 0.05 12.84
CA SER C 735 -14.83 -0.77 13.46
C SER C 735 -14.66 -2.04 12.64
N VAL C 736 -13.43 -2.53 12.52
CA VAL C 736 -13.23 -3.71 11.71
C VAL C 736 -12.64 -4.92 12.39
N ASP C 737 -13.32 -6.04 12.28
CA ASP C 737 -12.73 -7.24 12.77
C ASP C 737 -11.90 -7.72 11.60
N CYS C 738 -10.61 -7.34 11.65
CA CYS C 738 -9.61 -7.55 10.62
C CYS C 738 -9.22 -9.01 10.51
N THR C 739 -9.67 -9.85 11.43
CA THR C 739 -9.43 -11.26 11.24
C THR C 739 -10.60 -11.78 10.43
N MET C 740 -11.82 -11.38 10.79
CA MET C 740 -12.98 -11.87 10.03
C MET C 740 -12.94 -11.52 8.55
N TYR C 741 -12.47 -10.32 8.24
CA TYR C 741 -12.36 -9.86 6.87
C TYR C 741 -11.36 -10.65 6.04
N ILE C 742 -10.37 -11.23 6.69
CA ILE C 742 -9.32 -11.91 5.97
C ILE C 742 -9.48 -13.43 5.97
N CYS C 743 -9.70 -14.01 7.18
CA CYS C 743 -9.74 -15.44 7.48
C CYS C 743 -11.05 -15.78 8.19
N GLY C 744 -12.18 -15.27 7.71
CA GLY C 744 -13.40 -15.56 8.42
C GLY C 744 -13.63 -17.06 8.41
N ASP C 745 -13.88 -17.61 9.59
CA ASP C 745 -14.10 -19.03 9.79
C ASP C 745 -13.05 -19.95 9.16
N SER C 746 -11.77 -19.58 9.20
CA SER C 746 -10.76 -20.48 8.63
C SER C 746 -9.50 -20.58 9.49
N THR C 747 -9.28 -21.76 10.06
CA THR C 747 -8.18 -21.99 10.98
C THR C 747 -6.80 -21.86 10.37
N GLU C 748 -6.61 -22.44 9.20
CA GLU C 748 -5.27 -22.41 8.60
C GLU C 748 -4.82 -20.99 8.25
N CYS C 749 -5.75 -20.16 7.73
CA CYS C 749 -5.55 -18.77 7.36
C CYS C 749 -5.30 -17.97 8.64
N SER C 750 -6.12 -18.21 9.66
CA SER C 750 -6.00 -17.46 10.89
C SER C 750 -4.65 -17.64 11.50
N ASN C 751 -4.12 -18.85 11.49
CA ASN C 751 -2.80 -19.01 12.07
C ASN C 751 -1.73 -18.29 11.25
N LEU C 752 -1.83 -18.31 9.92
CA LEU C 752 -0.81 -17.63 9.11
C LEU C 752 -0.84 -16.14 9.35
N LEU C 753 -2.03 -15.61 9.55
CA LEU C 753 -2.25 -14.19 9.79
C LEU C 753 -1.60 -13.71 11.06
N LEU C 754 -1.25 -14.59 11.98
CA LEU C 754 -0.63 -14.13 13.20
C LEU C 754 0.73 -13.54 12.92
N GLN C 755 1.45 -14.05 11.92
CA GLN C 755 2.77 -13.51 11.68
C GLN C 755 2.62 -12.10 11.14
N TYR C 756 1.68 -11.92 10.24
CA TYR C 756 1.39 -10.63 9.65
C TYR C 756 0.34 -10.00 10.56
N GLY C 757 0.66 -9.81 11.84
CA GLY C 757 -0.38 -9.41 12.79
C GLY C 757 -0.34 -7.98 13.31
N SER C 758 0.78 -7.29 13.15
CA SER C 758 0.92 -5.95 13.70
C SER C 758 0.12 -4.96 12.90
N PHE C 759 -0.09 -5.31 11.65
CA PHE C 759 -0.82 -4.50 10.69
C PHE C 759 -2.33 -4.48 10.99
N CYS C 760 -2.88 -5.62 11.46
CA CYS C 760 -4.29 -5.87 11.76
C CYS C 760 -4.61 -4.95 12.96
N THR C 761 -3.71 -4.97 13.95
CA THR C 761 -3.90 -4.13 15.13
C THR C 761 -3.84 -2.65 14.77
N GLN C 762 -2.87 -2.26 13.95
CA GLN C 762 -2.69 -0.87 13.59
C GLN C 762 -3.91 -0.28 12.87
N LEU C 763 -4.57 -1.08 12.02
CA LEU C 763 -5.76 -0.57 11.33
C LEU C 763 -6.83 -0.21 12.33
N ASN C 764 -7.02 -1.06 13.33
CA ASN C 764 -8.03 -0.76 14.30
C ASN C 764 -7.69 0.41 15.15
N ARG C 765 -6.42 0.64 15.42
CA ARG C 765 -6.13 1.78 16.25
C ARG C 765 -6.52 3.06 15.54
N ALA C 766 -6.26 3.13 14.23
CA ALA C 766 -6.63 4.33 13.50
C ALA C 766 -8.13 4.52 13.47
N LEU C 767 -8.89 3.43 13.29
CA LEU C 767 -10.32 3.56 13.22
C LEU C 767 -10.91 3.95 14.55
N THR C 768 -10.34 3.45 15.64
CA THR C 768 -10.84 3.80 16.94
C THR C 768 -10.65 5.27 17.17
N GLY C 769 -9.49 5.82 16.80
CA GLY C 769 -9.27 7.23 17.00
C GLY C 769 -10.29 8.07 16.24
N ILE C 770 -10.66 7.63 15.03
CA ILE C 770 -11.65 8.35 14.26
C ILE C 770 -12.98 8.28 14.96
N ALA C 771 -13.35 7.10 15.41
CA ALA C 771 -14.63 6.92 16.05
C ALA C 771 -14.76 7.82 17.26
N VAL C 772 -13.69 7.99 18.03
CA VAL C 772 -13.80 8.86 19.18
C VAL C 772 -14.00 10.29 18.76
N GLU C 773 -13.23 10.74 17.77
CA GLU C 773 -13.34 12.10 17.29
C GLU C 773 -14.75 12.42 16.86
N GLN C 774 -15.47 11.46 16.28
CA GLN C 774 -16.80 11.76 15.81
C GLN C 774 -17.76 12.13 16.96
N ASP C 775 -17.55 11.61 18.18
CA ASP C 775 -18.45 12.00 19.24
C ASP C 775 -18.01 13.33 19.76
N LYS C 776 -16.71 13.59 19.73
CA LYS C 776 -16.24 14.88 20.18
C LYS C 776 -16.77 15.97 19.26
N ASN C 777 -16.87 15.69 17.95
CA ASN C 777 -17.35 16.70 17.02
C ASN C 777 -18.79 17.06 17.33
N THR C 778 -19.59 16.05 17.65
CA THR C 778 -20.99 16.31 17.94
C THR C 778 -21.11 17.13 19.19
N GLN C 779 -20.33 16.79 20.20
CA GLN C 779 -20.39 17.52 21.45
C GLN C 779 -19.92 18.94 21.28
N GLU C 780 -18.88 19.17 20.48
CA GLU C 780 -18.39 20.53 20.35
C GLU C 780 -19.41 21.42 19.66
N VAL C 781 -20.10 20.89 18.66
CA VAL C 781 -21.08 21.73 17.98
C VAL C 781 -22.31 22.01 18.84
N PHE C 782 -22.86 21.00 19.52
CA PHE C 782 -24.09 21.26 20.26
C PHE C 782 -23.99 21.48 21.76
N ALA C 783 -23.03 20.87 22.44
CA ALA C 783 -23.01 20.96 23.90
C ALA C 783 -22.24 22.18 24.41
N GLN C 784 -22.75 23.35 24.05
CA GLN C 784 -22.18 24.63 24.49
C GLN C 784 -22.92 25.21 25.66
N VAL C 785 -23.97 24.52 26.06
CA VAL C 785 -24.81 24.95 27.13
C VAL C 785 -24.91 23.88 28.19
N LYS C 786 -24.58 24.24 29.42
CA LYS C 786 -24.67 23.29 30.53
C LYS C 786 -25.98 23.44 31.29
N GLN C 787 -26.69 24.50 30.96
CA GLN C 787 -27.94 24.81 31.60
C GLN C 787 -29.01 24.54 30.58
N ILE C 788 -29.76 23.48 30.75
CA ILE C 788 -30.71 23.16 29.73
C ILE C 788 -31.96 23.89 30.07
N TYR C 789 -32.22 24.91 29.30
CA TYR C 789 -33.31 25.80 29.59
C TYR C 789 -34.57 25.27 29.01
N LYS C 790 -35.63 25.39 29.77
CA LYS C 790 -36.94 25.00 29.28
C LYS C 790 -37.53 26.10 28.45
N THR C 791 -38.35 25.72 27.49
CA THR C 791 -39.08 26.66 26.68
C THR C 791 -39.95 27.45 27.64
N PRO C 792 -39.97 28.78 27.62
CA PRO C 792 -40.79 29.58 28.50
C PRO C 792 -42.27 29.24 28.29
N PRO C 793 -43.10 29.33 29.34
CA PRO C 793 -44.55 29.15 29.34
C PRO C 793 -45.26 30.33 28.68
N ILE C 794 -44.53 31.43 28.53
CA ILE C 794 -45.04 32.66 27.95
C ILE C 794 -44.57 32.71 26.53
N LYS C 795 -45.51 32.84 25.60
CA LYS C 795 -45.18 32.84 24.18
C LYS C 795 -45.31 34.20 23.55
N ASP C 796 -45.44 35.23 24.37
CA ASP C 796 -45.65 36.58 23.88
C ASP C 796 -44.37 37.26 23.45
N PHE C 797 -43.81 36.74 22.38
CA PHE C 797 -42.56 37.26 21.83
C PHE C 797 -42.91 38.34 20.83
N GLY C 798 -43.53 39.38 21.33
CA GLY C 798 -43.99 40.44 20.45
C GLY C 798 -45.00 39.80 19.50
N GLY C 799 -44.86 40.06 18.21
CA GLY C 799 -45.76 39.50 17.21
C GLY C 799 -45.17 38.27 16.50
N PHE C 800 -44.07 37.77 17.01
CA PHE C 800 -43.35 36.68 16.39
C PHE C 800 -43.95 35.33 16.79
N ASN C 801 -43.86 34.32 15.89
CA ASN C 801 -44.41 32.97 16.08
C ASN C 801 -43.42 32.00 16.75
N PHE C 802 -42.39 31.49 16.02
CA PHE C 802 -41.34 30.52 16.43
C PHE C 802 -41.83 29.10 16.78
N SER C 803 -43.10 28.78 16.55
CA SER C 803 -43.56 27.45 16.93
C SER C 803 -43.03 26.35 16.06
N GLN C 804 -42.55 26.66 14.87
CA GLN C 804 -42.00 25.65 13.99
C GLN C 804 -40.56 25.34 14.36
N ILE C 805 -39.96 26.23 15.14
CA ILE C 805 -38.56 26.15 15.51
C ILE C 805 -38.42 25.43 16.84
N LEU C 806 -39.31 25.76 17.78
CA LEU C 806 -39.32 25.19 19.12
C LEU C 806 -39.84 23.75 19.10
N PRO C 807 -39.44 22.90 20.06
CA PRO C 807 -39.89 21.52 20.18
C PRO C 807 -41.39 21.38 20.21
N ASP C 808 -41.90 20.37 19.50
CA ASP C 808 -43.32 20.08 19.46
C ASP C 808 -43.70 19.10 20.59
N PRO C 809 -44.41 19.54 21.64
CA PRO C 809 -44.72 18.79 22.84
C PRO C 809 -45.64 17.60 22.61
N SER C 810 -46.29 17.54 21.44
CA SER C 810 -47.21 16.43 21.18
C SER C 810 -46.46 15.17 20.74
N LYS C 811 -45.19 15.32 20.41
CA LYS C 811 -44.40 14.19 19.94
C LYS C 811 -43.73 13.48 21.11
N PRO C 812 -43.42 12.18 21.01
CA PRO C 812 -42.63 11.42 21.98
C PRO C 812 -41.17 11.90 22.02
N SER C 813 -40.77 12.56 20.94
CA SER C 813 -39.44 13.11 20.75
C SER C 813 -39.54 14.57 21.10
N LYS C 814 -38.42 15.25 21.09
CA LYS C 814 -38.45 16.67 21.38
C LYS C 814 -38.14 17.46 20.13
N ARG C 815 -38.34 16.84 18.97
CA ARG C 815 -38.08 17.51 17.71
C ARG C 815 -39.11 18.60 17.43
N SER C 816 -38.64 19.69 16.83
CA SER C 816 -39.47 20.80 16.37
C SER C 816 -40.09 20.40 15.06
N PHE C 817 -41.04 21.17 14.55
CA PHE C 817 -41.63 20.81 13.27
C PHE C 817 -40.57 20.79 12.17
N ILE C 818 -39.73 21.83 12.11
CA ILE C 818 -38.72 21.87 11.07
C ILE C 818 -37.75 20.70 11.23
N GLU C 819 -37.35 20.39 12.47
CA GLU C 819 -36.45 19.26 12.64
C GLU C 819 -37.11 18.00 12.14
N ASP C 820 -38.41 17.83 12.37
CA ASP C 820 -39.07 16.63 11.91
C ASP C 820 -38.91 16.51 10.40
N LEU C 821 -39.03 17.62 9.67
CA LEU C 821 -38.85 17.54 8.23
C LEU C 821 -37.42 17.17 7.85
N LEU C 822 -36.44 17.72 8.56
CA LEU C 822 -35.05 17.46 8.23
C LEU C 822 -34.69 15.99 8.44
N PHE C 823 -35.23 15.42 9.51
CA PHE C 823 -34.99 14.03 9.84
C PHE C 823 -35.67 13.10 8.87
N ASN C 824 -36.84 13.47 8.39
CA ASN C 824 -37.53 12.66 7.43
C ASN C 824 -36.89 12.69 6.05
N LYS C 825 -36.22 13.77 5.67
CA LYS C 825 -35.62 13.82 4.34
C LYS C 825 -34.25 13.15 4.23
N VAL C 826 -33.41 13.19 5.26
CA VAL C 826 -32.11 12.54 5.12
C VAL C 826 -32.32 11.05 5.38
N THR C 827 -31.89 10.21 4.46
CA THR C 827 -32.11 8.79 4.59
C THR C 827 -30.92 8.03 5.09
N LEU C 828 -31.13 7.30 6.17
CA LEU C 828 -30.06 6.50 6.74
C LEU C 828 -30.28 5.12 6.23
N ALA C 829 -29.21 4.34 6.10
CA ALA C 829 -29.37 2.99 5.61
C ALA C 829 -30.28 2.14 6.49
N ASP C 830 -30.21 2.33 7.80
CA ASP C 830 -31.03 1.57 8.74
C ASP C 830 -31.06 2.30 10.07
N ALA C 831 -31.78 1.76 11.05
CA ALA C 831 -31.83 2.38 12.37
C ALA C 831 -31.98 1.37 13.50
N GLY C 832 -31.42 1.72 14.66
CA GLY C 832 -31.51 0.92 15.89
C GLY C 832 -30.24 0.12 16.14
N PHE C 833 -29.42 -0.04 15.11
CA PHE C 833 -28.13 -0.74 15.16
C PHE C 833 -28.12 -2.23 15.55
N ILE C 834 -29.27 -2.88 15.69
CA ILE C 834 -29.25 -4.28 16.07
C ILE C 834 -29.86 -5.20 15.05
N LYS C 835 -29.06 -6.18 14.65
CA LYS C 835 -29.45 -7.26 13.75
C LYS C 835 -29.08 -8.49 14.49
N GLN C 836 -30.02 -9.39 14.68
CA GLN C 836 -29.68 -10.58 15.43
C GLN C 836 -29.22 -11.64 14.48
N TYR C 837 -28.43 -12.60 14.94
CA TYR C 837 -27.99 -13.66 14.04
C TYR C 837 -29.16 -14.33 13.38
N GLY C 838 -30.18 -14.65 14.18
CA GLY C 838 -31.35 -15.33 13.65
C GLY C 838 -32.01 -14.57 12.51
N ASP C 839 -31.93 -13.24 12.52
CA ASP C 839 -32.55 -12.41 11.48
C ASP C 839 -31.93 -12.60 10.08
N CYS C 840 -30.66 -13.06 10.01
CA CYS C 840 -29.87 -13.29 8.81
C CYS C 840 -29.71 -14.79 8.56
N LEU C 841 -30.41 -15.62 9.31
CA LEU C 841 -30.15 -17.03 9.11
C LEU C 841 -30.96 -17.60 7.98
N GLY C 842 -30.51 -17.29 6.78
CA GLY C 842 -31.16 -17.67 5.54
C GLY C 842 -30.56 -16.93 4.34
N ASP C 843 -31.24 -17.06 3.20
CA ASP C 843 -30.79 -16.50 1.93
C ASP C 843 -30.68 -15.01 1.97
N ILE C 844 -31.50 -14.41 2.81
CA ILE C 844 -31.60 -12.99 3.04
C ILE C 844 -30.27 -12.35 3.39
N ALA C 845 -29.35 -13.09 3.99
CA ALA C 845 -28.08 -12.53 4.38
C ALA C 845 -27.33 -11.95 3.18
N ALA C 846 -27.52 -12.55 2.00
CA ALA C 846 -26.83 -12.09 0.81
C ALA C 846 -27.54 -10.95 0.10
N ARG C 847 -28.75 -10.59 0.55
CA ARG C 847 -29.49 -9.51 -0.09
C ARG C 847 -29.41 -8.25 0.74
N ASP C 848 -29.29 -8.44 2.04
CA ASP C 848 -29.21 -7.35 2.97
C ASP C 848 -27.77 -6.88 3.09
N LEU C 849 -27.48 -5.69 2.57
CA LEU C 849 -26.11 -5.23 2.55
C LEU C 849 -25.55 -5.00 3.93
N ILE C 850 -26.38 -4.63 4.89
CA ILE C 850 -25.81 -4.42 6.22
C ILE C 850 -25.38 -5.74 6.83
N CYS C 851 -26.21 -6.79 6.67
CA CYS C 851 -25.91 -8.13 7.16
C CYS C 851 -24.63 -8.64 6.45
N ALA C 852 -24.54 -8.44 5.13
CA ALA C 852 -23.36 -8.86 4.40
C ALA C 852 -22.12 -8.17 4.95
N GLN C 853 -22.24 -6.90 5.34
CA GLN C 853 -21.08 -6.24 5.89
C GLN C 853 -20.71 -6.87 7.25
N LYS C 854 -21.71 -7.18 8.09
CA LYS C 854 -21.41 -7.77 9.41
C LYS C 854 -20.74 -9.12 9.33
N PHE C 855 -21.15 -9.94 8.38
CA PHE C 855 -20.56 -11.27 8.25
C PHE C 855 -19.12 -11.26 7.77
N ASN C 856 -18.64 -10.12 7.30
CA ASN C 856 -17.29 -10.03 6.82
C ASN C 856 -16.46 -9.20 7.77
N GLY C 857 -16.97 -8.98 8.99
CA GLY C 857 -16.24 -8.26 10.00
C GLY C 857 -16.39 -6.75 9.97
N LEU C 858 -17.30 -6.20 9.20
CA LEU C 858 -17.39 -4.78 9.18
C LEU C 858 -18.56 -4.32 10.01
N THR C 859 -18.32 -3.53 11.04
CA THR C 859 -19.47 -3.10 11.83
C THR C 859 -19.57 -1.60 11.92
N VAL C 860 -20.68 -1.18 12.50
CA VAL C 860 -21.03 0.20 12.73
C VAL C 860 -21.32 0.41 14.19
N LEU C 861 -20.71 1.42 14.76
CA LEU C 861 -20.92 1.67 16.16
C LEU C 861 -21.96 2.77 16.30
N PRO C 862 -22.81 2.76 17.33
CA PRO C 862 -23.77 3.78 17.61
C PRO C 862 -23.04 5.01 18.10
N PRO C 863 -23.62 6.22 17.94
CA PRO C 863 -23.17 7.49 18.45
C PRO C 863 -23.38 7.51 19.93
N LEU C 864 -22.62 8.31 20.65
CA LEU C 864 -22.87 8.46 22.07
C LEU C 864 -24.13 9.23 22.35
N LEU C 865 -24.39 10.28 21.60
CA LEU C 865 -25.59 11.05 21.84
C LEU C 865 -26.67 10.57 20.90
N THR C 866 -27.88 10.55 21.39
CA THR C 866 -29.05 10.14 20.63
C THR C 866 -29.76 11.34 20.07
N ASP C 867 -30.72 11.11 19.18
CA ASP C 867 -31.45 12.23 18.63
C ASP C 867 -32.22 12.97 19.69
N GLU C 868 -32.71 12.25 20.70
CA GLU C 868 -33.45 12.94 21.73
C GLU C 868 -32.54 13.87 22.52
N MET C 869 -31.31 13.42 22.79
CA MET C 869 -30.41 14.28 23.55
C MET C 869 -30.03 15.51 22.73
N ILE C 870 -29.88 15.34 21.41
CA ILE C 870 -29.52 16.48 20.62
C ILE C 870 -30.69 17.43 20.62
N ALA C 871 -31.91 16.92 20.50
CA ALA C 871 -33.05 17.79 20.53
C ALA C 871 -33.08 18.57 21.85
N GLN C 872 -32.68 17.97 22.97
CA GLN C 872 -32.67 18.75 24.19
C GLN C 872 -31.62 19.86 24.11
N TYR C 873 -30.48 19.60 23.48
CA TYR C 873 -29.49 20.67 23.37
C TYR C 873 -29.99 21.78 22.47
N THR C 874 -30.66 21.45 21.36
CA THR C 874 -31.10 22.53 20.49
C THR C 874 -32.21 23.28 21.18
N SER C 875 -33.00 22.60 21.99
CA SER C 875 -34.07 23.26 22.70
C SER C 875 -33.49 24.29 23.64
N ALA C 876 -32.43 23.91 24.38
CA ALA C 876 -31.80 24.84 25.30
C ALA C 876 -31.23 26.04 24.60
N LEU C 877 -30.63 25.83 23.43
CA LEU C 877 -30.06 26.94 22.70
C LEU C 877 -31.16 27.88 22.27
N LEU C 878 -32.29 27.34 21.85
CA LEU C 878 -33.38 28.19 21.43
C LEU C 878 -33.99 28.91 22.61
N ALA C 879 -34.14 28.24 23.75
CA ALA C 879 -34.73 28.93 24.89
C ALA C 879 -33.81 30.08 25.28
N GLY C 880 -32.52 29.83 25.16
CA GLY C 880 -31.50 30.80 25.46
C GLY C 880 -31.59 32.03 24.59
N THR C 881 -31.66 31.85 23.27
CA THR C 881 -31.70 33.01 22.41
C THR C 881 -33.07 33.62 22.27
N ILE C 882 -34.12 32.89 22.57
CA ILE C 882 -35.43 33.50 22.48
C ILE C 882 -35.65 34.41 23.68
N THR C 883 -35.15 34.02 24.87
CA THR C 883 -35.38 34.85 26.05
C THR C 883 -34.24 35.73 26.51
N SER C 884 -33.01 35.23 26.44
CA SER C 884 -31.90 36.00 26.97
C SER C 884 -31.02 36.62 25.90
N GLY C 885 -31.01 36.04 24.73
CA GLY C 885 -30.20 36.56 23.65
C GLY C 885 -28.71 36.49 23.89
N TRP C 886 -28.05 37.62 23.76
CA TRP C 886 -26.60 37.70 23.91
C TRP C 886 -26.07 37.11 25.18
N THR C 887 -26.74 37.40 26.26
CA THR C 887 -26.23 37.03 27.55
C THR C 887 -26.65 35.68 28.00
N PHE C 888 -27.27 34.87 27.14
CA PHE C 888 -27.57 33.55 27.66
C PHE C 888 -26.24 32.84 27.79
N GLY C 889 -25.21 33.28 27.01
CA GLY C 889 -23.90 32.70 27.12
C GLY C 889 -23.01 33.75 27.79
N ALA C 890 -21.72 33.47 27.94
CA ALA C 890 -20.80 34.44 28.58
C ALA C 890 -21.32 34.91 29.94
N GLY C 891 -21.87 34.00 30.75
CA GLY C 891 -22.38 34.37 32.07
C GLY C 891 -23.76 33.76 32.30
N ALA C 892 -24.39 34.13 33.43
CA ALA C 892 -25.71 33.61 33.74
C ALA C 892 -26.70 34.22 32.79
N ALA C 893 -27.70 33.46 32.37
CA ALA C 893 -28.69 34.06 31.50
C ALA C 893 -29.51 35.11 32.21
N LEU C 894 -29.74 36.21 31.53
CA LEU C 894 -30.57 37.30 32.01
C LEU C 894 -31.79 37.35 31.12
N GLN C 895 -32.96 37.66 31.62
CA GLN C 895 -34.07 37.77 30.69
C GLN C 895 -34.16 39.16 30.11
N ILE C 896 -34.72 39.27 28.92
CA ILE C 896 -35.01 40.54 28.30
C ILE C 896 -36.29 40.38 27.45
N PRO C 897 -37.18 41.36 27.32
CA PRO C 897 -38.31 41.31 26.42
C PRO C 897 -37.80 41.05 25.02
N PHE C 898 -38.51 40.27 24.23
CA PHE C 898 -38.01 39.92 22.91
C PHE C 898 -37.84 41.13 22.02
N ALA C 899 -38.80 42.05 22.04
CA ALA C 899 -38.67 43.20 21.17
C ALA C 899 -37.42 43.99 21.50
N MET C 900 -37.07 44.08 22.77
CA MET C 900 -35.88 44.83 23.11
C MET C 900 -34.67 44.11 22.59
N GLN C 901 -34.69 42.79 22.69
CA GLN C 901 -33.54 42.09 22.21
C GLN C 901 -33.30 42.43 20.76
N MET C 902 -34.34 42.44 19.94
CA MET C 902 -34.05 42.80 18.57
C MET C 902 -33.69 44.25 18.44
N ALA C 903 -34.21 45.13 19.27
CA ALA C 903 -33.85 46.53 19.13
C ALA C 903 -32.36 46.70 19.25
N TYR C 904 -31.76 45.92 20.13
CA TYR C 904 -30.34 46.03 20.29
C TYR C 904 -29.61 45.41 19.12
N ARG C 905 -30.21 44.39 18.49
CA ARG C 905 -29.57 43.79 17.33
C ARG C 905 -29.58 44.79 16.17
N PHE C 906 -30.62 45.63 16.10
CA PHE C 906 -30.69 46.65 15.06
C PHE C 906 -29.63 47.69 15.30
N ASN C 907 -29.39 48.07 16.56
CA ASN C 907 -28.32 49.04 16.80
C ASN C 907 -27.01 48.44 16.38
N GLY C 908 -26.88 47.12 16.56
CA GLY C 908 -25.68 46.39 16.17
C GLY C 908 -25.42 46.50 14.66
N ILE C 909 -26.48 46.36 13.86
CA ILE C 909 -26.38 46.52 12.41
C ILE C 909 -26.01 47.93 12.06
N GLY C 910 -26.62 48.86 12.74
CA GLY C 910 -26.37 50.26 12.48
C GLY C 910 -27.62 50.98 12.01
N VAL C 911 -28.76 50.52 12.50
CA VAL C 911 -30.05 51.09 12.21
C VAL C 911 -30.63 51.51 13.53
N THR C 912 -31.10 52.74 13.63
CA THR C 912 -31.65 53.15 14.91
C THR C 912 -32.76 52.25 15.35
N GLN C 913 -32.86 52.06 16.67
CA GLN C 913 -33.84 51.20 17.31
C GLN C 913 -35.26 51.68 17.03
N ASN C 914 -35.38 52.93 16.63
CA ASN C 914 -36.67 53.49 16.37
C ASN C 914 -37.33 52.74 15.24
N VAL C 915 -36.56 52.17 14.32
CA VAL C 915 -37.14 51.48 13.21
C VAL C 915 -37.89 50.26 13.70
N LEU C 916 -37.30 49.50 14.62
CA LEU C 916 -37.96 48.31 15.09
C LEU C 916 -39.24 48.60 15.78
N TYR C 917 -39.29 49.63 16.60
CA TYR C 917 -40.54 49.81 17.28
C TYR C 917 -41.61 50.37 16.36
N GLU C 918 -41.26 51.27 15.47
CA GLU C 918 -42.29 51.83 14.63
C GLU C 918 -42.83 50.82 13.62
N ASN C 919 -41.98 49.91 13.19
CA ASN C 919 -42.33 48.90 12.23
C ASN C 919 -42.44 47.54 12.88
N GLN C 920 -42.70 47.48 14.19
CA GLN C 920 -42.71 46.18 14.85
C GLN C 920 -43.68 45.18 14.23
N LYS C 921 -44.83 45.63 13.76
CA LYS C 921 -45.78 44.69 13.18
C LYS C 921 -45.29 44.17 11.84
N LEU C 922 -44.63 45.03 11.08
CA LEU C 922 -44.13 44.62 9.78
C LEU C 922 -43.04 43.61 9.95
N ILE C 923 -42.16 43.87 10.88
CA ILE C 923 -41.04 43.02 11.12
C ILE C 923 -41.50 41.66 11.58
N ALA C 924 -42.43 41.62 12.51
CA ALA C 924 -42.90 40.33 12.94
C ALA C 924 -43.56 39.57 11.80
N ASN C 925 -44.32 40.26 10.94
CA ASN C 925 -44.96 39.56 9.86
C ASN C 925 -43.97 39.05 8.84
N GLN C 926 -42.93 39.82 8.54
CA GLN C 926 -41.98 39.33 7.56
C GLN C 926 -41.26 38.11 8.10
N PHE C 927 -40.94 38.13 9.40
CA PHE C 927 -40.26 37.00 9.99
C PHE C 927 -41.11 35.76 9.91
N ASN C 928 -42.38 35.88 10.30
CA ASN C 928 -43.23 34.72 10.34
C ASN C 928 -43.44 34.15 8.94
N SER C 929 -43.54 35.02 7.93
CA SER C 929 -43.71 34.54 6.58
C SER C 929 -42.46 33.82 6.11
N ALA C 930 -41.28 34.35 6.46
CA ALA C 930 -40.05 33.72 6.05
C ALA C 930 -39.92 32.32 6.60
N ILE C 931 -40.35 32.11 7.84
CA ILE C 931 -40.24 30.77 8.39
C ILE C 931 -41.18 29.86 7.66
N GLY C 932 -42.40 30.33 7.37
CA GLY C 932 -43.33 29.49 6.64
C GLY C 932 -42.76 29.09 5.28
N LYS C 933 -42.08 30.01 4.59
CA LYS C 933 -41.52 29.65 3.31
C LYS C 933 -40.45 28.57 3.45
N ILE C 934 -39.63 28.64 4.50
CA ILE C 934 -38.62 27.61 4.69
C ILE C 934 -39.27 26.28 4.93
N GLN C 935 -40.30 26.25 5.74
CA GLN C 935 -40.97 25.00 6.00
C GLN C 935 -41.46 24.35 4.73
N ASP C 936 -42.10 25.12 3.86
CA ASP C 936 -42.63 24.55 2.65
C ASP C 936 -41.53 24.18 1.69
N SER C 937 -40.46 24.96 1.66
CA SER C 937 -39.35 24.67 0.77
C SER C 937 -38.73 23.36 1.13
N LEU C 938 -38.49 23.11 2.43
CA LEU C 938 -37.90 21.87 2.88
C LEU C 938 -38.81 20.69 2.63
N SER C 939 -40.11 20.88 2.78
CA SER C 939 -41.05 19.81 2.53
C SER C 939 -41.03 19.39 1.06
N SER C 940 -41.01 20.39 0.17
CA SER C 940 -41.01 20.15 -1.28
C SER C 940 -39.69 19.63 -1.89
N THR C 941 -38.57 20.31 -1.62
CA THR C 941 -37.30 19.90 -2.24
C THR C 941 -36.24 19.47 -1.22
N ALA C 942 -35.83 18.22 -1.34
CA ALA C 942 -34.85 17.65 -0.40
C ALA C 942 -33.40 17.85 -0.84
N SER C 943 -33.18 18.44 -2.01
CA SER C 943 -31.82 18.56 -2.54
C SER C 943 -30.89 19.40 -1.68
N ALA C 944 -31.43 20.31 -0.88
CA ALA C 944 -30.62 21.13 -0.01
C ALA C 944 -29.84 20.28 0.98
N LEU C 945 -30.40 19.14 1.32
CA LEU C 945 -29.87 18.25 2.33
C LEU C 945 -28.92 17.25 1.76
N GLY C 946 -28.60 17.39 0.48
CA GLY C 946 -27.70 16.49 -0.18
C GLY C 946 -26.38 16.40 0.56
N LYS C 947 -25.91 17.48 1.18
CA LYS C 947 -24.64 17.38 1.88
C LYS C 947 -24.67 16.32 2.99
N LEU C 948 -25.79 16.17 3.68
CA LEU C 948 -25.83 15.22 4.77
C LEU C 948 -26.03 13.85 4.19
N GLN C 949 -26.77 13.79 3.09
CA GLN C 949 -27.01 12.52 2.45
C GLN C 949 -25.72 11.95 1.90
N ASP C 950 -24.84 12.83 1.41
CA ASP C 950 -23.57 12.44 0.83
C ASP C 950 -22.67 11.86 1.88
N VAL C 951 -22.68 12.39 3.10
CA VAL C 951 -21.84 11.79 4.12
C VAL C 951 -22.27 10.36 4.36
N VAL C 952 -23.59 10.16 4.43
CA VAL C 952 -24.10 8.83 4.66
C VAL C 952 -23.78 7.88 3.52
N ASN C 953 -23.95 8.36 2.29
CA ASN C 953 -23.74 7.51 1.14
C ASN C 953 -22.29 7.12 0.98
N GLN C 954 -21.38 8.05 1.27
CA GLN C 954 -19.97 7.76 1.10
C GLN C 954 -19.49 6.70 2.05
N ASN C 955 -19.99 6.71 3.29
CA ASN C 955 -19.53 5.68 4.21
C ASN C 955 -20.13 4.35 3.84
N ALA C 956 -21.38 4.36 3.37
CA ALA C 956 -22.00 3.10 2.99
C ALA C 956 -21.28 2.48 1.83
N GLN C 957 -20.86 3.31 0.87
CA GLN C 957 -20.16 2.78 -0.28
C GLN C 957 -18.82 2.23 0.10
N ALA C 958 -18.11 2.89 1.00
CA ALA C 958 -16.80 2.37 1.36
C ALA C 958 -16.91 0.98 1.97
N LEU C 959 -17.93 0.74 2.78
CA LEU C 959 -18.08 -0.57 3.37
C LEU C 959 -18.52 -1.60 2.34
N ASN C 960 -19.37 -1.20 1.40
CA ASN C 960 -19.80 -2.14 0.38
C ASN C 960 -18.65 -2.47 -0.55
N THR C 961 -17.75 -1.53 -0.75
CA THR C 961 -16.58 -1.74 -1.58
C THR C 961 -15.71 -2.79 -0.92
N LEU C 962 -15.50 -2.70 0.39
CA LEU C 962 -14.69 -3.71 1.03
C LEU C 962 -15.29 -5.09 0.87
N VAL C 963 -16.61 -5.21 0.90
CA VAL C 963 -17.14 -6.55 0.68
C VAL C 963 -16.87 -6.97 -0.77
N LYS C 964 -17.11 -6.10 -1.73
CA LYS C 964 -16.92 -6.50 -3.11
C LYS C 964 -15.49 -6.89 -3.44
N GLN C 965 -14.50 -6.23 -2.84
CA GLN C 965 -13.11 -6.50 -3.12
C GLN C 965 -12.64 -7.85 -2.62
N LEU C 966 -13.46 -8.54 -1.83
CA LEU C 966 -13.10 -9.85 -1.33
C LEU C 966 -12.99 -10.83 -2.48
N SER C 967 -13.68 -10.56 -3.59
CA SER C 967 -13.68 -11.46 -4.72
C SER C 967 -12.38 -11.43 -5.52
N SER C 968 -11.52 -10.44 -5.29
CA SER C 968 -10.30 -10.36 -6.08
C SER C 968 -9.33 -11.50 -5.77
N ASN C 969 -8.68 -12.03 -6.80
CA ASN C 969 -7.71 -13.10 -6.60
C ASN C 969 -6.37 -12.61 -6.10
N PHE C 970 -5.97 -11.41 -6.47
CA PHE C 970 -4.67 -10.91 -6.05
C PHE C 970 -3.49 -11.81 -6.43
N GLY C 971 -3.58 -12.51 -7.55
CA GLY C 971 -2.49 -13.37 -7.97
C GLY C 971 -2.69 -14.82 -7.53
N ALA C 972 -3.69 -15.04 -6.71
CA ALA C 972 -4.01 -16.36 -6.23
C ALA C 972 -4.79 -17.13 -7.27
N ILE C 973 -4.82 -18.45 -7.11
CA ILE C 973 -5.60 -19.34 -7.95
C ILE C 973 -7.08 -19.04 -7.82
N SER C 974 -7.52 -18.80 -6.59
CA SER C 974 -8.90 -18.51 -6.29
C SER C 974 -9.00 -17.57 -5.12
N SER C 975 -10.04 -16.74 -5.14
CA SER C 975 -10.36 -15.78 -4.08
C SER C 975 -10.99 -16.42 -2.86
N VAL C 976 -11.37 -17.67 -3.00
CA VAL C 976 -12.01 -18.40 -1.94
C VAL C 976 -11.02 -19.28 -1.18
N LEU C 977 -10.90 -19.05 0.13
CA LEU C 977 -9.97 -19.81 0.94
C LEU C 977 -10.32 -21.27 0.96
N ASN C 978 -11.59 -21.58 0.89
CA ASN C 978 -12.02 -22.95 0.91
C ASN C 978 -11.61 -23.69 -0.37
N ASP C 979 -11.47 -23.01 -1.51
CA ASP C 979 -11.09 -23.73 -2.71
C ASP C 979 -9.62 -24.06 -2.60
N ILE C 980 -8.87 -23.12 -2.03
CA ILE C 980 -7.44 -23.29 -1.89
C ILE C 980 -7.14 -24.41 -0.94
N LEU C 981 -7.80 -24.40 0.22
CA LEU C 981 -7.56 -25.40 1.22
C LEU C 981 -8.05 -26.77 0.83
N SER C 982 -9.15 -26.86 0.10
CA SER C 982 -9.57 -28.18 -0.30
C SER C 982 -8.64 -28.82 -1.31
N ARG C 983 -8.18 -28.08 -2.32
CA ARG C 983 -7.35 -28.68 -3.34
C ARG C 983 -5.86 -28.75 -3.07
N LEU C 984 -5.33 -27.88 -2.23
CA LEU C 984 -3.90 -27.89 -2.02
C LEU C 984 -3.49 -28.38 -0.64
N ASP C 985 -2.31 -28.96 -0.58
CA ASP C 985 -1.80 -29.40 0.70
C ASP C 985 -1.31 -28.16 1.42
N PRO C 986 -0.96 -28.19 2.71
CA PRO C 986 -0.48 -27.05 3.45
C PRO C 986 0.63 -26.25 2.77
N PRO C 987 1.83 -26.78 2.44
CA PRO C 987 2.88 -25.93 1.94
C PRO C 987 2.55 -25.27 0.62
N GLU C 988 1.66 -25.85 -0.20
CA GLU C 988 1.31 -25.17 -1.42
C GLU C 988 0.22 -24.13 -1.12
N ALA C 989 -0.72 -24.51 -0.24
CA ALA C 989 -1.83 -23.66 0.12
C ALA C 989 -1.32 -22.40 0.75
N GLU C 990 -0.23 -22.50 1.50
CA GLU C 990 0.35 -21.35 2.16
C GLU C 990 0.75 -20.28 1.18
N VAL C 991 1.19 -20.65 -0.02
CA VAL C 991 1.58 -19.61 -0.94
C VAL C 991 0.35 -18.87 -1.40
N GLN C 992 -0.68 -19.63 -1.73
CA GLN C 992 -1.88 -19.02 -2.25
C GLN C 992 -2.59 -18.18 -1.20
N ILE C 993 -2.54 -18.64 0.04
CA ILE C 993 -3.17 -17.94 1.12
C ILE C 993 -2.40 -16.68 1.39
N ASP C 994 -1.07 -16.74 1.41
CA ASP C 994 -0.33 -15.54 1.68
C ASP C 994 -0.63 -14.47 0.63
N ARG C 995 -0.84 -14.86 -0.63
CA ARG C 995 -1.16 -13.83 -1.61
C ARG C 995 -2.48 -13.18 -1.26
N LEU C 996 -3.46 -13.99 -0.84
CA LEU C 996 -4.74 -13.39 -0.49
C LEU C 996 -4.65 -12.56 0.77
N ILE C 997 -3.86 -12.97 1.76
CA ILE C 997 -3.78 -12.18 2.97
C ILE C 997 -3.19 -10.83 2.68
N THR C 998 -2.11 -10.79 1.91
CA THR C 998 -1.52 -9.49 1.63
C THR C 998 -2.53 -8.62 0.94
N GLY C 999 -3.23 -9.18 -0.04
CA GLY C 999 -4.21 -8.42 -0.79
C GLY C 999 -5.35 -7.89 0.07
N ARG C 1000 -5.80 -8.70 1.02
CA ARG C 1000 -6.88 -8.27 1.88
C ARG C 1000 -6.40 -7.14 2.78
N LEU C 1001 -5.14 -7.18 3.24
CA LEU C 1001 -4.71 -6.07 4.05
C LEU C 1001 -4.64 -4.84 3.18
N GLN C 1002 -4.22 -4.98 1.94
CA GLN C 1002 -4.14 -3.82 1.07
C GLN C 1002 -5.50 -3.14 0.98
N SER C 1003 -6.58 -3.94 0.86
CA SER C 1003 -7.92 -3.36 0.80
C SER C 1003 -8.27 -2.65 2.10
N LEU C 1004 -7.94 -3.25 3.24
CA LEU C 1004 -8.25 -2.62 4.51
C LEU C 1004 -7.45 -1.36 4.75
N GLN C 1005 -6.19 -1.33 4.36
CA GLN C 1005 -5.39 -0.15 4.57
C GLN C 1005 -5.92 0.97 3.71
N THR C 1006 -6.37 0.65 2.50
CA THR C 1006 -6.91 1.66 1.64
C THR C 1006 -8.14 2.27 2.29
N TYR C 1007 -9.00 1.41 2.83
CA TYR C 1007 -10.20 1.86 3.51
C TYR C 1007 -9.90 2.76 4.66
N VAL C 1008 -8.97 2.37 5.52
CA VAL C 1008 -8.68 3.18 6.67
C VAL C 1008 -8.14 4.53 6.26
N THR C 1009 -7.25 4.56 5.27
CA THR C 1009 -6.71 5.83 4.83
C THR C 1009 -7.82 6.73 4.30
N GLN C 1010 -8.74 6.18 3.52
CA GLN C 1010 -9.80 7.04 3.03
C GLN C 1010 -10.69 7.54 4.15
N GLN C 1011 -10.96 6.70 5.16
CA GLN C 1011 -11.81 7.16 6.24
C GLN C 1011 -11.12 8.22 7.03
N LEU C 1012 -9.81 8.10 7.19
CA LEU C 1012 -9.03 9.03 7.96
C LEU C 1012 -8.97 10.37 7.28
N ILE C 1013 -8.81 10.39 5.96
CA ILE C 1013 -8.77 11.67 5.29
C ILE C 1013 -10.15 12.30 5.38
N ARG C 1014 -11.21 11.53 5.16
CA ARG C 1014 -12.55 12.09 5.24
C ARG C 1014 -12.81 12.60 6.64
N ALA C 1015 -12.27 11.93 7.66
CA ALA C 1015 -12.45 12.38 9.01
C ALA C 1015 -11.83 13.76 9.19
N ALA C 1016 -10.69 14.02 8.53
CA ALA C 1016 -10.11 15.33 8.69
C ALA C 1016 -11.05 16.38 8.11
N GLU C 1017 -11.69 16.05 6.99
CA GLU C 1017 -12.60 16.97 6.36
C GLU C 1017 -13.87 17.21 7.18
N ILE C 1018 -14.39 16.15 7.81
CA ILE C 1018 -15.61 16.31 8.57
C ILE C 1018 -15.28 17.12 9.81
N ARG C 1019 -14.06 16.95 10.36
CA ARG C 1019 -13.69 17.73 11.51
C ARG C 1019 -13.63 19.19 11.16
N ALA C 1020 -13.08 19.53 10.01
CA ALA C 1020 -13.03 20.92 9.64
C ALA C 1020 -14.43 21.51 9.55
N SER C 1021 -15.37 20.73 9.00
CA SER C 1021 -16.74 21.19 8.90
C SER C 1021 -17.33 21.37 10.29
N ALA C 1022 -17.09 20.41 11.18
CA ALA C 1022 -17.59 20.49 12.54
C ALA C 1022 -17.04 21.69 13.27
N ASN C 1023 -15.78 22.04 13.02
CA ASN C 1023 -15.21 23.18 13.70
C ASN C 1023 -15.87 24.44 13.23
N LEU C 1024 -16.16 24.50 11.93
CA LEU C 1024 -16.82 25.67 11.42
C LEU C 1024 -18.23 25.74 11.97
N ALA C 1025 -18.90 24.59 12.05
CA ALA C 1025 -20.25 24.57 12.56
C ALA C 1025 -20.29 25.03 13.98
N ALA C 1026 -19.30 24.62 14.77
CA ALA C 1026 -19.25 25.03 16.15
C ALA C 1026 -19.03 26.52 16.22
N THR C 1027 -18.17 27.03 15.34
CA THR C 1027 -17.92 28.46 15.34
C THR C 1027 -19.18 29.20 15.00
N LYS C 1028 -19.91 28.76 13.99
CA LYS C 1028 -21.13 29.46 13.62
C LYS C 1028 -22.14 29.35 14.73
N MET C 1029 -22.21 28.24 15.41
CA MET C 1029 -23.16 28.14 16.48
C MET C 1029 -22.87 29.24 17.48
N SER C 1030 -21.62 29.35 17.88
CA SER C 1030 -21.34 30.33 18.87
C SER C 1030 -21.43 31.76 18.37
N GLU C 1031 -21.00 32.03 17.15
CA GLU C 1031 -20.98 33.41 16.67
C GLU C 1031 -22.29 33.94 16.06
N CYS C 1032 -23.18 33.06 15.56
CA CYS C 1032 -24.46 33.42 14.94
C CYS C 1032 -25.62 33.24 15.91
N VAL C 1033 -25.55 32.24 16.83
CA VAL C 1033 -26.67 31.95 17.72
C VAL C 1033 -26.44 32.57 19.09
N LEU C 1034 -25.26 32.33 19.66
CA LEU C 1034 -24.94 32.81 21.02
C LEU C 1034 -24.51 34.27 21.05
N GLY C 1035 -24.38 34.86 19.88
CA GLY C 1035 -23.96 36.24 19.77
C GLY C 1035 -24.34 36.79 18.40
N GLN C 1036 -23.93 38.03 18.12
CA GLN C 1036 -24.25 38.63 16.84
C GLN C 1036 -22.99 38.90 16.07
N SER C 1037 -22.75 38.10 15.05
CA SER C 1037 -21.56 38.24 14.25
C SER C 1037 -21.69 39.46 13.40
N LYS C 1038 -20.59 40.16 13.18
CA LYS C 1038 -20.58 41.28 12.26
C LYS C 1038 -19.76 40.97 11.02
N ARG C 1039 -19.41 39.70 10.85
CA ARG C 1039 -18.65 39.31 9.68
C ARG C 1039 -19.62 39.28 8.52
N VAL C 1040 -19.24 39.89 7.41
CA VAL C 1040 -20.20 40.07 6.32
C VAL C 1040 -20.64 38.78 5.67
N ASP C 1041 -19.81 37.75 5.68
CA ASP C 1041 -20.21 36.54 5.02
C ASP C 1041 -20.58 35.43 5.97
N PHE C 1042 -20.85 35.79 7.20
CA PHE C 1042 -21.30 34.81 8.15
C PHE C 1042 -22.76 35.00 8.38
N CYS C 1043 -23.43 33.89 8.69
CA CYS C 1043 -24.83 33.79 9.05
C CYS C 1043 -25.74 34.20 7.85
N GLY C 1044 -25.35 33.80 6.66
CA GLY C 1044 -26.13 34.08 5.45
C GLY C 1044 -25.82 35.45 4.86
N LYS C 1045 -26.59 35.83 3.85
CA LYS C 1045 -26.36 37.10 3.17
C LYS C 1045 -27.28 38.16 3.74
N GLY C 1046 -26.73 39.34 3.96
CA GLY C 1046 -27.49 40.45 4.51
C GLY C 1046 -26.81 40.78 5.82
N TYR C 1047 -27.34 41.72 6.57
CA TYR C 1047 -26.67 42.04 7.80
C TYR C 1047 -27.18 41.06 8.83
N HIS C 1048 -26.30 40.42 9.58
CA HIS C 1048 -26.82 39.45 10.53
C HIS C 1048 -27.64 40.06 11.62
N LEU C 1049 -28.86 39.52 11.85
CA LEU C 1049 -29.73 40.03 12.88
C LEU C 1049 -29.86 39.01 14.03
N MET C 1050 -30.07 37.72 13.71
CA MET C 1050 -30.23 36.65 14.72
C MET C 1050 -30.24 35.26 14.07
N SER C 1051 -30.09 34.19 14.83
CA SER C 1051 -30.23 32.87 14.20
C SER C 1051 -30.72 31.81 15.15
N PHE C 1052 -31.22 30.72 14.58
CA PHE C 1052 -31.74 29.61 15.34
C PHE C 1052 -31.21 28.30 14.78
N PRO C 1053 -30.53 27.44 15.53
CA PRO C 1053 -30.07 26.16 15.09
C PRO C 1053 -31.20 25.17 15.08
N GLN C 1054 -31.12 24.15 14.22
CA GLN C 1054 -31.99 22.98 14.19
C GLN C 1054 -31.09 21.75 13.94
N SER C 1055 -31.40 20.60 14.53
CA SER C 1055 -30.57 19.43 14.23
C SER C 1055 -31.04 18.62 13.04
N ALA C 1056 -30.14 17.78 12.52
CA ALA C 1056 -30.45 16.89 11.42
C ALA C 1056 -29.54 15.67 11.55
N PRO C 1057 -29.81 14.53 10.92
CA PRO C 1057 -28.93 13.41 11.00
C PRO C 1057 -27.57 13.83 10.52
N HIS C 1058 -26.55 13.47 11.26
CA HIS C 1058 -25.16 13.73 10.95
C HIS C 1058 -24.77 15.19 10.79
N GLY C 1059 -25.56 16.14 11.30
CA GLY C 1059 -25.17 17.53 11.16
C GLY C 1059 -26.11 18.55 11.74
N VAL C 1060 -25.81 19.81 11.45
CA VAL C 1060 -26.60 20.91 11.97
C VAL C 1060 -27.07 21.78 10.83
N VAL C 1061 -28.31 22.22 10.94
CA VAL C 1061 -28.88 23.09 9.94
C VAL C 1061 -29.23 24.38 10.62
N PHE C 1062 -28.77 25.48 10.08
CA PHE C 1062 -29.08 26.74 10.72
C PHE C 1062 -30.09 27.54 9.96
N LEU C 1063 -30.93 28.23 10.70
CA LEU C 1063 -31.85 29.20 10.13
C LEU C 1063 -31.26 30.56 10.45
N HIS C 1064 -30.78 31.27 9.46
CA HIS C 1064 -30.14 32.56 9.72
C HIS C 1064 -31.03 33.69 9.31
N VAL C 1065 -31.26 34.62 10.22
CA VAL C 1065 -32.14 35.72 9.97
C VAL C 1065 -31.32 36.95 9.69
N THR C 1066 -31.51 37.51 8.50
CA THR C 1066 -30.72 38.67 8.14
C THR C 1066 -31.58 39.83 7.70
N TYR C 1067 -30.99 41.01 7.75
CA TYR C 1067 -31.62 42.24 7.35
C TYR C 1067 -31.09 42.71 6.02
N VAL C 1068 -31.96 42.86 5.04
CA VAL C 1068 -31.53 43.31 3.73
C VAL C 1068 -32.28 44.58 3.37
N PRO C 1069 -31.61 45.68 3.02
CA PRO C 1069 -32.22 46.95 2.67
C PRO C 1069 -32.97 46.84 1.36
N ALA C 1070 -33.99 47.68 1.18
CA ALA C 1070 -34.78 47.64 -0.04
C ALA C 1070 -35.32 49.00 -0.50
N GLN C 1071 -35.66 49.05 -1.79
CA GLN C 1071 -36.31 50.22 -2.37
C GLN C 1071 -35.53 51.50 -2.21
N GLU C 1072 -34.30 51.51 -2.66
CA GLU C 1072 -33.49 52.70 -2.57
C GLU C 1072 -33.90 53.77 -3.55
N LYS C 1073 -33.59 55.00 -3.19
CA LYS C 1073 -33.79 56.16 -4.05
C LYS C 1073 -32.47 56.89 -4.12
N ASN C 1074 -32.16 57.63 -5.22
CA ASN C 1074 -30.94 58.44 -5.28
C ASN C 1074 -31.23 59.92 -5.00
N PHE C 1075 -30.43 60.47 -4.08
CA PHE C 1075 -30.44 61.79 -3.53
C PHE C 1075 -29.11 62.48 -3.79
N THR C 1076 -29.11 63.80 -3.71
CA THR C 1076 -27.90 64.58 -3.86
C THR C 1076 -27.12 64.53 -2.56
N THR C 1077 -25.80 64.46 -2.61
CA THR C 1077 -25.05 64.49 -1.36
C THR C 1077 -23.85 65.41 -1.32
N ALA C 1078 -23.37 65.67 -0.12
CA ALA C 1078 -22.16 66.48 0.06
C ALA C 1078 -21.44 66.02 1.32
N PRO C 1079 -20.10 66.06 1.37
CA PRO C 1079 -19.28 65.69 2.51
C PRO C 1079 -19.35 66.61 3.69
N ALA C 1080 -19.79 67.82 3.48
CA ALA C 1080 -19.86 68.78 4.56
C ALA C 1080 -20.77 69.90 4.19
N ILE C 1081 -21.22 70.59 5.22
CA ILE C 1081 -22.00 71.80 5.05
C ILE C 1081 -21.29 73.03 5.61
N CYS C 1082 -21.26 74.11 4.82
CA CYS C 1082 -20.66 75.39 5.13
C CYS C 1082 -21.72 76.28 5.76
N HIS C 1083 -21.45 76.73 6.97
CA HIS C 1083 -22.45 77.56 7.65
C HIS C 1083 -22.04 79.03 7.67
N ASP C 1084 -21.11 79.38 8.54
CA ASP C 1084 -20.60 80.74 8.67
C ASP C 1084 -19.13 80.82 8.30
N GLY C 1085 -18.68 79.84 7.54
CA GLY C 1085 -17.29 79.72 7.14
C GLY C 1085 -16.68 78.49 7.81
N LYS C 1086 -17.34 78.00 8.86
CA LYS C 1086 -16.88 76.79 9.51
C LYS C 1086 -17.49 75.62 8.77
N ALA C 1087 -16.80 74.47 8.77
CA ALA C 1087 -17.34 73.30 8.11
C ALA C 1087 -17.96 72.31 9.11
N HIS C 1088 -19.19 71.92 8.80
CA HIS C 1088 -19.98 71.00 9.59
C HIS C 1088 -20.03 69.62 8.95
N PHE C 1089 -19.63 68.60 9.69
CA PHE C 1089 -19.60 67.23 9.17
C PHE C 1089 -20.66 66.43 9.91
N PRO C 1090 -21.33 65.46 9.30
CA PRO C 1090 -22.40 64.78 9.98
C PRO C 1090 -21.84 64.04 11.15
N ARG C 1091 -22.51 64.09 12.29
CA ARG C 1091 -22.02 63.40 13.47
C ARG C 1091 -22.05 61.92 13.21
N GLU C 1092 -23.11 61.52 12.53
CA GLU C 1092 -23.36 60.17 12.10
C GLU C 1092 -24.21 60.32 10.87
N GLY C 1093 -24.14 59.36 9.98
CA GLY C 1093 -24.95 59.43 8.79
C GLY C 1093 -24.30 60.28 7.72
N VAL C 1094 -25.11 60.69 6.76
CA VAL C 1094 -24.69 61.43 5.59
C VAL C 1094 -25.54 62.67 5.37
N PHE C 1095 -24.96 63.74 4.83
CA PHE C 1095 -25.81 64.87 4.47
C PHE C 1095 -26.36 64.61 3.10
N VAL C 1096 -27.67 64.58 3.02
CA VAL C 1096 -28.41 64.23 1.84
C VAL C 1096 -29.48 65.25 1.50
N SER C 1097 -29.74 65.47 0.22
CA SER C 1097 -30.78 66.41 -0.13
C SER C 1097 -31.65 66.05 -1.33
N ASN C 1098 -32.85 66.66 -1.31
CA ASN C 1098 -33.82 66.68 -2.39
C ASN C 1098 -33.62 68.02 -3.11
N GLY C 1099 -34.48 68.37 -4.08
CA GLY C 1099 -34.34 69.61 -4.87
C GLY C 1099 -34.34 70.95 -4.08
N THR C 1100 -34.84 70.98 -2.84
CA THR C 1100 -34.85 72.24 -2.08
C THR C 1100 -34.20 72.22 -0.68
N HIS C 1101 -34.09 71.06 -0.03
CA HIS C 1101 -33.56 71.03 1.34
C HIS C 1101 -32.55 69.94 1.67
N TRP C 1102 -31.64 70.29 2.57
CA TRP C 1102 -30.66 69.36 3.11
C TRP C 1102 -31.07 68.81 4.44
N PHE C 1103 -30.91 67.50 4.58
CA PHE C 1103 -31.22 66.73 5.76
C PHE C 1103 -30.10 65.79 6.12
N VAL C 1104 -30.08 65.34 7.34
CA VAL C 1104 -29.09 64.34 7.69
C VAL C 1104 -29.81 63.04 7.95
N THR C 1105 -29.29 61.96 7.39
CA THR C 1105 -29.88 60.63 7.59
C THR C 1105 -28.88 59.59 7.98
N GLN C 1106 -29.38 58.55 8.62
CA GLN C 1106 -28.58 57.38 8.93
C GLN C 1106 -28.35 56.64 7.63
N ARG C 1107 -27.29 55.87 7.54
CA ARG C 1107 -26.98 55.20 6.28
C ARG C 1107 -27.89 54.11 5.77
N ASN C 1108 -28.47 53.27 6.63
CA ASN C 1108 -29.21 52.13 6.10
C ASN C 1108 -30.73 52.23 6.02
N PHE C 1109 -31.30 53.38 6.31
CA PHE C 1109 -32.76 53.53 6.24
C PHE C 1109 -33.12 55.00 6.23
N TYR C 1110 -33.65 55.48 5.11
CA TYR C 1110 -33.89 56.90 4.98
C TYR C 1110 -34.86 57.42 6.01
N GLU C 1111 -34.42 58.46 6.70
CA GLU C 1111 -35.18 59.15 7.72
C GLU C 1111 -34.63 60.55 7.87
N PRO C 1112 -35.08 61.52 7.11
CA PRO C 1112 -34.49 62.83 7.09
C PRO C 1112 -34.72 63.54 8.39
N GLN C 1113 -33.68 64.19 8.87
CA GLN C 1113 -33.78 64.98 10.07
C GLN C 1113 -33.21 66.34 9.79
N ILE C 1114 -33.67 67.34 10.52
CA ILE C 1114 -33.16 68.67 10.33
C ILE C 1114 -31.73 68.73 10.80
N ILE C 1115 -30.90 69.37 10.01
CA ILE C 1115 -29.52 69.50 10.36
C ILE C 1115 -29.39 70.62 11.35
N THR C 1116 -28.91 70.28 12.53
CA THR C 1116 -28.79 71.19 13.62
C THR C 1116 -27.41 71.04 14.15
N THR C 1117 -27.05 71.88 15.08
CA THR C 1117 -25.74 71.88 15.71
C THR C 1117 -25.52 70.66 16.62
N ASP C 1118 -26.56 69.88 16.87
CA ASP C 1118 -26.46 68.69 17.71
C ASP C 1118 -26.01 67.50 16.90
N ASN C 1119 -26.25 67.54 15.60
CA ASN C 1119 -26.00 66.42 14.72
C ASN C 1119 -24.74 66.61 13.92
N THR C 1120 -23.88 67.52 14.32
CA THR C 1120 -22.70 67.75 13.53
C THR C 1120 -21.42 68.14 14.26
N PHE C 1121 -20.29 67.77 13.67
CA PHE C 1121 -18.96 68.10 14.17
C PHE C 1121 -18.51 69.35 13.51
N VAL C 1122 -17.80 70.20 14.22
CA VAL C 1122 -17.30 71.36 13.52
C VAL C 1122 -15.80 71.42 13.56
N SER C 1123 -15.20 71.55 12.38
CA SER C 1123 -13.76 71.63 12.26
C SER C 1123 -13.36 72.26 10.95
N GLY C 1124 -12.10 72.64 10.84
CA GLY C 1124 -11.56 73.15 9.58
C GLY C 1124 -12.34 74.36 9.12
N ASN C 1125 -12.50 74.48 7.81
CA ASN C 1125 -13.24 75.58 7.23
C ASN C 1125 -13.71 75.21 5.81
N CYS C 1126 -14.48 76.13 5.20
CA CYS C 1126 -15.11 76.00 3.89
C CYS C 1126 -14.13 76.11 2.74
N ASP C 1127 -12.89 76.50 3.02
CA ASP C 1127 -11.91 76.61 1.96
C ASP C 1127 -11.07 75.34 1.86
N VAL C 1128 -11.34 74.37 2.72
CA VAL C 1128 -10.59 73.13 2.71
C VAL C 1128 -11.38 71.95 2.21
N VAL C 1129 -12.62 71.81 2.65
CA VAL C 1129 -13.33 70.60 2.22
C VAL C 1129 -13.78 70.64 0.77
N ILE C 1130 -13.40 69.63 0.03
CA ILE C 1130 -13.75 69.53 -1.36
C ILE C 1130 -15.18 69.07 -1.48
N GLY C 1131 -16.01 69.81 -2.20
CA GLY C 1131 -17.39 69.44 -2.36
C GLY C 1131 -18.32 70.00 -1.29
N ILE C 1132 -17.83 70.89 -0.44
CA ILE C 1132 -18.67 71.46 0.60
C ILE C 1132 -19.75 72.33 -0.02
N VAL C 1133 -20.97 72.27 0.55
CA VAL C 1133 -22.08 73.07 0.04
C VAL C 1133 -22.57 74.03 1.12
N ASN C 1134 -23.26 75.12 0.72
CA ASN C 1134 -23.81 76.17 1.60
C ASN C 1134 -25.25 75.83 2.03
N ASN C 1135 -25.46 75.62 3.35
CA ASN C 1135 -26.77 75.25 3.93
C ASN C 1135 -26.84 75.65 5.38
N THR C 1136 -27.84 76.43 5.73
CA THR C 1136 -27.94 76.89 7.09
C THR C 1136 -28.11 75.75 8.09
N VAL C 1137 -27.29 75.76 9.14
CA VAL C 1137 -27.36 74.78 10.21
C VAL C 1137 -28.18 75.39 11.34
N TYR C 1138 -29.17 74.66 11.81
CA TYR C 1138 -30.04 75.20 12.83
C TYR C 1138 -29.55 75.10 14.27
N ASP C 1139 -29.60 76.24 14.95
CA ASP C 1139 -29.23 76.35 16.36
C ASP C 1139 -30.47 76.10 17.22
N PRO C 1140 -30.57 74.99 17.95
CA PRO C 1140 -31.73 74.56 18.69
C PRO C 1140 -32.00 75.37 19.93
N LEU C 1141 -31.04 76.16 20.37
CA LEU C 1141 -31.23 76.88 21.61
C LEU C 1141 -31.45 78.35 21.46
N GLN C 1142 -30.73 78.99 20.57
CA GLN C 1142 -30.89 80.44 20.51
C GLN C 1142 -32.36 80.88 20.42
N PRO C 1143 -33.25 80.27 19.60
CA PRO C 1143 -34.63 80.67 19.48
C PRO C 1143 -35.43 80.54 20.79
N GLU C 1144 -34.96 79.71 21.72
CA GLU C 1144 -35.65 79.53 22.99
C GLU C 1144 -35.25 80.65 23.91
N LEU C 1145 -34.01 81.09 23.76
CA LEU C 1145 -33.48 82.17 24.57
C LEU C 1145 -34.05 83.54 24.15
N ASP C 1146 -34.30 83.73 22.81
CA ASP C 1146 -34.86 84.94 22.19
C ASP C 1146 -36.29 85.14 22.68
#